data_1WYV
#
_entry.id   1WYV
#
_cell.length_a   134.173
_cell.length_b   166.317
_cell.length_c   190.299
_cell.angle_alpha   90.00
_cell.angle_beta   90.00
_cell.angle_gamma   90.00
#
_symmetry.space_group_name_H-M   'P 21 21 21'
#
loop_
_entity.id
_entity.type
_entity.pdbx_description
1 polymer 'glycine dehydrogenase (decarboxylating) subunit 1'
2 polymer 'glycine dehydrogenase subunit 2 (P-protein)'
3 non-polymer "PYRIDOXAL-5'-PHOSPHATE"
4 non-polymer '(AMINOOXY)ACETIC ACID'
5 water water
#
loop_
_entity_poly.entity_id
_entity_poly.type
_entity_poly.pdbx_seq_one_letter_code
_entity_poly.pdbx_strand_id
1 'polypeptide(L)'
;MDYTPHTEEEIREMLRRVGAASLEDLFAHLPKEILSPPIDLPEPLPEWKVLEELRRLAAQNLPAHKAFLGGGVRSHHVPP
VVQALAARGEFLTAYTPYQPEVSQGVLQATFEYQTMIAELAGLEIANASMYDGATALAEGVLLALRETGRMGVLVSQGVH
PEYRAVLRAYLEAVGAKLLTLPLEGGRTPLPEVGEEVGAVVVQNPNFLGALEDLGPFAEAAHGAGALFVAVADPLSLGVL
KPPGAYGADIAVGDGQSLGLPMGFGGPHFGFLATKKAFVRQLPGRLVSETVDVEGRRGFILTLQAREQYIRRAKAKSNIT
TNAQLTALMGAMYLAALGPEGLREVALKSVEMAHKLHALLLEVPGVRPFTPKPFFNEFALALPKDPEAVRRALAERGFHG
ATPVPREYGENLALFAATELHEEEDLLALREALKEVLA
;
A,C,E,G
2 'polypeptide(L)'
;MSFPLIFERSRKGRRGLKLVKAVPKAEDLIPKEHLREVPPRLPEVDELTLVRHYTGLSRRQVGVDTTFYPLGSCTMKYNP
KLHEEAARLFADLHPYQDPRTAQGALRLMWELGEYLKALTGMDAITLEPAAGAHGELTGILIIRAYHEDRGEGRTRRVVL
VPDSAHGSNPATASMAGYQVREIPSGPEGEVDLEALKRELGPHVAALMLTNPNTLGLFERRILEISRLCKEAGVQLYYDG
ANLNAIMGWARPGDMGFDVVHLNLHKTFTVPHGGGGPGSGPVGVKAHLAPYLPVPLVERGEEGFYLDFDRPKSIGRVRSF
YGNFLALVRAWAYIRTLGLEGLKKAAALAVLNARYLKELLKEKGYRVPYDGPSMHEFVAQPPEGFRALDLAKGLLELGFH
PPTVYFPLIVKEALMVEPTETEAKETLEAFAEAMGALLKKPKEWLENAPYSTPVRRLDELRANKHPKLTYFDEG
;
B,D,F,H
#
# COMPACT_ATOMS: atom_id res chain seq x y z
N MET A 1 -22.61 -11.68 -28.95
CA MET A 1 -21.40 -11.12 -28.27
C MET A 1 -21.44 -9.59 -28.39
N ASP A 2 -20.69 -8.88 -27.55
CA ASP A 2 -20.68 -7.43 -27.61
C ASP A 2 -19.52 -6.76 -26.90
N TYR A 3 -19.44 -5.44 -27.01
CA TYR A 3 -18.36 -4.67 -26.41
C TYR A 3 -18.85 -3.76 -25.28
N THR A 4 -20.01 -4.07 -24.73
CA THR A 4 -20.60 -3.30 -23.64
C THR A 4 -20.01 -3.74 -22.29
N PRO A 5 -19.59 -2.78 -21.46
CA PRO A 5 -19.01 -3.13 -20.16
C PRO A 5 -19.98 -3.32 -18.99
N HIS A 6 -21.15 -2.70 -19.09
CA HIS A 6 -22.14 -2.73 -18.02
C HIS A 6 -22.51 -4.08 -17.43
N THR A 7 -22.48 -4.18 -16.10
CA THR A 7 -22.89 -5.41 -15.43
C THR A 7 -24.36 -5.18 -15.14
N GLU A 8 -25.08 -6.23 -14.76
CA GLU A 8 -26.50 -6.07 -14.50
C GLU A 8 -26.76 -5.11 -13.33
N GLU A 9 -25.90 -5.16 -12.31
CA GLU A 9 -26.07 -4.28 -11.15
C GLU A 9 -25.87 -2.81 -11.51
N GLU A 10 -24.96 -2.52 -12.44
CA GLU A 10 -24.71 -1.15 -12.85
C GLU A 10 -25.90 -0.63 -13.65
N ILE A 11 -26.41 -1.45 -14.56
CA ILE A 11 -27.56 -1.07 -15.37
C ILE A 11 -28.73 -0.77 -14.42
N ARG A 12 -28.87 -1.63 -13.43
CA ARG A 12 -29.90 -1.54 -12.42
C ARG A 12 -29.86 -0.14 -11.75
N GLU A 13 -28.67 0.22 -11.27
CA GLU A 13 -28.48 1.50 -10.60
C GLU A 13 -28.70 2.70 -11.52
N MET A 14 -28.08 2.65 -12.70
CA MET A 14 -28.21 3.73 -13.68
C MET A 14 -29.67 3.91 -14.07
N LEU A 15 -30.38 2.81 -14.24
CA LEU A 15 -31.79 2.83 -14.61
C LEU A 15 -32.58 3.59 -13.54
N ARG A 16 -32.29 3.32 -12.28
CA ARG A 16 -32.98 4.00 -11.19
C ARG A 16 -32.64 5.50 -11.20
N ARG A 17 -31.37 5.80 -11.45
CA ARG A 17 -30.91 7.18 -11.45
C ARG A 17 -31.59 8.05 -12.51
N VAL A 18 -31.84 7.50 -13.69
CA VAL A 18 -32.50 8.28 -14.75
C VAL A 18 -34.02 8.12 -14.69
N GLY A 19 -34.50 7.33 -13.75
CA GLY A 19 -35.93 7.14 -13.59
C GLY A 19 -36.62 6.25 -14.62
N ALA A 20 -35.93 5.23 -15.08
CA ALA A 20 -36.48 4.30 -16.05
C ALA A 20 -36.65 2.95 -15.36
N ALA A 21 -37.69 2.22 -15.72
CA ALA A 21 -37.95 0.91 -15.12
C ALA A 21 -37.18 -0.22 -15.79
N SER A 22 -36.80 -0.01 -17.05
CA SER A 22 -36.06 -1.02 -17.80
C SER A 22 -35.42 -0.38 -19.00
N LEU A 23 -34.62 -1.17 -19.72
CA LEU A 23 -33.96 -0.68 -20.92
C LEU A 23 -35.00 -0.25 -21.96
N GLU A 24 -36.07 -1.03 -22.11
CA GLU A 24 -37.10 -0.69 -23.09
C GLU A 24 -37.86 0.57 -22.68
N ASP A 25 -37.94 0.82 -21.38
CA ASP A 25 -38.65 1.99 -20.90
C ASP A 25 -37.98 3.28 -21.39
N LEU A 26 -36.71 3.17 -21.79
CA LEU A 26 -35.97 4.32 -22.31
C LEU A 26 -36.53 4.80 -23.65
N PHE A 27 -37.29 3.95 -24.32
CA PHE A 27 -37.86 4.31 -25.63
C PHE A 27 -39.39 4.46 -25.58
N ALA A 28 -39.94 4.46 -24.36
CA ALA A 28 -41.38 4.54 -24.17
C ALA A 28 -42.05 5.79 -24.75
N HIS A 29 -41.29 6.87 -24.87
CA HIS A 29 -41.86 8.10 -25.41
C HIS A 29 -41.88 8.14 -26.94
N LEU A 30 -41.34 7.10 -27.58
CA LEU A 30 -41.35 7.04 -29.05
C LEU A 30 -42.75 6.61 -29.45
N PRO A 31 -43.19 6.97 -30.66
CA PRO A 31 -44.54 6.53 -31.02
C PRO A 31 -44.62 5.00 -30.97
N LYS A 32 -45.68 4.50 -30.36
CA LYS A 32 -45.91 3.07 -30.18
C LYS A 32 -45.86 2.25 -31.47
N GLU A 33 -46.30 2.81 -32.59
CA GLU A 33 -46.30 2.08 -33.85
C GLU A 33 -44.95 1.76 -34.49
N ILE A 34 -43.93 2.58 -34.24
CA ILE A 34 -42.63 2.29 -34.85
C ILE A 34 -41.76 1.41 -33.96
N LEU A 35 -42.21 1.17 -32.73
CA LEU A 35 -41.43 0.33 -31.82
C LEU A 35 -41.52 -1.14 -32.20
N SER A 36 -40.64 -1.95 -31.61
CA SER A 36 -40.62 -3.39 -31.90
C SER A 36 -40.58 -3.74 -33.38
N PRO A 37 -39.68 -3.12 -34.15
CA PRO A 37 -39.66 -3.48 -35.57
C PRO A 37 -39.09 -4.88 -35.74
N PRO A 38 -39.71 -5.70 -36.58
CA PRO A 38 -39.19 -7.07 -36.79
C PRO A 38 -38.01 -7.01 -37.77
N ILE A 39 -36.81 -6.86 -37.24
CA ILE A 39 -35.62 -6.78 -38.05
C ILE A 39 -34.97 -8.16 -38.22
N ASP A 40 -34.66 -8.53 -39.46
CA ASP A 40 -34.07 -9.82 -39.74
C ASP A 40 -32.55 -9.73 -39.95
N LEU A 41 -31.82 -10.26 -38.98
CA LEU A 41 -30.37 -10.24 -39.00
C LEU A 41 -29.89 -11.60 -38.53
N PRO A 42 -28.74 -12.08 -39.03
CA PRO A 42 -28.29 -13.38 -38.56
C PRO A 42 -27.94 -13.37 -37.07
N GLU A 43 -28.07 -14.53 -36.44
CA GLU A 43 -27.76 -14.68 -35.02
C GLU A 43 -26.32 -14.28 -34.73
N PRO A 44 -26.07 -13.73 -33.52
CA PRO A 44 -24.71 -13.33 -33.15
C PRO A 44 -23.67 -14.44 -33.19
N LEU A 45 -22.42 -14.09 -33.42
CA LEU A 45 -21.34 -15.06 -33.49
C LEU A 45 -20.10 -14.59 -32.72
N PRO A 46 -19.38 -15.54 -32.10
CA PRO A 46 -18.16 -15.17 -31.35
C PRO A 46 -17.11 -14.71 -32.36
N GLU A 47 -16.16 -13.87 -31.91
CA GLU A 47 -15.14 -13.34 -32.81
C GLU A 47 -14.39 -14.36 -33.66
N TRP A 48 -14.06 -15.53 -33.11
CA TRP A 48 -13.34 -16.54 -33.89
C TRP A 48 -14.23 -17.09 -35.01
N LYS A 49 -15.53 -17.18 -34.77
CA LYS A 49 -16.44 -17.69 -35.79
C LYS A 49 -16.63 -16.64 -36.89
N VAL A 50 -16.61 -15.38 -36.50
CA VAL A 50 -16.75 -14.27 -37.44
C VAL A 50 -15.55 -14.32 -38.38
N LEU A 51 -14.36 -14.45 -37.81
CA LEU A 51 -13.15 -14.53 -38.60
C LEU A 51 -13.22 -15.74 -39.54
N GLU A 52 -13.73 -16.86 -39.02
CA GLU A 52 -13.85 -18.08 -39.83
C GLU A 52 -14.73 -17.80 -41.05
N GLU A 53 -15.83 -17.09 -40.84
CA GLU A 53 -16.72 -16.77 -41.95
C GLU A 53 -16.03 -15.81 -42.93
N LEU A 54 -15.25 -14.87 -42.42
CA LEU A 54 -14.56 -13.95 -43.30
C LEU A 54 -13.56 -14.74 -44.13
N ARG A 55 -12.93 -15.73 -43.50
CA ARG A 55 -11.95 -16.59 -44.17
C ARG A 55 -12.60 -17.36 -45.32
N ARG A 56 -13.78 -17.92 -45.06
CA ARG A 56 -14.50 -18.69 -46.08
C ARG A 56 -14.85 -17.79 -47.25
N LEU A 57 -15.12 -16.52 -46.97
CA LEU A 57 -15.44 -15.57 -48.03
C LEU A 57 -14.18 -15.23 -48.79
N ALA A 58 -13.09 -15.01 -48.07
CA ALA A 58 -11.82 -14.68 -48.71
C ALA A 58 -11.33 -15.85 -49.57
N ALA A 59 -11.61 -17.07 -49.13
CA ALA A 59 -11.19 -18.27 -49.85
C ALA A 59 -11.87 -18.39 -51.20
N GLN A 60 -13.01 -17.71 -51.34
CA GLN A 60 -13.76 -17.74 -52.59
C GLN A 60 -13.12 -16.84 -53.64
N ASN A 61 -12.25 -15.93 -53.21
CA ASN A 61 -11.61 -15.02 -54.14
C ASN A 61 -10.21 -15.45 -54.55
N LEU A 62 -9.81 -15.05 -55.75
CA LEU A 62 -8.48 -15.35 -56.25
C LEU A 62 -7.73 -14.05 -55.95
N PRO A 63 -6.84 -14.06 -54.95
CA PRO A 63 -6.09 -12.85 -54.60
C PRO A 63 -5.46 -12.15 -55.82
N ALA A 64 -5.41 -10.84 -55.76
CA ALA A 64 -4.87 -10.04 -56.85
C ALA A 64 -3.44 -9.56 -56.65
N HIS A 65 -2.72 -10.20 -55.73
CA HIS A 65 -1.34 -9.84 -55.48
C HIS A 65 -0.56 -10.09 -56.78
N LYS A 66 0.17 -9.08 -57.25
CA LYS A 66 0.95 -9.18 -58.49
C LYS A 66 0.12 -9.26 -59.78
N ALA A 67 -1.10 -8.73 -59.75
CA ALA A 67 -1.96 -8.75 -60.93
C ALA A 67 -1.39 -7.79 -61.99
N PHE A 68 -1.78 -8.00 -63.24
CA PHE A 68 -1.34 -7.15 -64.33
C PHE A 68 -2.48 -6.24 -64.76
N LEU A 69 -3.49 -6.17 -63.90
CA LEU A 69 -4.65 -5.32 -64.14
C LEU A 69 -4.25 -3.86 -63.88
N GLY A 70 -4.79 -2.96 -64.69
CA GLY A 70 -4.47 -1.54 -64.53
C GLY A 70 -5.76 -0.74 -64.49
N GLY A 71 -5.68 0.54 -64.86
CA GLY A 71 -6.89 1.35 -64.87
C GLY A 71 -7.15 2.14 -63.61
N GLY A 72 -6.09 2.63 -62.96
CA GLY A 72 -6.29 3.40 -61.76
C GLY A 72 -5.68 2.76 -60.54
N VAL A 73 -5.94 1.47 -60.35
CA VAL A 73 -5.40 0.73 -59.23
C VAL A 73 -4.39 -0.32 -59.72
N ARG A 74 -3.26 -0.44 -59.04
CA ARG A 74 -2.25 -1.41 -59.43
C ARG A 74 -1.67 -2.12 -58.20
N SER A 75 -1.19 -3.33 -58.42
CA SER A 75 -0.62 -4.12 -57.34
C SER A 75 0.82 -3.71 -57.00
N HIS A 76 0.95 -2.68 -56.16
CA HIS A 76 2.26 -2.20 -55.73
C HIS A 76 2.62 -2.82 -54.38
N HIS A 77 3.88 -2.68 -53.98
CA HIS A 77 4.31 -3.24 -52.71
C HIS A 77 3.77 -2.38 -51.57
N VAL A 78 3.15 -3.04 -50.60
CA VAL A 78 2.61 -2.36 -49.44
C VAL A 78 3.61 -2.62 -48.34
N PRO A 79 4.49 -1.65 -48.06
CA PRO A 79 5.51 -1.81 -47.03
C PRO A 79 4.98 -1.98 -45.61
N PRO A 80 5.28 -3.13 -44.99
CA PRO A 80 4.83 -3.41 -43.62
C PRO A 80 5.18 -2.33 -42.61
N VAL A 81 6.33 -1.67 -42.79
CA VAL A 81 6.72 -0.63 -41.84
C VAL A 81 5.67 0.49 -41.83
N VAL A 82 5.13 0.81 -43.00
CA VAL A 82 4.10 1.84 -43.10
C VAL A 82 2.81 1.38 -42.42
N GLN A 83 2.40 0.15 -42.73
CA GLN A 83 1.19 -0.40 -42.17
C GLN A 83 1.27 -0.54 -40.65
N ALA A 84 2.45 -0.90 -40.15
CA ALA A 84 2.64 -1.03 -38.71
C ALA A 84 2.48 0.33 -38.04
N LEU A 85 3.05 1.37 -38.66
CA LEU A 85 2.96 2.71 -38.12
C LEU A 85 1.53 3.26 -38.18
N ALA A 86 0.85 3.03 -39.30
CA ALA A 86 -0.53 3.51 -39.47
C ALA A 86 -1.50 2.71 -38.61
N ALA A 87 -0.98 1.68 -37.93
CA ALA A 87 -1.80 0.83 -37.10
C ALA A 87 -1.80 1.25 -35.62
N ARG A 88 -0.95 2.21 -35.28
CA ARG A 88 -0.86 2.69 -33.90
C ARG A 88 -2.25 3.19 -33.50
N GLY A 89 -2.73 2.75 -32.34
CA GLY A 89 -4.05 3.12 -31.87
C GLY A 89 -4.37 4.60 -31.94
N GLU A 90 -3.40 5.45 -31.59
CA GLU A 90 -3.60 6.89 -31.62
C GLU A 90 -3.97 7.42 -33.00
N PHE A 91 -3.31 6.95 -34.05
CA PHE A 91 -3.63 7.41 -35.41
C PHE A 91 -4.94 6.80 -35.88
N LEU A 92 -5.10 5.52 -35.59
CA LEU A 92 -6.27 4.78 -36.00
C LEU A 92 -7.59 5.23 -35.38
N THR A 93 -7.58 5.50 -34.07
CA THR A 93 -8.82 5.85 -33.36
C THR A 93 -9.06 7.32 -33.00
N ALA A 94 -8.21 8.22 -33.46
CA ALA A 94 -8.40 9.62 -33.17
C ALA A 94 -9.50 10.20 -34.05
N TYR A 95 -10.01 11.36 -33.67
CA TYR A 95 -11.03 12.03 -34.47
C TYR A 95 -10.38 13.28 -35.06
N THR A 96 -11.13 14.01 -35.90
CA THR A 96 -10.63 15.25 -36.46
C THR A 96 -10.01 16.00 -35.28
N PRO A 97 -8.77 16.48 -35.44
CA PRO A 97 -8.03 17.22 -34.39
C PRO A 97 -8.55 18.62 -34.09
N TYR A 98 -9.68 18.70 -33.39
CA TYR A 98 -10.26 20.00 -33.06
C TYR A 98 -9.69 20.60 -31.77
N GLN A 99 -9.19 19.74 -30.88
CA GLN A 99 -8.56 20.18 -29.62
C GLN A 99 -7.07 19.93 -29.89
N PRO A 100 -6.41 20.90 -30.54
CA PRO A 100 -4.99 20.85 -30.92
C PRO A 100 -3.93 20.52 -29.86
N GLU A 101 -4.17 20.94 -28.62
CA GLU A 101 -3.20 20.69 -27.56
C GLU A 101 -2.84 19.22 -27.36
N VAL A 102 -3.79 18.32 -27.63
CA VAL A 102 -3.53 16.90 -27.46
C VAL A 102 -3.57 16.15 -28.79
N SER A 103 -3.57 16.90 -29.90
CA SER A 103 -3.62 16.29 -31.23
C SER A 103 -2.46 16.74 -32.12
N GLN A 104 -1.33 17.05 -31.52
CA GLN A 104 -0.18 17.50 -32.30
C GLN A 104 0.38 16.38 -33.19
N GLY A 105 0.12 15.13 -32.81
CA GLY A 105 0.61 14.03 -33.62
C GLY A 105 -0.05 14.07 -34.99
N VAL A 106 -1.38 14.04 -35.00
CA VAL A 106 -2.15 14.07 -36.23
C VAL A 106 -2.00 15.40 -36.97
N LEU A 107 -2.01 16.51 -36.23
CA LEU A 107 -1.86 17.83 -36.83
C LEU A 107 -0.51 17.97 -37.54
N GLN A 108 0.58 17.53 -36.90
CA GLN A 108 1.88 17.65 -37.54
C GLN A 108 1.99 16.67 -38.72
N ALA A 109 1.57 15.43 -38.52
CA ALA A 109 1.63 14.42 -39.57
C ALA A 109 0.88 14.92 -40.81
N THR A 110 -0.24 15.61 -40.57
CA THR A 110 -1.05 16.14 -41.64
C THR A 110 -0.34 17.31 -42.33
N PHE A 111 0.34 18.13 -41.54
CA PHE A 111 1.10 19.27 -42.08
C PHE A 111 2.18 18.72 -43.02
N GLU A 112 2.86 17.66 -42.59
CA GLU A 112 3.92 17.03 -43.38
C GLU A 112 3.37 16.42 -44.66
N TYR A 113 2.14 15.90 -44.59
CA TYR A 113 1.49 15.31 -45.75
C TYR A 113 1.17 16.44 -46.76
N GLN A 114 0.62 17.54 -46.26
CA GLN A 114 0.29 18.66 -47.15
C GLN A 114 1.57 19.07 -47.89
N THR A 115 2.67 19.17 -47.15
CA THR A 115 3.95 19.54 -47.71
C THR A 115 4.44 18.58 -48.80
N MET A 116 4.37 17.28 -48.50
CA MET A 116 4.82 16.27 -49.45
C MET A 116 3.99 16.25 -50.74
N ILE A 117 2.68 16.38 -50.59
CA ILE A 117 1.79 16.39 -51.75
C ILE A 117 2.06 17.62 -52.60
N ALA A 118 2.17 18.78 -51.95
CA ALA A 118 2.45 20.01 -52.67
C ALA A 118 3.75 19.88 -53.46
N GLU A 119 4.77 19.32 -52.81
CA GLU A 119 6.06 19.13 -53.46
C GLU A 119 5.96 18.21 -54.66
N LEU A 120 5.35 17.05 -54.44
CA LEU A 120 5.18 16.06 -55.50
C LEU A 120 4.48 16.71 -56.70
N ALA A 121 3.44 17.50 -56.43
CA ALA A 121 2.69 18.15 -57.50
C ALA A 121 3.42 19.36 -58.12
N GLY A 122 4.49 19.81 -57.47
CA GLY A 122 5.22 20.96 -57.99
C GLY A 122 4.44 22.23 -57.74
N LEU A 123 3.56 22.18 -56.74
CA LEU A 123 2.71 23.31 -56.37
C LEU A 123 3.01 23.85 -54.98
N GLU A 124 2.19 24.77 -54.50
CA GLU A 124 2.44 25.41 -53.21
C GLU A 124 1.67 24.97 -51.97
N ILE A 125 0.41 24.58 -52.14
CA ILE A 125 -0.39 24.13 -51.03
C ILE A 125 -1.25 22.95 -51.42
N ALA A 126 -1.79 22.28 -50.40
CA ALA A 126 -2.66 21.13 -50.58
C ALA A 126 -3.50 21.01 -49.31
N ASN A 127 -4.72 20.50 -49.44
CA ASN A 127 -5.55 20.33 -48.25
C ASN A 127 -5.23 19.00 -47.57
N ALA A 128 -5.90 18.75 -46.45
CA ALA A 128 -5.71 17.55 -45.63
C ALA A 128 -6.01 16.23 -46.31
N SER A 129 -6.71 16.26 -47.45
CA SER A 129 -7.09 15.09 -48.26
C SER A 129 -8.52 15.14 -48.77
N MET A 130 -8.74 14.48 -49.90
CA MET A 130 -10.05 14.37 -50.55
C MET A 130 -10.43 12.88 -50.45
N TYR A 131 -11.69 12.52 -50.72
CA TYR A 131 -12.11 11.12 -50.62
C TYR A 131 -11.33 10.21 -51.54
N ASP A 132 -11.11 10.67 -52.77
CA ASP A 132 -10.38 9.87 -53.75
C ASP A 132 -10.06 10.72 -54.98
N GLY A 133 -9.43 10.10 -55.96
CA GLY A 133 -9.05 10.82 -57.16
C GLY A 133 -10.19 11.48 -57.89
N ALA A 134 -11.23 10.72 -58.20
CA ALA A 134 -12.38 11.24 -58.91
C ALA A 134 -13.01 12.43 -58.20
N THR A 135 -13.19 12.28 -56.90
CA THR A 135 -13.78 13.32 -56.07
C THR A 135 -12.86 14.53 -55.94
N ALA A 136 -11.54 14.28 -55.92
CA ALA A 136 -10.58 15.36 -55.82
C ALA A 136 -10.68 16.18 -57.10
N LEU A 137 -10.85 15.51 -58.24
CA LEU A 137 -10.97 16.22 -59.51
C LEU A 137 -12.23 17.08 -59.53
N ALA A 138 -13.36 16.50 -59.17
CA ALA A 138 -14.61 17.25 -59.16
C ALA A 138 -14.44 18.52 -58.33
N GLU A 139 -13.91 18.36 -57.12
CA GLU A 139 -13.71 19.48 -56.23
C GLU A 139 -12.71 20.47 -56.83
N GLY A 140 -11.67 19.93 -57.46
CA GLY A 140 -10.64 20.77 -58.06
C GLY A 140 -11.20 21.65 -59.16
N VAL A 141 -12.08 21.11 -59.99
CA VAL A 141 -12.69 21.88 -61.06
C VAL A 141 -13.66 22.91 -60.48
N LEU A 142 -14.47 22.49 -59.52
CA LEU A 142 -15.42 23.40 -58.90
C LEU A 142 -14.67 24.57 -58.29
N LEU A 143 -13.45 24.30 -57.80
CA LEU A 143 -12.61 25.33 -57.20
C LEU A 143 -12.25 26.36 -58.28
N ALA A 144 -11.79 25.85 -59.43
CA ALA A 144 -11.39 26.68 -60.54
C ALA A 144 -12.54 27.50 -61.11
N LEU A 145 -13.74 26.93 -61.13
CA LEU A 145 -14.89 27.65 -61.66
C LEU A 145 -15.29 28.77 -60.70
N ARG A 146 -15.11 28.54 -59.41
CA ARG A 146 -15.43 29.55 -58.42
C ARG A 146 -14.40 30.69 -58.54
N GLU A 147 -13.14 30.31 -58.72
CA GLU A 147 -12.04 31.26 -58.84
C GLU A 147 -12.13 32.12 -60.10
N THR A 148 -12.42 31.49 -61.25
CA THR A 148 -12.53 32.22 -62.51
C THR A 148 -13.91 32.83 -62.70
N GLY A 149 -14.89 32.33 -61.95
CA GLY A 149 -16.25 32.82 -62.07
C GLY A 149 -16.93 32.36 -63.34
N ARG A 150 -16.38 31.36 -64.01
CA ARG A 150 -16.96 30.83 -65.25
C ARG A 150 -17.71 29.52 -65.03
N MET A 151 -18.43 29.08 -66.06
CA MET A 151 -19.22 27.86 -65.95
C MET A 151 -18.84 26.79 -66.96
N GLY A 152 -17.79 27.03 -67.73
CA GLY A 152 -17.40 26.07 -68.76
C GLY A 152 -16.20 25.21 -68.42
N VAL A 153 -16.27 23.93 -68.77
CA VAL A 153 -15.16 23.02 -68.51
C VAL A 153 -14.82 22.16 -69.72
N LEU A 154 -13.53 22.03 -70.00
CA LEU A 154 -13.06 21.21 -71.10
C LEU A 154 -12.26 20.06 -70.49
N VAL A 155 -12.71 18.83 -70.71
CA VAL A 155 -12.01 17.69 -70.14
C VAL A 155 -11.55 16.72 -71.22
N SER A 156 -10.29 16.32 -71.15
CA SER A 156 -9.75 15.38 -72.10
C SER A 156 -10.35 13.99 -71.88
N GLN A 157 -10.61 13.29 -72.98
CA GLN A 157 -11.17 11.94 -72.90
C GLN A 157 -10.09 11.03 -72.32
N GLY A 158 -8.86 11.54 -72.28
CA GLY A 158 -7.74 10.78 -71.76
C GLY A 158 -7.86 10.64 -70.25
N VAL A 159 -8.83 11.35 -69.66
CA VAL A 159 -9.07 11.29 -68.22
C VAL A 159 -9.91 10.05 -67.95
N HIS A 160 -9.51 9.28 -66.93
CA HIS A 160 -10.22 8.04 -66.56
C HIS A 160 -11.74 8.24 -66.68
N PRO A 161 -12.40 7.41 -67.48
CA PRO A 161 -13.85 7.53 -67.67
C PRO A 161 -14.66 7.64 -66.39
N GLU A 162 -14.18 7.03 -65.31
CA GLU A 162 -14.90 7.11 -64.04
C GLU A 162 -14.75 8.49 -63.42
N TYR A 163 -13.58 9.09 -63.59
CA TYR A 163 -13.33 10.42 -63.05
C TYR A 163 -14.22 11.41 -63.80
N ARG A 164 -14.38 11.21 -65.10
CA ARG A 164 -15.19 12.09 -65.92
C ARG A 164 -16.66 11.98 -65.56
N ALA A 165 -17.10 10.77 -65.23
CA ALA A 165 -18.50 10.55 -64.86
C ALA A 165 -18.77 11.24 -63.53
N VAL A 166 -17.84 11.13 -62.58
CA VAL A 166 -18.01 11.77 -61.29
C VAL A 166 -17.97 13.29 -61.49
N LEU A 167 -17.01 13.74 -62.30
CA LEU A 167 -16.88 15.16 -62.59
C LEU A 167 -18.20 15.70 -63.14
N ARG A 168 -18.81 14.95 -64.05
CA ARG A 168 -20.07 15.34 -64.66
C ARG A 168 -21.19 15.49 -63.63
N ALA A 169 -21.31 14.52 -62.73
CA ALA A 169 -22.35 14.57 -61.70
C ALA A 169 -22.23 15.86 -60.90
N TYR A 170 -21.02 16.16 -60.43
CA TYR A 170 -20.77 17.37 -59.65
C TYR A 170 -21.02 18.64 -60.43
N LEU A 171 -20.54 18.66 -61.67
CA LEU A 171 -20.68 19.82 -62.54
C LEU A 171 -22.14 20.15 -62.89
N GLU A 172 -22.91 19.15 -63.29
CA GLU A 172 -24.31 19.41 -63.64
C GLU A 172 -25.10 19.84 -62.43
N ALA A 173 -24.69 19.34 -61.26
CA ALA A 173 -25.37 19.68 -60.01
C ALA A 173 -25.41 21.19 -59.78
N VAL A 174 -24.34 21.90 -60.15
CA VAL A 174 -24.28 23.34 -59.96
C VAL A 174 -24.55 24.15 -61.22
N GLY A 175 -24.97 23.48 -62.30
CA GLY A 175 -25.27 24.17 -63.53
C GLY A 175 -24.10 24.37 -64.49
N ALA A 176 -22.93 23.81 -64.14
CA ALA A 176 -21.75 23.94 -64.98
C ALA A 176 -21.88 23.12 -66.26
N LYS A 177 -21.14 23.51 -67.29
CA LYS A 177 -21.16 22.83 -68.57
C LYS A 177 -19.86 22.07 -68.78
N LEU A 178 -19.96 20.89 -69.38
CA LEU A 178 -18.79 20.06 -69.61
C LEU A 178 -18.67 19.59 -71.06
N LEU A 179 -17.52 19.84 -71.67
CA LEU A 179 -17.27 19.42 -73.04
C LEU A 179 -16.10 18.43 -73.01
N THR A 180 -16.24 17.33 -73.74
CA THR A 180 -15.21 16.32 -73.77
C THR A 180 -14.37 16.36 -75.03
N LEU A 181 -13.05 16.34 -74.86
CA LEU A 181 -12.10 16.36 -75.96
C LEU A 181 -11.73 14.93 -76.30
N PRO A 182 -12.24 14.43 -77.45
CA PRO A 182 -11.93 13.05 -77.85
C PRO A 182 -10.45 12.82 -78.09
N LEU A 183 -9.99 11.64 -77.71
CA LEU A 183 -8.60 11.25 -77.87
C LEU A 183 -8.31 10.93 -79.33
N GLU A 184 -7.15 11.36 -79.82
CA GLU A 184 -6.74 11.09 -81.19
C GLU A 184 -5.38 10.39 -81.22
N GLY A 185 -5.36 9.17 -81.71
CA GLY A 185 -4.12 8.41 -81.75
C GLY A 185 -3.64 8.13 -80.34
N GLY A 186 -4.58 8.05 -79.40
CA GLY A 186 -4.24 7.76 -78.01
C GLY A 186 -3.80 8.97 -77.19
N ARG A 187 -3.85 10.15 -77.79
CA ARG A 187 -3.46 11.39 -77.12
C ARG A 187 -4.52 12.46 -77.34
N THR A 188 -4.59 13.44 -76.46
CA THR A 188 -5.58 14.49 -76.62
C THR A 188 -5.01 15.71 -77.36
N PRO A 189 -5.60 16.05 -78.52
CA PRO A 189 -5.12 17.19 -79.30
C PRO A 189 -5.38 18.53 -78.60
N LEU A 190 -4.46 19.47 -78.79
CA LEU A 190 -4.58 20.80 -78.21
C LEU A 190 -5.86 21.47 -78.69
N PRO A 191 -6.75 21.84 -77.75
CA PRO A 191 -8.00 22.48 -78.13
C PRO A 191 -7.91 24.00 -78.20
N GLU A 192 -8.97 24.60 -78.73
CA GLU A 192 -9.09 26.03 -78.84
C GLU A 192 -9.96 26.35 -77.62
N VAL A 193 -9.45 27.17 -76.70
CA VAL A 193 -10.18 27.49 -75.49
C VAL A 193 -10.88 28.85 -75.49
N GLY A 194 -12.21 28.82 -75.44
CA GLY A 194 -12.98 30.06 -75.41
C GLY A 194 -12.96 30.71 -74.04
N GLU A 195 -13.48 31.93 -73.95
CA GLU A 195 -13.50 32.67 -72.70
C GLU A 195 -14.59 32.24 -71.72
N GLU A 196 -15.45 31.33 -72.14
CA GLU A 196 -16.51 30.83 -71.27
C GLU A 196 -15.92 29.69 -70.43
N VAL A 197 -14.77 29.18 -70.86
CA VAL A 197 -14.10 28.09 -70.17
C VAL A 197 -13.33 28.54 -68.95
N GLY A 198 -13.63 27.92 -67.81
CA GLY A 198 -12.94 28.26 -66.60
C GLY A 198 -11.93 27.19 -66.20
N ALA A 199 -12.03 26.02 -66.83
CA ALA A 199 -11.12 24.94 -66.51
C ALA A 199 -10.88 23.96 -67.66
N VAL A 200 -9.61 23.67 -67.90
CA VAL A 200 -9.18 22.74 -68.94
C VAL A 200 -8.52 21.58 -68.16
N VAL A 201 -9.06 20.38 -68.31
CA VAL A 201 -8.56 19.22 -67.58
C VAL A 201 -7.90 18.14 -68.42
N VAL A 202 -6.70 17.74 -68.02
CA VAL A 202 -5.94 16.70 -68.72
C VAL A 202 -5.28 15.76 -67.71
N GLN A 203 -5.18 14.48 -68.07
CA GLN A 203 -4.55 13.49 -67.20
C GLN A 203 -3.23 13.02 -67.78
N ASN A 204 -2.23 12.87 -66.93
CA ASN A 204 -0.90 12.43 -67.35
C ASN A 204 -0.21 11.59 -66.27
N PRO A 205 0.11 10.31 -66.56
CA PRO A 205 -0.16 9.60 -67.82
C PRO A 205 -1.69 9.57 -67.96
N ASN A 206 -2.20 9.37 -69.18
CA ASN A 206 -3.63 9.34 -69.34
C ASN A 206 -4.19 7.95 -69.10
N PHE A 207 -5.52 7.82 -69.19
CA PHE A 207 -6.17 6.54 -68.95
C PHE A 207 -5.54 5.39 -69.73
N LEU A 208 -5.18 5.64 -70.99
CA LEU A 208 -4.57 4.60 -71.81
C LEU A 208 -3.08 4.44 -71.50
N GLY A 209 -2.58 5.23 -70.56
CA GLY A 209 -1.17 5.12 -70.20
C GLY A 209 -0.21 6.00 -70.99
N ALA A 210 -0.72 6.65 -72.03
CA ALA A 210 0.12 7.50 -72.87
C ALA A 210 0.57 8.79 -72.16
N LEU A 211 1.82 9.17 -72.33
CA LEU A 211 2.31 10.41 -71.72
C LEU A 211 1.76 11.55 -72.58
N GLU A 212 1.26 12.59 -71.93
CA GLU A 212 0.69 13.73 -72.63
C GLU A 212 1.62 14.96 -72.49
N ASP A 213 1.58 15.86 -73.46
CA ASP A 213 2.43 17.06 -73.42
C ASP A 213 1.65 18.20 -72.79
N LEU A 214 1.82 18.35 -71.48
CA LEU A 214 1.10 19.36 -70.70
C LEU A 214 1.40 20.84 -70.91
N GLY A 215 2.59 21.18 -71.37
CA GLY A 215 2.94 22.57 -71.57
C GLY A 215 1.92 23.40 -72.34
N PRO A 216 1.71 23.08 -73.63
CA PRO A 216 0.76 23.82 -74.46
C PRO A 216 -0.69 23.84 -73.95
N PHE A 217 -1.03 22.95 -73.05
CA PHE A 217 -2.39 22.93 -72.51
C PHE A 217 -2.54 24.04 -71.47
N ALA A 218 -1.52 24.16 -70.61
CA ALA A 218 -1.53 25.19 -69.59
C ALA A 218 -1.55 26.56 -70.26
N GLU A 219 -0.80 26.70 -71.35
CA GLU A 219 -0.73 27.96 -72.07
C GLU A 219 -2.04 28.28 -72.78
N ALA A 220 -2.68 27.27 -73.34
CA ALA A 220 -3.94 27.45 -74.04
C ALA A 220 -5.03 27.89 -73.06
N ALA A 221 -4.95 27.39 -71.83
CA ALA A 221 -5.93 27.73 -70.81
C ALA A 221 -5.66 29.14 -70.31
N HIS A 222 -4.41 29.41 -69.97
CA HIS A 222 -4.03 30.72 -69.46
C HIS A 222 -4.28 31.83 -70.48
N GLY A 223 -4.09 31.51 -71.75
CA GLY A 223 -4.33 32.51 -72.78
C GLY A 223 -5.79 32.90 -72.89
N ALA A 224 -6.70 32.05 -72.40
CA ALA A 224 -8.13 32.33 -72.45
C ALA A 224 -8.68 32.78 -71.09
N GLY A 225 -7.79 32.85 -70.10
CA GLY A 225 -8.21 33.26 -68.77
C GLY A 225 -8.70 32.11 -67.91
N ALA A 226 -8.53 30.88 -68.39
CA ALA A 226 -8.96 29.69 -67.65
C ALA A 226 -7.83 29.09 -66.84
N LEU A 227 -8.17 28.26 -65.86
CA LEU A 227 -7.15 27.60 -65.07
C LEU A 227 -6.89 26.21 -65.64
N PHE A 228 -5.69 25.69 -65.44
CA PHE A 228 -5.34 24.37 -65.94
C PHE A 228 -5.30 23.36 -64.79
N VAL A 229 -6.16 22.35 -64.88
CA VAL A 229 -6.25 21.30 -63.88
C VAL A 229 -5.60 20.03 -64.41
N ALA A 230 -4.63 19.53 -63.67
CA ALA A 230 -3.93 18.32 -64.08
C ALA A 230 -4.27 17.14 -63.18
N VAL A 231 -4.56 16.00 -63.80
CA VAL A 231 -4.85 14.78 -63.05
C VAL A 231 -3.59 13.95 -63.19
N ALA A 232 -2.97 13.60 -62.07
CA ALA A 232 -1.73 12.84 -62.14
C ALA A 232 -1.55 11.81 -61.04
N ASP A 233 -1.06 10.64 -61.44
CA ASP A 233 -0.77 9.56 -60.49
C ASP A 233 0.43 10.02 -59.67
N PRO A 234 0.30 10.04 -58.33
CA PRO A 234 1.39 10.48 -57.45
C PRO A 234 2.71 9.73 -57.62
N LEU A 235 2.66 8.41 -57.75
CA LEU A 235 3.89 7.65 -57.92
C LEU A 235 4.64 8.13 -59.16
N SER A 236 3.92 8.37 -60.26
CA SER A 236 4.54 8.83 -61.50
C SER A 236 5.30 10.15 -61.30
N LEU A 237 4.80 10.99 -60.40
CA LEU A 237 5.43 12.27 -60.12
C LEU A 237 6.84 12.14 -59.58
N GLY A 238 7.22 10.92 -59.22
CA GLY A 238 8.56 10.69 -58.71
C GLY A 238 9.62 10.74 -59.79
N VAL A 239 9.19 10.63 -61.04
CA VAL A 239 10.12 10.65 -62.17
C VAL A 239 9.70 11.62 -63.29
N LEU A 240 8.39 11.80 -63.46
CA LEU A 240 7.88 12.68 -64.49
C LEU A 240 7.81 14.12 -64.02
N LYS A 241 7.96 15.05 -64.95
CA LYS A 241 7.90 16.48 -64.66
C LYS A 241 6.51 16.76 -64.09
N PRO A 242 6.45 17.45 -62.93
CA PRO A 242 5.19 17.79 -62.28
C PRO A 242 4.32 18.82 -63.00
N PRO A 243 2.99 18.70 -62.88
CA PRO A 243 2.11 19.66 -63.55
C PRO A 243 2.43 21.10 -63.13
N GLY A 244 2.96 21.25 -61.92
CA GLY A 244 3.32 22.58 -61.45
C GLY A 244 4.44 23.19 -62.26
N ALA A 245 5.30 22.31 -62.79
CA ALA A 245 6.43 22.73 -63.60
C ALA A 245 5.93 23.14 -64.98
N TYR A 246 4.83 22.55 -65.41
CA TYR A 246 4.23 22.85 -66.71
C TYR A 246 3.35 24.10 -66.61
N GLY A 247 3.16 24.60 -65.39
CA GLY A 247 2.34 25.77 -65.21
C GLY A 247 0.90 25.48 -64.83
N ALA A 248 0.63 24.26 -64.38
CA ALA A 248 -0.72 23.89 -63.97
C ALA A 248 -1.10 24.72 -62.75
N ASP A 249 -2.38 25.04 -62.61
CA ASP A 249 -2.84 25.82 -61.46
C ASP A 249 -3.34 24.90 -60.35
N ILE A 250 -3.82 23.74 -60.77
CA ILE A 250 -4.36 22.76 -59.83
C ILE A 250 -3.96 21.35 -60.24
N ALA A 251 -3.65 20.52 -59.26
CA ALA A 251 -3.26 19.14 -59.50
C ALA A 251 -4.03 18.24 -58.53
N VAL A 252 -4.55 17.12 -59.05
CA VAL A 252 -5.31 16.18 -58.23
C VAL A 252 -4.91 14.76 -58.60
N GLY A 253 -5.30 13.82 -57.76
CA GLY A 253 -4.98 12.43 -58.02
C GLY A 253 -5.40 11.52 -56.90
N ASP A 254 -5.32 10.22 -57.14
CA ASP A 254 -5.68 9.22 -56.15
C ASP A 254 -4.38 8.71 -55.56
N GLY A 255 -4.36 8.47 -54.26
CA GLY A 255 -3.14 8.00 -53.60
C GLY A 255 -2.86 6.51 -53.48
N GLN A 256 -3.67 5.68 -54.14
CA GLN A 256 -3.49 4.24 -54.05
C GLN A 256 -2.08 3.77 -54.43
N SER A 257 -1.51 4.39 -55.46
CA SER A 257 -0.18 4.02 -55.94
C SER A 257 0.95 4.29 -54.94
N LEU A 258 0.61 4.88 -53.80
CA LEU A 258 1.62 5.17 -52.79
C LEU A 258 1.61 4.10 -51.70
N GLY A 259 1.75 2.84 -52.12
CA GLY A 259 1.79 1.71 -51.20
C GLY A 259 0.52 1.32 -50.48
N LEU A 260 -0.63 1.80 -50.93
CA LEU A 260 -1.90 1.48 -50.29
C LEU A 260 -2.50 0.16 -50.77
N PRO A 261 -2.99 -0.66 -49.84
CA PRO A 261 -3.59 -1.92 -50.27
C PRO A 261 -4.72 -1.65 -51.26
N MET A 262 -4.79 -2.43 -52.33
CA MET A 262 -5.82 -2.23 -53.34
C MET A 262 -7.22 -2.29 -52.72
N GLY A 263 -7.39 -3.20 -51.75
CA GLY A 263 -8.65 -3.35 -51.07
C GLY A 263 -9.92 -3.32 -51.90
N PHE A 264 -9.86 -3.89 -53.09
CA PHE A 264 -11.00 -3.96 -54.00
C PHE A 264 -11.65 -2.60 -54.28
N GLY A 265 -10.85 -1.53 -54.27
CA GLY A 265 -11.39 -0.22 -54.57
C GLY A 265 -11.42 0.83 -53.48
N GLY A 266 -11.22 0.44 -52.22
CA GLY A 266 -11.25 1.43 -51.16
C GLY A 266 -11.11 0.92 -49.74
N PRO A 267 -10.73 1.80 -48.81
CA PRO A 267 -10.45 3.20 -49.13
C PRO A 267 -8.99 3.53 -49.40
N HIS A 268 -8.81 4.65 -50.10
CA HIS A 268 -7.51 5.21 -50.43
C HIS A 268 -7.71 6.67 -50.06
N PHE A 269 -7.21 7.59 -50.87
CA PHE A 269 -7.42 9.00 -50.62
C PHE A 269 -7.19 9.77 -51.92
N GLY A 270 -7.61 11.02 -51.94
CA GLY A 270 -7.41 11.83 -53.12
C GLY A 270 -6.66 13.05 -52.66
N PHE A 271 -5.89 13.67 -53.54
CA PHE A 271 -5.18 14.85 -53.11
C PHE A 271 -5.53 16.02 -54.03
N LEU A 272 -5.42 17.22 -53.47
CA LEU A 272 -5.72 18.43 -54.20
C LEU A 272 -4.63 19.43 -53.84
N ALA A 273 -3.89 19.86 -54.86
CA ALA A 273 -2.81 20.82 -54.68
C ALA A 273 -3.05 22.00 -55.62
N THR A 274 -2.63 23.18 -55.18
CA THR A 274 -2.83 24.37 -55.99
C THR A 274 -1.91 25.50 -55.52
N LYS A 275 -2.15 26.70 -56.03
CA LYS A 275 -1.36 27.89 -55.66
C LYS A 275 -1.88 28.50 -54.38
N LYS A 276 -0.96 29.07 -53.60
CA LYS A 276 -1.29 29.73 -52.35
C LYS A 276 -2.28 30.87 -52.62
N ALA A 277 -2.25 31.38 -53.84
CA ALA A 277 -3.13 32.49 -54.23
C ALA A 277 -4.60 32.10 -54.32
N PHE A 278 -4.88 30.81 -54.47
CA PHE A 278 -6.28 30.37 -54.56
C PHE A 278 -6.77 29.70 -53.28
N VAL A 279 -6.03 29.89 -52.19
CA VAL A 279 -6.39 29.27 -50.91
C VAL A 279 -7.82 29.52 -50.43
N ARG A 280 -8.31 30.75 -50.59
CA ARG A 280 -9.67 31.11 -50.16
C ARG A 280 -10.75 30.20 -50.74
N GLN A 281 -10.48 29.62 -51.90
CA GLN A 281 -11.44 28.75 -52.58
C GLN A 281 -11.21 27.26 -52.35
N LEU A 282 -10.14 26.92 -51.64
CA LEU A 282 -9.79 25.53 -51.35
C LEU A 282 -10.77 24.88 -50.38
N PRO A 283 -11.29 23.69 -50.74
CA PRO A 283 -12.22 22.98 -49.85
C PRO A 283 -11.46 22.04 -48.91
N GLY A 284 -12.12 21.58 -47.85
CA GLY A 284 -11.47 20.65 -46.94
C GLY A 284 -10.64 21.26 -45.84
N ARG A 285 -10.05 20.40 -45.01
CA ARG A 285 -9.24 20.87 -43.91
C ARG A 285 -7.86 21.35 -44.36
N LEU A 286 -7.30 22.28 -43.58
CA LEU A 286 -6.01 22.89 -43.86
C LEU A 286 -5.25 23.08 -42.56
N VAL A 287 -4.05 22.51 -42.47
CA VAL A 287 -3.27 22.68 -41.26
C VAL A 287 -2.22 23.77 -41.43
N SER A 288 -2.08 24.60 -40.42
CA SER A 288 -1.09 25.66 -40.46
C SER A 288 -0.17 25.59 -39.26
N GLU A 289 1.09 25.97 -39.46
CA GLU A 289 2.03 25.98 -38.36
C GLU A 289 1.72 27.27 -37.60
N THR A 290 1.92 27.25 -36.30
CA THR A 290 1.70 28.42 -35.47
C THR A 290 2.54 28.25 -34.22
N VAL A 291 2.21 28.96 -33.16
CA VAL A 291 2.99 28.86 -31.95
C VAL A 291 2.06 28.86 -30.73
N ASP A 292 2.53 28.40 -29.59
CA ASP A 292 1.66 28.39 -28.42
C ASP A 292 1.96 29.58 -27.47
N VAL A 293 1.12 29.71 -26.45
CA VAL A 293 1.23 30.80 -25.49
C VAL A 293 2.64 31.12 -25.00
N GLU A 294 3.55 30.14 -25.05
CA GLU A 294 4.91 30.37 -24.60
C GLU A 294 5.88 30.48 -25.77
N GLY A 295 5.37 30.31 -26.98
CA GLY A 295 6.24 30.40 -28.14
C GLY A 295 6.72 29.05 -28.66
N ARG A 296 6.06 27.96 -28.26
CA ARG A 296 6.44 26.63 -28.75
C ARG A 296 5.80 26.39 -30.12
N ARG A 297 6.48 25.63 -30.97
CA ARG A 297 5.94 25.35 -32.31
C ARG A 297 4.72 24.44 -32.20
N GLY A 298 3.68 24.75 -32.96
CA GLY A 298 2.48 23.94 -32.93
C GLY A 298 1.74 23.94 -34.24
N PHE A 299 0.75 23.06 -34.36
CA PHE A 299 -0.03 22.98 -35.59
C PHE A 299 -1.49 23.00 -35.27
N ILE A 300 -2.26 23.69 -36.10
CA ILE A 300 -3.68 23.82 -35.87
C ILE A 300 -4.43 23.89 -37.20
N LEU A 301 -5.72 23.56 -37.17
CA LEU A 301 -6.55 23.63 -38.36
C LEU A 301 -6.77 25.13 -38.57
N THR A 302 -6.83 25.58 -39.81
CA THR A 302 -6.99 27.01 -40.05
C THR A 302 -7.88 27.39 -41.22
N LEU A 303 -8.16 28.70 -41.34
CA LEU A 303 -8.99 29.25 -42.40
C LEU A 303 -10.26 28.41 -42.52
N GLN A 304 -10.85 28.13 -41.36
CA GLN A 304 -12.04 27.30 -41.27
C GLN A 304 -13.32 27.89 -41.86
N ALA A 305 -13.26 29.14 -42.29
CA ALA A 305 -14.42 29.78 -42.90
C ALA A 305 -14.71 29.16 -44.26
N ARG A 306 -13.77 28.34 -44.75
CA ARG A 306 -13.93 27.65 -46.03
C ARG A 306 -14.78 26.39 -45.83
N GLU A 307 -14.93 25.98 -44.57
CA GLU A 307 -15.66 24.76 -44.24
C GLU A 307 -17.08 24.90 -43.70
N GLN A 308 -17.82 23.79 -43.80
CA GLN A 308 -19.22 23.72 -43.40
C GLN A 308 -19.65 24.18 -42.01
N TYR A 309 -18.85 23.92 -40.97
CA TYR A 309 -19.25 24.34 -39.64
C TYR A 309 -19.54 25.84 -39.58
N ILE A 310 -18.52 26.62 -39.93
CA ILE A 310 -18.61 28.08 -39.94
C ILE A 310 -19.43 28.68 -41.08
N ARG A 311 -19.18 28.25 -42.31
CA ARG A 311 -19.85 28.81 -43.48
C ARG A 311 -21.16 28.14 -43.91
N ARG A 312 -21.45 26.97 -43.35
CA ARG A 312 -22.66 26.21 -43.67
C ARG A 312 -23.03 26.24 -45.17
N ALA A 313 -24.17 26.86 -45.50
CA ALA A 313 -24.64 26.92 -46.88
C ALA A 313 -23.68 27.54 -47.90
N LYS A 314 -22.82 28.45 -47.44
CA LYS A 314 -21.87 29.08 -48.34
C LYS A 314 -20.47 28.44 -48.26
N ALA A 315 -20.37 27.31 -47.58
CA ALA A 315 -19.09 26.60 -47.47
C ALA A 315 -18.60 26.24 -48.87
N LYS A 316 -17.29 26.08 -49.02
CA LYS A 316 -16.71 25.74 -50.29
C LYS A 316 -17.08 24.31 -50.70
N SER A 317 -17.34 23.48 -49.70
CA SER A 317 -17.73 22.09 -49.92
C SER A 317 -18.43 21.61 -48.64
N ASN A 318 -19.18 20.52 -48.74
CA ASN A 318 -19.87 19.99 -47.56
C ASN A 318 -18.97 18.98 -46.85
N ILE A 319 -17.78 18.76 -47.40
CA ILE A 319 -16.85 17.79 -46.83
C ILE A 319 -16.51 17.96 -45.34
N THR A 320 -16.72 16.89 -44.60
CA THR A 320 -16.44 16.89 -43.17
C THR A 320 -15.38 15.79 -42.99
N THR A 321 -15.81 14.54 -42.92
CA THR A 321 -14.88 13.42 -42.80
C THR A 321 -14.11 13.35 -44.12
N ASN A 322 -12.79 13.24 -44.06
CA ASN A 322 -12.01 13.16 -45.29
C ASN A 322 -11.41 11.76 -45.43
N ALA A 323 -10.15 11.68 -45.83
CA ALA A 323 -9.47 10.39 -45.96
C ALA A 323 -8.14 10.56 -45.24
N GLN A 324 -8.21 11.05 -44.01
CA GLN A 324 -7.01 11.32 -43.23
C GLN A 324 -6.02 10.19 -42.98
N LEU A 325 -6.50 9.05 -42.51
CA LEU A 325 -5.59 7.94 -42.22
C LEU A 325 -4.85 7.44 -43.46
N THR A 326 -5.56 7.22 -44.56
CA THR A 326 -4.91 6.74 -45.77
C THR A 326 -3.97 7.78 -46.37
N ALA A 327 -4.30 9.06 -46.23
CA ALA A 327 -3.43 10.11 -46.74
C ALA A 327 -2.15 10.09 -45.90
N LEU A 328 -2.30 9.80 -44.60
CA LEU A 328 -1.15 9.73 -43.72
C LEU A 328 -0.30 8.50 -44.11
N MET A 329 -0.94 7.43 -44.56
CA MET A 329 -0.23 6.23 -45.01
C MET A 329 0.58 6.68 -46.23
N GLY A 330 -0.02 7.58 -47.00
CA GLY A 330 0.63 8.09 -48.19
C GLY A 330 1.87 8.88 -47.83
N ALA A 331 1.75 9.72 -46.80
CA ALA A 331 2.88 10.53 -46.35
C ALA A 331 4.00 9.64 -45.85
N MET A 332 3.63 8.60 -45.09
CA MET A 332 4.61 7.66 -44.54
C MET A 332 5.38 7.01 -45.68
N TYR A 333 4.66 6.56 -46.70
CA TYR A 333 5.27 5.92 -47.87
C TYR A 333 6.26 6.90 -48.52
N LEU A 334 5.80 8.12 -48.76
CA LEU A 334 6.64 9.14 -49.37
C LEU A 334 7.91 9.37 -48.56
N ALA A 335 7.77 9.45 -47.23
CA ALA A 335 8.93 9.67 -46.38
C ALA A 335 9.83 8.44 -46.33
N ALA A 336 9.22 7.26 -46.37
CA ALA A 336 9.96 6.01 -46.31
C ALA A 336 10.89 5.79 -47.51
N LEU A 337 10.46 6.21 -48.69
CA LEU A 337 11.26 6.04 -49.90
C LEU A 337 12.13 7.25 -50.25
N GLY A 338 11.64 8.44 -49.91
CA GLY A 338 12.39 9.64 -50.23
C GLY A 338 12.28 9.88 -51.73
N PRO A 339 12.91 10.95 -52.23
CA PRO A 339 12.85 11.26 -53.66
C PRO A 339 13.46 10.18 -54.57
N GLU A 340 14.63 9.66 -54.18
CA GLU A 340 15.30 8.64 -54.97
C GLU A 340 14.58 7.29 -54.92
N GLY A 341 14.20 6.85 -53.71
CA GLY A 341 13.50 5.59 -53.59
C GLY A 341 12.20 5.57 -54.37
N LEU A 342 11.49 6.70 -54.38
CA LEU A 342 10.23 6.79 -55.12
C LEU A 342 10.51 6.76 -56.62
N ARG A 343 11.55 7.47 -57.04
CA ARG A 343 11.94 7.51 -58.45
C ARG A 343 12.26 6.10 -58.94
N GLU A 344 12.99 5.33 -58.13
CA GLU A 344 13.36 3.97 -58.50
C GLU A 344 12.14 3.09 -58.68
N VAL A 345 11.17 3.22 -57.77
CA VAL A 345 9.97 2.42 -57.86
C VAL A 345 9.20 2.73 -59.13
N ALA A 346 9.04 4.02 -59.44
CA ALA A 346 8.34 4.42 -60.64
C ALA A 346 9.06 3.88 -61.88
N LEU A 347 10.39 4.03 -61.90
CA LEU A 347 11.18 3.55 -63.03
C LEU A 347 11.06 2.02 -63.22
N LYS A 348 11.20 1.27 -62.13
CA LYS A 348 11.10 -0.18 -62.24
C LYS A 348 9.76 -0.59 -62.81
N SER A 349 8.69 0.08 -62.39
CA SER A 349 7.36 -0.26 -62.90
C SER A 349 7.25 0.08 -64.38
N VAL A 350 7.85 1.20 -64.79
CA VAL A 350 7.82 1.61 -66.20
C VAL A 350 8.62 0.61 -67.02
N GLU A 351 9.77 0.22 -66.48
CA GLU A 351 10.64 -0.73 -67.16
C GLU A 351 9.90 -2.05 -67.39
N MET A 352 9.35 -2.62 -66.33
CA MET A 352 8.64 -3.89 -66.45
C MET A 352 7.42 -3.79 -67.36
N ALA A 353 6.74 -2.65 -67.38
CA ALA A 353 5.57 -2.49 -68.23
C ALA A 353 6.00 -2.51 -69.69
N HIS A 354 7.09 -1.83 -69.98
CA HIS A 354 7.58 -1.82 -71.36
C HIS A 354 8.01 -3.23 -71.75
N LYS A 355 8.76 -3.91 -70.88
CA LYS A 355 9.19 -5.27 -71.18
C LYS A 355 7.96 -6.14 -71.47
N LEU A 356 6.89 -5.92 -70.72
CA LEU A 356 5.65 -6.68 -70.91
C LEU A 356 4.98 -6.29 -72.22
N HIS A 357 5.01 -5.00 -72.56
CA HIS A 357 4.40 -4.50 -73.79
C HIS A 357 5.00 -5.22 -74.98
N ALA A 358 6.33 -5.26 -75.06
CA ALA A 358 7.03 -5.92 -76.16
C ALA A 358 6.66 -7.40 -76.25
N LEU A 359 6.64 -8.07 -75.10
CA LEU A 359 6.33 -9.49 -75.05
C LEU A 359 4.94 -9.87 -75.55
N LEU A 360 3.93 -9.14 -75.09
CA LEU A 360 2.56 -9.41 -75.50
C LEU A 360 2.32 -9.15 -76.98
N LEU A 361 3.12 -8.24 -77.56
CA LEU A 361 2.99 -7.90 -78.97
C LEU A 361 3.37 -9.04 -79.90
N GLU A 362 4.08 -10.03 -79.38
CA GLU A 362 4.49 -11.18 -80.18
C GLU A 362 3.35 -12.18 -80.32
N VAL A 363 2.42 -12.15 -79.37
CA VAL A 363 1.29 -13.06 -79.43
C VAL A 363 0.50 -12.74 -80.71
N PRO A 364 0.35 -13.73 -81.60
CA PRO A 364 -0.38 -13.55 -82.85
C PRO A 364 -1.76 -12.91 -82.71
N GLY A 365 -1.97 -11.81 -83.43
CA GLY A 365 -3.25 -11.12 -83.37
C GLY A 365 -3.22 -9.90 -82.46
N VAL A 366 -2.24 -9.84 -81.58
CA VAL A 366 -2.11 -8.72 -80.65
C VAL A 366 -1.44 -7.54 -81.34
N ARG A 367 -2.15 -6.42 -81.42
CA ARG A 367 -1.61 -5.22 -82.05
C ARG A 367 -1.58 -4.09 -81.03
N PRO A 368 -0.65 -3.14 -81.19
CA PRO A 368 -0.56 -2.03 -80.25
C PRO A 368 -1.66 -0.98 -80.41
N PHE A 369 -1.92 -0.23 -79.35
CA PHE A 369 -2.92 0.83 -79.41
C PHE A 369 -2.37 2.08 -78.75
N THR A 370 -1.90 1.95 -77.51
CA THR A 370 -1.31 3.09 -76.83
C THR A 370 0.02 3.39 -77.52
N PRO A 371 0.22 4.64 -77.95
CA PRO A 371 1.45 5.07 -78.63
C PRO A 371 2.60 5.29 -77.65
N LYS A 372 3.82 5.32 -78.18
CA LYS A 372 4.98 5.59 -77.34
C LYS A 372 5.05 7.11 -77.31
N PRO A 373 5.47 7.69 -76.17
CA PRO A 373 5.85 6.98 -74.96
C PRO A 373 4.70 6.81 -73.98
N PHE A 374 4.58 5.62 -73.39
CA PHE A 374 3.56 5.39 -72.39
C PHE A 374 4.30 5.17 -71.07
N PHE A 375 3.57 5.12 -69.95
CA PHE A 375 4.20 4.96 -68.64
C PHE A 375 4.21 3.50 -68.14
N ASN A 376 3.54 3.21 -67.03
CA ASN A 376 3.52 1.85 -66.51
C ASN A 376 2.24 1.09 -66.87
N GLU A 377 1.49 1.65 -67.81
CA GLU A 377 0.25 1.03 -68.29
C GLU A 377 0.17 1.29 -69.77
N PHE A 378 -0.54 0.43 -70.49
CA PHE A 378 -0.70 0.58 -71.92
C PHE A 378 -1.89 -0.27 -72.35
N ALA A 379 -2.56 0.14 -73.41
CA ALA A 379 -3.71 -0.61 -73.91
C ALA A 379 -3.30 -1.28 -75.22
N LEU A 380 -3.79 -2.50 -75.42
CA LEU A 380 -3.49 -3.24 -76.64
C LEU A 380 -4.79 -3.59 -77.36
N ALA A 381 -4.68 -3.89 -78.65
CA ALA A 381 -5.84 -4.29 -79.42
C ALA A 381 -5.74 -5.81 -79.47
N LEU A 382 -6.72 -6.50 -78.90
CA LEU A 382 -6.71 -7.96 -78.86
C LEU A 382 -7.64 -8.60 -79.88
N PRO A 383 -7.29 -9.82 -80.32
CA PRO A 383 -8.11 -10.54 -81.30
C PRO A 383 -9.40 -11.13 -80.72
N LYS A 384 -9.58 -11.00 -79.40
CA LYS A 384 -10.78 -11.51 -78.73
C LYS A 384 -11.36 -10.48 -77.77
N ASP A 385 -12.64 -10.64 -77.41
CA ASP A 385 -13.28 -9.71 -76.49
C ASP A 385 -12.49 -9.59 -75.19
N PRO A 386 -12.08 -8.38 -74.82
CA PRO A 386 -11.31 -8.14 -73.60
C PRO A 386 -11.82 -8.85 -72.35
N GLU A 387 -13.12 -8.73 -72.08
CA GLU A 387 -13.72 -9.38 -70.91
C GLU A 387 -13.53 -10.90 -70.99
N ALA A 388 -13.76 -11.46 -72.17
CA ALA A 388 -13.61 -12.90 -72.38
C ALA A 388 -12.16 -13.29 -72.10
N VAL A 389 -11.23 -12.45 -72.54
CA VAL A 389 -9.81 -12.70 -72.33
C VAL A 389 -9.48 -12.65 -70.84
N ARG A 390 -10.03 -11.66 -70.14
CA ARG A 390 -9.78 -11.52 -68.69
C ARG A 390 -10.28 -12.76 -67.97
N ARG A 391 -11.48 -13.20 -68.33
CA ARG A 391 -12.06 -14.39 -67.72
C ARG A 391 -11.18 -15.60 -68.00
N ALA A 392 -10.86 -15.81 -69.28
CA ALA A 392 -10.02 -16.92 -69.70
C ALA A 392 -8.67 -16.89 -68.99
N LEU A 393 -8.10 -15.71 -68.87
CA LEU A 393 -6.82 -15.52 -68.21
C LEU A 393 -6.98 -15.85 -66.71
N ALA A 394 -8.14 -15.52 -66.16
CA ALA A 394 -8.41 -15.77 -64.75
C ALA A 394 -8.56 -17.25 -64.45
N GLU A 395 -9.17 -17.99 -65.37
CA GLU A 395 -9.35 -19.42 -65.17
C GLU A 395 -8.00 -20.12 -65.15
N ARG A 396 -6.98 -19.45 -65.67
CA ARG A 396 -5.64 -20.01 -65.69
C ARG A 396 -4.80 -19.43 -64.56
N GLY A 397 -5.47 -18.77 -63.62
CA GLY A 397 -4.79 -18.18 -62.48
C GLY A 397 -4.07 -16.87 -62.74
N PHE A 398 -4.44 -16.15 -63.79
CA PHE A 398 -3.79 -14.87 -64.06
C PHE A 398 -4.77 -13.70 -64.04
N HIS A 399 -4.39 -12.63 -63.34
CA HIS A 399 -5.22 -11.43 -63.29
C HIS A 399 -4.64 -10.45 -64.30
N GLY A 400 -5.36 -10.25 -65.41
CA GLY A 400 -4.88 -9.32 -66.41
C GLY A 400 -5.92 -8.99 -67.46
N ALA A 401 -5.59 -8.00 -68.30
CA ALA A 401 -6.48 -7.57 -69.36
C ALA A 401 -7.72 -6.88 -68.78
N THR A 402 -7.55 -5.65 -68.32
CA THR A 402 -8.69 -4.92 -67.77
C THR A 402 -9.37 -4.22 -68.96
N PRO A 403 -10.60 -4.65 -69.29
CA PRO A 403 -11.38 -4.09 -70.40
C PRO A 403 -11.50 -2.56 -70.46
N VAL A 404 -11.32 -2.05 -71.68
CA VAL A 404 -11.41 -0.62 -71.94
C VAL A 404 -12.74 -0.36 -72.65
N PRO A 405 -13.56 0.56 -72.11
CA PRO A 405 -14.84 0.85 -72.75
C PRO A 405 -14.69 1.21 -74.23
N ARG A 406 -15.65 0.78 -75.04
CA ARG A 406 -15.65 1.04 -76.48
C ARG A 406 -15.46 2.50 -76.91
N GLU A 407 -15.79 3.44 -76.05
CA GLU A 407 -15.64 4.85 -76.40
C GLU A 407 -14.22 5.18 -76.85
N TYR A 408 -13.27 4.32 -76.47
CA TYR A 408 -11.86 4.49 -76.82
C TYR A 408 -11.47 3.67 -78.05
N GLY A 409 -12.28 2.67 -78.36
CA GLY A 409 -12.00 1.81 -79.50
C GLY A 409 -12.51 0.41 -79.21
N GLU A 410 -12.40 -0.47 -80.20
CA GLU A 410 -12.88 -1.85 -80.05
C GLU A 410 -11.81 -2.82 -79.60
N ASN A 411 -12.24 -3.82 -78.84
CA ASN A 411 -11.38 -4.88 -78.33
C ASN A 411 -10.07 -4.42 -77.72
N LEU A 412 -10.16 -3.39 -76.87
CA LEU A 412 -8.98 -2.85 -76.21
C LEU A 412 -8.91 -3.35 -74.78
N ALA A 413 -7.69 -3.55 -74.29
CA ALA A 413 -7.49 -4.01 -72.92
C ALA A 413 -6.22 -3.38 -72.35
N LEU A 414 -6.30 -2.96 -71.09
CA LEU A 414 -5.17 -2.34 -70.41
C LEU A 414 -4.38 -3.36 -69.58
N PHE A 415 -3.07 -3.18 -69.57
CA PHE A 415 -2.18 -4.03 -68.78
C PHE A 415 -1.28 -3.11 -68.01
N ALA A 416 -0.87 -3.54 -66.82
CA ALA A 416 -0.01 -2.72 -66.00
C ALA A 416 1.09 -3.57 -65.40
N ALA A 417 2.19 -2.92 -65.02
CA ALA A 417 3.30 -3.63 -64.40
C ALA A 417 3.78 -2.77 -63.24
N THR A 418 4.30 -3.42 -62.20
CA THR A 418 4.78 -2.70 -61.03
C THR A 418 6.16 -3.18 -60.63
N GLU A 419 6.70 -2.59 -59.57
CA GLU A 419 8.03 -2.92 -59.09
C GLU A 419 8.16 -4.32 -58.50
N LEU A 420 7.05 -5.03 -58.30
CA LEU A 420 7.16 -6.38 -57.76
C LEU A 420 7.02 -7.46 -58.84
N HIS A 421 6.95 -7.01 -60.08
CA HIS A 421 6.85 -7.91 -61.22
C HIS A 421 8.25 -8.20 -61.73
N GLU A 422 8.56 -9.48 -61.93
CA GLU A 422 9.88 -9.86 -62.44
C GLU A 422 9.75 -10.47 -63.82
N GLU A 423 10.89 -10.63 -64.49
CA GLU A 423 10.96 -11.20 -65.84
C GLU A 423 10.05 -12.40 -66.00
N GLU A 424 10.21 -13.38 -65.12
CA GLU A 424 9.41 -14.60 -65.18
C GLU A 424 7.91 -14.40 -65.09
N ASP A 425 7.46 -13.35 -64.42
CA ASP A 425 6.02 -13.10 -64.30
C ASP A 425 5.47 -12.67 -65.66
N LEU A 426 6.23 -11.82 -66.34
CA LEU A 426 5.85 -11.31 -67.65
C LEU A 426 5.74 -12.45 -68.67
N LEU A 427 6.72 -13.35 -68.64
CA LEU A 427 6.74 -14.50 -69.56
C LEU A 427 5.58 -15.45 -69.32
N ALA A 428 5.30 -15.74 -68.05
CA ALA A 428 4.20 -16.65 -67.73
C ALA A 428 2.87 -16.08 -68.20
N LEU A 429 2.72 -14.76 -68.10
CA LEU A 429 1.50 -14.11 -68.54
C LEU A 429 1.39 -14.21 -70.06
N ARG A 430 2.46 -13.85 -70.78
CA ARG A 430 2.44 -13.92 -72.24
C ARG A 430 2.03 -15.31 -72.71
N GLU A 431 2.61 -16.35 -72.11
CA GLU A 431 2.28 -17.72 -72.46
C GLU A 431 0.79 -17.97 -72.29
N ALA A 432 0.25 -17.48 -71.19
CA ALA A 432 -1.17 -17.64 -70.89
C ALA A 432 -2.03 -16.94 -71.96
N LEU A 433 -1.66 -15.71 -72.31
CA LEU A 433 -2.40 -14.96 -73.32
C LEU A 433 -2.31 -15.70 -74.65
N LYS A 434 -1.13 -16.23 -74.95
CA LYS A 434 -0.92 -16.98 -76.19
C LYS A 434 -1.93 -18.13 -76.22
N GLU A 435 -2.13 -18.76 -75.07
CA GLU A 435 -3.07 -19.86 -74.95
C GLU A 435 -4.54 -19.47 -75.15
N VAL A 436 -4.98 -18.42 -74.46
CA VAL A 436 -6.37 -17.99 -74.57
C VAL A 436 -6.69 -17.47 -75.98
N LEU A 437 -5.66 -17.10 -76.72
CA LEU A 437 -5.84 -16.59 -78.08
C LEU A 437 -5.63 -17.65 -79.17
N SER B 2 8.76 20.04 -27.40
CA SER B 2 9.38 20.20 -28.76
C SER B 2 9.45 18.87 -29.50
N PHE B 3 9.27 18.91 -30.82
CA PHE B 3 9.32 17.71 -31.64
C PHE B 3 9.66 18.10 -33.08
N PRO B 4 10.73 17.51 -33.63
CA PRO B 4 11.15 17.83 -34.99
C PRO B 4 10.23 17.41 -36.14
N LEU B 5 10.30 18.15 -37.23
CA LEU B 5 9.52 17.86 -38.43
C LEU B 5 10.27 16.77 -39.19
N ILE B 6 9.54 15.94 -39.94
CA ILE B 6 10.18 14.88 -40.70
C ILE B 6 11.22 15.48 -41.64
N PHE B 7 10.96 16.71 -42.09
CA PHE B 7 11.87 17.39 -43.00
C PHE B 7 13.16 17.82 -42.30
N GLU B 8 13.10 17.98 -40.99
CA GLU B 8 14.28 18.37 -40.21
C GLU B 8 15.17 17.18 -39.88
N ARG B 9 14.57 15.99 -39.86
CA ARG B 9 15.31 14.77 -39.56
C ARG B 9 16.09 14.36 -40.82
N SER B 10 15.69 14.95 -41.92
CA SER B 10 16.30 14.66 -43.22
C SER B 10 17.80 14.94 -43.33
N ARG B 11 18.48 14.12 -44.12
CA ARG B 11 19.91 14.27 -44.38
C ARG B 11 20.15 14.00 -45.86
N LYS B 12 20.81 14.95 -46.55
CA LYS B 12 21.05 14.80 -47.99
C LYS B 12 21.67 13.48 -48.39
N GLY B 13 21.02 12.78 -49.32
CA GLY B 13 21.52 11.51 -49.80
C GLY B 13 21.14 10.28 -49.01
N ARG B 14 20.70 10.45 -47.77
CA ARG B 14 20.32 9.30 -46.95
C ARG B 14 19.15 8.54 -47.58
N ARG B 15 19.22 7.21 -47.53
CA ARG B 15 18.18 6.36 -48.10
C ARG B 15 17.39 5.63 -47.03
N GLY B 16 16.16 5.26 -47.37
CA GLY B 16 15.31 4.53 -46.46
C GLY B 16 15.05 3.19 -47.10
N LEU B 17 13.80 2.97 -47.51
CA LEU B 17 13.45 1.73 -48.17
C LEU B 17 14.12 1.64 -49.54
N LYS B 18 14.53 0.43 -49.90
CA LYS B 18 15.19 0.17 -51.18
C LYS B 18 14.44 -1.00 -51.80
N LEU B 19 13.49 -0.67 -52.66
CA LEU B 19 12.64 -1.69 -53.29
C LEU B 19 13.09 -2.17 -54.66
N VAL B 20 14.10 -1.53 -55.21
CA VAL B 20 14.60 -1.88 -56.54
C VAL B 20 16.04 -2.40 -56.52
N LYS B 21 16.23 -3.60 -57.07
CA LYS B 21 17.54 -4.24 -57.13
C LYS B 21 18.39 -3.63 -58.24
N ALA B 22 17.88 -3.68 -59.47
CA ALA B 22 18.60 -3.13 -60.63
C ALA B 22 17.82 -1.95 -61.21
N VAL B 23 18.03 -0.77 -60.63
CA VAL B 23 17.33 0.42 -61.10
C VAL B 23 17.79 0.86 -62.49
N PRO B 24 16.86 0.88 -63.46
CA PRO B 24 17.14 1.28 -64.84
C PRO B 24 17.42 2.77 -64.95
N LYS B 25 18.08 3.18 -66.03
CA LYS B 25 18.41 4.58 -66.22
C LYS B 25 17.22 5.26 -66.92
N ALA B 26 16.78 6.38 -66.35
CA ALA B 26 15.64 7.13 -66.87
C ALA B 26 15.65 7.35 -68.38
N GLU B 27 16.76 7.86 -68.89
CA GLU B 27 16.91 8.12 -70.32
C GLU B 27 16.42 6.98 -71.23
N ASP B 28 16.47 5.74 -70.74
CA ASP B 28 16.04 4.59 -71.55
C ASP B 28 14.54 4.30 -71.59
N LEU B 29 13.78 4.83 -70.64
CA LEU B 29 12.35 4.56 -70.61
C LEU B 29 11.50 5.79 -70.87
N ILE B 30 12.00 6.95 -70.44
CA ILE B 30 11.25 8.17 -70.60
C ILE B 30 11.98 9.25 -71.38
N PRO B 31 11.30 9.87 -72.35
CA PRO B 31 11.90 10.93 -73.16
C PRO B 31 12.33 12.12 -72.31
N LYS B 32 13.46 12.70 -72.68
CA LYS B 32 14.06 13.84 -71.97
C LYS B 32 13.09 14.94 -71.54
N GLU B 33 12.24 15.41 -72.44
CA GLU B 33 11.30 16.49 -72.12
C GLU B 33 10.20 16.15 -71.12
N HIS B 34 10.10 14.89 -70.72
CA HIS B 34 9.07 14.49 -69.75
C HIS B 34 9.66 14.22 -68.38
N LEU B 35 10.98 14.05 -68.32
CA LEU B 35 11.66 13.77 -67.07
C LEU B 35 11.66 14.93 -66.09
N ARG B 36 11.39 14.63 -64.82
CA ARG B 36 11.38 15.67 -63.81
C ARG B 36 12.81 16.14 -63.63
N GLU B 37 13.01 17.45 -63.67
CA GLU B 37 14.33 18.03 -63.52
C GLU B 37 14.76 18.08 -62.06
N VAL B 38 13.94 18.73 -61.24
CA VAL B 38 14.24 18.87 -59.81
C VAL B 38 13.43 17.88 -58.99
N PRO B 39 14.11 17.02 -58.22
CA PRO B 39 13.44 16.02 -57.39
C PRO B 39 12.52 16.70 -56.37
N PRO B 40 11.42 16.02 -56.00
CA PRO B 40 10.53 16.64 -55.03
C PRO B 40 11.32 16.66 -53.73
N ARG B 41 11.12 17.68 -52.91
CA ARG B 41 11.84 17.77 -51.66
C ARG B 41 11.20 16.90 -50.58
N LEU B 42 11.16 15.61 -50.86
CA LEU B 42 10.61 14.61 -49.95
C LEU B 42 11.67 14.37 -48.90
N PRO B 43 11.27 13.98 -47.68
CA PRO B 43 12.28 13.74 -46.67
C PRO B 43 13.20 12.57 -47.03
N GLU B 44 14.44 12.63 -46.53
CA GLU B 44 15.41 11.58 -46.80
C GLU B 44 15.85 11.04 -45.45
N VAL B 45 15.11 10.02 -45.01
CA VAL B 45 15.34 9.41 -43.71
C VAL B 45 15.47 7.89 -43.79
N ASP B 46 16.22 7.31 -42.86
CA ASP B 46 16.39 5.86 -42.81
C ASP B 46 15.14 5.29 -42.12
N GLU B 47 14.93 3.99 -42.25
CA GLU B 47 13.76 3.36 -41.66
C GLU B 47 13.62 3.55 -40.15
N LEU B 48 14.71 3.41 -39.39
CA LEU B 48 14.63 3.58 -37.94
C LEU B 48 14.11 4.98 -37.64
N THR B 49 14.65 5.97 -38.35
CA THR B 49 14.23 7.35 -38.13
C THR B 49 12.73 7.49 -38.44
N LEU B 50 12.30 6.90 -39.55
CA LEU B 50 10.90 6.93 -39.93
C LEU B 50 10.04 6.38 -38.79
N VAL B 51 10.45 5.24 -38.23
CA VAL B 51 9.70 4.63 -37.15
C VAL B 51 9.68 5.49 -35.89
N ARG B 52 10.82 6.08 -35.52
CA ARG B 52 10.84 6.92 -34.33
C ARG B 52 10.01 8.18 -34.54
N HIS B 53 10.06 8.73 -35.74
CA HIS B 53 9.30 9.94 -36.01
C HIS B 53 7.82 9.69 -35.81
N TYR B 54 7.27 8.72 -36.55
CA TYR B 54 5.85 8.41 -36.44
C TYR B 54 5.43 7.81 -35.12
N THR B 55 6.30 7.02 -34.49
CA THR B 55 5.95 6.45 -33.21
C THR B 55 5.89 7.63 -32.24
N GLY B 56 6.82 8.57 -32.41
CA GLY B 56 6.85 9.76 -31.58
C GLY B 56 5.60 10.64 -31.76
N LEU B 57 5.20 10.85 -33.01
CA LEU B 57 4.01 11.65 -33.28
C LEU B 57 2.78 11.01 -32.64
N SER B 58 2.70 9.68 -32.67
CA SER B 58 1.55 8.97 -32.12
C SER B 58 1.48 9.11 -30.61
N ARG B 59 2.63 9.31 -29.96
CA ARG B 59 2.67 9.47 -28.52
C ARG B 59 2.32 10.89 -28.12
N ARG B 60 2.19 11.76 -29.12
CA ARG B 60 1.81 13.16 -28.93
C ARG B 60 0.36 13.26 -29.42
N GLN B 61 -0.35 12.12 -29.37
CA GLN B 61 -1.73 12.06 -29.83
C GLN B 61 -2.58 11.20 -28.92
N VAL B 62 -3.88 11.46 -28.90
CA VAL B 62 -4.81 10.67 -28.10
C VAL B 62 -5.94 10.19 -29.02
N GLY B 63 -6.60 9.12 -28.61
CA GLY B 63 -7.69 8.57 -29.40
C GLY B 63 -8.57 7.75 -28.48
N VAL B 64 -9.60 7.12 -29.03
CA VAL B 64 -10.50 6.32 -28.21
C VAL B 64 -9.68 5.22 -27.51
N ASP B 65 -8.63 4.74 -28.17
CA ASP B 65 -7.76 3.71 -27.61
C ASP B 65 -7.06 4.18 -26.33
N THR B 66 -6.91 5.49 -26.17
CA THR B 66 -6.25 6.01 -24.98
C THR B 66 -7.14 6.85 -24.08
N THR B 67 -8.16 7.48 -24.64
CA THR B 67 -8.97 8.40 -23.87
C THR B 67 -10.48 8.37 -24.10
N PHE B 68 -11.22 8.77 -23.07
CA PHE B 68 -12.68 8.87 -23.17
C PHE B 68 -12.91 10.07 -24.10
N TYR B 69 -13.69 9.86 -25.17
CA TYR B 69 -13.97 10.87 -26.19
C TYR B 69 -15.47 11.13 -26.36
N PRO B 70 -16.11 11.79 -25.39
CA PRO B 70 -17.56 12.08 -25.44
C PRO B 70 -18.01 13.10 -26.47
N LEU B 71 -17.52 12.98 -27.71
CA LEU B 71 -17.88 13.93 -28.76
C LEU B 71 -19.25 13.72 -29.38
N GLY B 72 -20.15 14.66 -29.11
CA GLY B 72 -21.49 14.59 -29.67
C GLY B 72 -21.40 14.64 -31.19
N SER B 73 -22.29 13.93 -31.86
CA SER B 73 -22.34 13.88 -33.32
C SER B 73 -21.20 13.07 -33.95
N CYS B 74 -20.37 12.43 -33.13
CA CYS B 74 -19.26 11.66 -33.66
C CYS B 74 -19.31 10.17 -33.31
N THR B 75 -20.05 9.81 -32.27
CA THR B 75 -20.16 8.42 -31.84
C THR B 75 -18.77 7.77 -31.74
N MET B 76 -17.97 8.26 -30.79
CA MET B 76 -16.62 7.73 -30.60
C MET B 76 -16.64 6.46 -29.77
N LYS B 77 -17.22 5.40 -30.34
CA LYS B 77 -17.31 4.11 -29.68
C LYS B 77 -16.05 3.26 -29.96
N TYR B 78 -15.82 2.25 -29.13
CA TYR B 78 -14.64 1.41 -29.31
C TYR B 78 -14.59 0.76 -30.69
N ASN B 79 -13.40 0.78 -31.28
CA ASN B 79 -13.16 0.20 -32.60
C ASN B 79 -12.47 -1.16 -32.38
N PRO B 80 -13.25 -2.25 -32.46
CA PRO B 80 -12.64 -3.58 -32.25
C PRO B 80 -11.45 -3.94 -33.14
N LYS B 81 -10.38 -4.34 -32.48
CA LYS B 81 -9.15 -4.75 -33.17
C LYS B 81 -9.43 -5.91 -34.12
N LEU B 82 -10.48 -6.66 -33.81
CA LEU B 82 -10.88 -7.79 -34.64
C LEU B 82 -11.11 -7.34 -36.08
N HIS B 83 -11.74 -6.18 -36.24
CA HIS B 83 -12.05 -5.63 -37.55
C HIS B 83 -10.83 -5.27 -38.39
N GLU B 84 -9.73 -4.91 -37.75
CA GLU B 84 -8.52 -4.57 -38.49
C GLU B 84 -7.97 -5.84 -39.12
N GLU B 85 -8.07 -6.94 -38.37
CA GLU B 85 -7.62 -8.23 -38.87
C GLU B 85 -8.59 -8.68 -39.96
N ALA B 86 -9.86 -8.29 -39.83
CA ALA B 86 -10.87 -8.66 -40.81
C ALA B 86 -10.59 -7.99 -42.16
N ALA B 87 -10.20 -6.71 -42.13
CA ALA B 87 -9.92 -5.97 -43.35
C ALA B 87 -8.65 -6.48 -44.04
N ARG B 88 -7.70 -6.97 -43.26
CA ARG B 88 -6.44 -7.48 -43.78
C ARG B 88 -6.67 -8.65 -44.73
N LEU B 89 -7.69 -9.45 -44.45
CA LEU B 89 -8.04 -10.61 -45.27
C LEU B 89 -8.44 -10.27 -46.71
N PHE B 90 -8.82 -9.03 -46.96
CA PHE B 90 -9.23 -8.62 -48.31
C PHE B 90 -8.40 -7.49 -48.87
N ALA B 91 -7.18 -7.33 -48.37
CA ALA B 91 -6.33 -6.25 -48.83
C ALA B 91 -5.95 -6.38 -50.30
N ASP B 92 -5.67 -7.60 -50.75
CA ASP B 92 -5.24 -7.85 -52.13
C ASP B 92 -6.30 -8.29 -53.12
N LEU B 93 -7.21 -7.38 -53.42
CA LEU B 93 -8.27 -7.63 -54.39
C LEU B 93 -8.25 -6.38 -55.28
N HIS B 94 -8.34 -6.58 -56.59
CA HIS B 94 -8.32 -5.45 -57.52
C HIS B 94 -9.74 -5.17 -58.00
N PRO B 95 -10.16 -3.90 -57.94
CA PRO B 95 -11.51 -3.53 -58.36
C PRO B 95 -11.93 -4.04 -59.74
N TYR B 96 -10.97 -4.31 -60.62
CA TYR B 96 -11.31 -4.79 -61.95
C TYR B 96 -10.97 -6.24 -62.24
N GLN B 97 -10.75 -7.05 -61.21
CA GLN B 97 -10.45 -8.44 -61.47
C GLN B 97 -11.78 -9.12 -61.80
N ASP B 98 -11.71 -10.22 -62.55
CA ASP B 98 -12.90 -10.95 -62.96
C ASP B 98 -13.85 -11.17 -61.78
N PRO B 99 -15.09 -10.64 -61.87
CA PRO B 99 -16.07 -10.80 -60.78
C PRO B 99 -16.28 -12.26 -60.37
N ARG B 100 -15.98 -13.19 -61.27
CA ARG B 100 -16.14 -14.61 -60.93
C ARG B 100 -15.05 -15.02 -59.94
N THR B 101 -14.06 -14.16 -59.75
CA THR B 101 -12.98 -14.45 -58.82
C THR B 101 -13.05 -13.53 -57.60
N ALA B 102 -14.13 -12.76 -57.49
CA ALA B 102 -14.32 -11.85 -56.37
C ALA B 102 -15.67 -12.06 -55.70
N GLN B 103 -16.19 -13.28 -55.80
CA GLN B 103 -17.49 -13.62 -55.22
C GLN B 103 -17.55 -13.46 -53.70
N GLY B 104 -16.41 -13.65 -53.04
CA GLY B 104 -16.37 -13.49 -51.60
C GLY B 104 -16.60 -12.04 -51.21
N ALA B 105 -15.97 -11.13 -51.94
CA ALA B 105 -16.12 -9.70 -51.66
C ALA B 105 -17.50 -9.21 -52.04
N LEU B 106 -17.98 -9.62 -53.21
CA LEU B 106 -19.30 -9.20 -53.67
C LEU B 106 -20.40 -9.73 -52.75
N ARG B 107 -20.25 -10.97 -52.27
CA ARG B 107 -21.24 -11.52 -51.35
C ARG B 107 -21.29 -10.68 -50.09
N LEU B 108 -20.12 -10.28 -49.60
CA LEU B 108 -20.04 -9.48 -48.40
C LEU B 108 -20.71 -8.14 -48.61
N MET B 109 -20.50 -7.53 -49.77
CA MET B 109 -21.12 -6.24 -50.06
C MET B 109 -22.65 -6.43 -50.07
N TRP B 110 -23.11 -7.52 -50.67
CA TRP B 110 -24.54 -7.78 -50.75
C TRP B 110 -25.14 -7.94 -49.35
N GLU B 111 -24.53 -8.82 -48.54
CA GLU B 111 -25.01 -9.07 -47.19
C GLU B 111 -25.06 -7.81 -46.35
N LEU B 112 -23.99 -7.01 -46.39
CA LEU B 112 -23.96 -5.76 -45.64
C LEU B 112 -25.15 -4.89 -46.09
N GLY B 113 -25.35 -4.81 -47.39
CA GLY B 113 -26.45 -4.02 -47.92
C GLY B 113 -27.80 -4.47 -47.35
N GLU B 114 -28.00 -5.78 -47.28
CA GLU B 114 -29.25 -6.31 -46.75
C GLU B 114 -29.40 -5.99 -45.26
N TYR B 115 -28.31 -6.11 -44.50
CA TYR B 115 -28.37 -5.83 -43.07
C TYR B 115 -28.72 -4.37 -42.82
N LEU B 116 -28.08 -3.46 -43.56
CA LEU B 116 -28.32 -2.04 -43.42
C LEU B 116 -29.75 -1.67 -43.81
N LYS B 117 -30.26 -2.32 -44.86
CA LYS B 117 -31.63 -2.04 -45.29
C LYS B 117 -32.60 -2.58 -44.23
N ALA B 118 -32.20 -3.65 -43.55
CA ALA B 118 -33.04 -4.24 -42.52
C ALA B 118 -33.11 -3.32 -41.29
N LEU B 119 -31.97 -2.73 -40.92
CA LEU B 119 -31.92 -1.83 -39.76
C LEU B 119 -32.57 -0.47 -40.01
N THR B 120 -32.59 -0.04 -41.29
CA THR B 120 -33.15 1.25 -41.61
C THR B 120 -34.55 1.21 -42.23
N GLY B 121 -34.92 0.07 -42.80
CA GLY B 121 -36.25 -0.03 -43.41
C GLY B 121 -36.27 0.50 -44.84
N MET B 122 -35.11 0.51 -45.49
CA MET B 122 -35.03 1.00 -46.86
C MET B 122 -35.15 -0.19 -47.82
N ASP B 123 -35.54 0.09 -49.06
CA ASP B 123 -35.73 -0.95 -50.08
C ASP B 123 -34.53 -1.26 -50.98
N ALA B 124 -33.70 -0.26 -51.24
CA ALA B 124 -32.52 -0.43 -52.09
C ALA B 124 -31.38 0.41 -51.50
N ILE B 125 -30.14 0.04 -51.76
CA ILE B 125 -29.02 0.76 -51.16
C ILE B 125 -27.72 0.77 -51.94
N THR B 126 -27.00 1.90 -51.87
CA THR B 126 -25.69 2.01 -52.48
C THR B 126 -24.67 2.10 -51.36
N LEU B 127 -23.58 1.35 -51.51
CA LEU B 127 -22.52 1.35 -50.51
C LEU B 127 -21.34 2.19 -51.01
N GLU B 128 -21.58 2.88 -52.12
CA GLU B 128 -20.56 3.69 -52.78
C GLU B 128 -20.01 4.95 -52.11
N PRO B 129 -20.87 5.89 -51.67
CA PRO B 129 -20.40 7.13 -51.03
C PRO B 129 -19.32 6.94 -49.97
N ALA B 130 -18.34 7.85 -50.00
CA ALA B 130 -17.18 7.83 -49.12
C ALA B 130 -17.30 8.34 -47.70
N ALA B 131 -18.40 9.01 -47.39
CA ALA B 131 -18.60 9.57 -46.06
C ALA B 131 -20.03 10.02 -45.90
N GLY B 132 -20.39 10.43 -44.69
CA GLY B 132 -21.74 10.90 -44.42
C GLY B 132 -22.13 12.04 -45.33
N ALA B 133 -21.29 13.08 -45.38
CA ALA B 133 -21.55 14.24 -46.22
C ALA B 133 -21.63 13.86 -47.70
N HIS B 134 -20.91 12.80 -48.07
CA HIS B 134 -20.94 12.36 -49.46
C HIS B 134 -22.28 11.67 -49.69
N GLY B 135 -22.77 10.99 -48.66
CA GLY B 135 -24.07 10.33 -48.74
C GLY B 135 -25.17 11.35 -48.88
N GLU B 136 -25.07 12.46 -48.14
CA GLU B 136 -26.06 13.53 -48.23
C GLU B 136 -26.19 14.03 -49.68
N LEU B 137 -25.04 14.30 -50.30
CA LEU B 137 -25.02 14.78 -51.68
C LEU B 137 -25.69 13.73 -52.59
N THR B 138 -25.34 12.46 -52.38
CA THR B 138 -25.91 11.39 -53.18
C THR B 138 -27.43 11.37 -53.00
N GLY B 139 -27.86 11.40 -51.74
CA GLY B 139 -29.28 11.38 -51.42
C GLY B 139 -30.05 12.59 -51.94
N ILE B 140 -29.45 13.77 -51.85
CA ILE B 140 -30.09 14.98 -52.33
C ILE B 140 -30.16 15.01 -53.86
N LEU B 141 -29.17 14.44 -54.53
CA LEU B 141 -29.19 14.41 -55.99
C LEU B 141 -30.26 13.41 -56.42
N ILE B 142 -30.43 12.36 -55.63
CA ILE B 142 -31.43 11.34 -55.90
C ILE B 142 -32.81 11.99 -55.86
N ILE B 143 -33.05 12.78 -54.83
CA ILE B 143 -34.32 13.48 -54.68
C ILE B 143 -34.56 14.43 -55.85
N ARG B 144 -33.50 15.11 -56.29
CA ARG B 144 -33.60 16.04 -57.41
C ARG B 144 -33.91 15.29 -58.71
N ALA B 145 -33.26 14.16 -58.94
CA ALA B 145 -33.51 13.39 -60.15
C ALA B 145 -34.97 12.96 -60.16
N TYR B 146 -35.49 12.64 -58.97
CA TYR B 146 -36.86 12.20 -58.77
C TYR B 146 -37.87 13.31 -59.10
N HIS B 147 -37.61 14.51 -58.60
CA HIS B 147 -38.50 15.63 -58.88
C HIS B 147 -38.43 16.01 -60.36
N GLU B 148 -37.22 16.03 -60.92
CA GLU B 148 -37.08 16.40 -62.34
C GLU B 148 -37.74 15.37 -63.25
N ASP B 149 -37.75 14.12 -62.80
CA ASP B 149 -38.33 13.03 -63.58
C ASP B 149 -39.86 13.12 -63.58
N ARG B 150 -40.40 13.81 -62.58
CA ARG B 150 -41.85 13.97 -62.47
C ARG B 150 -42.26 15.34 -63.00
N GLY B 151 -41.33 16.00 -63.68
CA GLY B 151 -41.59 17.31 -64.26
C GLY B 151 -41.66 18.50 -63.32
N GLU B 152 -41.25 18.33 -62.07
CA GLU B 152 -41.30 19.43 -61.11
C GLU B 152 -39.87 19.91 -60.78
N GLY B 153 -38.94 19.65 -61.69
CA GLY B 153 -37.57 20.05 -61.47
C GLY B 153 -37.35 21.56 -61.39
N ARG B 154 -38.20 22.32 -62.08
CA ARG B 154 -38.08 23.77 -62.10
C ARG B 154 -38.70 24.44 -60.87
N THR B 155 -39.72 23.81 -60.31
CA THR B 155 -40.40 24.35 -59.12
C THR B 155 -39.89 23.86 -57.77
N ARG B 156 -39.37 22.65 -57.72
CA ARG B 156 -38.82 22.09 -56.48
C ARG B 156 -37.39 22.63 -56.41
N ARG B 157 -37.19 23.74 -55.69
CA ARG B 157 -35.88 24.35 -55.61
C ARG B 157 -35.32 24.67 -54.22
N VAL B 158 -36.09 24.37 -53.18
CA VAL B 158 -35.61 24.64 -51.84
C VAL B 158 -35.53 23.41 -50.94
N VAL B 159 -34.49 23.40 -50.11
CA VAL B 159 -34.26 22.32 -49.16
C VAL B 159 -34.45 22.93 -47.77
N LEU B 160 -35.20 22.24 -46.91
CA LEU B 160 -35.43 22.74 -45.55
C LEU B 160 -34.57 21.98 -44.54
N VAL B 161 -34.03 22.70 -43.57
CA VAL B 161 -33.22 22.09 -42.54
C VAL B 161 -33.48 22.80 -41.22
N PRO B 162 -33.41 22.05 -40.10
CA PRO B 162 -33.67 22.71 -38.81
C PRO B 162 -32.49 23.62 -38.46
N ASP B 163 -32.73 24.55 -37.53
CA ASP B 163 -31.69 25.48 -37.10
C ASP B 163 -30.60 24.73 -36.37
N SER B 164 -30.94 23.55 -35.87
CA SER B 164 -29.99 22.74 -35.12
C SER B 164 -29.23 21.73 -36.00
N ALA B 165 -29.44 21.80 -37.31
CA ALA B 165 -28.77 20.88 -38.23
C ALA B 165 -27.26 21.08 -38.32
N HIS B 166 -26.57 20.01 -38.70
CA HIS B 166 -25.13 20.05 -38.89
C HIS B 166 -24.89 20.89 -40.15
N GLY B 167 -23.81 21.66 -40.13
CA GLY B 167 -23.47 22.53 -41.25
C GLY B 167 -23.37 21.88 -42.61
N SER B 168 -23.08 20.59 -42.65
CA SER B 168 -22.96 19.91 -43.93
C SER B 168 -24.30 19.83 -44.65
N ASN B 169 -25.38 19.80 -43.87
CA ASN B 169 -26.72 19.72 -44.45
C ASN B 169 -26.98 20.87 -45.43
N PRO B 170 -26.92 22.14 -44.95
CA PRO B 170 -27.16 23.25 -45.86
C PRO B 170 -26.07 23.30 -46.93
N ALA B 171 -24.84 23.00 -46.54
CA ALA B 171 -23.73 23.00 -47.49
C ALA B 171 -24.05 22.05 -48.63
N THR B 172 -24.61 20.88 -48.31
CA THR B 172 -24.98 19.89 -49.31
C THR B 172 -26.04 20.41 -50.27
N ALA B 173 -27.01 21.15 -49.74
CA ALA B 173 -28.06 21.72 -50.58
C ALA B 173 -27.44 22.57 -51.69
N SER B 174 -26.46 23.40 -51.31
CA SER B 174 -25.78 24.23 -52.28
C SER B 174 -25.01 23.41 -53.32
N MET B 175 -24.24 22.41 -52.88
CA MET B 175 -23.50 21.58 -53.84
C MET B 175 -24.44 20.95 -54.85
N ALA B 176 -25.70 20.76 -54.46
CA ALA B 176 -26.69 20.14 -55.33
C ALA B 176 -27.56 21.13 -56.09
N GLY B 177 -27.17 22.39 -56.09
CA GLY B 177 -27.91 23.42 -56.81
C GLY B 177 -29.20 23.90 -56.18
N TYR B 178 -29.45 23.52 -54.93
CA TYR B 178 -30.66 23.92 -54.24
C TYR B 178 -30.48 25.13 -53.34
N GLN B 179 -31.59 25.77 -53.00
CA GLN B 179 -31.57 26.90 -52.09
C GLN B 179 -31.86 26.23 -50.77
N VAL B 180 -31.49 26.86 -49.65
CA VAL B 180 -31.76 26.26 -48.37
C VAL B 180 -32.42 27.24 -47.42
N ARG B 181 -33.46 26.78 -46.75
CA ARG B 181 -34.22 27.58 -45.80
C ARG B 181 -34.20 26.86 -44.45
N GLU B 182 -33.88 27.59 -43.37
CA GLU B 182 -33.85 26.99 -42.04
C GLU B 182 -35.14 27.23 -41.27
N ILE B 183 -35.66 26.20 -40.62
CA ILE B 183 -36.87 26.34 -39.83
C ILE B 183 -36.46 26.25 -38.38
N PRO B 184 -36.95 27.18 -37.55
CA PRO B 184 -36.60 27.17 -36.13
C PRO B 184 -37.25 26.02 -35.37
N SER B 185 -36.67 25.69 -34.22
CA SER B 185 -37.18 24.62 -33.38
C SER B 185 -38.14 25.21 -32.36
N GLY B 186 -39.03 24.37 -31.84
CA GLY B 186 -39.99 24.84 -30.85
C GLY B 186 -39.32 25.03 -29.50
N PRO B 187 -40.09 25.36 -28.46
CA PRO B 187 -39.55 25.57 -27.12
C PRO B 187 -38.95 24.33 -26.46
N GLU B 188 -39.27 23.14 -26.99
CA GLU B 188 -38.76 21.90 -26.44
C GLU B 188 -37.49 21.40 -27.14
N GLY B 189 -37.09 22.05 -28.21
CA GLY B 189 -35.91 21.62 -28.94
C GLY B 189 -36.27 20.75 -30.12
N GLU B 190 -37.57 20.51 -30.30
CA GLU B 190 -38.06 19.69 -31.41
C GLU B 190 -38.54 20.59 -32.54
N VAL B 191 -38.96 19.97 -33.63
CA VAL B 191 -39.42 20.72 -34.79
C VAL B 191 -40.71 21.49 -34.52
N ASP B 192 -40.73 22.74 -34.97
CA ASP B 192 -41.89 23.60 -34.80
C ASP B 192 -42.84 23.30 -35.97
N LEU B 193 -43.81 22.43 -35.72
CA LEU B 193 -44.77 22.04 -36.75
C LEU B 193 -45.42 23.25 -37.43
N GLU B 194 -45.70 24.30 -36.67
CA GLU B 194 -46.33 25.48 -37.22
C GLU B 194 -45.42 26.19 -38.22
N ALA B 195 -44.15 26.35 -37.89
CA ALA B 195 -43.20 27.00 -38.79
C ALA B 195 -42.97 26.11 -39.99
N LEU B 196 -43.11 24.80 -39.80
CA LEU B 196 -42.93 23.84 -40.88
C LEU B 196 -44.04 23.91 -41.92
N LYS B 197 -45.29 23.99 -41.45
CA LYS B 197 -46.44 24.06 -42.34
C LYS B 197 -46.42 25.32 -43.20
N ARG B 198 -45.87 26.42 -42.68
CA ARG B 198 -45.81 27.65 -43.46
C ARG B 198 -44.69 27.63 -44.47
N GLU B 199 -43.77 26.67 -44.32
CA GLU B 199 -42.65 26.54 -45.26
C GLU B 199 -42.96 25.52 -46.33
N LEU B 200 -43.68 24.46 -45.98
CA LEU B 200 -44.02 23.40 -46.91
C LEU B 200 -44.86 23.91 -48.07
N GLY B 201 -44.50 23.48 -49.27
CA GLY B 201 -45.21 23.88 -50.47
C GLY B 201 -44.61 23.21 -51.71
N PRO B 202 -45.25 23.34 -52.88
CA PRO B 202 -44.74 22.74 -54.11
C PRO B 202 -43.35 23.20 -54.57
N HIS B 203 -42.75 24.14 -53.84
CA HIS B 203 -41.42 24.66 -54.18
C HIS B 203 -40.34 23.99 -53.34
N VAL B 204 -40.75 23.23 -52.33
CA VAL B 204 -39.83 22.54 -51.45
C VAL B 204 -39.49 21.14 -51.98
N ALA B 205 -38.20 20.87 -52.16
CA ALA B 205 -37.76 19.57 -52.67
C ALA B 205 -37.62 18.54 -51.55
N ALA B 206 -37.08 18.97 -50.40
CA ALA B 206 -36.90 18.03 -49.30
C ALA B 206 -36.72 18.68 -47.95
N LEU B 207 -36.81 17.86 -46.91
CA LEU B 207 -36.62 18.28 -45.53
C LEU B 207 -35.60 17.31 -44.94
N MET B 208 -34.46 17.83 -44.52
CA MET B 208 -33.39 17.03 -43.95
C MET B 208 -33.46 17.03 -42.42
N LEU B 209 -33.55 15.85 -41.82
CA LEU B 209 -33.61 15.74 -40.37
C LEU B 209 -32.79 14.58 -39.81
N THR B 210 -32.33 14.77 -38.57
CA THR B 210 -31.65 13.71 -37.85
C THR B 210 -32.72 13.35 -36.83
N ASN B 211 -32.76 12.09 -36.41
CA ASN B 211 -33.73 11.68 -35.39
C ASN B 211 -33.16 10.48 -34.67
N PRO B 212 -32.83 10.64 -33.38
CA PRO B 212 -32.95 11.86 -32.56
C PRO B 212 -32.26 13.07 -33.20
N ASN B 213 -32.70 14.28 -32.85
CA ASN B 213 -32.07 15.48 -33.41
C ASN B 213 -30.71 15.74 -32.73
N THR B 214 -30.04 16.82 -33.11
CA THR B 214 -28.73 17.12 -32.55
C THR B 214 -28.71 17.61 -31.11
N LEU B 215 -29.89 17.66 -30.49
CA LEU B 215 -30.00 18.05 -29.09
C LEU B 215 -30.11 16.73 -28.31
N GLY B 216 -30.17 15.63 -29.05
CA GLY B 216 -30.28 14.31 -28.45
C GLY B 216 -31.71 13.93 -28.19
N LEU B 217 -32.64 14.76 -28.66
CA LEU B 217 -34.06 14.53 -28.44
C LEU B 217 -34.75 13.86 -29.62
N PHE B 218 -35.56 12.85 -29.32
CA PHE B 218 -36.31 12.15 -30.35
C PHE B 218 -37.44 13.07 -30.83
N GLU B 219 -37.65 13.15 -32.14
CA GLU B 219 -38.71 13.98 -32.67
C GLU B 219 -40.02 13.19 -32.52
N ARG B 220 -40.70 13.42 -31.40
CA ARG B 220 -41.94 12.72 -31.10
C ARG B 220 -43.07 12.88 -32.12
N ARG B 221 -43.04 13.95 -32.90
CA ARG B 221 -44.09 14.16 -33.88
C ARG B 221 -43.64 13.75 -35.28
N ILE B 222 -42.60 12.93 -35.35
CA ILE B 222 -42.05 12.50 -36.63
C ILE B 222 -43.06 11.92 -37.63
N LEU B 223 -44.10 11.25 -37.16
CA LEU B 223 -45.09 10.70 -38.10
C LEU B 223 -45.91 11.82 -38.72
N GLU B 224 -46.23 12.84 -37.92
CA GLU B 224 -46.99 13.99 -38.41
C GLU B 224 -46.14 14.75 -39.43
N ILE B 225 -44.86 14.90 -39.11
CA ILE B 225 -43.93 15.59 -40.00
C ILE B 225 -43.93 14.88 -41.35
N SER B 226 -43.85 13.57 -41.30
CA SER B 226 -43.84 12.75 -42.49
C SER B 226 -45.15 12.94 -43.27
N ARG B 227 -46.27 12.90 -42.56
CA ARG B 227 -47.58 13.08 -43.19
C ARG B 227 -47.65 14.44 -43.88
N LEU B 228 -47.19 15.48 -43.18
CA LEU B 228 -47.20 16.82 -43.76
C LEU B 228 -46.32 16.87 -45.00
N CYS B 229 -45.11 16.34 -44.90
CA CYS B 229 -44.18 16.33 -46.03
C CYS B 229 -44.79 15.61 -47.23
N LYS B 230 -45.20 14.37 -47.00
CA LYS B 230 -45.77 13.54 -48.06
C LYS B 230 -46.95 14.21 -48.75
N GLU B 231 -47.72 14.96 -47.96
CA GLU B 231 -48.89 15.67 -48.47
C GLU B 231 -48.47 16.76 -49.46
N ALA B 232 -47.31 17.39 -49.20
CA ALA B 232 -46.81 18.44 -50.08
C ALA B 232 -45.90 17.87 -51.15
N GLY B 233 -45.70 16.56 -51.14
CA GLY B 233 -44.85 15.94 -52.13
C GLY B 233 -43.38 16.20 -51.84
N VAL B 234 -43.08 16.55 -50.59
CA VAL B 234 -41.72 16.83 -50.15
C VAL B 234 -41.03 15.57 -49.62
N GLN B 235 -39.86 15.26 -50.17
CA GLN B 235 -39.10 14.08 -49.77
C GLN B 235 -38.42 14.29 -48.41
N LEU B 236 -38.52 13.29 -47.54
CA LEU B 236 -37.93 13.36 -46.20
C LEU B 236 -36.59 12.65 -46.15
N TYR B 237 -35.54 13.41 -45.90
CA TYR B 237 -34.18 12.87 -45.84
C TYR B 237 -33.71 12.66 -44.41
N TYR B 238 -33.21 11.47 -44.14
CA TYR B 238 -32.72 11.12 -42.82
C TYR B 238 -31.20 11.15 -42.71
N ASP B 239 -30.69 12.10 -41.93
CA ASP B 239 -29.25 12.21 -41.68
C ASP B 239 -29.01 11.17 -40.58
N GLY B 240 -28.28 10.12 -40.90
CA GLY B 240 -28.04 9.06 -39.93
C GLY B 240 -26.98 9.28 -38.87
N ALA B 241 -26.56 10.52 -38.67
CA ALA B 241 -25.53 10.77 -37.68
C ALA B 241 -25.91 10.21 -36.30
N ASN B 242 -27.20 10.24 -35.97
CA ASN B 242 -27.62 9.77 -34.66
C ASN B 242 -28.33 8.43 -34.60
N LEU B 243 -28.05 7.58 -35.59
CA LEU B 243 -28.64 6.25 -35.67
C LEU B 243 -28.30 5.38 -34.45
N ASN B 244 -27.14 5.60 -33.84
CA ASN B 244 -26.74 4.80 -32.69
C ASN B 244 -27.74 4.83 -31.54
N ALA B 245 -28.56 5.87 -31.51
CA ALA B 245 -29.55 6.01 -30.45
C ALA B 245 -30.78 5.11 -30.63
N ILE B 246 -31.04 4.65 -31.84
CA ILE B 246 -32.23 3.83 -32.05
C ILE B 246 -32.08 2.53 -32.83
N MET B 247 -30.87 2.20 -33.26
CA MET B 247 -30.71 0.99 -34.05
C MET B 247 -31.26 -0.23 -33.33
N GLY B 248 -32.16 -0.93 -33.99
CA GLY B 248 -32.77 -2.12 -33.42
C GLY B 248 -34.06 -1.80 -32.68
N TRP B 249 -34.26 -0.52 -32.36
CA TRP B 249 -35.45 -0.10 -31.64
C TRP B 249 -36.48 0.59 -32.50
N ALA B 250 -36.01 1.34 -33.51
CA ALA B 250 -36.90 2.05 -34.42
C ALA B 250 -36.16 2.24 -35.74
N ARG B 251 -36.90 2.21 -36.84
CA ARG B 251 -36.30 2.38 -38.16
C ARG B 251 -36.79 3.66 -38.82
N PRO B 252 -35.88 4.43 -39.40
CA PRO B 252 -36.33 5.67 -40.06
C PRO B 252 -37.36 5.38 -41.16
N GLY B 253 -37.21 4.23 -41.81
CA GLY B 253 -38.13 3.87 -42.87
C GLY B 253 -39.57 3.73 -42.40
N ASP B 254 -39.77 3.34 -41.14
CA ASP B 254 -41.11 3.19 -40.60
C ASP B 254 -41.60 4.53 -40.05
N MET B 255 -40.70 5.50 -40.00
CA MET B 255 -41.01 6.83 -39.51
C MET B 255 -41.51 7.71 -40.64
N GLY B 256 -41.30 7.27 -41.88
CA GLY B 256 -41.75 8.05 -43.03
C GLY B 256 -40.62 8.59 -43.90
N PHE B 257 -39.37 8.33 -43.52
CA PHE B 257 -38.24 8.82 -44.31
C PHE B 257 -38.11 8.11 -45.67
N ASP B 258 -37.86 8.90 -46.70
CA ASP B 258 -37.74 8.40 -48.06
C ASP B 258 -36.33 7.96 -48.48
N VAL B 259 -35.32 8.63 -47.93
CA VAL B 259 -33.94 8.33 -48.23
C VAL B 259 -33.12 8.46 -46.94
N VAL B 260 -32.10 7.63 -46.81
CA VAL B 260 -31.25 7.61 -45.63
C VAL B 260 -29.77 7.46 -45.97
N HIS B 261 -28.91 7.95 -45.10
CA HIS B 261 -27.47 7.78 -45.29
C HIS B 261 -26.96 7.39 -43.91
N LEU B 262 -26.04 6.44 -43.87
CA LEU B 262 -25.48 5.96 -42.61
C LEU B 262 -23.99 6.29 -42.57
N ASN B 263 -23.43 6.37 -41.37
CA ASN B 263 -22.01 6.66 -41.22
C ASN B 263 -21.39 5.44 -40.56
N LEU B 264 -20.77 4.58 -41.35
CA LEU B 264 -20.14 3.38 -40.85
C LEU B 264 -19.02 3.70 -39.86
N HIS B 265 -18.33 4.81 -40.11
CA HIS B 265 -17.23 5.23 -39.24
C HIS B 265 -17.72 5.89 -37.94
N LYS B 266 -19.03 5.95 -37.75
CA LYS B 266 -19.60 6.51 -36.53
C LYS B 266 -20.34 5.39 -35.79
N THR B 267 -21.54 5.11 -36.26
CA THR B 267 -22.39 4.08 -35.67
C THR B 267 -21.83 2.64 -35.72
N PHE B 268 -21.13 2.28 -36.80
CA PHE B 268 -20.66 0.91 -36.93
C PHE B 268 -19.18 0.58 -36.70
N THR B 269 -18.54 1.30 -35.80
CA THR B 269 -17.14 1.08 -35.39
C THR B 269 -15.98 1.28 -36.35
N VAL B 270 -16.24 1.65 -37.59
CA VAL B 270 -15.10 1.89 -38.48
C VAL B 270 -14.35 3.05 -37.83
N PRO B 271 -13.02 2.91 -37.63
CA PRO B 271 -12.19 3.94 -37.02
C PRO B 271 -12.24 5.32 -37.68
N HIS B 272 -12.13 6.36 -36.86
CA HIS B 272 -12.16 7.73 -37.34
C HIS B 272 -10.86 8.17 -38.02
N GLY B 273 -9.80 7.40 -37.82
CA GLY B 273 -8.51 7.67 -38.43
C GLY B 273 -8.00 9.10 -38.46
N GLY B 274 -8.25 9.87 -37.40
CA GLY B 274 -7.81 11.23 -37.36
C GLY B 274 -8.58 12.15 -38.30
N GLY B 275 -9.76 11.69 -38.73
CA GLY B 275 -10.56 12.51 -39.61
C GLY B 275 -11.18 11.74 -40.77
N GLY B 276 -10.57 10.61 -41.10
CA GLY B 276 -11.06 9.79 -42.20
C GLY B 276 -10.14 8.62 -42.42
N PRO B 277 -10.43 7.75 -43.39
CA PRO B 277 -11.60 7.86 -44.28
C PRO B 277 -12.81 7.24 -43.60
N GLY B 278 -13.92 7.17 -44.34
CA GLY B 278 -15.13 6.59 -43.79
C GLY B 278 -15.98 5.93 -44.86
N SER B 279 -17.29 5.89 -44.61
CA SER B 279 -18.25 5.31 -45.55
C SER B 279 -19.65 5.84 -45.26
N GLY B 280 -20.34 6.28 -46.31
CA GLY B 280 -21.68 6.82 -46.13
C GLY B 280 -22.75 6.15 -46.97
N PRO B 281 -23.09 4.87 -46.67
CA PRO B 281 -24.12 4.15 -47.42
C PRO B 281 -25.42 4.95 -47.49
N VAL B 282 -26.11 4.86 -48.62
CA VAL B 282 -27.37 5.56 -48.81
C VAL B 282 -28.45 4.56 -49.22
N GLY B 283 -29.49 4.49 -48.39
CA GLY B 283 -30.60 3.59 -48.65
C GLY B 283 -31.83 4.39 -49.03
N VAL B 284 -32.72 3.81 -49.81
CA VAL B 284 -33.92 4.52 -50.24
C VAL B 284 -35.16 3.63 -50.38
N LYS B 285 -36.32 4.27 -50.35
CA LYS B 285 -37.59 3.58 -50.54
C LYS B 285 -37.62 3.28 -52.05
N ALA B 286 -38.38 2.27 -52.43
CA ALA B 286 -38.48 1.86 -53.82
C ALA B 286 -38.75 2.97 -54.85
N HIS B 287 -39.58 3.94 -54.52
CA HIS B 287 -39.88 4.99 -55.49
C HIS B 287 -38.68 5.84 -55.88
N LEU B 288 -37.67 5.90 -55.02
CA LEU B 288 -36.46 6.66 -55.31
C LEU B 288 -35.32 5.75 -55.76
N ALA B 289 -35.52 4.43 -55.67
CA ALA B 289 -34.48 3.48 -56.05
C ALA B 289 -33.92 3.63 -57.48
N PRO B 290 -34.78 3.81 -58.48
CA PRO B 290 -34.25 3.96 -59.84
C PRO B 290 -33.21 5.08 -60.08
N TYR B 291 -33.08 6.02 -59.15
CA TYR B 291 -32.11 7.12 -59.32
C TYR B 291 -30.79 6.88 -58.59
N LEU B 292 -30.69 5.76 -57.88
CA LEU B 292 -29.47 5.42 -57.13
C LEU B 292 -28.22 5.40 -58.00
N PRO B 293 -27.09 5.86 -57.46
CA PRO B 293 -25.84 5.87 -58.21
C PRO B 293 -25.46 4.45 -58.57
N VAL B 294 -24.70 4.32 -59.65
CA VAL B 294 -24.30 3.02 -60.12
C VAL B 294 -22.85 2.73 -59.69
N PRO B 295 -22.47 1.45 -59.51
CA PRO B 295 -23.24 0.21 -59.65
C PRO B 295 -23.81 -0.26 -58.32
N LEU B 296 -24.80 -1.15 -58.41
CA LEU B 296 -25.43 -1.72 -57.23
C LEU B 296 -25.09 -3.20 -57.19
N VAL B 297 -24.90 -3.75 -56.00
CA VAL B 297 -24.59 -5.17 -55.89
C VAL B 297 -25.89 -5.98 -55.92
N GLU B 298 -25.96 -6.92 -56.84
CA GLU B 298 -27.13 -7.76 -56.97
C GLU B 298 -26.65 -9.19 -57.02
N ARG B 299 -27.56 -10.13 -56.78
CA ARG B 299 -27.21 -11.53 -56.88
C ARG B 299 -28.09 -12.11 -57.96
N GLY B 300 -27.46 -12.61 -59.01
CA GLY B 300 -28.21 -13.18 -60.12
C GLY B 300 -28.10 -14.68 -60.22
N GLU B 301 -28.47 -15.20 -61.39
CA GLU B 301 -28.43 -16.62 -61.67
C GLU B 301 -26.98 -17.08 -61.56
N GLU B 302 -26.09 -16.34 -62.22
CA GLU B 302 -24.66 -16.65 -62.22
C GLU B 302 -24.09 -16.57 -60.80
N GLY B 303 -24.23 -15.40 -60.19
CA GLY B 303 -23.74 -15.19 -58.83
C GLY B 303 -23.92 -13.72 -58.50
N PHE B 304 -23.09 -13.20 -57.60
CA PHE B 304 -23.18 -11.81 -57.22
C PHE B 304 -22.51 -10.99 -58.30
N TYR B 305 -23.05 -9.81 -58.60
CA TYR B 305 -22.45 -8.95 -59.62
C TYR B 305 -22.75 -7.46 -59.44
N LEU B 306 -21.92 -6.64 -60.08
CA LEU B 306 -22.06 -5.19 -60.06
C LEU B 306 -23.03 -4.80 -61.17
N ASP B 307 -24.20 -4.31 -60.80
CA ASP B 307 -25.21 -3.94 -61.78
C ASP B 307 -25.11 -2.47 -62.19
N PHE B 308 -24.84 -2.25 -63.47
CA PHE B 308 -24.71 -0.92 -64.02
C PHE B 308 -25.91 -0.52 -64.88
N ASP B 309 -26.82 -1.46 -65.13
CA ASP B 309 -27.96 -1.18 -65.97
C ASP B 309 -29.08 -0.51 -65.19
N ARG B 310 -28.96 0.80 -65.04
CA ARG B 310 -29.95 1.59 -64.35
C ARG B 310 -30.08 2.93 -65.08
N PRO B 311 -30.91 2.94 -66.14
CA PRO B 311 -31.16 4.10 -67.00
C PRO B 311 -31.48 5.42 -66.34
N LYS B 312 -32.01 5.40 -65.12
CA LYS B 312 -32.34 6.64 -64.44
C LYS B 312 -31.38 7.03 -63.33
N SER B 313 -30.30 6.28 -63.21
CA SER B 313 -29.28 6.56 -62.19
C SER B 313 -28.76 7.99 -62.30
N ILE B 314 -28.37 8.56 -61.18
CA ILE B 314 -27.82 9.91 -61.16
C ILE B 314 -26.37 9.87 -61.68
N GLY B 315 -25.85 8.65 -61.83
CA GLY B 315 -24.50 8.48 -62.31
C GLY B 315 -23.55 7.86 -61.28
N ARG B 316 -22.35 8.43 -61.20
CA ARG B 316 -21.30 7.98 -60.29
C ARG B 316 -20.93 9.12 -59.35
N VAL B 317 -20.72 8.83 -58.07
CA VAL B 317 -20.34 9.89 -57.13
C VAL B 317 -18.90 9.75 -56.65
N ARG B 318 -18.28 8.62 -56.94
CA ARG B 318 -16.89 8.37 -56.56
C ARG B 318 -16.41 7.17 -57.36
N SER B 319 -15.10 6.99 -57.41
CA SER B 319 -14.49 5.91 -58.16
C SER B 319 -14.75 4.49 -57.64
N PHE B 320 -14.77 3.52 -58.54
CA PHE B 320 -14.99 2.13 -58.18
C PHE B 320 -16.36 1.87 -57.55
N TYR B 321 -16.41 1.13 -56.44
CA TYR B 321 -17.70 0.78 -55.84
C TYR B 321 -17.95 1.19 -54.40
N GLY B 322 -16.96 1.78 -53.75
CA GLY B 322 -17.16 2.19 -52.37
C GLY B 322 -15.95 1.76 -51.55
N ASN B 323 -15.88 2.23 -50.31
CA ASN B 323 -14.76 1.89 -49.45
C ASN B 323 -14.90 0.50 -48.88
N PHE B 324 -14.69 -0.47 -49.76
CA PHE B 324 -14.82 -1.88 -49.44
C PHE B 324 -14.24 -2.32 -48.10
N LEU B 325 -12.99 -1.96 -47.84
CA LEU B 325 -12.36 -2.34 -46.59
C LEU B 325 -13.12 -1.87 -45.36
N ALA B 326 -13.78 -0.71 -45.45
CA ALA B 326 -14.56 -0.26 -44.30
C ALA B 326 -15.83 -1.10 -44.22
N LEU B 327 -16.34 -1.53 -45.38
CA LEU B 327 -17.55 -2.35 -45.41
C LEU B 327 -17.30 -3.70 -44.72
N VAL B 328 -16.09 -4.22 -44.87
CA VAL B 328 -15.73 -5.49 -44.25
C VAL B 328 -15.88 -5.32 -42.74
N ARG B 329 -15.35 -4.20 -42.24
CA ARG B 329 -15.42 -3.91 -40.81
C ARG B 329 -16.86 -3.82 -40.29
N ALA B 330 -17.73 -3.12 -41.02
CA ALA B 330 -19.12 -2.96 -40.59
C ALA B 330 -19.88 -4.29 -40.63
N TRP B 331 -19.55 -5.11 -41.62
CA TRP B 331 -20.17 -6.42 -41.77
C TRP B 331 -19.80 -7.24 -40.52
N ALA B 332 -18.52 -7.22 -40.17
CA ALA B 332 -18.02 -7.96 -39.02
C ALA B 332 -18.75 -7.56 -37.75
N TYR B 333 -18.90 -6.25 -37.57
CA TYR B 333 -19.57 -5.70 -36.40
C TYR B 333 -20.99 -6.25 -36.27
N ILE B 334 -21.75 -6.19 -37.35
CA ILE B 334 -23.12 -6.67 -37.33
C ILE B 334 -23.21 -8.18 -37.17
N ARG B 335 -22.27 -8.91 -37.76
CA ARG B 335 -22.28 -10.37 -37.63
C ARG B 335 -21.85 -10.83 -36.23
N THR B 336 -21.19 -9.93 -35.50
CA THR B 336 -20.76 -10.24 -34.15
C THR B 336 -21.91 -10.01 -33.16
N LEU B 337 -22.48 -8.81 -33.20
CA LEU B 337 -23.56 -8.44 -32.31
C LEU B 337 -24.95 -9.00 -32.63
N GLY B 338 -25.30 -9.01 -33.92
CA GLY B 338 -26.62 -9.48 -34.30
C GLY B 338 -27.62 -8.43 -33.86
N LEU B 339 -28.92 -8.68 -34.07
CA LEU B 339 -29.96 -7.73 -33.69
C LEU B 339 -29.98 -7.37 -32.20
N GLU B 340 -29.95 -8.37 -31.31
CA GLU B 340 -29.97 -8.11 -29.88
C GLU B 340 -28.74 -7.38 -29.40
N GLY B 341 -27.60 -7.65 -30.04
CA GLY B 341 -26.38 -6.97 -29.66
C GLY B 341 -26.47 -5.50 -30.03
N LEU B 342 -27.03 -5.22 -31.21
CA LEU B 342 -27.16 -3.86 -31.68
C LEU B 342 -28.19 -3.11 -30.85
N LYS B 343 -29.29 -3.78 -30.50
CA LYS B 343 -30.32 -3.15 -29.69
C LYS B 343 -29.75 -2.82 -28.33
N LYS B 344 -28.96 -3.73 -27.78
CA LYS B 344 -28.35 -3.51 -26.47
C LYS B 344 -27.42 -2.31 -26.54
N ALA B 345 -26.62 -2.23 -27.60
CA ALA B 345 -25.70 -1.11 -27.77
C ALA B 345 -26.46 0.22 -27.79
N ALA B 346 -27.54 0.30 -28.54
CA ALA B 346 -28.32 1.53 -28.60
C ALA B 346 -28.89 1.93 -27.22
N ALA B 347 -29.45 0.96 -26.51
CA ALA B 347 -30.02 1.22 -25.20
C ALA B 347 -28.98 1.69 -24.19
N LEU B 348 -27.82 1.04 -24.16
CA LEU B 348 -26.79 1.42 -23.20
C LEU B 348 -26.14 2.74 -23.59
N ALA B 349 -26.24 3.07 -24.88
CA ALA B 349 -25.68 4.31 -25.37
C ALA B 349 -26.60 5.43 -24.86
N VAL B 350 -27.90 5.15 -24.84
CA VAL B 350 -28.88 6.10 -24.38
C VAL B 350 -28.81 6.20 -22.86
N LEU B 351 -28.68 5.05 -22.21
CA LEU B 351 -28.60 5.03 -20.76
C LEU B 351 -27.37 5.80 -20.28
N ASN B 352 -26.25 5.61 -20.97
CA ASN B 352 -25.02 6.30 -20.61
C ASN B 352 -25.18 7.81 -20.71
N ALA B 353 -25.79 8.26 -21.80
CA ALA B 353 -26.01 9.68 -22.00
C ALA B 353 -26.98 10.26 -20.97
N ARG B 354 -28.09 9.55 -20.75
CA ARG B 354 -29.09 10.01 -19.81
C ARG B 354 -28.56 10.03 -18.38
N TYR B 355 -27.69 9.10 -18.05
CA TYR B 355 -27.11 9.01 -16.71
C TYR B 355 -26.10 10.13 -16.50
N LEU B 356 -25.17 10.26 -17.43
CA LEU B 356 -24.16 11.31 -17.34
C LEU B 356 -24.82 12.68 -17.28
N LYS B 357 -25.95 12.81 -17.96
CA LYS B 357 -26.68 14.07 -17.97
C LYS B 357 -27.09 14.41 -16.54
N GLU B 358 -27.64 13.43 -15.83
CA GLU B 358 -28.05 13.65 -14.45
C GLU B 358 -26.86 14.08 -13.60
N LEU B 359 -25.73 13.39 -13.76
CA LEU B 359 -24.53 13.70 -13.00
C LEU B 359 -24.08 15.15 -13.22
N LEU B 360 -24.10 15.59 -14.47
CA LEU B 360 -23.68 16.93 -14.83
C LEU B 360 -24.63 18.02 -14.32
N LYS B 361 -25.92 17.77 -14.36
CA LYS B 361 -26.89 18.75 -13.87
C LYS B 361 -26.67 18.95 -12.37
N GLU B 362 -26.34 17.87 -11.67
CA GLU B 362 -26.12 17.95 -10.23
C GLU B 362 -24.84 18.70 -9.87
N LYS B 363 -23.94 18.83 -10.84
CA LYS B 363 -22.69 19.54 -10.63
C LYS B 363 -22.89 21.02 -10.93
N GLY B 364 -24.10 21.37 -11.36
CA GLY B 364 -24.40 22.76 -11.65
C GLY B 364 -24.54 23.11 -13.12
N TYR B 365 -24.39 22.12 -14.00
CA TYR B 365 -24.52 22.40 -15.44
C TYR B 365 -25.99 22.45 -15.83
N ARG B 366 -26.29 23.18 -16.90
CA ARG B 366 -27.67 23.30 -17.34
C ARG B 366 -27.93 22.59 -18.66
N VAL B 367 -29.18 22.21 -18.85
CA VAL B 367 -29.65 21.55 -20.07
C VAL B 367 -30.92 22.31 -20.49
N PRO B 368 -30.78 23.30 -21.38
CA PRO B 368 -31.89 24.13 -21.87
C PRO B 368 -33.03 23.36 -22.54
N TYR B 369 -32.74 22.14 -22.96
CA TYR B 369 -33.73 21.29 -23.62
C TYR B 369 -33.56 19.90 -23.03
N ASP B 370 -34.17 19.64 -21.87
CA ASP B 370 -33.97 18.31 -21.33
C ASP B 370 -35.16 17.38 -21.23
N GLY B 371 -35.72 17.03 -22.38
CA GLY B 371 -36.80 16.05 -22.41
C GLY B 371 -36.03 14.74 -22.26
N PRO B 372 -36.69 13.58 -22.36
CA PRO B 372 -35.94 12.32 -22.22
C PRO B 372 -34.78 12.22 -23.21
N SER B 373 -33.57 12.41 -22.68
CA SER B 373 -32.36 12.38 -23.47
C SER B 373 -32.04 11.03 -24.10
N MET B 374 -31.57 11.04 -25.35
CA MET B 374 -31.24 9.80 -26.04
C MET B 374 -29.74 9.49 -25.98
N HIS B 375 -29.08 9.30 -27.11
CA HIS B 375 -27.65 8.95 -27.15
C HIS B 375 -26.69 10.08 -26.80
N GLU B 376 -27.21 11.30 -26.73
CA GLU B 376 -26.40 12.48 -26.41
C GLU B 376 -27.32 13.56 -25.85
N PHE B 377 -26.72 14.62 -25.32
CA PHE B 377 -27.49 15.71 -24.77
C PHE B 377 -26.63 16.96 -24.88
N VAL B 378 -27.26 18.12 -24.76
CA VAL B 378 -26.53 19.37 -24.86
C VAL B 378 -26.66 20.17 -23.58
N ALA B 379 -25.52 20.48 -22.97
CA ALA B 379 -25.49 21.25 -21.74
C ALA B 379 -24.75 22.55 -21.99
N GLN B 380 -24.73 23.40 -20.98
CA GLN B 380 -24.00 24.65 -21.05
C GLN B 380 -23.52 24.91 -19.63
N PRO B 381 -22.35 25.55 -19.50
CA PRO B 381 -21.83 25.81 -18.17
C PRO B 381 -22.66 26.83 -17.40
N PRO B 382 -22.50 26.88 -16.08
CA PRO B 382 -23.27 27.86 -15.31
C PRO B 382 -22.87 29.25 -15.75
N GLU B 383 -23.75 30.23 -15.56
CA GLU B 383 -23.47 31.60 -15.94
C GLU B 383 -22.05 32.02 -15.54
N GLY B 384 -21.34 32.63 -16.47
CA GLY B 384 -19.99 33.09 -16.19
C GLY B 384 -18.82 32.24 -16.69
N PHE B 385 -19.10 30.99 -17.07
CA PHE B 385 -18.03 30.12 -17.56
C PHE B 385 -18.16 29.89 -19.04
N ARG B 386 -17.02 29.76 -19.71
CA ARG B 386 -16.99 29.51 -21.14
C ARG B 386 -16.68 28.03 -21.41
N ALA B 387 -17.40 27.45 -22.37
CA ALA B 387 -17.19 26.05 -22.73
C ALA B 387 -15.73 25.84 -23.16
N LEU B 388 -15.21 26.79 -23.94
CA LEU B 388 -13.85 26.71 -24.41
C LEU B 388 -12.87 26.53 -23.26
N ASP B 389 -13.02 27.35 -22.23
CA ASP B 389 -12.12 27.26 -21.08
C ASP B 389 -12.30 25.97 -20.32
N LEU B 390 -13.54 25.48 -20.22
CA LEU B 390 -13.79 24.23 -19.53
C LEU B 390 -13.20 23.09 -20.35
N ALA B 391 -13.27 23.25 -21.67
CA ALA B 391 -12.73 22.26 -22.59
C ALA B 391 -11.24 22.11 -22.34
N LYS B 392 -10.52 23.23 -22.34
CA LYS B 392 -9.09 23.20 -22.12
C LYS B 392 -8.77 22.69 -20.71
N GLY B 393 -9.59 23.10 -19.74
CA GLY B 393 -9.36 22.64 -18.37
C GLY B 393 -9.40 21.12 -18.33
N LEU B 394 -10.35 20.55 -19.05
CA LEU B 394 -10.54 19.10 -19.13
C LEU B 394 -9.25 18.46 -19.64
N LEU B 395 -8.70 19.03 -20.72
CA LEU B 395 -7.46 18.54 -21.33
C LEU B 395 -6.35 18.46 -20.26
N GLU B 396 -6.20 19.54 -19.50
CA GLU B 396 -5.19 19.61 -18.45
C GLU B 396 -5.41 18.51 -17.44
N LEU B 397 -6.66 18.10 -17.28
CA LEU B 397 -7.03 17.05 -16.33
C LEU B 397 -6.89 15.63 -16.86
N GLY B 398 -6.45 15.48 -18.10
CA GLY B 398 -6.27 14.16 -18.66
C GLY B 398 -7.49 13.55 -19.31
N PHE B 399 -8.49 14.38 -19.57
CA PHE B 399 -9.72 13.95 -20.22
C PHE B 399 -9.80 14.63 -21.56
N HIS B 400 -10.80 14.28 -22.34
CA HIS B 400 -11.00 14.94 -23.62
C HIS B 400 -12.37 15.57 -23.49
N PRO B 401 -12.50 16.83 -23.94
CA PRO B 401 -13.80 17.48 -23.82
C PRO B 401 -14.80 16.95 -24.85
N PRO B 402 -16.07 17.27 -24.67
CA PRO B 402 -17.12 16.81 -25.59
C PRO B 402 -17.10 17.80 -26.74
N THR B 403 -18.09 17.72 -27.62
CA THR B 403 -18.17 18.67 -28.73
C THR B 403 -18.57 20.00 -28.12
N VAL B 404 -17.95 21.08 -28.55
CA VAL B 404 -18.26 22.41 -28.03
C VAL B 404 -18.76 23.35 -29.11
N TYR B 405 -19.67 24.24 -28.74
CA TYR B 405 -20.25 25.23 -29.65
C TYR B 405 -21.08 24.69 -30.80
N PHE B 406 -21.72 23.54 -30.57
CA PHE B 406 -22.63 22.95 -31.54
C PHE B 406 -23.58 22.07 -30.75
N PRO B 407 -24.88 22.06 -31.10
CA PRO B 407 -25.51 22.82 -32.18
C PRO B 407 -25.45 24.32 -31.93
N LEU B 408 -25.70 25.10 -32.98
CA LEU B 408 -25.63 26.54 -32.91
C LEU B 408 -26.75 27.25 -32.15
N ILE B 409 -27.81 26.53 -31.78
CA ILE B 409 -28.91 27.16 -31.07
C ILE B 409 -28.75 27.23 -29.55
N VAL B 410 -27.62 26.74 -29.05
CA VAL B 410 -27.37 26.78 -27.62
C VAL B 410 -26.03 27.47 -27.36
N LYS B 411 -26.08 28.56 -26.60
CA LYS B 411 -24.86 29.31 -26.28
C LYS B 411 -23.96 28.47 -25.39
N GLU B 412 -22.66 28.51 -25.68
CA GLU B 412 -21.67 27.78 -24.88
C GLU B 412 -22.03 26.30 -24.83
N ALA B 413 -22.51 25.78 -25.95
CA ALA B 413 -22.92 24.39 -26.04
C ALA B 413 -21.85 23.35 -25.69
N LEU B 414 -22.27 22.36 -24.90
CA LEU B 414 -21.42 21.24 -24.51
C LEU B 414 -22.21 20.02 -24.99
N MET B 415 -21.90 19.58 -26.21
CA MET B 415 -22.58 18.45 -26.85
C MET B 415 -21.92 17.13 -26.46
N VAL B 416 -22.55 16.42 -25.53
CA VAL B 416 -22.00 15.17 -25.01
C VAL B 416 -22.60 13.85 -25.48
N GLU B 417 -21.75 13.00 -26.06
CA GLU B 417 -22.18 11.68 -26.51
C GLU B 417 -21.16 10.65 -26.06
N PRO B 418 -21.45 9.95 -24.96
CA PRO B 418 -20.52 8.94 -24.44
C PRO B 418 -20.43 7.62 -25.20
N THR B 419 -21.51 7.22 -25.85
CA THR B 419 -21.61 5.95 -26.59
C THR B 419 -21.74 4.81 -25.59
N GLU B 420 -22.15 3.65 -26.08
CA GLU B 420 -22.36 2.48 -25.24
C GLU B 420 -21.13 1.77 -24.68
N THR B 421 -19.97 1.95 -25.29
CA THR B 421 -18.78 1.24 -24.82
C THR B 421 -18.02 1.85 -23.64
N GLU B 422 -18.50 2.96 -23.11
CA GLU B 422 -17.86 3.59 -21.97
C GLU B 422 -18.52 3.09 -20.68
N ALA B 423 -17.70 2.91 -19.64
CA ALA B 423 -18.18 2.40 -18.35
C ALA B 423 -18.75 3.43 -17.40
N LYS B 424 -19.59 2.96 -16.48
CA LYS B 424 -20.22 3.79 -15.48
C LYS B 424 -19.17 4.62 -14.69
N GLU B 425 -18.11 3.97 -14.24
CA GLU B 425 -17.07 4.68 -13.49
C GLU B 425 -16.38 5.77 -14.33
N THR B 426 -16.30 5.55 -15.63
CA THR B 426 -15.67 6.53 -16.51
C THR B 426 -16.60 7.73 -16.65
N LEU B 427 -17.89 7.47 -16.77
CA LEU B 427 -18.86 8.55 -16.88
C LEU B 427 -18.77 9.39 -15.59
N GLU B 428 -18.67 8.70 -14.46
CA GLU B 428 -18.59 9.36 -13.17
C GLU B 428 -17.31 10.16 -12.99
N ALA B 429 -16.17 9.59 -13.36
CA ALA B 429 -14.91 10.32 -13.20
C ALA B 429 -14.97 11.58 -14.06
N PHE B 430 -15.58 11.47 -15.24
CA PHE B 430 -15.70 12.60 -16.14
C PHE B 430 -16.53 13.72 -15.50
N ALA B 431 -17.69 13.35 -14.95
CA ALA B 431 -18.55 14.33 -14.32
C ALA B 431 -17.82 14.96 -13.14
N GLU B 432 -17.11 14.13 -12.39
CA GLU B 432 -16.37 14.62 -11.25
C GLU B 432 -15.37 15.71 -11.72
N ALA B 433 -14.77 15.48 -12.88
CA ALA B 433 -13.82 16.43 -13.44
C ALA B 433 -14.53 17.73 -13.87
N MET B 434 -15.64 17.60 -14.58
CA MET B 434 -16.38 18.79 -15.01
C MET B 434 -16.80 19.59 -13.78
N GLY B 435 -17.14 18.90 -12.70
CA GLY B 435 -17.55 19.58 -11.48
C GLY B 435 -16.39 20.35 -10.84
N ALA B 436 -15.24 19.72 -10.74
CA ALA B 436 -14.06 20.33 -10.14
C ALA B 436 -13.60 21.58 -10.91
N LEU B 437 -13.83 21.60 -12.22
CA LEU B 437 -13.42 22.75 -13.03
C LEU B 437 -14.21 24.01 -12.69
N LEU B 438 -15.42 23.84 -12.16
CA LEU B 438 -16.23 24.99 -11.81
C LEU B 438 -15.69 25.64 -10.54
N LYS B 439 -14.93 24.87 -9.76
CA LYS B 439 -14.35 25.37 -8.52
C LYS B 439 -12.96 25.97 -8.73
N LYS B 440 -12.39 25.77 -9.91
CA LYS B 440 -11.07 26.31 -10.20
C LYS B 440 -11.18 27.82 -10.50
N PRO B 441 -10.19 28.61 -10.05
CA PRO B 441 -10.24 30.05 -10.32
C PRO B 441 -10.27 30.40 -11.80
N LYS B 442 -11.01 31.45 -12.13
CA LYS B 442 -11.16 31.90 -13.51
C LYS B 442 -9.84 32.03 -14.27
N GLU B 443 -8.81 32.59 -13.64
CA GLU B 443 -7.53 32.74 -14.33
C GLU B 443 -6.86 31.40 -14.66
N TRP B 444 -7.20 30.38 -13.87
CA TRP B 444 -6.62 29.06 -14.09
C TRP B 444 -7.19 28.40 -15.36
N LEU B 445 -8.51 28.47 -15.52
CA LEU B 445 -9.17 27.88 -16.69
C LEU B 445 -8.83 28.59 -17.98
N GLU B 446 -8.75 29.92 -17.93
CA GLU B 446 -8.45 30.72 -19.11
C GLU B 446 -7.06 30.47 -19.65
N ASN B 447 -6.18 29.98 -18.80
CA ASN B 447 -4.81 29.73 -19.24
C ASN B 447 -4.48 28.24 -19.36
N ALA B 448 -5.52 27.41 -19.29
CA ALA B 448 -5.36 25.97 -19.42
C ALA B 448 -5.27 25.69 -20.92
N PRO B 449 -4.60 24.60 -21.32
CA PRO B 449 -3.93 23.61 -20.48
C PRO B 449 -2.49 24.02 -20.13
N TYR B 450 -1.82 23.22 -19.30
CA TYR B 450 -0.46 23.50 -18.86
C TYR B 450 0.53 22.37 -19.12
N SER B 451 0.09 21.14 -18.90
CA SER B 451 0.96 19.98 -19.05
C SER B 451 0.98 19.30 -20.40
N THR B 452 0.04 19.66 -21.27
CA THR B 452 -0.03 19.04 -22.59
C THR B 452 1.21 19.33 -23.44
N PRO B 453 1.48 18.50 -24.46
CA PRO B 453 2.66 18.73 -25.31
C PRO B 453 2.78 20.17 -25.80
N VAL B 454 1.64 20.85 -25.91
CA VAL B 454 1.64 22.24 -26.34
C VAL B 454 0.47 22.90 -25.62
N ARG B 455 0.62 24.18 -25.30
CA ARG B 455 -0.46 24.89 -24.63
C ARG B 455 -1.35 25.57 -25.67
N ARG B 456 -2.25 26.45 -25.26
CA ARG B 456 -3.12 27.09 -26.24
C ARG B 456 -2.36 27.66 -27.43
N LEU B 457 -2.87 27.37 -28.62
CA LEU B 457 -2.23 27.85 -29.84
C LEU B 457 -2.76 29.20 -30.25
N ASP B 458 -1.99 29.89 -31.07
CA ASP B 458 -2.34 31.21 -31.56
C ASP B 458 -3.14 31.05 -32.84
N GLU B 459 -4.47 30.97 -32.72
CA GLU B 459 -5.33 30.83 -33.90
C GLU B 459 -5.26 32.04 -34.82
N LEU B 460 -5.28 33.22 -34.22
CA LEU B 460 -5.22 34.45 -34.98
C LEU B 460 -3.99 34.47 -35.90
N ARG B 461 -2.84 34.09 -35.37
CA ARG B 461 -1.63 34.06 -36.17
C ARG B 461 -1.75 33.07 -37.34
N ALA B 462 -2.27 31.88 -37.05
CA ALA B 462 -2.44 30.85 -38.07
C ALA B 462 -3.40 31.31 -39.16
N ASN B 463 -4.30 32.22 -38.81
CA ASN B 463 -5.27 32.72 -39.78
C ASN B 463 -4.80 33.97 -40.52
N LYS B 464 -4.06 34.85 -39.84
CA LYS B 464 -3.57 36.07 -40.48
C LYS B 464 -2.30 35.77 -41.27
N HIS B 465 -1.41 34.96 -40.70
CA HIS B 465 -0.15 34.58 -41.35
C HIS B 465 -0.03 33.07 -41.39
N PRO B 466 -0.86 32.40 -42.21
CA PRO B 466 -0.82 30.94 -42.31
C PRO B 466 0.40 30.38 -43.03
N LYS B 467 1.02 29.38 -42.42
CA LYS B 467 2.16 28.70 -43.01
C LYS B 467 1.61 27.31 -43.29
N LEU B 468 1.30 27.07 -44.56
CA LEU B 468 0.67 25.83 -45.01
C LEU B 468 1.55 24.63 -45.30
N THR B 469 2.84 24.86 -45.54
CA THR B 469 3.76 23.75 -45.77
C THR B 469 5.08 24.11 -45.15
N TYR B 470 5.95 23.12 -45.05
CA TYR B 470 7.28 23.30 -44.49
C TYR B 470 8.02 24.31 -45.35
N PHE B 471 7.82 24.22 -46.66
CA PHE B 471 8.50 25.11 -47.59
C PHE B 471 7.84 26.46 -47.76
N ASP B 472 6.58 26.55 -47.34
CA ASP B 472 5.85 27.81 -47.38
C ASP B 472 6.09 28.58 -48.69
N GLU B 473 5.95 27.88 -49.81
CA GLU B 473 6.16 28.46 -51.14
C GLU B 473 4.95 29.29 -51.58
N GLY B 474 5.17 30.18 -52.53
CA GLY B 474 4.10 31.02 -53.04
C GLY B 474 3.82 32.28 -52.24
N MET C 1 19.73 -5.35 -49.61
CA MET C 1 19.33 -4.04 -49.06
C MET C 1 19.71 -3.99 -47.56
N ASP C 2 19.60 -2.81 -46.94
CA ASP C 2 19.97 -2.69 -45.53
C ASP C 2 19.27 -1.57 -44.76
N TYR C 3 19.54 -1.52 -43.46
CA TYR C 3 18.92 -0.55 -42.55
C TYR C 3 19.86 0.52 -42.04
N THR C 4 21.05 0.57 -42.60
CA THR C 4 22.05 1.54 -42.20
C THR C 4 21.72 2.94 -42.71
N PRO C 5 21.78 3.96 -41.84
CA PRO C 5 21.48 5.32 -42.28
C PRO C 5 22.60 6.08 -42.95
N HIS C 6 23.84 5.73 -42.61
CA HIS C 6 25.02 6.40 -43.12
C HIS C 6 25.11 6.70 -44.61
N THR C 7 25.42 7.95 -44.91
CA THR C 7 25.59 8.41 -46.28
C THR C 7 27.09 8.32 -46.51
N GLU C 8 27.52 8.33 -47.76
CA GLU C 8 28.94 8.24 -48.06
C GLU C 8 29.75 9.37 -47.45
N GLU C 9 29.21 10.59 -47.51
CA GLU C 9 29.89 11.74 -46.96
C GLU C 9 30.09 11.61 -45.45
N GLU C 10 29.12 10.99 -44.78
CA GLU C 10 29.21 10.81 -43.33
C GLU C 10 30.25 9.75 -42.97
N ILE C 11 30.33 8.70 -43.78
CA ILE C 11 31.31 7.65 -43.52
C ILE C 11 32.73 8.19 -43.71
N ARG C 12 32.95 9.04 -44.71
CA ARG C 12 34.28 9.60 -44.93
C ARG C 12 34.71 10.41 -43.72
N GLU C 13 33.81 11.25 -43.23
CA GLU C 13 34.11 12.10 -42.10
C GLU C 13 34.36 11.28 -40.85
N MET C 14 33.51 10.29 -40.60
CA MET C 14 33.66 9.44 -39.43
C MET C 14 34.96 8.64 -39.52
N LEU C 15 35.27 8.19 -40.74
CA LEU C 15 36.50 7.42 -40.98
C LEU C 15 37.72 8.26 -40.61
N ARG C 16 37.78 9.47 -41.14
CA ARG C 16 38.89 10.37 -40.85
C ARG C 16 38.97 10.69 -39.36
N ARG C 17 37.83 10.91 -38.74
CA ARG C 17 37.78 11.24 -37.32
C ARG C 17 38.35 10.16 -36.40
N VAL C 18 38.15 8.90 -36.75
CA VAL C 18 38.65 7.82 -35.90
C VAL C 18 40.02 7.30 -36.35
N GLY C 19 40.59 7.97 -37.35
CA GLY C 19 41.89 7.56 -37.84
C GLY C 19 41.89 6.28 -38.64
N ALA C 20 40.81 6.03 -39.38
CA ALA C 20 40.71 4.84 -40.20
C ALA C 20 40.82 5.23 -41.67
N ALA C 21 41.39 4.35 -42.48
CA ALA C 21 41.57 4.63 -43.90
C ALA C 21 40.38 4.20 -44.75
N SER C 22 39.64 3.19 -44.28
CA SER C 22 38.48 2.67 -44.99
C SER C 22 37.72 1.76 -44.04
N LEU C 23 36.61 1.20 -44.51
CA LEU C 23 35.85 0.29 -43.67
C LEU C 23 36.72 -0.95 -43.42
N GLU C 24 37.33 -1.45 -44.48
CA GLU C 24 38.20 -2.61 -44.39
C GLU C 24 39.32 -2.40 -43.37
N ASP C 25 39.83 -1.17 -43.30
CA ASP C 25 40.92 -0.86 -42.38
C ASP C 25 40.54 -0.98 -40.90
N LEU C 26 39.24 -0.91 -40.61
CA LEU C 26 38.74 -1.03 -39.24
C LEU C 26 39.08 -2.40 -38.65
N PHE C 27 39.30 -3.38 -39.52
CA PHE C 27 39.61 -4.74 -39.09
C PHE C 27 41.06 -5.15 -39.35
N ALA C 28 41.90 -4.18 -39.72
CA ALA C 28 43.29 -4.47 -40.03
C ALA C 28 44.11 -5.09 -38.89
N HIS C 29 43.72 -4.84 -37.64
CA HIS C 29 44.47 -5.39 -36.51
C HIS C 29 44.11 -6.84 -36.17
N LEU C 30 43.29 -7.47 -37.01
CA LEU C 30 42.93 -8.85 -36.77
C LEU C 30 43.90 -9.73 -37.53
N PRO C 31 44.21 -10.91 -36.99
CA PRO C 31 45.15 -11.81 -37.65
C PRO C 31 44.83 -12.06 -39.12
N LYS C 32 45.74 -11.61 -39.97
CA LYS C 32 45.65 -11.73 -41.42
C LYS C 32 44.95 -13.00 -41.91
N GLU C 33 45.25 -14.13 -41.26
CA GLU C 33 44.68 -15.41 -41.66
C GLU C 33 43.19 -15.61 -41.47
N ILE C 34 42.57 -14.92 -40.52
CA ILE C 34 41.13 -15.08 -40.31
C ILE C 34 40.29 -14.12 -41.14
N LEU C 35 40.94 -13.21 -41.86
CA LEU C 35 40.21 -12.26 -42.69
C LEU C 35 39.83 -12.84 -44.05
N SER C 36 38.88 -12.20 -44.72
CA SER C 36 38.42 -12.66 -46.03
C SER C 36 37.86 -14.09 -46.00
N PRO C 37 37.09 -14.46 -44.97
CA PRO C 37 36.55 -15.82 -44.93
C PRO C 37 35.65 -16.11 -46.13
N PRO C 38 35.66 -17.35 -46.63
CA PRO C 38 34.84 -17.74 -47.78
C PRO C 38 33.39 -18.02 -47.37
N ILE C 39 32.63 -16.96 -47.10
CA ILE C 39 31.23 -17.09 -46.68
C ILE C 39 30.29 -17.12 -47.89
N ASP C 40 29.47 -18.16 -47.96
CA ASP C 40 28.53 -18.30 -49.06
C ASP C 40 27.07 -18.10 -48.64
N LEU C 41 26.52 -16.93 -48.95
CA LEU C 41 25.14 -16.61 -48.62
C LEU C 41 24.44 -16.17 -49.91
N PRO C 42 23.13 -16.44 -50.02
CA PRO C 42 22.43 -16.01 -51.25
C PRO C 42 22.40 -14.49 -51.40
N GLU C 43 22.34 -14.02 -52.63
CA GLU C 43 22.33 -12.58 -52.91
C GLU C 43 21.21 -11.83 -52.20
N PRO C 44 21.50 -10.61 -51.75
CA PRO C 44 20.53 -9.75 -51.06
C PRO C 44 19.27 -9.52 -51.90
N LEU C 45 18.13 -9.44 -51.23
CA LEU C 45 16.87 -9.24 -51.92
C LEU C 45 16.06 -8.09 -51.31
N PRO C 46 15.28 -7.38 -52.13
CA PRO C 46 14.48 -6.28 -51.60
C PRO C 46 13.38 -6.90 -50.73
N GLU C 47 12.81 -6.12 -49.81
CA GLU C 47 11.81 -6.64 -48.89
C GLU C 47 10.60 -7.33 -49.53
N TRP C 48 10.09 -6.79 -50.62
CA TRP C 48 8.94 -7.43 -51.25
C TRP C 48 9.32 -8.81 -51.78
N LYS C 49 10.59 -8.97 -52.16
CA LYS C 49 11.04 -10.26 -52.67
C LYS C 49 11.26 -11.26 -51.53
N VAL C 50 11.71 -10.76 -50.38
CA VAL C 50 11.90 -11.62 -49.22
C VAL C 50 10.53 -12.16 -48.82
N LEU C 51 9.52 -11.30 -48.89
CA LEU C 51 8.16 -11.72 -48.54
C LEU C 51 7.64 -12.74 -49.53
N GLU C 52 8.00 -12.58 -50.81
CA GLU C 52 7.56 -13.51 -51.84
C GLU C 52 8.10 -14.90 -51.52
N GLU C 53 9.35 -14.95 -51.07
CA GLU C 53 9.98 -16.22 -50.73
C GLU C 53 9.36 -16.83 -49.47
N LEU C 54 9.12 -16.00 -48.46
CA LEU C 54 8.50 -16.49 -47.24
C LEU C 54 7.16 -17.14 -47.62
N ARG C 55 6.35 -16.40 -48.38
CA ARG C 55 5.05 -16.90 -48.81
C ARG C 55 5.14 -18.19 -49.62
N ARG C 56 6.22 -18.35 -50.38
CA ARG C 56 6.34 -19.58 -51.15
C ARG C 56 6.58 -20.74 -50.20
N LEU C 57 7.41 -20.52 -49.18
CA LEU C 57 7.69 -21.56 -48.21
C LEU C 57 6.39 -21.88 -47.45
N ALA C 58 5.70 -20.83 -47.00
CA ALA C 58 4.46 -20.99 -46.27
C ALA C 58 3.42 -21.75 -47.10
N ALA C 59 3.43 -21.48 -48.40
CA ALA C 59 2.51 -22.12 -49.34
C ALA C 59 2.79 -23.62 -49.45
N GLN C 60 3.96 -24.04 -48.96
CA GLN C 60 4.32 -25.45 -49.00
C GLN C 60 3.71 -26.20 -47.81
N ASN C 61 3.32 -25.47 -46.78
CA ASN C 61 2.77 -26.11 -45.58
C ASN C 61 1.24 -26.18 -45.62
N LEU C 62 0.69 -27.07 -44.80
CA LEU C 62 -0.75 -27.19 -44.68
C LEU C 62 -1.01 -26.58 -43.31
N PRO C 63 -1.63 -25.39 -43.25
CA PRO C 63 -1.91 -24.72 -41.98
C PRO C 63 -2.61 -25.60 -40.94
N ALA C 64 -2.17 -25.48 -39.70
CA ALA C 64 -2.70 -26.27 -38.60
C ALA C 64 -3.88 -25.62 -37.89
N HIS C 65 -4.41 -24.55 -38.46
CA HIS C 65 -5.57 -23.89 -37.87
C HIS C 65 -6.68 -24.95 -37.75
N LYS C 66 -7.39 -24.93 -36.63
CA LYS C 66 -8.45 -25.91 -36.39
C LYS C 66 -7.97 -27.36 -36.41
N ALA C 67 -6.71 -27.57 -36.06
CA ALA C 67 -6.14 -28.91 -36.03
C ALA C 67 -6.59 -29.67 -34.78
N PHE C 68 -6.55 -31.00 -34.85
CA PHE C 68 -6.94 -31.85 -33.74
C PHE C 68 -5.73 -32.46 -33.06
N LEU C 69 -4.55 -31.96 -33.42
CA LEU C 69 -3.31 -32.44 -32.85
C LEU C 69 -3.19 -31.91 -31.42
N GLY C 70 -2.55 -32.68 -30.57
CA GLY C 70 -2.40 -32.25 -29.20
C GLY C 70 -0.98 -32.44 -28.71
N GLY C 71 -0.85 -32.98 -27.51
CA GLY C 71 0.46 -33.23 -26.94
C GLY C 71 1.19 -32.00 -26.43
N GLY C 72 0.45 -31.03 -25.90
CA GLY C 72 1.10 -29.84 -25.39
C GLY C 72 0.70 -28.55 -26.07
N VAL C 73 0.49 -28.60 -27.38
CA VAL C 73 0.08 -27.43 -28.15
C VAL C 73 -1.24 -27.73 -28.86
N ARG C 74 -2.15 -26.77 -28.88
CA ARG C 74 -3.46 -26.93 -29.53
C ARG C 74 -3.87 -25.67 -30.28
N SER C 75 -4.74 -25.83 -31.25
CA SER C 75 -5.21 -24.71 -32.05
C SER C 75 -6.32 -23.92 -31.33
N HIS C 76 -5.92 -22.99 -30.46
CA HIS C 76 -6.87 -22.16 -29.73
C HIS C 76 -6.98 -20.81 -30.44
N HIS C 77 -8.09 -20.12 -30.22
CA HIS C 77 -8.29 -18.82 -30.84
C HIS C 77 -7.24 -17.84 -30.35
N VAL C 78 -6.58 -17.16 -31.29
CA VAL C 78 -5.56 -16.16 -30.97
C VAL C 78 -6.30 -14.85 -31.15
N PRO C 79 -6.73 -14.22 -30.05
CA PRO C 79 -7.46 -12.96 -30.18
C PRO C 79 -6.67 -11.80 -30.77
N PRO C 80 -7.20 -11.21 -31.85
CA PRO C 80 -6.50 -10.08 -32.47
C PRO C 80 -6.26 -8.91 -31.52
N VAL C 81 -7.13 -8.70 -30.54
CA VAL C 81 -6.94 -7.60 -29.62
C VAL C 81 -5.64 -7.79 -28.85
N VAL C 82 -5.38 -9.02 -28.40
CA VAL C 82 -4.14 -9.31 -27.69
C VAL C 82 -2.95 -9.08 -28.60
N GLN C 83 -3.00 -9.66 -29.80
CA GLN C 83 -1.89 -9.49 -30.72
C GLN C 83 -1.69 -8.03 -31.13
N ALA C 84 -2.75 -7.25 -31.20
CA ALA C 84 -2.59 -5.83 -31.57
C ALA C 84 -1.83 -5.07 -30.47
N LEU C 85 -2.14 -5.38 -29.22
CA LEU C 85 -1.50 -4.73 -28.09
C LEU C 85 -0.04 -5.13 -27.89
N ALA C 86 0.25 -6.41 -28.09
CA ALA C 86 1.61 -6.91 -27.93
C ALA C 86 2.48 -6.48 -29.09
N ALA C 87 1.85 -5.94 -30.13
CA ALA C 87 2.56 -5.46 -31.31
C ALA C 87 3.02 -4.03 -31.13
N ARG C 88 2.55 -3.37 -30.06
CA ARG C 88 2.95 -1.98 -29.80
C ARG C 88 4.47 -1.97 -29.76
N GLY C 89 5.07 -1.01 -30.45
CA GLY C 89 6.52 -0.92 -30.51
C GLY C 89 7.23 -0.79 -29.18
N GLU C 90 6.59 -0.16 -28.20
CA GLU C 90 7.19 0.02 -26.91
C GLU C 90 7.44 -1.31 -26.20
N PHE C 91 6.46 -2.21 -26.27
CA PHE C 91 6.57 -3.53 -25.65
C PHE C 91 7.48 -4.43 -26.49
N LEU C 92 7.33 -4.35 -27.80
CA LEU C 92 8.10 -5.17 -28.73
C LEU C 92 9.61 -4.89 -28.76
N THR C 93 9.99 -3.62 -28.78
CA THR C 93 11.41 -3.27 -28.87
C THR C 93 12.14 -2.82 -27.59
N ALA C 94 11.48 -2.90 -26.43
CA ALA C 94 12.14 -2.52 -25.19
C ALA C 94 13.06 -3.65 -24.73
N TYR C 95 14.06 -3.31 -23.92
CA TYR C 95 14.97 -4.31 -23.39
C TYR C 95 14.56 -4.57 -21.95
N THR C 96 15.28 -5.46 -21.26
CA THR C 96 14.98 -5.75 -19.86
C THR C 96 14.99 -4.39 -19.16
N PRO C 97 13.91 -4.08 -18.42
CA PRO C 97 13.73 -2.82 -17.68
C PRO C 97 14.70 -2.53 -16.53
N TYR C 98 15.94 -2.17 -16.85
CA TYR C 98 16.93 -1.86 -15.83
C TYR C 98 16.91 -0.40 -15.35
N GLN C 99 16.31 0.47 -16.15
CA GLN C 99 16.14 1.89 -15.79
C GLN C 99 14.62 1.98 -15.60
N PRO C 100 14.15 1.65 -14.39
CA PRO C 100 12.72 1.68 -14.04
C PRO C 100 11.93 2.94 -14.29
N GLU C 101 12.57 4.11 -14.16
CA GLU C 101 11.87 5.37 -14.36
C GLU C 101 11.23 5.48 -15.75
N VAL C 102 11.85 4.85 -16.75
CA VAL C 102 11.30 4.92 -18.09
C VAL C 102 10.75 3.58 -18.58
N SER C 103 10.57 2.64 -17.66
CA SER C 103 10.07 1.32 -18.01
C SER C 103 8.88 0.85 -17.15
N GLN C 104 8.12 1.79 -16.61
CA GLN C 104 6.98 1.41 -15.78
C GLN C 104 5.97 0.58 -16.57
N GLY C 105 5.95 0.79 -17.89
CA GLY C 105 5.04 0.03 -18.72
C GLY C 105 5.28 -1.46 -18.58
N VAL C 106 6.47 -1.90 -18.98
CA VAL C 106 6.85 -3.30 -18.89
C VAL C 106 6.94 -3.79 -17.44
N LEU C 107 7.43 -2.94 -16.54
CA LEU C 107 7.55 -3.33 -15.14
C LEU C 107 6.18 -3.64 -14.54
N GLN C 108 5.25 -2.70 -14.65
CA GLN C 108 3.91 -2.89 -14.11
C GLN C 108 3.22 -4.07 -14.79
N ALA C 109 3.40 -4.19 -16.11
CA ALA C 109 2.76 -5.27 -16.85
C ALA C 109 3.25 -6.63 -16.36
N THR C 110 4.54 -6.71 -16.02
CA THR C 110 5.13 -7.96 -15.53
C THR C 110 4.61 -8.26 -14.13
N PHE C 111 4.47 -7.21 -13.32
CA PHE C 111 3.96 -7.36 -11.96
C PHE C 111 2.54 -7.93 -12.05
N GLU C 112 1.79 -7.48 -13.06
CA GLU C 112 0.41 -7.94 -13.25
C GLU C 112 0.43 -9.37 -13.74
N TYR C 113 1.41 -9.70 -14.58
CA TYR C 113 1.57 -11.06 -15.09
C TYR C 113 1.79 -11.96 -13.88
N GLN C 114 2.71 -11.57 -13.02
CA GLN C 114 3.03 -12.35 -11.82
C GLN C 114 1.79 -12.60 -10.98
N THR C 115 1.01 -11.54 -10.74
CA THR C 115 -0.22 -11.65 -9.95
C THR C 115 -1.19 -12.65 -10.57
N MET C 116 -1.38 -12.57 -11.89
CA MET C 116 -2.30 -13.46 -12.59
C MET C 116 -1.85 -14.92 -12.54
N ILE C 117 -0.57 -15.15 -12.77
CA ILE C 117 -0.04 -16.52 -12.73
C ILE C 117 -0.19 -17.09 -11.32
N ALA C 118 0.24 -16.33 -10.33
CA ALA C 118 0.14 -16.77 -8.94
C ALA C 118 -1.29 -17.15 -8.62
N GLU C 119 -2.23 -16.32 -9.06
CA GLU C 119 -3.65 -16.58 -8.82
C GLU C 119 -4.15 -17.82 -9.54
N LEU C 120 -3.76 -17.96 -10.80
CA LEU C 120 -4.17 -19.09 -11.62
C LEU C 120 -3.74 -20.44 -11.01
N ALA C 121 -2.54 -20.47 -10.47
CA ALA C 121 -1.99 -21.69 -9.86
C ALA C 121 -2.41 -21.88 -8.41
N GLY C 122 -3.05 -20.87 -7.83
CA GLY C 122 -3.46 -20.98 -6.45
C GLY C 122 -2.30 -20.76 -5.49
N LEU C 123 -1.16 -20.32 -6.02
CA LEU C 123 0.03 -20.08 -5.23
C LEU C 123 0.20 -18.61 -4.84
N GLU C 124 1.31 -18.28 -4.18
CA GLU C 124 1.55 -16.91 -3.70
C GLU C 124 2.35 -15.99 -4.60
N ILE C 125 3.45 -16.49 -5.15
CA ILE C 125 4.31 -15.69 -6.01
C ILE C 125 4.69 -16.42 -7.30
N ALA C 126 5.24 -15.68 -8.25
CA ALA C 126 5.67 -16.25 -9.53
C ALA C 126 6.74 -15.34 -10.11
N ASN C 127 7.67 -15.91 -10.89
CA ASN C 127 8.70 -15.10 -11.51
C ASN C 127 8.19 -14.44 -12.78
N ALA C 128 9.03 -13.65 -13.43
CA ALA C 128 8.64 -12.93 -14.65
C ALA C 128 8.48 -13.76 -15.91
N SER C 129 8.78 -15.05 -15.82
CA SER C 129 8.64 -16.03 -16.92
C SER C 129 9.86 -16.90 -17.12
N MET C 130 9.65 -18.01 -17.82
CA MET C 130 10.71 -18.97 -18.13
C MET C 130 10.58 -19.23 -19.64
N TYR C 131 11.57 -19.87 -20.24
CA TYR C 131 11.54 -20.13 -21.67
C TYR C 131 10.30 -20.88 -22.13
N ASP C 132 9.98 -21.96 -21.43
CA ASP C 132 8.82 -22.78 -21.78
C ASP C 132 8.44 -23.69 -20.63
N GLY C 133 7.48 -24.57 -20.87
CA GLY C 133 7.03 -25.49 -19.84
C GLY C 133 8.11 -26.45 -19.37
N ALA C 134 8.78 -27.11 -20.30
CA ALA C 134 9.83 -28.06 -19.97
C ALA C 134 10.92 -27.44 -19.09
N THR C 135 11.49 -26.32 -19.55
CA THR C 135 12.54 -25.67 -18.77
C THR C 135 12.00 -25.13 -17.45
N ALA C 136 10.73 -24.72 -17.42
CA ALA C 136 10.15 -24.23 -16.17
C ALA C 136 10.13 -25.39 -15.17
N LEU C 137 9.78 -26.58 -15.64
CA LEU C 137 9.75 -27.75 -14.77
C LEU C 137 11.14 -28.05 -14.21
N ALA C 138 12.14 -28.02 -15.08
CA ALA C 138 13.51 -28.28 -14.66
C ALA C 138 13.95 -27.31 -13.57
N GLU C 139 13.63 -26.03 -13.75
CA GLU C 139 14.00 -25.01 -12.78
C GLU C 139 13.18 -25.15 -11.50
N GLY C 140 11.92 -25.54 -11.65
CA GLY C 140 11.06 -25.71 -10.50
C GLY C 140 11.59 -26.84 -9.63
N VAL C 141 12.06 -27.91 -10.27
CA VAL C 141 12.59 -29.05 -9.55
C VAL C 141 13.92 -28.69 -8.91
N LEU C 142 14.78 -28.00 -9.66
CA LEU C 142 16.07 -27.60 -9.09
C LEU C 142 15.85 -26.77 -7.85
N LEU C 143 14.81 -25.94 -7.86
CA LEU C 143 14.48 -25.09 -6.72
C LEU C 143 14.14 -25.97 -5.51
N ALA C 144 13.26 -26.94 -5.71
CA ALA C 144 12.86 -27.86 -4.65
C ALA C 144 14.07 -28.58 -4.05
N LEU C 145 15.00 -28.99 -4.90
CA LEU C 145 16.21 -29.69 -4.44
C LEU C 145 17.15 -28.79 -3.66
N ARG C 146 17.19 -27.50 -4.04
CA ARG C 146 18.04 -26.54 -3.34
C ARG C 146 17.39 -26.18 -2.00
N GLU C 147 16.06 -26.13 -2.01
CA GLU C 147 15.30 -25.79 -0.81
C GLU C 147 15.33 -26.92 0.22
N THR C 148 15.29 -28.16 -0.26
CA THR C 148 15.30 -29.31 0.64
C THR C 148 16.71 -29.86 0.86
N GLY C 149 17.62 -29.52 -0.04
CA GLY C 149 18.98 -29.99 0.08
C GLY C 149 19.16 -31.42 -0.37
N ARG C 150 18.10 -32.02 -0.90
CA ARG C 150 18.14 -33.39 -1.37
C ARG C 150 18.42 -33.50 -2.87
N MET C 151 18.74 -34.72 -3.32
CA MET C 151 19.05 -34.95 -4.73
C MET C 151 18.13 -35.93 -5.45
N GLY C 152 17.13 -36.46 -4.74
CA GLY C 152 16.23 -37.42 -5.35
C GLY C 152 14.95 -36.82 -5.91
N VAL C 153 14.51 -37.31 -7.06
CA VAL C 153 13.30 -36.81 -7.70
C VAL C 153 12.42 -37.92 -8.27
N LEU C 154 11.13 -37.88 -7.95
CA LEU C 154 10.19 -38.86 -8.47
C LEU C 154 9.29 -38.14 -9.47
N VAL C 155 9.27 -38.62 -10.70
CA VAL C 155 8.43 -38.01 -11.72
C VAL C 155 7.47 -39.03 -12.34
N SER C 156 6.19 -38.68 -12.35
CA SER C 156 5.18 -39.53 -12.95
C SER C 156 5.46 -39.62 -14.45
N GLN C 157 5.19 -40.77 -15.05
CA GLN C 157 5.40 -40.93 -16.48
C GLN C 157 4.29 -40.16 -17.19
N GLY C 158 3.33 -39.66 -16.40
CA GLY C 158 2.23 -38.89 -16.93
C GLY C 158 2.67 -37.51 -17.38
N VAL C 159 3.88 -37.12 -16.98
CA VAL C 159 4.44 -35.83 -17.38
C VAL C 159 4.91 -35.99 -18.83
N HIS C 160 4.56 -35.04 -19.68
CA HIS C 160 4.93 -35.04 -21.09
C HIS C 160 6.35 -35.59 -21.22
N PRO C 161 6.57 -36.61 -22.08
CA PRO C 161 7.91 -37.19 -22.25
C PRO C 161 9.02 -36.18 -22.54
N GLU C 162 8.71 -35.14 -23.31
CA GLU C 162 9.73 -34.12 -23.61
C GLU C 162 10.10 -33.37 -22.34
N TYR C 163 9.11 -33.10 -21.49
CA TYR C 163 9.36 -32.43 -20.23
C TYR C 163 10.27 -33.31 -19.38
N ARG C 164 9.96 -34.60 -19.29
CA ARG C 164 10.77 -35.52 -18.51
C ARG C 164 12.19 -35.63 -19.06
N ALA C 165 12.34 -35.50 -20.38
CA ALA C 165 13.65 -35.57 -21.01
C ALA C 165 14.47 -34.33 -20.64
N VAL C 166 13.86 -33.16 -20.75
CA VAL C 166 14.52 -31.91 -20.40
C VAL C 166 14.90 -31.95 -18.91
N LEU C 167 13.96 -32.39 -18.07
CA LEU C 167 14.19 -32.48 -16.64
C LEU C 167 15.42 -33.35 -16.34
N ARG C 168 15.49 -34.52 -16.98
CA ARG C 168 16.61 -35.43 -16.80
C ARG C 168 17.95 -34.77 -17.14
N ALA C 169 17.97 -34.02 -18.23
CA ALA C 169 19.19 -33.35 -18.64
C ALA C 169 19.68 -32.36 -17.57
N TYR C 170 18.77 -31.51 -17.10
CA TYR C 170 19.11 -30.52 -16.08
C TYR C 170 19.47 -31.19 -14.77
N LEU C 171 18.77 -32.27 -14.45
CA LEU C 171 19.00 -33.00 -13.22
C LEU C 171 20.37 -33.69 -13.20
N GLU C 172 20.63 -34.52 -14.20
CA GLU C 172 21.89 -35.23 -14.26
C GLU C 172 23.07 -34.29 -14.36
N ALA C 173 22.83 -33.09 -14.88
CA ALA C 173 23.88 -32.10 -15.03
C ALA C 173 24.45 -31.67 -13.68
N VAL C 174 23.59 -31.63 -12.67
CA VAL C 174 24.01 -31.22 -11.34
C VAL C 174 24.13 -32.38 -10.34
N GLY C 175 24.19 -33.61 -10.86
CA GLY C 175 24.33 -34.77 -10.00
C GLY C 175 23.09 -35.35 -9.35
N ALA C 176 21.93 -34.76 -9.58
CA ALA C 176 20.69 -35.25 -8.99
C ALA C 176 20.22 -36.54 -9.67
N LYS C 177 19.35 -37.29 -9.00
CA LYS C 177 18.85 -38.55 -9.53
C LYS C 177 17.33 -38.55 -9.71
N LEU C 178 16.88 -39.10 -10.83
CA LEU C 178 15.47 -39.15 -11.16
C LEU C 178 14.90 -40.56 -11.31
N LEU C 179 13.72 -40.78 -10.73
CA LEU C 179 13.06 -42.07 -10.84
C LEU C 179 11.69 -41.85 -11.45
N THR C 180 11.39 -42.57 -12.53
CA THR C 180 10.13 -42.42 -13.22
C THR C 180 9.02 -43.38 -12.74
N LEU C 181 7.89 -42.81 -12.32
CA LEU C 181 6.75 -43.60 -11.86
C LEU C 181 5.86 -43.87 -13.07
N PRO C 182 5.83 -45.12 -13.55
CA PRO C 182 5.00 -45.46 -14.72
C PRO C 182 3.50 -45.39 -14.47
N LEU C 183 2.75 -45.14 -15.53
CA LEU C 183 1.30 -45.06 -15.44
C LEU C 183 0.68 -46.44 -15.41
N GLU C 184 -0.44 -46.56 -14.71
CA GLU C 184 -1.18 -47.80 -14.61
C GLU C 184 -2.61 -47.45 -14.97
N GLY C 185 -3.08 -47.98 -16.10
CA GLY C 185 -4.44 -47.68 -16.51
C GLY C 185 -4.61 -46.22 -16.87
N GLY C 186 -3.52 -45.61 -17.35
CA GLY C 186 -3.57 -44.22 -17.75
C GLY C 186 -3.28 -43.22 -16.66
N ARG C 187 -3.30 -43.67 -15.41
CA ARG C 187 -3.04 -42.78 -14.29
C ARG C 187 -1.83 -43.23 -13.48
N THR C 188 -1.29 -42.34 -12.67
CA THR C 188 -0.12 -42.68 -11.89
C THR C 188 -0.47 -43.08 -10.45
N PRO C 189 -0.09 -44.30 -10.07
CA PRO C 189 -0.36 -44.80 -8.71
C PRO C 189 0.46 -44.07 -7.66
N LEU C 190 -0.14 -43.88 -6.48
CA LEU C 190 0.52 -43.19 -5.38
C LEU C 190 1.77 -43.94 -4.96
N PRO C 191 2.94 -43.28 -5.02
CA PRO C 191 4.19 -43.94 -4.63
C PRO C 191 4.54 -43.75 -3.17
N GLU C 192 5.57 -44.46 -2.74
CA GLU C 192 6.07 -44.34 -1.39
C GLU C 192 7.28 -43.41 -1.54
N VAL C 193 7.30 -42.34 -0.75
CA VAL C 193 8.38 -41.37 -0.85
C VAL C 193 9.41 -41.47 0.27
N GLY C 194 10.67 -41.71 -0.11
CA GLY C 194 11.74 -41.82 0.86
C GLY C 194 12.28 -40.45 1.24
N GLU C 195 13.15 -40.39 2.25
CA GLU C 195 13.70 -39.12 2.68
C GLU C 195 14.84 -38.61 1.82
N GLU C 196 15.18 -39.35 0.77
CA GLU C 196 16.25 -38.92 -0.12
C GLU C 196 15.59 -38.15 -1.27
N VAL C 197 14.27 -38.22 -1.32
CA VAL C 197 13.48 -37.56 -2.36
C VAL C 197 13.20 -36.10 -2.01
N GLY C 198 13.72 -35.19 -2.85
CA GLY C 198 13.51 -33.78 -2.61
C GLY C 198 12.30 -33.25 -3.37
N ALA C 199 11.90 -33.96 -4.42
CA ALA C 199 10.75 -33.52 -5.21
C ALA C 199 9.94 -34.63 -5.84
N VAL C 200 8.63 -34.45 -5.81
CA VAL C 200 7.68 -35.38 -6.40
C VAL C 200 6.97 -34.57 -7.49
N VAL C 201 6.99 -35.09 -8.72
CA VAL C 201 6.41 -34.40 -9.86
C VAL C 201 5.27 -35.15 -10.55
N VAL C 202 4.15 -34.45 -10.73
CA VAL C 202 2.97 -35.01 -11.40
C VAL C 202 2.29 -33.94 -12.27
N GLN C 203 1.84 -34.35 -13.44
CA GLN C 203 1.17 -33.43 -14.36
C GLN C 203 -0.34 -33.66 -14.39
N ASN C 204 -1.10 -32.57 -14.42
CA ASN C 204 -2.55 -32.65 -14.45
C ASN C 204 -3.20 -31.53 -15.26
N PRO C 205 -3.94 -31.87 -16.34
CA PRO C 205 -4.20 -33.22 -16.87
C PRO C 205 -2.87 -33.81 -17.31
N ASN C 206 -2.73 -35.14 -17.32
CA ASN C 206 -1.46 -35.71 -17.74
C ASN C 206 -1.33 -35.81 -19.25
N PHE C 207 -0.18 -36.31 -19.71
CA PHE C 207 0.11 -36.42 -21.12
C PHE C 207 -1.00 -37.04 -21.96
N LEU C 208 -1.62 -38.09 -21.44
CA LEU C 208 -2.68 -38.78 -22.16
C LEU C 208 -4.04 -38.07 -21.93
N GLY C 209 -4.02 -36.96 -21.20
CA GLY C 209 -5.23 -36.20 -20.95
C GLY C 209 -6.02 -36.57 -19.71
N ALA C 210 -5.57 -37.59 -18.99
CA ALA C 210 -6.26 -38.05 -17.80
C ALA C 210 -6.12 -37.10 -16.60
N LEU C 211 -7.23 -36.87 -15.91
CA LEU C 211 -7.22 -36.03 -14.73
C LEU C 211 -6.63 -36.89 -13.63
N GLU C 212 -5.64 -36.36 -12.94
CA GLU C 212 -4.97 -37.08 -11.88
C GLU C 212 -5.49 -36.54 -10.54
N ASP C 213 -5.39 -37.32 -9.47
CA ASP C 213 -5.83 -36.86 -8.15
C ASP C 213 -4.60 -36.40 -7.36
N LEU C 214 -4.31 -35.10 -7.44
CA LEU C 214 -3.14 -34.50 -6.80
C LEU C 214 -3.04 -34.53 -5.27
N GLY C 215 -4.15 -34.26 -4.59
CA GLY C 215 -4.17 -34.23 -3.14
C GLY C 215 -3.23 -35.21 -2.43
N PRO C 216 -3.47 -36.52 -2.56
CA PRO C 216 -2.63 -37.53 -1.92
C PRO C 216 -1.15 -37.48 -2.28
N PHE C 217 -0.82 -36.98 -3.47
CA PHE C 217 0.56 -36.88 -3.89
C PHE C 217 1.27 -35.81 -3.07
N ALA C 218 0.55 -34.74 -2.76
CA ALA C 218 1.10 -33.64 -1.98
C ALA C 218 1.33 -34.09 -0.53
N GLU C 219 0.37 -34.84 0.00
CA GLU C 219 0.46 -35.34 1.35
C GLU C 219 1.59 -36.35 1.44
N ALA C 220 1.73 -37.17 0.40
CA ALA C 220 2.79 -38.17 0.37
C ALA C 220 4.16 -37.52 0.31
N ALA C 221 4.28 -36.42 -0.44
CA ALA C 221 5.53 -35.71 -0.58
C ALA C 221 5.93 -35.05 0.74
N HIS C 222 5.00 -34.30 1.33
CA HIS C 222 5.25 -33.62 2.58
C HIS C 222 5.62 -34.58 3.72
N GLY C 223 4.89 -35.69 3.80
CA GLY C 223 5.17 -36.66 4.85
C GLY C 223 6.63 -37.04 4.91
N ALA C 224 7.28 -37.08 3.75
CA ALA C 224 8.70 -37.44 3.66
C ALA C 224 9.60 -36.22 3.62
N GLY C 225 9.04 -35.05 3.86
CA GLY C 225 9.84 -33.83 3.83
C GLY C 225 10.25 -33.46 2.41
N ALA C 226 9.49 -33.91 1.43
CA ALA C 226 9.77 -33.60 0.03
C ALA C 226 8.79 -32.56 -0.49
N LEU C 227 9.21 -31.78 -1.47
CA LEU C 227 8.32 -30.77 -2.03
C LEU C 227 7.52 -31.36 -3.18
N PHE C 228 6.29 -30.88 -3.34
CA PHE C 228 5.44 -31.36 -4.42
C PHE C 228 5.46 -30.35 -5.57
N VAL C 229 5.77 -30.82 -6.77
CA VAL C 229 5.82 -29.95 -7.93
C VAL C 229 4.70 -30.35 -8.90
N ALA C 230 3.85 -29.40 -9.25
CA ALA C 230 2.75 -29.69 -10.17
C ALA C 230 2.95 -29.06 -11.54
N VAL C 231 2.81 -29.87 -12.58
CA VAL C 231 2.91 -29.41 -13.96
C VAL C 231 1.45 -29.33 -14.42
N ALA C 232 1.01 -28.12 -14.78
CA ALA C 232 -0.38 -27.95 -15.21
C ALA C 232 -0.56 -26.96 -16.35
N ASP C 233 -1.51 -27.30 -17.22
CA ASP C 233 -1.86 -26.47 -18.35
C ASP C 233 -2.56 -25.25 -17.77
N PRO C 234 -2.09 -24.04 -18.07
CA PRO C 234 -2.74 -22.84 -17.54
C PRO C 234 -4.21 -22.67 -17.89
N LEU C 235 -4.57 -22.90 -19.15
CA LEU C 235 -5.96 -22.77 -19.56
C LEU C 235 -6.84 -23.68 -18.70
N SER C 236 -6.35 -24.88 -18.40
CA SER C 236 -7.13 -25.81 -17.59
C SER C 236 -7.39 -25.27 -16.18
N LEU C 237 -6.46 -24.48 -15.64
CA LEU C 237 -6.65 -23.93 -14.31
C LEU C 237 -7.89 -23.03 -14.24
N GLY C 238 -8.46 -22.69 -15.39
CA GLY C 238 -9.65 -21.87 -15.41
C GLY C 238 -10.87 -22.61 -14.88
N VAL C 239 -10.81 -23.93 -14.82
CA VAL C 239 -11.94 -24.70 -14.33
C VAL C 239 -11.58 -25.82 -13.34
N LEU C 240 -10.33 -26.28 -13.37
CA LEU C 240 -9.89 -27.34 -12.47
C LEU C 240 -9.28 -26.77 -11.19
N LYS C 241 -9.46 -27.49 -10.09
CA LYS C 241 -8.91 -27.09 -8.81
C LYS C 241 -7.40 -26.96 -9.05
N PRO C 242 -6.82 -25.79 -8.74
CA PRO C 242 -5.39 -25.58 -8.95
C PRO C 242 -4.49 -26.32 -7.97
N PRO C 243 -3.24 -26.61 -8.37
CA PRO C 243 -2.32 -27.31 -7.47
C PRO C 243 -2.17 -26.64 -6.12
N GLY C 244 -2.21 -25.31 -6.09
CA GLY C 244 -2.09 -24.61 -4.83
C GLY C 244 -3.08 -25.11 -3.80
N ALA C 245 -4.31 -25.39 -4.23
CA ALA C 245 -5.35 -25.87 -3.34
C ALA C 245 -5.13 -27.33 -2.93
N TYR C 246 -4.26 -28.03 -3.65
CA TYR C 246 -3.97 -29.43 -3.33
C TYR C 246 -2.79 -29.51 -2.36
N GLY C 247 -2.13 -28.38 -2.15
CA GLY C 247 -0.99 -28.35 -1.27
C GLY C 247 0.31 -28.28 -2.03
N ALA C 248 0.23 -28.14 -3.34
CA ALA C 248 1.44 -28.07 -4.17
C ALA C 248 2.29 -26.89 -3.71
N ASP C 249 3.61 -27.07 -3.76
CA ASP C 249 4.53 -26.03 -3.34
C ASP C 249 5.04 -25.24 -4.52
N ILE C 250 5.04 -25.90 -5.68
CA ILE C 250 5.53 -25.30 -6.90
C ILE C 250 4.65 -25.72 -8.08
N ALA C 251 4.29 -24.76 -8.92
CA ALA C 251 3.47 -25.04 -10.08
C ALA C 251 4.13 -24.49 -11.35
N VAL C 252 4.20 -25.31 -12.39
CA VAL C 252 4.79 -24.89 -13.65
C VAL C 252 3.96 -25.33 -14.85
N GLY C 253 4.21 -24.69 -15.99
CA GLY C 253 3.48 -25.03 -17.18
C GLY C 253 3.88 -24.16 -18.35
N ASP C 254 3.39 -24.49 -19.53
CA ASP C 254 3.69 -23.73 -20.72
C ASP C 254 2.52 -22.81 -21.00
N GLY C 255 2.80 -21.60 -21.48
CA GLY C 255 1.72 -20.66 -21.74
C GLY C 255 1.06 -20.66 -23.11
N GLN C 256 1.44 -21.57 -23.99
CA GLN C 256 0.84 -21.61 -25.33
C GLN C 256 -0.68 -21.61 -25.34
N SER C 257 -1.31 -22.36 -24.45
CA SER C 257 -2.77 -22.44 -24.41
C SER C 257 -3.46 -21.12 -24.09
N LEU C 258 -2.71 -20.13 -23.63
CA LEU C 258 -3.30 -18.83 -23.31
C LEU C 258 -3.29 -17.92 -24.56
N GLY C 259 -4.01 -18.35 -25.60
CA GLY C 259 -4.12 -17.59 -26.84
C GLY C 259 -2.89 -17.34 -27.69
N LEU C 260 -1.82 -18.08 -27.45
CA LEU C 260 -0.58 -17.92 -28.20
C LEU C 260 -0.51 -18.68 -29.52
N PRO C 261 -0.01 -18.01 -30.58
CA PRO C 261 0.07 -18.74 -31.85
C PRO C 261 0.93 -19.98 -31.69
N MET C 262 0.52 -21.09 -32.31
CA MET C 262 1.24 -22.35 -32.22
C MET C 262 2.70 -22.15 -32.66
N GLY C 263 2.87 -21.45 -33.77
CA GLY C 263 4.20 -21.15 -34.29
C GLY C 263 5.19 -22.30 -34.43
N PHE C 264 4.68 -23.45 -34.85
CA PHE C 264 5.53 -24.64 -35.03
C PHE C 264 6.40 -24.97 -33.82
N GLY C 265 5.93 -24.60 -32.63
CA GLY C 265 6.68 -24.92 -31.44
C GLY C 265 7.36 -23.80 -30.67
N GLY C 266 7.25 -22.55 -31.14
CA GLY C 266 7.88 -21.47 -30.40
C GLY C 266 7.97 -20.14 -31.12
N PRO C 267 8.15 -19.04 -30.37
CA PRO C 267 8.25 -19.08 -28.90
C PRO C 267 6.91 -18.93 -28.19
N HIS C 268 6.89 -19.36 -26.94
CA HIS C 268 5.73 -19.28 -26.06
C HIS C 268 6.40 -18.87 -24.75
N PHE C 269 5.99 -19.45 -23.62
CA PHE C 269 6.63 -19.14 -22.35
C PHE C 269 6.27 -20.14 -21.28
N GLY C 270 7.09 -20.17 -20.24
CA GLY C 270 6.83 -21.06 -19.13
C GLY C 270 6.57 -20.22 -17.90
N PHE C 271 5.81 -20.76 -16.96
CA PHE C 271 5.54 -20.02 -15.74
C PHE C 271 5.96 -20.88 -14.54
N LEU C 272 6.37 -20.20 -13.48
CA LEU C 272 6.79 -20.88 -12.25
C LEU C 272 6.20 -20.13 -11.06
N ALA C 273 5.24 -20.77 -10.40
CA ALA C 273 4.59 -20.19 -9.24
C ALA C 273 5.01 -20.99 -8.01
N THR C 274 5.08 -20.33 -6.87
CA THR C 274 5.48 -21.02 -5.65
C THR C 274 5.07 -20.24 -4.39
N LYS C 275 5.60 -20.66 -3.25
CA LYS C 275 5.33 -20.00 -1.97
C LYS C 275 6.31 -18.86 -1.77
N LYS C 276 5.87 -17.80 -1.11
CA LYS C 276 6.73 -16.66 -0.87
C LYS C 276 7.91 -17.09 0.01
N ALA C 277 7.68 -18.10 0.83
CA ALA C 277 8.71 -18.62 1.72
C ALA C 277 9.90 -19.24 0.96
N PHE C 278 9.74 -19.50 -0.33
CA PHE C 278 10.84 -20.07 -1.12
C PHE C 278 11.44 -19.02 -2.06
N VAL C 279 11.06 -17.76 -1.89
CA VAL C 279 11.55 -16.70 -2.76
C VAL C 279 13.06 -16.63 -2.93
N ARG C 280 13.83 -17.07 -1.93
CA ARG C 280 15.29 -17.01 -2.04
C ARG C 280 15.86 -18.00 -3.06
N GLN C 281 15.10 -19.05 -3.35
CA GLN C 281 15.57 -20.07 -4.29
C GLN C 281 14.97 -19.87 -5.67
N LEU C 282 14.01 -18.95 -5.76
CA LEU C 282 13.32 -18.66 -7.02
C LEU C 282 14.29 -18.12 -8.06
N PRO C 283 14.28 -18.71 -9.27
CA PRO C 283 15.18 -18.24 -10.33
C PRO C 283 14.46 -17.27 -11.25
N GLY C 284 15.22 -16.47 -11.98
CA GLY C 284 14.63 -15.52 -12.92
C GLY C 284 14.37 -14.14 -12.36
N ARG C 285 13.71 -13.30 -13.17
CA ARG C 285 13.41 -11.94 -12.74
C ARG C 285 12.13 -11.83 -11.91
N LEU C 286 12.13 -10.86 -11.01
CA LEU C 286 11.02 -10.61 -10.11
C LEU C 286 10.73 -9.12 -9.97
N VAL C 287 9.47 -8.74 -10.13
CA VAL C 287 9.10 -7.34 -9.98
C VAL C 287 8.37 -7.15 -8.66
N SER C 288 8.69 -6.05 -7.97
CA SER C 288 8.07 -5.72 -6.70
C SER C 288 7.47 -4.32 -6.77
N GLU C 289 6.42 -4.09 -5.99
CA GLU C 289 5.82 -2.76 -5.95
C GLU C 289 6.72 -1.95 -5.03
N THR C 290 6.75 -0.64 -5.25
CA THR C 290 7.58 0.23 -4.44
C THR C 290 7.06 1.66 -4.60
N VAL C 291 7.87 2.64 -4.22
CA VAL C 291 7.45 4.03 -4.33
C VAL C 291 8.63 4.89 -4.76
N ASP C 292 8.34 6.04 -5.37
CA ASP C 292 9.40 6.94 -5.82
C ASP C 292 9.59 8.04 -4.78
N VAL C 293 10.62 8.85 -4.96
CA VAL C 293 10.94 9.92 -4.02
C VAL C 293 9.79 10.88 -3.71
N GLU C 294 8.81 10.97 -4.60
CA GLU C 294 7.67 11.86 -4.38
C GLU C 294 6.46 11.12 -3.82
N GLY C 295 6.62 9.83 -3.55
CA GLY C 295 5.51 9.05 -3.01
C GLY C 295 4.66 8.35 -4.05
N ARG C 296 5.08 8.40 -5.31
CA ARG C 296 4.32 7.75 -6.37
C ARG C 296 4.60 6.26 -6.49
N ARG C 297 3.55 5.51 -6.82
CA ARG C 297 3.67 4.06 -6.97
C ARG C 297 4.60 3.71 -8.12
N GLY C 298 5.44 2.72 -7.90
CA GLY C 298 6.37 2.31 -8.94
C GLY C 298 6.63 0.83 -8.86
N PHE C 299 7.30 0.30 -9.87
CA PHE C 299 7.61 -1.12 -9.91
C PHE C 299 9.05 -1.25 -10.34
N ILE C 300 9.73 -2.26 -9.82
CA ILE C 300 11.14 -2.45 -10.12
C ILE C 300 11.56 -3.92 -9.95
N LEU C 301 12.67 -4.31 -10.57
CA LEU C 301 13.20 -5.66 -10.44
C LEU C 301 13.77 -5.73 -9.04
N THR C 302 13.52 -6.83 -8.33
CA THR C 302 14.00 -6.94 -6.97
C THR C 302 14.68 -8.26 -6.66
N LEU C 303 15.25 -8.32 -5.46
CA LEU C 303 15.96 -9.50 -4.96
C LEU C 303 16.85 -10.07 -6.04
N GLN C 304 17.68 -9.22 -6.61
CA GLN C 304 18.56 -9.61 -7.71
C GLN C 304 19.81 -10.41 -7.36
N ALA C 305 19.93 -10.81 -6.09
CA ALA C 305 21.07 -11.62 -5.68
C ALA C 305 20.86 -13.06 -6.16
N ARG C 306 19.63 -13.36 -6.58
CA ARG C 306 19.27 -14.67 -7.08
C ARG C 306 19.70 -14.83 -8.54
N GLU C 307 20.06 -13.72 -9.18
CA GLU C 307 20.43 -13.75 -10.59
C GLU C 307 21.92 -13.66 -10.90
N GLN C 308 22.25 -13.88 -12.17
CA GLN C 308 23.63 -13.90 -12.66
C GLN C 308 24.51 -12.66 -12.61
N TYR C 309 23.95 -11.47 -12.78
CA TYR C 309 24.77 -10.26 -12.74
C TYR C 309 25.46 -10.07 -11.39
N ILE C 310 24.70 -10.29 -10.33
CA ILE C 310 25.23 -10.12 -8.98
C ILE C 310 25.87 -11.36 -8.34
N ARG C 311 25.21 -12.50 -8.44
CA ARG C 311 25.74 -13.72 -7.83
C ARG C 311 26.60 -14.57 -8.75
N ARG C 312 26.54 -14.26 -10.04
CA ARG C 312 27.32 -14.97 -11.05
C ARG C 312 27.35 -16.48 -10.84
N ALA C 313 28.47 -17.02 -10.36
CA ALA C 313 28.61 -18.46 -10.15
C ALA C 313 27.60 -19.10 -9.19
N LYS C 314 27.20 -18.36 -8.15
CA LYS C 314 26.24 -18.88 -7.18
C LYS C 314 24.80 -18.48 -7.51
N ALA C 315 24.59 -17.96 -8.70
CA ALA C 315 23.25 -17.54 -9.14
C ALA C 315 22.31 -18.74 -9.12
N LYS C 316 21.03 -18.50 -8.84
CA LYS C 316 20.07 -19.60 -8.81
C LYS C 316 19.86 -20.19 -10.19
N SER C 317 20.25 -19.43 -11.21
CA SER C 317 20.14 -19.86 -12.59
C SER C 317 20.97 -18.91 -13.44
N ASN C 318 21.27 -19.33 -14.66
CA ASN C 318 22.05 -18.51 -15.57
C ASN C 318 21.11 -17.69 -16.46
N ILE C 319 19.81 -17.96 -16.33
CA ILE C 319 18.82 -17.29 -17.16
C ILE C 319 18.94 -15.76 -17.12
N THR C 320 19.14 -15.21 -18.32
CA THR C 320 19.26 -13.76 -18.51
C THR C 320 18.00 -13.36 -19.28
N THR C 321 18.06 -13.45 -20.60
CA THR C 321 16.89 -13.17 -21.42
C THR C 321 15.85 -14.22 -21.01
N ASN C 322 14.61 -13.79 -20.77
CA ASN C 322 13.56 -14.75 -20.40
C ASN C 322 12.58 -14.92 -21.56
N ALA C 323 11.29 -14.73 -21.31
CA ALA C 323 10.27 -14.83 -22.35
C ALA C 323 9.21 -13.78 -22.08
N GLN C 324 9.65 -12.57 -21.78
CA GLN C 324 8.74 -11.48 -21.42
C GLN C 324 7.58 -11.12 -22.34
N LEU C 325 7.83 -10.89 -23.63
CA LEU C 325 6.76 -10.50 -24.54
C LEU C 325 5.62 -11.52 -24.60
N THR C 326 5.96 -12.80 -24.72
CA THR C 326 4.94 -13.83 -24.77
C THR C 326 4.23 -14.01 -23.43
N ALA C 327 4.95 -13.75 -22.33
CA ALA C 327 4.33 -13.87 -21.02
C ALA C 327 3.32 -12.72 -20.89
N LEU C 328 3.64 -11.57 -21.49
CA LEU C 328 2.73 -10.43 -21.44
C LEU C 328 1.49 -10.74 -22.29
N MET C 329 1.68 -11.49 -23.38
CA MET C 329 0.57 -11.89 -24.25
C MET C 329 -0.37 -12.77 -23.44
N GLY C 330 0.22 -13.63 -22.61
CA GLY C 330 -0.59 -14.50 -21.78
C GLY C 330 -1.38 -13.70 -20.78
N ALA C 331 -0.73 -12.69 -20.20
CA ALA C 331 -1.35 -11.81 -19.20
C ALA C 331 -2.49 -11.02 -19.82
N MET C 332 -2.28 -10.56 -21.07
CA MET C 332 -3.31 -9.80 -21.77
C MET C 332 -4.50 -10.73 -22.02
N TYR C 333 -4.19 -11.98 -22.35
CA TYR C 333 -5.22 -12.99 -22.62
C TYR C 333 -6.03 -13.25 -21.35
N LEU C 334 -5.31 -13.52 -20.26
CA LEU C 334 -5.94 -13.79 -18.98
C LEU C 334 -6.82 -12.60 -18.59
N ALA C 335 -6.33 -11.40 -18.86
CA ALA C 335 -7.07 -10.17 -18.53
C ALA C 335 -8.27 -9.96 -19.46
N ALA C 336 -8.06 -10.23 -20.74
CA ALA C 336 -9.11 -10.08 -21.72
C ALA C 336 -10.29 -11.01 -21.44
N LEU C 337 -10.00 -12.23 -21.01
CA LEU C 337 -11.04 -13.22 -20.73
C LEU C 337 -11.68 -13.09 -19.34
N GLY C 338 -10.88 -12.78 -18.34
CA GLY C 338 -11.40 -12.68 -17.00
C GLY C 338 -11.57 -14.09 -16.48
N PRO C 339 -11.94 -14.28 -15.20
CA PRO C 339 -12.10 -15.63 -14.67
C PRO C 339 -13.23 -16.44 -15.33
N GLU C 340 -14.37 -15.82 -15.58
CA GLU C 340 -15.48 -16.53 -16.20
C GLU C 340 -15.23 -16.85 -17.67
N GLY C 341 -14.60 -15.90 -18.37
CA GLY C 341 -14.29 -16.13 -19.78
C GLY C 341 -13.31 -17.28 -19.96
N LEU C 342 -12.31 -17.34 -19.09
CA LEU C 342 -11.30 -18.39 -19.15
C LEU C 342 -11.97 -19.74 -18.91
N ARG C 343 -12.82 -19.79 -17.89
CA ARG C 343 -13.55 -21.01 -17.56
C ARG C 343 -14.40 -21.45 -18.76
N GLU C 344 -15.03 -20.50 -19.43
CA GLU C 344 -15.85 -20.80 -20.59
C GLU C 344 -15.04 -21.45 -21.71
N VAL C 345 -13.85 -20.89 -22.00
CA VAL C 345 -12.99 -21.43 -23.05
C VAL C 345 -12.54 -22.85 -22.71
N ALA C 346 -12.12 -23.04 -21.47
CA ALA C 346 -11.64 -24.34 -21.00
C ALA C 346 -12.72 -25.42 -21.07
N LEU C 347 -13.91 -25.10 -20.57
CA LEU C 347 -15.03 -26.03 -20.57
C LEU C 347 -15.46 -26.38 -21.99
N LYS C 348 -15.38 -25.40 -22.87
CA LYS C 348 -15.78 -25.61 -24.26
C LYS C 348 -14.86 -26.58 -24.96
N SER C 349 -13.55 -26.44 -24.75
CA SER C 349 -12.61 -27.35 -25.40
C SER C 349 -12.79 -28.74 -24.82
N VAL C 350 -13.11 -28.82 -23.54
CA VAL C 350 -13.33 -30.10 -22.88
C VAL C 350 -14.57 -30.78 -23.49
N GLU C 351 -15.60 -29.97 -23.71
CA GLU C 351 -16.85 -30.48 -24.27
C GLU C 351 -16.64 -31.05 -25.67
N MET C 352 -15.99 -30.28 -26.54
CA MET C 352 -15.77 -30.73 -27.90
C MET C 352 -14.89 -31.99 -27.92
N ALA C 353 -13.90 -32.05 -27.03
CA ALA C 353 -13.01 -33.21 -26.96
C ALA C 353 -13.80 -34.46 -26.62
N HIS C 354 -14.74 -34.32 -25.69
CA HIS C 354 -15.57 -35.44 -25.26
C HIS C 354 -16.49 -35.89 -26.39
N LYS C 355 -17.06 -34.92 -27.12
CA LYS C 355 -17.94 -35.25 -28.24
C LYS C 355 -17.15 -36.00 -29.30
N LEU C 356 -15.91 -35.57 -29.53
CA LEU C 356 -15.05 -36.20 -30.52
C LEU C 356 -14.73 -37.62 -30.06
N HIS C 357 -14.37 -37.77 -28.80
CA HIS C 357 -14.07 -39.08 -28.23
C HIS C 357 -15.25 -40.00 -28.50
N ALA C 358 -16.45 -39.55 -28.13
CA ALA C 358 -17.67 -40.32 -28.33
C ALA C 358 -17.88 -40.69 -29.81
N LEU C 359 -17.56 -39.77 -30.71
CA LEU C 359 -17.72 -40.04 -32.13
C LEU C 359 -16.71 -41.05 -32.66
N LEU C 360 -15.46 -40.89 -32.24
CA LEU C 360 -14.36 -41.76 -32.67
C LEU C 360 -14.50 -43.21 -32.22
N LEU C 361 -15.21 -43.43 -31.12
CA LEU C 361 -15.43 -44.76 -30.58
C LEU C 361 -16.18 -45.67 -31.56
N GLU C 362 -16.91 -45.06 -32.51
CA GLU C 362 -17.66 -45.83 -33.49
C GLU C 362 -16.80 -46.30 -34.69
N VAL C 363 -15.60 -45.77 -34.81
CA VAL C 363 -14.72 -46.14 -35.92
C VAL C 363 -14.24 -47.59 -35.75
N PRO C 364 -14.39 -48.41 -36.80
CA PRO C 364 -13.96 -49.82 -36.76
C PRO C 364 -12.51 -50.04 -36.32
N GLY C 365 -12.34 -50.89 -35.30
CA GLY C 365 -11.02 -51.21 -34.81
C GLY C 365 -10.44 -50.25 -33.79
N VAL C 366 -11.07 -49.09 -33.64
CA VAL C 366 -10.60 -48.09 -32.69
C VAL C 366 -11.03 -48.47 -31.28
N ARG C 367 -10.09 -48.39 -30.35
CA ARG C 367 -10.36 -48.73 -28.96
C ARG C 367 -9.91 -47.57 -28.09
N PRO C 368 -10.63 -47.29 -27.00
CA PRO C 368 -10.23 -46.18 -26.12
C PRO C 368 -9.03 -46.57 -25.25
N PHE C 369 -8.27 -45.58 -24.80
CA PHE C 369 -7.13 -45.84 -23.94
C PHE C 369 -7.19 -44.95 -22.70
N THR C 370 -7.04 -43.64 -22.90
CA THR C 370 -7.11 -42.71 -21.77
C THR C 370 -8.43 -43.00 -21.07
N PRO C 371 -8.38 -43.14 -19.74
CA PRO C 371 -9.60 -43.43 -18.98
C PRO C 371 -10.35 -42.17 -18.55
N LYS C 372 -11.63 -42.33 -18.29
CA LYS C 372 -12.42 -41.21 -17.81
C LYS C 372 -11.99 -41.06 -16.36
N PRO C 373 -11.93 -39.82 -15.85
CA PRO C 373 -12.24 -38.60 -16.58
C PRO C 373 -11.00 -38.02 -17.24
N PHE C 374 -11.17 -37.47 -18.45
CA PHE C 374 -10.06 -36.83 -19.15
C PHE C 374 -10.48 -35.38 -19.46
N PHE C 375 -9.52 -34.52 -19.76
CA PHE C 375 -9.81 -33.11 -20.02
C PHE C 375 -10.15 -32.80 -21.49
N ASN C 376 -9.28 -32.05 -22.18
CA ASN C 376 -9.52 -31.71 -23.59
C ASN C 376 -8.61 -32.46 -24.56
N GLU C 377 -7.93 -33.48 -24.03
CA GLU C 377 -7.05 -34.34 -24.83
C GLU C 377 -7.30 -35.78 -24.36
N PHE C 378 -7.11 -36.74 -25.26
CA PHE C 378 -7.28 -38.15 -24.93
C PHE C 378 -6.56 -39.02 -25.97
N ALA C 379 -6.12 -40.20 -25.53
CA ALA C 379 -5.43 -41.11 -26.44
C ALA C 379 -6.31 -42.32 -26.78
N LEU C 380 -6.24 -42.74 -28.03
CA LEU C 380 -7.01 -43.88 -28.51
C LEU C 380 -6.04 -44.91 -29.11
N ALA C 381 -6.46 -46.17 -29.10
CA ALA C 381 -5.65 -47.23 -29.70
C ALA C 381 -6.19 -47.39 -31.12
N LEU C 382 -5.30 -47.30 -32.11
CA LEU C 382 -5.72 -47.42 -33.50
C LEU C 382 -5.35 -48.76 -34.12
N PRO C 383 -6.14 -49.20 -35.12
CA PRO C 383 -5.90 -50.47 -35.80
C PRO C 383 -4.77 -50.36 -36.84
N LYS C 384 -4.20 -49.17 -36.97
CA LYS C 384 -3.08 -48.94 -37.87
C LYS C 384 -2.07 -48.08 -37.13
N ASP C 385 -0.84 -48.04 -37.62
CA ASP C 385 0.22 -47.25 -37.00
C ASP C 385 -0.15 -45.76 -36.95
N PRO C 386 -0.01 -45.13 -35.77
CA PRO C 386 -0.34 -43.70 -35.59
C PRO C 386 0.36 -42.73 -36.55
N GLU C 387 1.62 -42.97 -36.88
CA GLU C 387 2.31 -42.08 -37.83
C GLU C 387 1.70 -42.25 -39.22
N ALA C 388 1.35 -43.49 -39.56
CA ALA C 388 0.75 -43.77 -40.87
C ALA C 388 -0.62 -43.11 -40.93
N VAL C 389 -1.34 -43.12 -39.81
CA VAL C 389 -2.67 -42.52 -39.74
C VAL C 389 -2.57 -41.00 -39.84
N ARG C 390 -1.65 -40.39 -39.10
CA ARG C 390 -1.49 -38.94 -39.18
C ARG C 390 -1.20 -38.53 -40.63
N ARG C 391 -0.29 -39.26 -41.28
CA ARG C 391 0.08 -38.98 -42.67
C ARG C 391 -1.10 -39.08 -43.62
N ALA C 392 -1.83 -40.20 -43.57
CA ALA C 392 -2.98 -40.41 -44.43
C ALA C 392 -4.04 -39.34 -44.19
N LEU C 393 -4.18 -38.93 -42.93
CA LEU C 393 -5.13 -37.89 -42.55
C LEU C 393 -4.73 -36.57 -43.21
N ALA C 394 -3.42 -36.26 -43.17
CA ALA C 394 -2.91 -35.03 -43.77
C ALA C 394 -3.15 -35.02 -45.27
N GLU C 395 -3.11 -36.19 -45.89
CA GLU C 395 -3.33 -36.29 -47.32
C GLU C 395 -4.78 -35.93 -47.67
N ARG C 396 -5.69 -36.08 -46.72
CA ARG C 396 -7.08 -35.76 -46.96
C ARG C 396 -7.41 -34.34 -46.47
N GLY C 397 -6.39 -33.65 -45.97
CA GLY C 397 -6.60 -32.29 -45.51
C GLY C 397 -6.87 -32.11 -44.03
N PHE C 398 -6.57 -33.11 -43.22
CA PHE C 398 -6.80 -32.99 -41.79
C PHE C 398 -5.53 -33.17 -40.98
N HIS C 399 -5.47 -32.48 -39.85
CA HIS C 399 -4.34 -32.55 -38.92
C HIS C 399 -4.81 -33.23 -37.64
N GLY C 400 -4.48 -34.51 -37.49
CA GLY C 400 -4.89 -35.24 -36.31
C GLY C 400 -4.10 -36.51 -36.11
N ALA C 401 -4.33 -37.16 -34.98
CA ALA C 401 -3.64 -38.40 -34.61
C ALA C 401 -2.17 -38.14 -34.33
N THR C 402 -1.90 -37.46 -33.22
CA THR C 402 -0.53 -37.17 -32.82
C THR C 402 0.03 -38.40 -32.10
N PRO C 403 1.01 -39.07 -32.72
CA PRO C 403 1.65 -40.27 -32.19
C PRO C 403 2.20 -40.20 -30.78
N VAL C 404 1.72 -41.13 -29.95
CA VAL C 404 2.14 -41.26 -28.57
C VAL C 404 3.30 -42.27 -28.56
N PRO C 405 4.45 -41.89 -27.99
CA PRO C 405 5.57 -42.84 -27.95
C PRO C 405 5.19 -44.18 -27.30
N ARG C 406 5.74 -45.27 -27.84
CA ARG C 406 5.43 -46.62 -27.37
C ARG C 406 5.58 -46.92 -25.88
N GLU C 407 6.33 -46.12 -25.14
CA GLU C 407 6.51 -46.36 -23.71
C GLU C 407 5.17 -46.36 -22.98
N TYR C 408 4.16 -45.77 -23.62
CA TYR C 408 2.82 -45.71 -23.04
C TYR C 408 1.95 -46.89 -23.48
N GLY C 409 2.34 -47.52 -24.59
CA GLY C 409 1.58 -48.64 -25.12
C GLY C 409 1.73 -48.65 -26.63
N GLU C 410 1.16 -49.65 -27.31
CA GLU C 410 1.28 -49.75 -28.75
C GLU C 410 0.17 -49.03 -29.53
N ASN C 411 0.54 -48.52 -30.71
CA ASN C 411 -0.40 -47.83 -31.57
C ASN C 411 -1.25 -46.76 -30.89
N LEU C 412 -0.65 -45.96 -30.02
CA LEU C 412 -1.41 -44.92 -29.36
C LEU C 412 -1.33 -43.58 -30.10
N ALA C 413 -2.43 -42.83 -30.10
CA ALA C 413 -2.47 -41.52 -30.74
C ALA C 413 -3.33 -40.57 -29.93
N LEU C 414 -2.87 -39.33 -29.81
CA LEU C 414 -3.60 -38.31 -29.06
C LEU C 414 -4.50 -37.48 -29.96
N PHE C 415 -5.59 -36.98 -29.40
CA PHE C 415 -6.54 -36.14 -30.11
C PHE C 415 -6.98 -35.03 -29.17
N ALA C 416 -7.08 -33.82 -29.69
CA ALA C 416 -7.50 -32.68 -28.89
C ALA C 416 -8.59 -31.90 -29.62
N ALA C 417 -9.29 -31.06 -28.88
CA ALA C 417 -10.34 -30.21 -29.44
C ALA C 417 -10.30 -28.90 -28.66
N THR C 418 -10.77 -27.81 -29.27
CA THR C 418 -10.74 -26.53 -28.59
C THR C 418 -12.04 -25.75 -28.77
N GLU C 419 -12.08 -24.54 -28.23
CA GLU C 419 -13.26 -23.70 -28.33
C GLU C 419 -13.60 -23.31 -29.77
N LEU C 420 -12.66 -23.44 -30.69
CA LEU C 420 -12.99 -23.05 -32.06
C LEU C 420 -13.46 -24.20 -32.94
N HIS C 421 -13.60 -25.40 -32.35
CA HIS C 421 -14.07 -26.57 -33.07
C HIS C 421 -15.58 -26.71 -32.96
N GLU C 422 -16.23 -27.09 -34.06
CA GLU C 422 -17.67 -27.26 -34.07
C GLU C 422 -18.05 -28.70 -34.44
N GLU C 423 -19.29 -29.06 -34.15
CA GLU C 423 -19.81 -30.39 -34.44
C GLU C 423 -19.33 -30.89 -35.81
N GLU C 424 -19.62 -30.12 -36.85
CA GLU C 424 -19.23 -30.48 -38.21
C GLU C 424 -17.75 -30.80 -38.41
N ASP C 425 -16.87 -30.17 -37.64
CA ASP C 425 -15.44 -30.45 -37.79
C ASP C 425 -15.16 -31.84 -37.22
N LEU C 426 -15.85 -32.18 -36.13
CA LEU C 426 -15.67 -33.48 -35.50
C LEU C 426 -16.11 -34.60 -36.44
N LEU C 427 -17.29 -34.46 -37.05
CA LEU C 427 -17.79 -35.47 -37.97
C LEU C 427 -16.83 -35.64 -39.15
N ALA C 428 -16.43 -34.49 -39.71
CA ALA C 428 -15.55 -34.50 -40.87
C ALA C 428 -14.25 -35.24 -40.57
N LEU C 429 -13.76 -35.10 -39.35
CA LEU C 429 -12.54 -35.78 -38.97
C LEU C 429 -12.81 -37.28 -38.89
N ARG C 430 -13.92 -37.65 -38.25
CA ARG C 430 -14.22 -39.07 -38.14
C ARG C 430 -14.33 -39.76 -39.48
N GLU C 431 -15.01 -39.12 -40.44
CA GLU C 431 -15.15 -39.73 -41.76
C GLU C 431 -13.78 -39.88 -42.38
N ALA C 432 -12.94 -38.85 -42.24
CA ALA C 432 -11.59 -38.92 -42.78
C ALA C 432 -10.88 -40.11 -42.14
N LEU C 433 -11.02 -40.27 -40.82
CA LEU C 433 -10.39 -41.38 -40.12
C LEU C 433 -10.92 -42.73 -40.59
N LYS C 434 -12.21 -42.80 -40.89
CA LYS C 434 -12.81 -44.06 -41.36
C LYS C 434 -12.28 -44.40 -42.77
N GLU C 435 -12.06 -43.38 -43.59
CA GLU C 435 -11.54 -43.59 -44.94
C GLU C 435 -10.11 -44.11 -44.88
N VAL C 436 -9.27 -43.48 -44.06
CA VAL C 436 -7.89 -43.90 -43.93
C VAL C 436 -7.77 -45.32 -43.35
N LEU C 437 -8.71 -45.69 -42.49
CA LEU C 437 -8.70 -47.02 -41.88
C LEU C 437 -9.44 -48.08 -42.71
N SER D 2 0.47 9.09 -12.32
CA SER D 2 -0.32 7.98 -11.69
C SER D 2 -0.97 7.08 -12.75
N PHE D 3 -0.97 5.77 -12.49
CA PHE D 3 -1.55 4.82 -13.43
C PHE D 3 -2.15 3.63 -12.67
N PRO D 4 -3.42 3.33 -12.92
CA PRO D 4 -4.06 2.21 -12.22
C PRO D 4 -3.61 0.82 -12.62
N LEU D 5 -3.72 -0.11 -11.68
CA LEU D 5 -3.37 -1.50 -11.95
C LEU D 5 -4.57 -2.09 -12.67
N ILE D 6 -4.33 -3.08 -13.51
CA ILE D 6 -5.43 -3.70 -14.24
C ILE D 6 -6.46 -4.22 -13.24
N PHE D 7 -6.00 -4.58 -12.05
CA PHE D 7 -6.87 -5.12 -11.01
C PHE D 7 -7.77 -4.06 -10.39
N GLU D 8 -7.31 -2.82 -10.40
CA GLU D 8 -8.09 -1.72 -9.84
C GLU D 8 -9.14 -1.28 -10.86
N ARG D 9 -8.93 -1.64 -12.13
CA ARG D 9 -9.87 -1.27 -13.18
C ARG D 9 -11.05 -2.24 -13.19
N SER D 10 -10.84 -3.42 -12.61
CA SER D 10 -11.87 -4.44 -12.56
C SER D 10 -13.16 -3.99 -11.88
N ARG D 11 -14.25 -4.63 -12.29
CA ARG D 11 -15.56 -4.39 -11.72
C ARG D 11 -16.20 -5.77 -11.65
N LYS D 12 -16.64 -6.14 -10.46
CA LYS D 12 -17.25 -7.44 -10.20
C LYS D 12 -18.26 -7.87 -11.25
N GLY D 13 -18.01 -9.03 -11.85
CA GLY D 13 -18.90 -9.58 -12.85
C GLY D 13 -18.76 -9.03 -14.27
N ARG D 14 -17.89 -8.05 -14.46
CA ARG D 14 -17.71 -7.49 -15.79
C ARG D 14 -17.06 -8.48 -16.76
N ARG D 15 -17.58 -8.52 -17.99
CA ARG D 15 -17.06 -9.42 -19.00
C ARG D 15 -16.24 -8.72 -20.09
N GLY D 16 -15.25 -9.45 -20.61
CA GLY D 16 -14.42 -8.93 -21.67
C GLY D 16 -14.74 -9.74 -22.91
N LEU D 17 -13.80 -10.58 -23.36
CA LEU D 17 -14.04 -11.41 -24.53
C LEU D 17 -15.10 -12.47 -24.21
N LYS D 18 -15.90 -12.81 -25.21
CA LYS D 18 -16.95 -13.82 -25.06
C LYS D 18 -16.72 -14.77 -26.24
N LEU D 19 -15.94 -15.81 -25.98
CA LEU D 19 -15.58 -16.76 -27.03
C LEU D 19 -16.47 -18.00 -27.14
N VAL D 20 -17.49 -18.11 -26.29
CA VAL D 20 -18.36 -19.28 -26.32
C VAL D 20 -19.86 -18.98 -26.39
N LYS D 21 -20.52 -19.47 -27.44
CA LYS D 21 -21.96 -19.28 -27.64
C LYS D 21 -22.80 -20.00 -26.59
N ALA D 22 -22.63 -21.32 -26.50
CA ALA D 22 -23.38 -22.12 -25.52
C ALA D 22 -22.41 -22.79 -24.55
N VAL D 23 -22.23 -22.18 -23.39
CA VAL D 23 -21.31 -22.70 -22.39
C VAL D 23 -21.89 -23.92 -21.67
N PRO D 24 -21.20 -25.06 -21.76
CA PRO D 24 -21.67 -26.28 -21.10
C PRO D 24 -21.60 -26.18 -19.58
N LYS D 25 -22.32 -27.05 -18.88
CA LYS D 25 -22.30 -27.01 -17.43
C LYS D 25 -21.13 -27.87 -16.97
N ALA D 26 -20.27 -27.30 -16.15
CA ALA D 26 -19.08 -27.97 -15.65
C ALA D 26 -19.28 -29.38 -15.12
N GLU D 27 -20.32 -29.59 -14.33
CA GLU D 27 -20.56 -30.91 -13.78
C GLU D 27 -20.93 -31.98 -14.79
N ASP D 28 -21.24 -31.59 -16.01
CA ASP D 28 -21.57 -32.58 -17.03
C ASP D 28 -20.28 -33.09 -17.69
N LEU D 29 -19.18 -32.36 -17.48
CA LEU D 29 -17.90 -32.69 -18.10
C LEU D 29 -16.80 -33.23 -17.17
N ILE D 30 -16.62 -32.62 -16.01
CA ILE D 30 -15.60 -33.10 -15.09
C ILE D 30 -16.17 -33.36 -13.70
N PRO D 31 -15.69 -34.42 -13.02
CA PRO D 31 -16.15 -34.77 -11.69
C PRO D 31 -16.02 -33.63 -10.69
N LYS D 32 -17.04 -33.51 -9.84
CA LYS D 32 -17.13 -32.46 -8.81
C LYS D 32 -15.84 -32.16 -8.04
N GLU D 33 -15.24 -33.18 -7.43
CA GLU D 33 -14.04 -32.96 -6.63
C GLU D 33 -12.81 -32.47 -7.40
N HIS D 34 -12.93 -32.36 -8.72
CA HIS D 34 -11.81 -31.86 -9.53
C HIS D 34 -12.05 -30.40 -9.93
N LEU D 35 -13.26 -29.92 -9.69
CA LEU D 35 -13.64 -28.55 -10.05
C LEU D 35 -13.11 -27.47 -9.12
N ARG D 36 -12.67 -26.38 -9.71
CA ARG D 36 -12.16 -25.26 -8.94
C ARG D 36 -13.36 -24.61 -8.24
N GLU D 37 -13.28 -24.42 -6.94
CA GLU D 37 -14.37 -23.82 -6.20
C GLU D 37 -14.29 -22.30 -6.16
N VAL D 38 -13.08 -21.78 -5.89
CA VAL D 38 -12.86 -20.34 -5.83
C VAL D 38 -12.14 -19.87 -7.10
N PRO D 39 -12.83 -19.08 -7.92
CA PRO D 39 -12.21 -18.60 -9.16
C PRO D 39 -10.92 -17.84 -8.91
N PRO D 40 -10.00 -17.89 -9.88
CA PRO D 40 -8.75 -17.16 -9.70
C PRO D 40 -9.16 -15.67 -9.75
N ARG D 41 -8.44 -14.82 -9.04
CA ARG D 41 -8.79 -13.41 -9.03
C ARG D 41 -8.17 -12.67 -10.21
N LEU D 42 -8.58 -13.08 -11.40
CA LEU D 42 -8.11 -12.45 -12.63
C LEU D 42 -8.90 -11.16 -12.85
N PRO D 43 -8.33 -10.21 -13.59
CA PRO D 43 -9.09 -8.98 -13.79
C PRO D 43 -10.41 -9.24 -14.51
N GLU D 44 -11.37 -8.35 -14.29
CA GLU D 44 -12.68 -8.46 -14.94
C GLU D 44 -12.92 -7.13 -15.63
N VAL D 45 -12.42 -7.00 -16.85
CA VAL D 45 -12.55 -5.76 -17.60
C VAL D 45 -13.10 -5.98 -19.00
N ASP D 46 -13.67 -4.92 -19.58
CA ASP D 46 -14.20 -4.97 -20.95
C ASP D 46 -13.02 -4.74 -21.90
N GLU D 47 -13.24 -5.00 -23.19
CA GLU D 47 -12.17 -4.84 -24.18
C GLU D 47 -11.64 -3.41 -24.29
N LEU D 48 -12.52 -2.40 -24.25
CA LEU D 48 -12.06 -1.01 -24.35
C LEU D 48 -11.06 -0.73 -23.22
N THR D 49 -11.47 -1.06 -22.00
CA THR D 49 -10.64 -0.87 -20.82
C THR D 49 -9.31 -1.59 -21.02
N LEU D 50 -9.39 -2.82 -21.53
CA LEU D 50 -8.20 -3.62 -21.78
C LEU D 50 -7.24 -2.87 -22.72
N VAL D 51 -7.79 -2.35 -23.81
CA VAL D 51 -6.99 -1.62 -24.80
C VAL D 51 -6.37 -0.38 -24.19
N ARG D 52 -7.17 0.42 -23.48
CA ARG D 52 -6.66 1.64 -22.86
C ARG D 52 -5.58 1.33 -21.84
N HIS D 53 -5.76 0.24 -21.11
CA HIS D 53 -4.77 -0.13 -20.12
C HIS D 53 -3.40 -0.38 -20.74
N TYR D 54 -3.33 -1.37 -21.61
CA TYR D 54 -2.08 -1.73 -22.25
C TYR D 54 -1.51 -0.67 -23.18
N THR D 55 -2.38 0.11 -23.80
CA THR D 55 -1.91 1.18 -24.66
C THR D 55 -1.34 2.26 -23.75
N GLY D 56 -1.99 2.43 -22.59
CA GLY D 56 -1.53 3.40 -21.62
C GLY D 56 -0.16 2.99 -21.08
N LEU D 57 0.03 1.70 -20.85
CA LEU D 57 1.31 1.20 -20.35
C LEU D 57 2.42 1.37 -21.39
N SER D 58 2.10 1.05 -22.65
CA SER D 58 3.08 1.18 -23.71
C SER D 58 3.54 2.63 -23.81
N ARG D 59 2.64 3.56 -23.47
CA ARG D 59 2.97 4.98 -23.53
C ARG D 59 3.82 5.42 -22.33
N ARG D 60 3.99 4.53 -21.36
CA ARG D 60 4.83 4.80 -20.19
C ARG D 60 6.07 3.90 -20.34
N GLN D 61 6.39 3.59 -21.59
CA GLN D 61 7.52 2.72 -21.92
C GLN D 61 8.31 3.23 -23.14
N VAL D 62 9.61 2.92 -23.18
CA VAL D 62 10.42 3.32 -24.32
C VAL D 62 11.10 2.07 -24.87
N GLY D 63 11.47 2.13 -26.15
CA GLY D 63 12.13 1.01 -26.79
C GLY D 63 12.94 1.53 -27.94
N VAL D 64 13.58 0.64 -28.69
CA VAL D 64 14.37 1.10 -29.83
C VAL D 64 13.47 1.92 -30.76
N ASP D 65 12.21 1.53 -30.84
CA ASP D 65 11.25 2.25 -31.70
C ASP D 65 11.04 3.69 -31.29
N THR D 66 11.39 4.02 -30.03
CA THR D 66 11.19 5.38 -29.55
C THR D 66 12.47 6.10 -29.16
N THR D 67 13.46 5.34 -28.68
CA THR D 67 14.69 5.95 -28.19
C THR D 67 15.99 5.24 -28.54
N PHE D 68 17.05 6.04 -28.63
CA PHE D 68 18.40 5.52 -28.89
C PHE D 68 18.77 4.73 -27.62
N TYR D 69 19.11 3.45 -27.80
CA TYR D 69 19.44 2.53 -26.70
C TYR D 69 20.88 2.02 -26.82
N PRO D 70 21.89 2.82 -26.44
CA PRO D 70 23.28 2.36 -26.56
C PRO D 70 23.73 1.36 -25.50
N LEU D 71 22.97 0.28 -25.31
CA LEU D 71 23.31 -0.73 -24.30
C LEU D 71 24.36 -1.75 -24.73
N GLY D 72 25.56 -1.64 -24.16
CA GLY D 72 26.62 -2.59 -24.49
C GLY D 72 26.17 -3.99 -24.11
N SER D 73 26.62 -4.99 -24.87
CA SER D 73 26.25 -6.39 -24.64
C SER D 73 24.80 -6.71 -24.96
N CYS D 74 24.10 -5.81 -25.65
CA CYS D 74 22.70 -6.04 -25.99
C CYS D 74 22.35 -5.88 -27.46
N THR D 75 23.17 -5.13 -28.19
CA THR D 75 22.93 -4.89 -29.62
C THR D 75 21.49 -4.46 -29.89
N MET D 76 21.13 -3.29 -29.38
CA MET D 76 19.79 -2.75 -29.57
C MET D 76 19.67 -2.11 -30.96
N LYS D 77 19.69 -2.93 -32.00
CA LYS D 77 19.58 -2.43 -33.37
C LYS D 77 18.11 -2.42 -33.80
N TYR D 78 17.83 -1.71 -34.88
CA TYR D 78 16.46 -1.63 -35.38
C TYR D 78 15.89 -3.01 -35.67
N ASN D 79 14.66 -3.24 -35.20
CA ASN D 79 13.97 -4.50 -35.43
C ASN D 79 12.98 -4.23 -36.57
N PRO D 80 13.39 -4.54 -37.80
CA PRO D 80 12.51 -4.30 -38.95
C PRO D 80 11.09 -4.87 -38.86
N LYS D 81 10.13 -4.00 -39.14
CA LYS D 81 8.72 -4.38 -39.11
C LYS D 81 8.42 -5.48 -40.11
N LEU D 82 9.25 -5.58 -41.15
CA LEU D 82 9.09 -6.61 -42.16
C LEU D 82 9.06 -7.99 -41.50
N HIS D 83 9.93 -8.18 -40.51
CA HIS D 83 10.05 -9.46 -39.81
C HIS D 83 8.81 -9.86 -39.02
N GLU D 84 8.06 -8.87 -38.55
CA GLU D 84 6.85 -9.16 -37.78
C GLU D 84 5.82 -9.73 -38.74
N GLU D 85 5.79 -9.16 -39.94
CA GLU D 85 4.88 -9.62 -40.98
C GLU D 85 5.33 -11.00 -41.45
N ALA D 86 6.63 -11.22 -41.50
CA ALA D 86 7.18 -12.51 -41.92
C ALA D 86 6.76 -13.60 -40.94
N ALA D 87 6.84 -13.29 -39.64
CA ALA D 87 6.47 -14.25 -38.62
C ALA D 87 4.98 -14.61 -38.62
N ARG D 88 4.10 -13.64 -38.83
CA ARG D 88 2.69 -13.96 -38.82
C ARG D 88 2.31 -14.97 -39.92
N LEU D 89 3.19 -15.12 -40.90
CA LEU D 89 2.97 -16.02 -42.02
C LEU D 89 3.07 -17.50 -41.63
N PHE D 90 3.73 -17.79 -40.51
CA PHE D 90 3.89 -19.17 -40.05
C PHE D 90 3.32 -19.37 -38.65
N ALA D 91 2.36 -18.53 -38.29
CA ALA D 91 1.74 -18.62 -36.97
C ALA D 91 0.95 -19.91 -36.78
N ASP D 92 0.20 -20.32 -37.80
CA ASP D 92 -0.61 -21.53 -37.69
C ASP D 92 0.03 -22.84 -38.09
N LEU D 93 1.09 -23.23 -37.38
CA LEU D 93 1.76 -24.50 -37.64
C LEU D 93 1.87 -25.25 -36.31
N HIS D 94 1.56 -26.54 -36.32
CA HIS D 94 1.62 -27.35 -35.12
C HIS D 94 2.91 -28.19 -35.17
N PRO D 95 3.71 -28.16 -34.09
CA PRO D 95 4.97 -28.92 -34.05
C PRO D 95 4.83 -30.41 -34.27
N TYR D 96 3.66 -30.96 -33.98
CA TYR D 96 3.47 -32.40 -34.18
C TYR D 96 2.67 -32.73 -35.43
N GLN D 97 2.52 -31.77 -36.34
CA GLN D 97 1.78 -32.06 -37.56
C GLN D 97 2.71 -32.85 -38.49
N ASP D 98 2.13 -33.61 -39.41
CA ASP D 98 2.93 -34.42 -40.33
C ASP D 98 4.05 -33.60 -40.99
N PRO D 99 5.31 -34.04 -40.88
CA PRO D 99 6.43 -33.32 -41.47
C PRO D 99 6.28 -33.05 -42.96
N ARG D 100 5.61 -33.94 -43.68
CA ARG D 100 5.39 -33.76 -45.11
C ARG D 100 4.51 -32.56 -45.41
N THR D 101 3.90 -31.98 -44.37
CA THR D 101 3.04 -30.82 -44.54
C THR D 101 3.66 -29.58 -43.89
N ALA D 102 4.90 -29.72 -43.43
CA ALA D 102 5.62 -28.63 -42.78
C ALA D 102 6.97 -28.38 -43.47
N GLN D 103 7.09 -28.83 -44.72
CA GLN D 103 8.33 -28.68 -45.48
C GLN D 103 8.81 -27.23 -45.59
N GLY D 104 7.87 -26.29 -45.74
CA GLY D 104 8.26 -24.89 -45.83
C GLY D 104 8.96 -24.45 -44.56
N ALA D 105 8.43 -24.88 -43.42
CA ALA D 105 8.99 -24.54 -42.12
C ALA D 105 10.33 -25.23 -41.91
N LEU D 106 10.37 -26.55 -42.15
CA LEU D 106 11.63 -27.29 -41.99
C LEU D 106 12.71 -26.75 -42.91
N ARG D 107 12.33 -26.41 -44.15
CA ARG D 107 13.29 -25.85 -45.10
C ARG D 107 13.88 -24.56 -44.57
N LEU D 108 13.03 -23.72 -43.98
CA LEU D 108 13.50 -22.45 -43.43
C LEU D 108 14.48 -22.72 -42.29
N MET D 109 14.15 -23.68 -41.42
CA MET D 109 15.03 -24.04 -40.31
C MET D 109 16.38 -24.51 -40.84
N TRP D 110 16.37 -25.39 -41.83
CA TRP D 110 17.60 -25.91 -42.41
C TRP D 110 18.44 -24.76 -42.99
N GLU D 111 17.85 -23.96 -43.87
CA GLU D 111 18.58 -22.86 -44.49
C GLU D 111 19.21 -21.91 -43.45
N LEU D 112 18.43 -21.55 -42.44
CA LEU D 112 18.94 -20.67 -41.40
C LEU D 112 20.19 -21.28 -40.77
N GLY D 113 20.11 -22.59 -40.48
CA GLY D 113 21.24 -23.30 -39.89
C GLY D 113 22.44 -23.26 -40.82
N GLU D 114 22.19 -23.35 -42.12
CA GLU D 114 23.27 -23.30 -43.10
C GLU D 114 23.93 -21.93 -43.10
N TYR D 115 23.11 -20.88 -43.07
CA TYR D 115 23.65 -19.51 -43.09
C TYR D 115 24.45 -19.21 -41.83
N LEU D 116 23.92 -19.63 -40.68
CA LEU D 116 24.59 -19.40 -39.41
C LEU D 116 25.90 -20.16 -39.30
N LYS D 117 25.95 -21.37 -39.86
CA LYS D 117 27.19 -22.14 -39.84
C LYS D 117 28.19 -21.48 -40.78
N ALA D 118 27.71 -21.00 -41.92
CA ALA D 118 28.56 -20.34 -42.91
C ALA D 118 29.21 -19.07 -42.32
N LEU D 119 28.44 -18.34 -41.51
CA LEU D 119 28.93 -17.12 -40.90
C LEU D 119 29.78 -17.39 -39.66
N THR D 120 29.63 -18.59 -39.11
CA THR D 120 30.34 -18.92 -37.90
C THR D 120 31.48 -19.94 -38.05
N GLY D 121 31.43 -20.70 -39.13
CA GLY D 121 32.46 -21.70 -39.37
C GLY D 121 32.29 -22.98 -38.57
N MET D 122 31.04 -23.33 -38.28
CA MET D 122 30.78 -24.56 -37.53
C MET D 122 30.37 -25.63 -38.54
N ASP D 123 30.42 -26.89 -38.13
CA ASP D 123 30.06 -27.99 -39.04
C ASP D 123 28.65 -28.55 -38.82
N ALA D 124 28.09 -28.33 -37.63
CA ALA D 124 26.75 -28.82 -37.30
C ALA D 124 26.11 -27.78 -36.40
N ILE D 125 24.79 -27.77 -36.33
CA ILE D 125 24.11 -26.77 -35.51
C ILE D 125 22.73 -27.15 -34.99
N THR D 126 22.40 -26.63 -33.81
CA THR D 126 21.08 -26.82 -33.22
C THR D 126 20.46 -25.43 -33.02
N LEU D 127 19.22 -25.28 -33.46
CA LEU D 127 18.51 -24.01 -33.34
C LEU D 127 17.48 -24.13 -32.22
N GLU D 128 17.63 -25.14 -31.38
CA GLU D 128 16.71 -25.41 -30.29
C GLU D 128 16.74 -24.51 -29.05
N PRO D 129 17.92 -24.25 -28.48
CA PRO D 129 18.00 -23.39 -27.29
C PRO D 129 17.26 -22.05 -27.40
N ALA D 130 16.53 -21.71 -26.34
CA ALA D 130 15.69 -20.52 -26.25
C ALA D 130 16.33 -19.16 -26.00
N ALA D 131 17.62 -19.13 -25.71
CA ALA D 131 18.28 -17.85 -25.45
C ALA D 131 19.79 -18.05 -25.38
N GLY D 132 20.51 -16.94 -25.27
CA GLY D 132 21.97 -17.02 -25.20
C GLY D 132 22.46 -17.90 -24.07
N ALA D 133 21.96 -17.64 -22.86
CA ALA D 133 22.37 -18.42 -21.69
C ALA D 133 21.98 -19.88 -21.86
N HIS D 134 20.90 -20.13 -22.58
CA HIS D 134 20.46 -21.49 -22.81
C HIS D 134 21.45 -22.17 -23.77
N GLY D 135 21.96 -21.39 -24.72
CA GLY D 135 22.94 -21.90 -25.65
C GLY D 135 24.22 -22.24 -24.89
N GLU D 136 24.56 -21.40 -23.93
CA GLU D 136 25.74 -21.62 -23.09
C GLU D 136 25.62 -22.96 -22.36
N LEU D 137 24.45 -23.19 -21.74
CA LEU D 137 24.23 -24.42 -21.00
C LEU D 137 24.31 -25.61 -21.94
N THR D 138 23.82 -25.42 -23.17
CA THR D 138 23.83 -26.47 -24.18
C THR D 138 25.27 -26.78 -24.60
N GLY D 139 26.03 -25.74 -24.94
CA GLY D 139 27.41 -25.92 -25.36
C GLY D 139 28.29 -26.56 -24.29
N ILE D 140 28.15 -26.11 -23.05
CA ILE D 140 28.93 -26.65 -21.95
C ILE D 140 28.58 -28.12 -21.68
N LEU D 141 27.29 -28.45 -21.74
CA LEU D 141 26.86 -29.85 -21.53
C LEU D 141 27.42 -30.71 -22.65
N ILE D 142 27.52 -30.12 -23.86
CA ILE D 142 28.07 -30.83 -25.00
C ILE D 142 29.55 -31.09 -24.72
N ILE D 143 30.25 -30.04 -24.33
CA ILE D 143 31.66 -30.19 -24.02
C ILE D 143 31.85 -31.24 -22.93
N ARG D 144 30.94 -31.26 -21.96
CA ARG D 144 31.01 -32.23 -20.87
C ARG D 144 30.81 -33.66 -21.37
N ALA D 145 29.86 -33.83 -22.28
CA ALA D 145 29.58 -35.16 -22.84
C ALA D 145 30.79 -35.62 -23.66
N TYR D 146 31.49 -34.66 -24.26
CA TYR D 146 32.66 -34.94 -25.07
C TYR D 146 33.77 -35.58 -24.23
N HIS D 147 34.11 -34.93 -23.11
CA HIS D 147 35.14 -35.42 -22.21
C HIS D 147 34.76 -36.76 -21.60
N GLU D 148 33.51 -36.88 -21.15
CA GLU D 148 33.04 -38.11 -20.55
C GLU D 148 33.15 -39.27 -21.53
N ASP D 149 32.92 -38.99 -22.81
CA ASP D 149 32.99 -40.04 -23.83
C ASP D 149 34.45 -40.41 -24.10
N ARG D 150 35.36 -39.77 -23.37
CA ARG D 150 36.78 -40.03 -23.55
C ARG D 150 37.49 -40.40 -22.24
N GLY D 151 36.70 -40.76 -21.23
CA GLY D 151 37.27 -41.15 -19.95
C GLY D 151 37.95 -40.07 -19.14
N GLU D 152 37.64 -38.81 -19.42
CA GLU D 152 38.24 -37.72 -18.65
C GLU D 152 37.14 -36.93 -17.97
N GLY D 153 35.95 -37.51 -17.93
CA GLY D 153 34.81 -36.84 -17.31
C GLY D 153 35.00 -36.62 -15.81
N ARG D 154 35.91 -37.38 -15.21
CA ARG D 154 36.16 -37.28 -13.78
C ARG D 154 37.30 -36.31 -13.46
N THR D 155 38.16 -36.04 -14.45
CA THR D 155 39.29 -35.14 -14.25
C THR D 155 39.00 -33.72 -14.73
N ARG D 156 38.36 -33.59 -15.88
CA ARG D 156 37.99 -32.28 -16.44
C ARG D 156 36.89 -31.72 -15.54
N ARG D 157 37.28 -30.91 -14.56
CA ARG D 157 36.32 -30.36 -13.62
C ARG D 157 36.10 -28.85 -13.61
N VAL D 158 37.01 -28.08 -14.20
CA VAL D 158 36.84 -26.64 -14.16
C VAL D 158 36.68 -25.94 -15.50
N VAL D 159 35.94 -24.83 -15.48
CA VAL D 159 35.70 -24.00 -16.64
C VAL D 159 36.39 -22.67 -16.36
N LEU D 160 37.09 -22.13 -17.36
CA LEU D 160 37.79 -20.86 -17.19
C LEU D 160 37.07 -19.72 -17.92
N VAL D 161 36.90 -18.60 -17.23
CA VAL D 161 36.25 -17.42 -17.79
C VAL D 161 37.07 -16.20 -17.42
N PRO D 162 37.13 -15.19 -18.30
CA PRO D 162 37.91 -14.00 -18.00
C PRO D 162 37.20 -13.17 -16.92
N ASP D 163 37.95 -12.30 -16.24
CA ASP D 163 37.37 -11.44 -15.20
C ASP D 163 36.34 -10.49 -15.81
N SER D 164 36.36 -10.36 -17.14
CA SER D 164 35.45 -9.49 -17.88
C SER D 164 34.25 -10.25 -18.46
N ALA D 165 34.13 -11.52 -18.15
CA ALA D 165 33.03 -12.31 -18.67
C ALA D 165 31.68 -11.88 -18.08
N HIS D 166 30.62 -12.18 -18.82
CA HIS D 166 29.26 -11.86 -18.40
C HIS D 166 28.88 -12.87 -17.31
N GLY D 167 28.06 -12.43 -16.35
CA GLY D 167 27.66 -13.29 -15.25
C GLY D 167 27.11 -14.66 -15.62
N SER D 168 26.49 -14.77 -16.80
CA SER D 168 25.90 -16.02 -17.24
C SER D 168 26.94 -17.10 -17.55
N ASN D 169 28.16 -16.69 -17.91
CA ASN D 169 29.22 -17.66 -18.20
C ASN D 169 29.52 -18.50 -16.97
N PRO D 170 29.94 -17.87 -15.87
CA PRO D 170 30.23 -18.66 -14.66
C PRO D 170 28.98 -19.34 -14.09
N ALA D 171 27.83 -18.71 -14.26
CA ALA D 171 26.59 -19.29 -13.76
C ALA D 171 26.30 -20.59 -14.50
N THR D 172 26.59 -20.59 -15.81
CA THR D 172 26.37 -21.78 -16.63
C THR D 172 27.24 -22.96 -16.18
N ALA D 173 28.50 -22.67 -15.86
CA ALA D 173 29.42 -23.70 -15.39
C ALA D 173 28.77 -24.47 -14.24
N SER D 174 28.21 -23.74 -13.29
CA SER D 174 27.55 -24.35 -12.14
C SER D 174 26.36 -25.20 -12.56
N MET D 175 25.55 -24.70 -13.48
CA MET D 175 24.39 -25.46 -13.93
C MET D 175 24.85 -26.77 -14.56
N ALA D 176 26.04 -26.76 -15.14
CA ALA D 176 26.59 -27.93 -15.80
C ALA D 176 27.41 -28.79 -14.82
N GLY D 177 27.39 -28.40 -13.55
CA GLY D 177 28.13 -29.13 -12.54
C GLY D 177 29.64 -28.95 -12.56
N TYR D 178 30.12 -27.91 -13.24
CA TYR D 178 31.54 -27.64 -13.32
C TYR D 178 31.99 -26.59 -12.31
N GLN D 179 33.28 -26.62 -11.98
CA GLN D 179 33.86 -25.65 -11.07
C GLN D 179 34.31 -24.53 -11.99
N VAL D 180 34.37 -23.30 -11.49
CA VAL D 180 34.79 -22.20 -12.34
C VAL D 180 35.91 -21.34 -11.76
N ARG D 181 36.93 -21.09 -12.58
CA ARG D 181 38.06 -20.26 -12.20
C ARG D 181 38.12 -19.08 -13.15
N GLU D 182 38.30 -17.89 -12.58
CA GLU D 182 38.34 -16.66 -13.35
C GLU D 182 39.77 -16.16 -13.56
N ILE D 183 40.16 -16.03 -14.82
CA ILE D 183 41.50 -15.57 -15.16
C ILE D 183 41.52 -14.07 -15.39
N PRO D 184 42.55 -13.37 -14.88
CA PRO D 184 42.67 -11.91 -15.03
C PRO D 184 43.08 -11.46 -16.43
N SER D 185 42.69 -10.23 -16.77
CA SER D 185 43.03 -9.65 -18.07
C SER D 185 44.35 -8.91 -17.99
N GLY D 186 45.02 -8.79 -19.14
CA GLY D 186 46.29 -8.09 -19.19
C GLY D 186 46.11 -6.59 -19.05
N PRO D 187 47.20 -5.82 -19.16
CA PRO D 187 47.13 -4.36 -19.02
C PRO D 187 46.41 -3.67 -20.19
N GLU D 188 46.26 -4.36 -21.30
CA GLU D 188 45.59 -3.81 -22.48
C GLU D 188 44.09 -4.13 -22.49
N GLY D 189 43.67 -5.05 -21.62
CA GLY D 189 42.27 -5.42 -21.58
C GLY D 189 42.01 -6.75 -22.27
N GLU D 190 43.05 -7.30 -22.90
CA GLU D 190 42.94 -8.57 -23.58
C GLU D 190 43.32 -9.71 -22.62
N VAL D 191 43.27 -10.94 -23.09
CA VAL D 191 43.61 -12.09 -22.25
C VAL D 191 45.09 -12.12 -21.88
N ASP D 192 45.36 -12.42 -20.62
CA ASP D 192 46.72 -12.50 -20.10
C ASP D 192 47.23 -13.92 -20.39
N LEU D 193 48.02 -14.08 -21.45
CA LEU D 193 48.55 -15.37 -21.84
C LEU D 193 49.24 -16.10 -20.70
N GLU D 194 50.14 -15.40 -20.01
CA GLU D 194 50.86 -16.01 -18.90
C GLU D 194 49.93 -16.59 -17.85
N ALA D 195 48.92 -15.82 -17.45
CA ALA D 195 47.95 -16.29 -16.46
C ALA D 195 47.16 -17.45 -17.03
N LEU D 196 46.96 -17.43 -18.35
CA LEU D 196 46.22 -18.47 -19.04
C LEU D 196 47.02 -19.78 -19.07
N LYS D 197 48.26 -19.69 -19.51
CA LYS D 197 49.13 -20.88 -19.58
C LYS D 197 49.28 -21.53 -18.21
N ARG D 198 49.15 -20.71 -17.17
CA ARG D 198 49.28 -21.18 -15.79
C ARG D 198 48.05 -21.99 -15.36
N GLU D 199 46.88 -21.60 -15.87
CA GLU D 199 45.62 -22.27 -15.54
C GLU D 199 45.34 -23.51 -16.39
N LEU D 200 45.75 -23.47 -17.65
CA LEU D 200 45.52 -24.60 -18.55
C LEU D 200 46.13 -25.88 -17.98
N GLY D 201 45.40 -26.98 -18.09
CA GLY D 201 45.86 -28.25 -17.60
C GLY D 201 44.86 -29.35 -17.88
N PRO D 202 45.15 -30.60 -17.46
CA PRO D 202 44.26 -31.74 -17.68
C PRO D 202 42.95 -31.67 -16.89
N HIS D 203 42.85 -30.68 -16.01
CA HIS D 203 41.68 -30.48 -15.17
C HIS D 203 40.67 -29.48 -15.74
N VAL D 204 41.08 -28.75 -16.78
CA VAL D 204 40.20 -27.76 -17.39
C VAL D 204 39.37 -28.34 -18.53
N ALA D 205 38.05 -28.22 -18.40
CA ALA D 205 37.14 -28.73 -19.42
C ALA D 205 36.98 -27.75 -20.58
N ALA D 206 37.00 -26.45 -20.27
CA ALA D 206 36.80 -25.45 -21.32
C ALA D 206 37.17 -24.03 -20.93
N LEU D 207 37.27 -23.17 -21.94
CA LEU D 207 37.58 -21.76 -21.78
C LEU D 207 36.46 -20.99 -22.49
N MET D 208 35.71 -20.19 -21.74
CA MET D 208 34.61 -19.42 -22.32
C MET D 208 35.09 -18.01 -22.63
N LEU D 209 34.91 -17.57 -23.88
CA LEU D 209 35.31 -16.23 -24.30
C LEU D 209 34.37 -15.58 -25.32
N THR D 210 34.38 -14.25 -25.35
CA THR D 210 33.62 -13.49 -26.32
C THR D 210 34.74 -12.85 -27.13
N ASN D 211 34.55 -12.71 -28.45
CA ASN D 211 35.57 -12.09 -29.27
C ASN D 211 34.87 -11.31 -30.38
N PRO D 212 34.92 -9.96 -30.32
CA PRO D 212 35.58 -9.15 -29.29
C PRO D 212 35.12 -9.43 -27.86
N ASN D 213 35.93 -9.00 -26.89
CA ASN D 213 35.59 -9.19 -25.48
C ASN D 213 34.61 -8.10 -25.02
N THR D 214 34.20 -8.15 -23.77
CA THR D 214 33.24 -7.20 -23.21
C THR D 214 33.78 -5.77 -23.04
N LEU D 215 35.04 -5.56 -23.38
CA LEU D 215 35.62 -4.22 -23.31
C LEU D 215 35.56 -3.67 -24.73
N GLY D 216 34.98 -4.46 -25.63
CA GLY D 216 34.86 -4.05 -27.02
C GLY D 216 36.15 -4.26 -27.80
N LEU D 217 37.12 -4.90 -27.17
CA LEU D 217 38.42 -5.15 -27.80
C LEU D 217 38.53 -6.52 -28.43
N PHE D 218 39.17 -6.59 -29.59
CA PHE D 218 39.37 -7.86 -30.27
C PHE D 218 40.60 -8.54 -29.68
N GLU D 219 40.47 -9.83 -29.36
CA GLU D 219 41.57 -10.59 -28.80
C GLU D 219 42.59 -10.92 -29.88
N ARG D 220 43.59 -10.05 -30.04
CA ARG D 220 44.61 -10.22 -31.07
C ARG D 220 45.42 -11.51 -31.00
N ARG D 221 45.54 -12.10 -29.80
CA ARG D 221 46.30 -13.34 -29.67
C ARG D 221 45.34 -14.53 -29.60
N ILE D 222 44.17 -14.39 -30.22
CA ILE D 222 43.18 -15.46 -30.18
C ILE D 222 43.67 -16.78 -30.78
N LEU D 223 44.42 -16.73 -31.87
CA LEU D 223 44.93 -17.95 -32.49
C LEU D 223 45.91 -18.63 -31.54
N GLU D 224 46.72 -17.83 -30.86
CA GLU D 224 47.67 -18.37 -29.90
C GLU D 224 46.90 -19.00 -28.75
N ILE D 225 45.88 -18.30 -28.27
CA ILE D 225 45.04 -18.79 -27.19
C ILE D 225 44.42 -20.12 -27.60
N SER D 226 44.06 -20.24 -28.88
CA SER D 226 43.46 -21.45 -29.40
C SER D 226 44.47 -22.59 -29.38
N ARG D 227 45.69 -22.30 -29.83
CA ARG D 227 46.76 -23.30 -29.87
C ARG D 227 47.02 -23.86 -28.47
N LEU D 228 47.11 -22.97 -27.48
CA LEU D 228 47.35 -23.38 -26.10
C LEU D 228 46.25 -24.30 -25.60
N CYS D 229 45.01 -23.95 -25.93
CA CYS D 229 43.85 -24.76 -25.53
C CYS D 229 43.90 -26.14 -26.18
N LYS D 230 44.19 -26.17 -27.49
CA LYS D 230 44.25 -27.41 -28.24
C LYS D 230 45.21 -28.42 -27.64
N GLU D 231 46.43 -27.98 -27.32
CA GLU D 231 47.42 -28.90 -26.76
C GLU D 231 47.03 -29.40 -25.38
N ALA D 232 46.34 -28.57 -24.60
CA ALA D 232 45.91 -28.97 -23.27
C ALA D 232 44.61 -29.77 -23.34
N GLY D 233 44.06 -29.91 -24.54
CA GLY D 233 42.82 -30.64 -24.72
C GLY D 233 41.62 -29.88 -24.19
N VAL D 234 41.78 -28.57 -24.01
CA VAL D 234 40.70 -27.73 -23.51
C VAL D 234 39.82 -27.21 -24.64
N GLN D 235 38.50 -27.36 -24.48
CA GLN D 235 37.56 -26.90 -25.49
C GLN D 235 37.39 -25.39 -25.39
N LEU D 236 37.45 -24.71 -26.53
CA LEU D 236 37.32 -23.26 -26.58
C LEU D 236 35.88 -22.85 -26.92
N TYR D 237 35.15 -22.32 -25.93
CA TYR D 237 33.76 -21.90 -26.12
C TYR D 237 33.60 -20.44 -26.54
N TYR D 238 32.75 -20.22 -27.54
CA TYR D 238 32.53 -18.85 -28.02
C TYR D 238 31.16 -18.27 -27.62
N ASP D 239 31.20 -17.20 -26.82
CA ASP D 239 29.98 -16.50 -26.41
C ASP D 239 29.78 -15.52 -27.56
N GLY D 240 28.70 -15.70 -28.32
CA GLY D 240 28.45 -14.84 -29.46
C GLY D 240 27.79 -13.49 -29.24
N ALA D 241 27.72 -13.04 -27.99
CA ALA D 241 27.09 -11.77 -27.69
C ALA D 241 27.64 -10.62 -28.52
N ASN D 242 28.93 -10.66 -28.83
CA ASN D 242 29.55 -9.61 -29.61
C ASN D 242 29.84 -9.98 -31.06
N LEU D 243 29.04 -10.90 -31.60
CA LEU D 243 29.20 -11.34 -32.98
C LEU D 243 28.94 -10.20 -33.97
N ASN D 244 28.07 -9.26 -33.59
CA ASN D 244 27.71 -8.13 -34.45
C ASN D 244 28.93 -7.34 -34.90
N ALA D 245 29.97 -7.35 -34.09
CA ALA D 245 31.20 -6.62 -34.40
C ALA D 245 31.98 -7.20 -35.58
N ILE D 246 31.88 -8.50 -35.81
CA ILE D 246 32.64 -9.12 -36.88
C ILE D 246 31.90 -9.93 -37.95
N MET D 247 30.56 -9.86 -37.96
CA MET D 247 29.78 -10.60 -38.95
C MET D 247 30.36 -10.47 -40.36
N GLY D 248 30.67 -11.60 -40.98
CA GLY D 248 31.18 -11.59 -42.33
C GLY D 248 32.61 -11.15 -42.55
N TRP D 249 33.30 -10.76 -41.48
CA TRP D 249 34.69 -10.34 -41.60
C TRP D 249 35.61 -11.42 -41.04
N ALA D 250 35.18 -12.01 -39.93
CA ALA D 250 35.93 -13.07 -39.28
C ALA D 250 34.94 -14.07 -38.69
N ARG D 251 35.36 -15.34 -38.63
CA ARG D 251 34.51 -16.38 -38.08
C ARG D 251 35.17 -17.01 -36.86
N PRO D 252 34.41 -17.18 -35.77
CA PRO D 252 35.01 -17.80 -34.58
C PRO D 252 35.60 -19.17 -34.90
N GLY D 253 34.98 -19.87 -35.84
CA GLY D 253 35.47 -21.18 -36.24
C GLY D 253 36.88 -21.14 -36.81
N ASP D 254 37.21 -20.08 -37.54
CA ASP D 254 38.55 -19.95 -38.13
C ASP D 254 39.54 -19.48 -37.06
N MET D 255 39.01 -19.08 -35.91
CA MET D 255 39.84 -18.62 -34.80
C MET D 255 40.22 -19.80 -33.91
N GLY D 256 39.57 -20.95 -34.10
CA GLY D 256 39.88 -22.12 -33.28
C GLY D 256 38.80 -22.50 -32.28
N PHE D 257 37.69 -21.78 -32.28
CA PHE D 257 36.60 -22.09 -31.37
C PHE D 257 35.94 -23.40 -31.76
N ASP D 258 35.67 -24.23 -30.76
CA ASP D 258 35.07 -25.55 -30.97
C ASP D 258 33.55 -25.51 -30.95
N VAL D 259 33.00 -24.70 -30.07
CA VAL D 259 31.57 -24.55 -29.94
C VAL D 259 31.21 -23.07 -29.95
N VAL D 260 30.05 -22.76 -30.50
CA VAL D 260 29.56 -21.38 -30.62
C VAL D 260 28.06 -21.25 -30.35
N HIS D 261 27.67 -20.12 -29.76
CA HIS D 261 26.26 -19.86 -29.54
C HIS D 261 26.03 -18.43 -30.06
N LEU D 262 24.87 -18.20 -30.66
CA LEU D 262 24.52 -16.89 -31.19
C LEU D 262 23.25 -16.36 -30.53
N ASN D 263 23.08 -15.04 -30.54
CA ASN D 263 21.87 -14.44 -29.97
C ASN D 263 21.11 -13.75 -31.11
N LEU D 264 20.08 -14.42 -31.60
CA LEU D 264 19.27 -13.86 -32.69
C LEU D 264 18.55 -12.58 -32.26
N HIS D 265 18.16 -12.51 -30.99
CA HIS D 265 17.47 -11.36 -30.47
C HIS D 265 18.45 -10.22 -30.19
N LYS D 266 19.70 -10.41 -30.58
CA LYS D 266 20.71 -9.38 -30.40
C LYS D 266 21.28 -9.02 -31.78
N THR D 267 22.18 -9.86 -32.26
CA THR D 267 22.82 -9.67 -33.55
C THR D 267 21.89 -9.72 -34.76
N PHE D 268 20.90 -10.60 -34.73
CA PHE D 268 20.01 -10.76 -35.88
C PHE D 268 18.64 -10.12 -35.92
N THR D 269 18.50 -8.99 -35.23
CA THR D 269 17.28 -8.18 -35.19
C THR D 269 16.03 -8.70 -34.49
N VAL D 270 16.03 -9.94 -33.99
CA VAL D 270 14.84 -10.42 -33.29
C VAL D 270 14.59 -9.44 -32.13
N PRO D 271 13.38 -8.91 -32.01
CA PRO D 271 13.03 -7.96 -30.94
C PRO D 271 13.28 -8.43 -29.50
N HIS D 272 13.76 -7.49 -28.68
CA HIS D 272 14.06 -7.80 -27.28
C HIS D 272 12.82 -8.07 -26.42
N GLY D 273 11.68 -7.54 -26.84
CA GLY D 273 10.43 -7.76 -26.14
C GLY D 273 10.40 -7.52 -24.63
N GLY D 274 11.16 -6.52 -24.18
CA GLY D 274 11.20 -6.20 -22.77
C GLY D 274 11.83 -7.26 -21.88
N GLY D 275 12.61 -8.15 -22.48
CA GLY D 275 13.25 -9.20 -21.70
C GLY D 275 13.38 -10.51 -22.46
N GLY D 276 12.48 -10.72 -23.41
CA GLY D 276 12.50 -11.93 -24.22
C GLY D 276 11.22 -12.01 -25.01
N PRO D 277 10.97 -13.15 -25.69
CA PRO D 277 11.83 -14.32 -25.73
C PRO D 277 12.92 -14.16 -26.79
N GLY D 278 13.87 -15.09 -26.81
CA GLY D 278 14.94 -15.00 -27.78
C GLY D 278 15.21 -16.30 -28.54
N SER D 279 16.49 -16.55 -28.84
CA SER D 279 16.90 -17.76 -29.54
C SER D 279 18.41 -17.83 -29.46
N GLY D 280 18.92 -18.97 -28.99
CA GLY D 280 20.35 -19.13 -28.85
C GLY D 280 20.92 -20.33 -29.58
N PRO D 281 20.96 -20.29 -30.92
CA PRO D 281 21.51 -21.41 -31.69
C PRO D 281 22.91 -21.77 -31.23
N VAL D 282 23.27 -23.04 -31.36
CA VAL D 282 24.59 -23.50 -30.98
C VAL D 282 25.25 -24.29 -32.11
N GLY D 283 26.38 -23.79 -32.57
CA GLY D 283 27.11 -24.45 -33.64
C GLY D 283 28.35 -25.12 -33.06
N VAL D 284 28.76 -26.22 -33.66
CA VAL D 284 29.94 -26.94 -33.17
C VAL D 284 30.77 -27.54 -34.28
N LYS D 285 32.03 -27.78 -33.98
CA LYS D 285 32.95 -28.41 -34.94
C LYS D 285 32.54 -29.88 -35.00
N ALA D 286 32.88 -30.54 -36.10
CA ALA D 286 32.54 -31.94 -36.31
C ALA D 286 32.78 -32.91 -35.15
N HIS D 287 33.85 -32.71 -34.39
CA HIS D 287 34.13 -33.64 -33.29
C HIS D 287 33.20 -33.53 -32.09
N LEU D 288 32.42 -32.44 -32.04
CA LEU D 288 31.47 -32.25 -30.94
C LEU D 288 30.05 -32.44 -31.41
N ALA D 289 29.89 -32.59 -32.73
CA ALA D 289 28.58 -32.75 -33.36
C ALA D 289 27.68 -33.86 -32.82
N PRO D 290 28.22 -35.06 -32.60
CA PRO D 290 27.38 -36.16 -32.09
C PRO D 290 26.68 -35.92 -30.75
N TYR D 291 27.20 -34.97 -29.98
CA TYR D 291 26.64 -34.67 -28.66
C TYR D 291 25.53 -33.60 -28.68
N LEU D 292 25.26 -33.04 -29.87
CA LEU D 292 24.23 -32.00 -30.01
C LEU D 292 22.85 -32.45 -29.52
N PRO D 293 22.10 -31.53 -28.91
CA PRO D 293 20.76 -31.91 -28.43
C PRO D 293 19.90 -32.29 -29.63
N VAL D 294 18.90 -33.12 -29.38
CA VAL D 294 18.02 -33.58 -30.44
C VAL D 294 16.73 -32.74 -30.42
N PRO D 295 16.07 -32.56 -31.59
CA PRO D 295 16.41 -33.07 -32.92
C PRO D 295 17.13 -32.03 -33.77
N LEU D 296 17.79 -32.51 -34.81
CA LEU D 296 18.51 -31.65 -35.73
C LEU D 296 17.71 -31.65 -37.02
N VAL D 297 17.81 -30.56 -37.77
CA VAL D 297 17.08 -30.50 -39.03
C VAL D 297 18.07 -30.92 -40.11
N GLU D 298 17.73 -31.98 -40.84
CA GLU D 298 18.59 -32.47 -41.90
C GLU D 298 17.86 -32.40 -43.22
N ARG D 299 18.63 -32.42 -44.30
CA ARG D 299 18.07 -32.39 -45.65
C ARG D 299 18.18 -33.81 -46.20
N GLY D 300 17.04 -34.45 -46.39
CA GLY D 300 17.03 -35.80 -46.91
C GLY D 300 16.57 -35.91 -48.35
N GLU D 301 16.13 -37.11 -48.71
CA GLU D 301 15.67 -37.39 -50.07
C GLU D 301 14.25 -36.87 -50.30
N GLU D 302 13.32 -37.27 -49.44
CA GLU D 302 11.91 -36.84 -49.53
C GLU D 302 11.86 -35.32 -49.33
N GLY D 303 12.69 -34.84 -48.41
CA GLY D 303 12.76 -33.43 -48.11
C GLY D 303 13.48 -33.25 -46.79
N PHE D 304 13.08 -32.26 -46.02
CA PHE D 304 13.72 -32.00 -44.73
C PHE D 304 13.00 -32.79 -43.64
N TYR D 305 13.73 -33.13 -42.59
CA TYR D 305 13.16 -33.89 -41.50
C TYR D 305 13.86 -33.62 -40.18
N LEU D 306 13.18 -33.95 -39.08
CA LEU D 306 13.73 -33.78 -37.75
C LEU D 306 14.48 -35.07 -37.39
N ASP D 307 15.79 -34.96 -37.28
CA ASP D 307 16.62 -36.11 -36.97
C ASP D 307 16.81 -36.36 -35.48
N PHE D 308 16.35 -37.52 -35.02
CA PHE D 308 16.45 -37.90 -33.61
C PHE D 308 17.45 -39.03 -33.42
N ASP D 309 17.87 -39.67 -34.51
CA ASP D 309 18.80 -40.78 -34.40
C ASP D 309 20.23 -40.32 -34.16
N ARG D 310 20.50 -39.96 -32.91
CA ARG D 310 21.82 -39.51 -32.49
C ARG D 310 22.07 -40.08 -31.11
N PRO D 311 22.74 -41.23 -31.04
CA PRO D 311 23.08 -41.96 -29.80
C PRO D 311 23.88 -41.24 -28.72
N LYS D 312 24.78 -40.35 -29.12
CA LYS D 312 25.58 -39.63 -28.13
C LYS D 312 25.01 -38.27 -27.75
N SER D 313 23.80 -37.98 -28.21
CA SER D 313 23.14 -36.70 -27.92
C SER D 313 23.00 -36.43 -26.43
N ILE D 314 23.16 -35.17 -26.04
CA ILE D 314 23.02 -34.80 -24.63
C ILE D 314 21.55 -34.91 -24.23
N GLY D 315 20.67 -34.99 -25.22
CA GLY D 315 19.24 -35.10 -24.93
C GLY D 315 18.44 -33.90 -25.39
N ARG D 316 17.56 -33.41 -24.52
CA ARG D 316 16.70 -32.27 -24.83
C ARG D 316 16.91 -31.11 -23.87
N VAL D 317 17.08 -29.91 -24.41
CA VAL D 317 17.28 -28.72 -23.59
C VAL D 317 16.00 -27.90 -23.43
N ARG D 318 14.99 -28.21 -24.24
CA ARG D 318 13.70 -27.54 -24.17
C ARG D 318 12.68 -28.27 -25.05
N SER D 319 11.41 -27.95 -24.87
CA SER D 319 10.35 -28.60 -25.61
C SER D 319 10.39 -28.27 -27.12
N PHE D 320 9.86 -29.19 -27.92
CA PHE D 320 9.80 -29.02 -29.37
C PHE D 320 11.15 -28.83 -30.09
N TYR D 321 11.21 -27.94 -31.08
CA TYR D 321 12.43 -27.79 -31.85
C TYR D 321 13.17 -26.47 -31.78
N GLY D 322 12.59 -25.48 -31.10
CA GLY D 322 13.23 -24.18 -31.00
C GLY D 322 12.19 -23.10 -31.24
N ASN D 323 12.55 -21.86 -30.93
CA ASN D 323 11.60 -20.77 -31.12
C ASN D 323 11.53 -20.40 -32.60
N PHE D 324 10.88 -21.26 -33.36
CA PHE D 324 10.71 -21.12 -34.79
C PHE D 324 10.38 -19.71 -35.31
N LEU D 325 9.34 -19.07 -34.77
CA LEU D 325 8.96 -17.74 -35.22
C LEU D 325 10.13 -16.74 -35.17
N ALA D 326 11.07 -16.96 -34.25
CA ALA D 326 12.21 -16.07 -34.16
C ALA D 326 13.19 -16.46 -35.27
N LEU D 327 13.25 -17.75 -35.58
CA LEU D 327 14.13 -18.24 -36.64
C LEU D 327 13.71 -17.61 -37.97
N VAL D 328 12.41 -17.39 -38.12
CA VAL D 328 11.88 -16.78 -39.34
C VAL D 328 12.40 -15.34 -39.45
N ARG D 329 12.40 -14.64 -38.32
CA ARG D 329 12.88 -13.26 -38.27
C ARG D 329 14.33 -13.22 -38.81
N ALA D 330 15.19 -14.04 -38.21
CA ALA D 330 16.61 -14.10 -38.57
C ALA D 330 16.87 -14.52 -40.01
N TRP D 331 16.09 -15.48 -40.50
CA TRP D 331 16.22 -15.95 -41.88
C TRP D 331 15.93 -14.77 -42.80
N ALA D 332 14.88 -14.03 -42.47
CA ALA D 332 14.46 -12.88 -43.25
C ALA D 332 15.57 -11.81 -43.31
N TYR D 333 16.19 -11.56 -42.17
CA TYR D 333 17.24 -10.57 -42.06
C TYR D 333 18.43 -10.89 -42.97
N ILE D 334 18.87 -12.14 -42.91
CA ILE D 334 19.99 -12.60 -43.70
C ILE D 334 19.68 -12.60 -45.19
N ARG D 335 18.52 -13.15 -45.56
CA ARG D 335 18.13 -13.18 -46.96
C ARG D 335 17.92 -11.77 -47.49
N THR D 336 17.78 -10.80 -46.59
CA THR D 336 17.60 -9.41 -47.01
C THR D 336 18.96 -8.73 -47.20
N LEU D 337 19.83 -8.80 -46.20
CA LEU D 337 21.14 -8.16 -46.28
C LEU D 337 22.18 -8.90 -47.09
N GLY D 338 22.13 -10.22 -47.08
CA GLY D 338 23.11 -10.99 -47.82
C GLY D 338 24.45 -10.81 -47.12
N LEU D 339 25.51 -11.37 -47.68
CA LEU D 339 26.83 -11.25 -47.07
C LEU D 339 27.32 -9.80 -47.02
N GLU D 340 27.21 -9.11 -48.14
CA GLU D 340 27.66 -7.71 -48.21
C GLU D 340 26.88 -6.85 -47.21
N GLY D 341 25.57 -7.11 -47.11
CA GLY D 341 24.76 -6.35 -46.18
C GLY D 341 25.22 -6.54 -44.74
N LEU D 342 25.49 -7.78 -44.36
CA LEU D 342 25.94 -8.08 -43.00
C LEU D 342 27.32 -7.51 -42.73
N LYS D 343 28.21 -7.54 -43.72
CA LYS D 343 29.55 -7.00 -43.54
C LYS D 343 29.46 -5.50 -43.31
N LYS D 344 28.67 -4.83 -44.14
CA LYS D 344 28.52 -3.39 -44.01
C LYS D 344 27.93 -3.05 -42.63
N ALA D 345 27.03 -3.90 -42.14
CA ALA D 345 26.42 -3.67 -40.84
C ALA D 345 27.46 -3.76 -39.73
N ALA D 346 28.36 -4.71 -39.84
CA ALA D 346 29.41 -4.87 -38.84
C ALA D 346 30.38 -3.71 -38.87
N ALA D 347 30.79 -3.32 -40.07
CA ALA D 347 31.73 -2.21 -40.22
C ALA D 347 31.18 -0.91 -39.65
N LEU D 348 29.92 -0.61 -39.98
CA LEU D 348 29.32 0.60 -39.47
C LEU D 348 29.00 0.48 -38.00
N ALA D 349 28.79 -0.74 -37.53
CA ALA D 349 28.51 -0.93 -36.11
C ALA D 349 29.79 -0.54 -35.39
N VAL D 350 30.92 -0.94 -35.98
CA VAL D 350 32.23 -0.63 -35.43
C VAL D 350 32.55 0.85 -35.57
N LEU D 351 32.26 1.42 -36.74
CA LEU D 351 32.52 2.85 -36.96
C LEU D 351 31.72 3.75 -35.99
N ASN D 352 30.45 3.41 -35.75
CA ASN D 352 29.62 4.20 -34.85
C ASN D 352 30.22 4.15 -33.45
N ALA D 353 30.67 2.96 -33.03
CA ALA D 353 31.27 2.82 -31.72
C ALA D 353 32.56 3.64 -31.59
N ARG D 354 33.47 3.51 -32.56
CA ARG D 354 34.72 4.26 -32.51
C ARG D 354 34.52 5.76 -32.60
N TYR D 355 33.62 6.17 -33.49
CA TYR D 355 33.34 7.59 -33.66
C TYR D 355 32.78 8.18 -32.39
N LEU D 356 31.85 7.47 -31.77
CA LEU D 356 31.24 7.94 -30.53
C LEU D 356 32.26 7.94 -29.41
N LYS D 357 33.19 6.99 -29.46
CA LYS D 357 34.23 6.92 -28.44
C LYS D 357 35.04 8.22 -28.53
N GLU D 358 35.31 8.65 -29.76
CA GLU D 358 36.05 9.88 -29.96
C GLU D 358 35.31 11.09 -29.41
N LEU D 359 34.01 11.15 -29.64
CA LEU D 359 33.22 12.28 -29.17
C LEU D 359 33.18 12.39 -27.64
N LEU D 360 33.00 11.26 -26.96
CA LEU D 360 32.94 11.26 -25.50
C LEU D 360 34.28 11.62 -24.85
N LYS D 361 35.38 11.19 -25.45
CA LYS D 361 36.70 11.51 -24.90
C LYS D 361 36.88 13.02 -25.04
N GLU D 362 36.36 13.57 -26.13
CA GLU D 362 36.46 15.01 -26.36
C GLU D 362 35.66 15.75 -25.28
N LYS D 363 34.63 15.08 -24.75
CA LYS D 363 33.79 15.68 -23.72
C LYS D 363 34.34 15.51 -22.30
N GLY D 364 35.49 14.85 -22.17
CA GLY D 364 36.07 14.67 -20.86
C GLY D 364 35.98 13.26 -20.28
N TYR D 365 35.27 12.36 -20.97
CA TYR D 365 35.16 10.99 -20.48
C TYR D 365 36.42 10.20 -20.76
N ARG D 366 36.67 9.17 -19.94
CA ARG D 366 37.88 8.37 -20.10
C ARG D 366 37.60 6.94 -20.55
N VAL D 367 38.61 6.34 -21.17
CA VAL D 367 38.53 4.97 -21.64
C VAL D 367 39.81 4.25 -21.22
N PRO D 368 39.81 3.65 -20.02
CA PRO D 368 40.96 2.93 -19.47
C PRO D 368 41.63 1.95 -20.43
N TYR D 369 40.81 1.21 -21.17
CA TYR D 369 41.32 0.23 -22.13
C TYR D 369 40.88 0.65 -23.52
N ASP D 370 41.67 1.45 -24.23
CA ASP D 370 41.20 1.83 -25.55
C ASP D 370 42.08 1.62 -26.78
N GLY D 371 42.23 0.36 -27.16
CA GLY D 371 42.96 0.05 -28.36
C GLY D 371 41.92 0.28 -29.43
N PRO D 372 42.07 -0.24 -30.66
CA PRO D 372 41.02 0.02 -31.64
C PRO D 372 39.68 -0.60 -31.23
N SER D 373 38.81 0.24 -30.68
CA SER D 373 37.47 -0.15 -30.22
C SER D 373 36.64 -0.79 -31.35
N MET D 374 35.92 -1.87 -31.04
CA MET D 374 35.12 -2.52 -32.07
C MET D 374 33.65 -2.05 -32.05
N HIS D 375 32.70 -2.96 -31.82
CA HIS D 375 31.28 -2.61 -31.82
C HIS D 375 30.83 -1.86 -30.58
N GLU D 376 31.66 -1.86 -29.55
CA GLU D 376 31.32 -1.16 -28.32
C GLU D 376 32.62 -0.75 -27.65
N PHE D 377 32.50 -0.03 -26.54
CA PHE D 377 33.67 0.42 -25.78
C PHE D 377 33.21 0.75 -24.38
N VAL D 378 34.16 0.82 -23.44
CA VAL D 378 33.82 1.12 -22.06
C VAL D 378 34.49 2.39 -21.57
N ALA D 379 33.69 3.40 -21.26
CA ALA D 379 34.21 4.67 -20.77
C ALA D 379 33.92 4.82 -19.29
N GLN D 380 34.54 5.83 -18.70
CA GLN D 380 34.35 6.15 -17.28
C GLN D 380 34.19 7.66 -17.23
N PRO D 381 33.34 8.16 -16.32
CA PRO D 381 33.18 9.61 -16.23
C PRO D 381 34.39 10.17 -15.50
N PRO D 382 34.63 11.48 -15.62
CA PRO D 382 35.78 12.04 -14.91
C PRO D 382 35.60 11.90 -13.41
N GLU D 383 36.71 11.84 -12.69
CA GLU D 383 36.68 11.71 -11.24
C GLU D 383 35.61 12.60 -10.60
N GLY D 384 34.83 12.04 -9.69
CA GLY D 384 33.80 12.82 -9.02
C GLY D 384 32.37 12.57 -9.48
N PHE D 385 32.20 11.92 -10.63
CA PHE D 385 30.86 11.64 -11.12
C PHE D 385 30.60 10.15 -11.10
N ARG D 386 29.45 9.74 -10.59
CA ARG D 386 29.12 8.33 -10.58
C ARG D 386 28.17 8.02 -11.73
N ALA D 387 28.51 6.97 -12.48
CA ALA D 387 27.73 6.53 -13.63
C ALA D 387 26.24 6.51 -13.36
N LEU D 388 25.85 6.00 -12.19
CA LEU D 388 24.44 5.92 -11.83
C LEU D 388 23.72 7.25 -12.05
N ASP D 389 24.30 8.33 -11.53
CA ASP D 389 23.69 9.64 -11.67
C ASP D 389 23.64 10.17 -13.09
N LEU D 390 24.70 9.94 -13.86
CA LEU D 390 24.73 10.41 -15.22
C LEU D 390 23.64 9.69 -16.00
N ALA D 391 23.49 8.40 -15.70
CA ALA D 391 22.48 7.59 -16.36
C ALA D 391 21.11 8.21 -16.15
N LYS D 392 20.82 8.59 -14.92
CA LYS D 392 19.54 9.19 -14.58
C LYS D 392 19.40 10.58 -15.20
N GLY D 393 20.53 11.26 -15.35
CA GLY D 393 20.50 12.58 -15.95
C GLY D 393 20.15 12.45 -17.42
N LEU D 394 20.68 11.41 -18.05
CA LEU D 394 20.42 11.14 -19.45
C LEU D 394 18.92 10.85 -19.64
N LEU D 395 18.34 10.11 -18.70
CA LEU D 395 16.92 9.79 -18.73
C LEU D 395 16.08 11.07 -18.77
N GLU D 396 16.50 12.04 -17.95
CA GLU D 396 15.81 13.32 -17.87
C GLU D 396 15.88 14.08 -19.19
N LEU D 397 17.00 13.93 -19.89
CA LEU D 397 17.22 14.61 -21.14
C LEU D 397 16.59 13.90 -22.35
N GLY D 398 15.84 12.84 -22.11
CA GLY D 398 15.18 12.13 -23.20
C GLY D 398 16.02 11.05 -23.87
N PHE D 399 17.21 10.79 -23.35
CA PHE D 399 18.07 9.75 -23.91
C PHE D 399 18.00 8.54 -22.98
N HIS D 400 18.55 7.42 -23.41
CA HIS D 400 18.59 6.25 -22.54
C HIS D 400 20.06 5.97 -22.32
N PRO D 401 20.47 5.74 -21.07
CA PRO D 401 21.88 5.47 -20.79
C PRO D 401 22.38 4.18 -21.41
N PRO D 402 23.70 4.05 -21.53
CA PRO D 402 24.25 2.81 -22.11
C PRO D 402 24.17 1.83 -20.95
N THR D 403 24.90 0.72 -21.02
CA THR D 403 24.89 -0.23 -19.92
C THR D 403 25.80 0.36 -18.86
N VAL D 404 25.47 0.19 -17.59
CA VAL D 404 26.30 0.74 -16.51
C VAL D 404 26.78 -0.30 -15.51
N TYR D 405 27.96 -0.08 -14.98
CA TYR D 405 28.58 -0.96 -13.99
C TYR D 405 28.83 -2.37 -14.51
N PHE D 406 29.32 -2.43 -15.74
CA PHE D 406 29.69 -3.68 -16.40
C PHE D 406 30.46 -3.37 -17.67
N PRO D 407 31.55 -4.11 -17.95
CA PRO D 407 32.08 -5.23 -17.16
C PRO D 407 32.51 -4.82 -15.75
N LEU D 408 32.62 -5.82 -14.87
CA LEU D 408 32.97 -5.61 -13.46
C LEU D 408 34.39 -5.10 -13.17
N ILE D 409 35.27 -5.11 -14.18
CA ILE D 409 36.65 -4.67 -13.97
C ILE D 409 36.92 -3.19 -14.20
N VAL D 410 35.87 -2.40 -14.35
CA VAL D 410 36.04 -0.97 -14.54
C VAL D 410 35.05 -0.23 -13.67
N LYS D 411 35.57 0.60 -12.77
CA LYS D 411 34.69 1.36 -11.87
C LYS D 411 33.88 2.39 -12.65
N GLU D 412 32.63 2.58 -12.24
CA GLU D 412 31.74 3.54 -12.88
C GLU D 412 31.68 3.27 -14.38
N ALA D 413 31.72 1.99 -14.75
CA ALA D 413 31.70 1.58 -16.15
C ALA D 413 30.49 2.04 -16.97
N LEU D 414 30.77 2.56 -18.16
CA LEU D 414 29.75 3.02 -19.10
C LEU D 414 30.00 2.21 -20.37
N MET D 415 29.36 1.05 -20.47
CA MET D 415 29.50 0.16 -21.62
C MET D 415 28.56 0.63 -22.72
N VAL D 416 29.13 1.23 -23.76
CA VAL D 416 28.36 1.79 -24.88
C VAL D 416 28.35 1.02 -26.20
N GLU D 417 27.16 0.61 -26.64
CA GLU D 417 27.04 -0.11 -27.92
C GLU D 417 25.91 0.53 -28.70
N PRO D 418 26.25 1.40 -29.66
CA PRO D 418 25.23 2.08 -30.48
C PRO D 418 24.63 1.28 -31.63
N THR D 419 25.35 0.25 -32.10
CA THR D 419 24.91 -0.58 -33.22
C THR D 419 24.96 0.23 -34.52
N GLU D 420 24.90 -0.46 -35.65
CA GLU D 420 24.97 0.19 -36.97
C GLU D 420 23.73 0.95 -37.46
N THR D 421 22.57 0.73 -36.83
CA THR D 421 21.34 1.38 -37.29
C THR D 421 21.13 2.81 -36.78
N GLU D 422 22.00 3.27 -35.90
CA GLU D 422 21.89 4.62 -35.35
C GLU D 422 22.66 5.61 -36.23
N ALA D 423 22.07 6.79 -36.44
CA ALA D 423 22.69 7.81 -37.28
C ALA D 423 23.77 8.65 -36.62
N LYS D 424 24.61 9.23 -37.47
CA LYS D 424 25.71 10.08 -37.03
C LYS D 424 25.21 11.19 -36.10
N GLU D 425 24.20 11.95 -36.55
CA GLU D 425 23.65 13.04 -35.75
C GLU D 425 23.08 12.55 -34.43
N THR D 426 22.70 11.27 -34.36
CA THR D 426 22.16 10.74 -33.12
C THR D 426 23.29 10.51 -32.13
N LEU D 427 24.43 10.03 -32.62
CA LEU D 427 25.60 9.78 -31.78
C LEU D 427 26.09 11.13 -31.21
N GLU D 428 26.08 12.15 -32.05
CA GLU D 428 26.53 13.47 -31.67
C GLU D 428 25.62 14.11 -30.63
N ALA D 429 24.31 13.95 -30.81
CA ALA D 429 23.35 14.50 -29.85
C ALA D 429 23.56 13.80 -28.51
N PHE D 430 23.84 12.51 -28.57
CA PHE D 430 24.07 11.71 -27.37
C PHE D 430 25.32 12.20 -26.66
N ALA D 431 26.40 12.38 -27.41
CA ALA D 431 27.67 12.85 -26.84
C ALA D 431 27.48 14.23 -26.20
N GLU D 432 26.72 15.10 -26.87
CA GLU D 432 26.47 16.43 -26.37
C GLU D 432 25.79 16.34 -25.00
N ALA D 433 24.77 15.51 -24.91
CA ALA D 433 24.03 15.32 -23.67
C ALA D 433 24.96 14.81 -22.56
N MET D 434 25.87 13.92 -22.91
CA MET D 434 26.82 13.37 -21.94
C MET D 434 27.78 14.46 -21.48
N GLY D 435 28.17 15.32 -22.41
CA GLY D 435 29.08 16.40 -22.06
C GLY D 435 28.37 17.42 -21.20
N ALA D 436 27.11 17.70 -21.50
CA ALA D 436 26.34 18.69 -20.73
C ALA D 436 26.12 18.29 -19.28
N LEU D 437 25.87 17.00 -19.05
CA LEU D 437 25.62 16.51 -17.71
C LEU D 437 26.77 16.77 -16.75
N LEU D 438 27.99 16.81 -17.29
CA LEU D 438 29.16 17.07 -16.46
C LEU D 438 29.16 18.52 -15.97
N LYS D 439 28.48 19.39 -16.71
CA LYS D 439 28.41 20.78 -16.34
C LYS D 439 27.18 21.06 -15.47
N LYS D 440 26.56 20.00 -14.98
CA LYS D 440 25.39 20.11 -14.12
C LYS D 440 25.84 19.84 -12.67
N PRO D 441 25.29 20.60 -11.70
CA PRO D 441 25.66 20.40 -10.29
C PRO D 441 25.36 19.01 -9.73
N LYS D 442 26.26 18.52 -8.89
CA LYS D 442 26.12 17.20 -8.27
C LYS D 442 24.73 16.92 -7.72
N GLU D 443 24.14 17.91 -7.05
CA GLU D 443 22.81 17.74 -6.47
C GLU D 443 21.73 17.51 -7.53
N TRP D 444 21.87 18.18 -8.67
CA TRP D 444 20.91 18.03 -9.75
C TRP D 444 20.98 16.60 -10.29
N LEU D 445 22.19 16.11 -10.46
CA LEU D 445 22.43 14.76 -10.97
C LEU D 445 21.91 13.70 -10.00
N GLU D 446 22.20 13.92 -8.71
CA GLU D 446 21.80 12.97 -7.67
C GLU D 446 20.30 12.85 -7.47
N ASN D 447 19.55 13.84 -7.94
CA ASN D 447 18.10 13.83 -7.79
C ASN D 447 17.35 13.61 -9.11
N ALA D 448 18.10 13.30 -10.17
CA ALA D 448 17.49 13.04 -11.47
C ALA D 448 17.02 11.58 -11.49
N PRO D 449 15.99 11.26 -12.29
CA PRO D 449 15.21 12.13 -13.19
C PRO D 449 14.16 12.96 -12.44
N TYR D 450 13.52 13.86 -13.18
CA TYR D 450 12.50 14.74 -12.62
C TYR D 450 11.19 14.70 -13.40
N SER D 451 11.27 14.46 -14.71
CA SER D 451 10.10 14.47 -15.57
C SER D 451 9.55 13.12 -16.02
N THR D 452 10.33 12.07 -15.83
CA THR D 452 9.90 10.74 -16.23
C THR D 452 8.62 10.37 -15.47
N PRO D 453 7.80 9.46 -16.02
CA PRO D 453 6.55 9.06 -15.34
C PRO D 453 6.71 8.72 -13.86
N VAL D 454 7.93 8.34 -13.48
CA VAL D 454 8.23 8.03 -12.10
C VAL D 454 9.68 8.47 -11.85
N ARG D 455 10.00 8.86 -10.63
CA ARG D 455 11.36 9.27 -10.33
C ARG D 455 12.08 8.09 -9.67
N ARG D 456 13.31 8.29 -9.21
CA ARG D 456 14.05 7.18 -8.59
C ARG D 456 13.15 6.44 -7.61
N LEU D 457 13.21 5.12 -7.68
CA LEU D 457 12.41 4.25 -6.84
C LEU D 457 13.15 3.79 -5.61
N ASP D 458 12.40 3.50 -4.54
CA ASP D 458 13.00 3.04 -3.30
C ASP D 458 13.43 1.60 -3.49
N GLU D 459 14.66 1.41 -3.94
CA GLU D 459 15.21 0.09 -4.19
C GLU D 459 15.31 -0.71 -2.88
N LEU D 460 15.51 0.01 -1.78
CA LEU D 460 15.65 -0.59 -0.47
C LEU D 460 14.36 -1.24 0.01
N ARG D 461 13.27 -0.49 -0.03
CA ARG D 461 11.98 -1.00 0.40
C ARG D 461 11.56 -2.22 -0.40
N ALA D 462 11.88 -2.21 -1.69
CA ALA D 462 11.52 -3.31 -2.57
C ALA D 462 12.28 -4.59 -2.24
N ASN D 463 13.42 -4.46 -1.57
CA ASN D 463 14.23 -5.63 -1.20
C ASN D 463 13.99 -6.09 0.24
N LYS D 464 13.53 -5.19 1.10
CA LYS D 464 13.27 -5.56 2.50
C LYS D 464 11.82 -5.98 2.71
N HIS D 465 10.90 -5.30 2.02
CA HIS D 465 9.47 -5.60 2.11
C HIS D 465 8.95 -5.78 0.70
N PRO D 466 9.40 -6.83 0.01
CA PRO D 466 8.93 -7.05 -1.36
C PRO D 466 7.45 -7.40 -1.47
N LYS D 467 6.75 -6.64 -2.31
CA LYS D 467 5.33 -6.89 -2.57
C LYS D 467 5.41 -7.42 -3.98
N LEU D 468 5.31 -8.73 -4.12
CA LEU D 468 5.45 -9.38 -5.41
C LEU D 468 4.20 -9.59 -6.27
N THR D 469 3.02 -9.40 -5.68
CA THR D 469 1.78 -9.51 -6.47
C THR D 469 0.79 -8.52 -5.92
N TYR D 470 -0.28 -8.28 -6.67
CA TYR D 470 -1.30 -7.34 -6.24
C TYR D 470 -1.93 -7.79 -4.92
N PHE D 471 -2.09 -9.10 -4.77
CA PHE D 471 -2.69 -9.67 -3.57
C PHE D 471 -1.70 -9.93 -2.44
N ASP D 472 -0.42 -9.80 -2.75
CA ASP D 472 0.63 -10.01 -1.77
C ASP D 472 0.28 -11.10 -0.75
N GLU D 473 0.09 -12.33 -1.24
CA GLU D 473 -0.23 -13.47 -0.39
C GLU D 473 1.05 -14.05 0.20
N GLY D 474 0.97 -14.57 1.42
CA GLY D 474 2.13 -15.15 2.06
C GLY D 474 2.85 -14.20 3.01
N MET E 1 -1.99 24.12 49.10
CA MET E 1 -2.52 23.15 48.10
C MET E 1 -2.54 23.71 46.67
N ASP E 2 -1.37 23.76 46.03
CA ASP E 2 -1.27 24.24 44.65
C ASP E 2 -0.02 23.67 43.95
N TYR E 3 0.10 23.88 42.65
CA TYR E 3 1.19 23.32 41.87
C TYR E 3 2.19 24.37 41.36
N THR E 4 2.11 25.55 41.92
CA THR E 4 2.97 26.65 41.57
C THR E 4 4.36 26.44 42.22
N PRO E 5 5.44 26.57 41.43
CA PRO E 5 6.81 26.39 41.94
C PRO E 5 7.46 27.63 42.55
N HIS E 6 6.91 28.79 42.20
CA HIS E 6 7.45 30.07 42.66
C HIS E 6 7.65 30.28 44.16
N THR E 7 8.86 30.68 44.54
CA THR E 7 9.16 30.97 45.94
C THR E 7 8.98 32.48 46.08
N GLU E 8 8.81 32.94 47.32
CA GLU E 8 8.62 34.35 47.60
C GLU E 8 9.75 35.19 47.00
N GLU E 9 10.97 34.71 47.12
CA GLU E 9 12.13 35.43 46.61
C GLU E 9 12.09 35.51 45.09
N GLU E 10 11.70 34.42 44.44
CA GLU E 10 11.64 34.38 42.99
C GLU E 10 10.58 35.36 42.49
N ILE E 11 9.44 35.38 43.17
CA ILE E 11 8.36 36.27 42.78
C ILE E 11 8.77 37.74 42.89
N ARG E 12 9.41 38.10 43.99
CA ARG E 12 9.85 39.47 44.19
C ARG E 12 10.77 39.88 43.05
N GLU E 13 11.73 39.03 42.75
CA GLU E 13 12.70 39.28 41.69
C GLU E 13 12.00 39.43 40.33
N MET E 14 11.11 38.50 40.03
CA MET E 14 10.39 38.54 38.76
C MET E 14 9.48 39.76 38.64
N LEU E 15 8.85 40.16 39.75
CA LEU E 15 7.96 41.33 39.76
C LEU E 15 8.74 42.59 39.43
N ARG E 16 9.97 42.68 39.93
CA ARG E 16 10.81 43.83 39.67
C ARG E 16 11.17 43.93 38.21
N ARG E 17 11.55 42.81 37.61
CA ARG E 17 11.94 42.78 36.21
C ARG E 17 10.83 43.19 35.24
N VAL E 18 9.57 42.94 35.59
CA VAL E 18 8.46 43.29 34.70
C VAL E 18 7.81 44.64 35.04
N GLY E 19 8.29 45.27 36.11
CA GLY E 19 7.77 46.56 36.49
C GLY E 19 6.50 46.54 37.31
N ALA E 20 6.27 45.45 38.03
CA ALA E 20 5.07 45.34 38.86
C ALA E 20 5.45 45.39 40.34
N ALA E 21 4.65 46.11 41.12
CA ALA E 21 4.89 46.24 42.55
C ALA E 21 4.40 45.03 43.36
N SER E 22 3.47 44.28 42.79
CA SER E 22 2.92 43.11 43.45
C SER E 22 2.11 42.29 42.45
N LEU E 23 1.67 41.11 42.88
CA LEU E 23 0.87 40.25 42.02
C LEU E 23 -0.40 40.99 41.58
N GLU E 24 -1.06 41.62 42.55
CA GLU E 24 -2.29 42.34 42.27
C GLU E 24 -2.04 43.49 41.31
N ASP E 25 -0.81 43.98 41.31
CA ASP E 25 -0.43 45.09 40.44
C ASP E 25 -0.38 44.65 38.97
N LEU E 26 -0.42 43.34 38.75
CA LEU E 26 -0.38 42.81 37.40
C LEU E 26 -1.73 43.04 36.72
N PHE E 27 -2.77 43.21 37.52
CA PHE E 27 -4.11 43.43 37.00
C PHE E 27 -4.59 44.87 37.18
N ALA E 28 -3.67 45.75 37.54
CA ALA E 28 -3.98 47.16 37.78
C ALA E 28 -4.68 47.90 36.62
N HIS E 29 -4.40 47.48 35.39
CA HIS E 29 -4.99 48.13 34.22
C HIS E 29 -6.40 47.66 33.89
N LEU E 30 -6.90 46.65 34.60
CA LEU E 30 -8.26 46.19 34.35
C LEU E 30 -9.19 47.23 34.97
N PRO E 31 -10.44 47.33 34.47
CA PRO E 31 -11.35 48.31 35.06
C PRO E 31 -11.65 47.99 36.53
N LYS E 32 -11.50 49.00 37.39
CA LYS E 32 -11.71 48.84 38.84
C LYS E 32 -13.08 48.26 39.20
N GLU E 33 -14.06 48.44 38.32
CA GLU E 33 -15.41 47.95 38.56
C GLU E 33 -15.51 46.43 38.69
N ILE E 34 -14.63 45.71 37.99
CA ILE E 34 -14.67 44.25 38.01
C ILE E 34 -13.58 43.53 38.81
N LEU E 35 -12.67 44.25 39.42
CA LEU E 35 -11.63 43.58 40.20
C LEU E 35 -12.18 43.08 41.54
N SER E 36 -11.57 42.03 42.06
CA SER E 36 -11.97 41.45 43.34
C SER E 36 -13.43 40.99 43.44
N PRO E 37 -13.91 40.19 42.49
CA PRO E 37 -15.31 39.76 42.63
C PRO E 37 -15.43 38.77 43.80
N PRO E 38 -16.61 38.70 44.41
CA PRO E 38 -16.86 37.80 45.54
C PRO E 38 -17.23 36.39 45.07
N ILE E 39 -16.21 35.64 44.65
CA ILE E 39 -16.40 34.28 44.16
C ILE E 39 -16.51 33.32 45.36
N ASP E 40 -17.52 32.46 45.33
CA ASP E 40 -17.75 31.49 46.40
C ASP E 40 -17.29 30.09 46.05
N LEU E 41 -16.20 29.65 46.66
CA LEU E 41 -15.67 28.32 46.42
C LEU E 41 -15.26 27.72 47.77
N PRO E 42 -15.41 26.39 47.92
CA PRO E 42 -15.01 25.81 49.20
C PRO E 42 -13.53 25.99 49.49
N GLU E 43 -13.17 26.01 50.77
CA GLU E 43 -11.78 26.19 51.18
C GLU E 43 -10.89 25.07 50.63
N PRO E 44 -9.69 25.42 50.19
CA PRO E 44 -8.77 24.40 49.64
C PRO E 44 -8.53 23.20 50.56
N LEU E 45 -8.32 22.04 49.94
CA LEU E 45 -8.07 20.81 50.70
C LEU E 45 -6.82 20.11 50.20
N PRO E 46 -6.08 19.47 51.12
CA PRO E 46 -4.87 18.74 50.71
C PRO E 46 -5.29 17.55 49.85
N GLU E 47 -4.41 17.13 48.94
CA GLU E 47 -4.73 16.02 48.05
C GLU E 47 -5.36 14.78 48.67
N TRP E 48 -4.96 14.39 49.89
CA TRP E 48 -5.55 13.20 50.49
C TRP E 48 -7.00 13.42 50.91
N LYS E 49 -7.36 14.66 51.23
CA LYS E 49 -8.73 14.97 51.63
C LYS E 49 -9.62 15.08 50.39
N VAL E 50 -9.04 15.56 49.29
CA VAL E 50 -9.77 15.66 48.03
C VAL E 50 -10.18 14.24 47.66
N LEU E 51 -9.23 13.31 47.77
CA LEU E 51 -9.47 11.91 47.48
C LEU E 51 -10.52 11.33 48.40
N GLU E 52 -10.43 11.69 49.68
CA GLU E 52 -11.40 11.20 50.64
C GLU E 52 -12.80 11.65 50.26
N GLU E 53 -12.93 12.89 49.82
CA GLU E 53 -14.22 13.42 49.41
C GLU E 53 -14.72 12.69 48.15
N LEU E 54 -13.79 12.43 47.23
CA LEU E 54 -14.15 11.72 46.01
C LEU E 54 -14.66 10.33 46.39
N ARG E 55 -13.92 9.67 47.27
CA ARG E 55 -14.26 8.33 47.74
C ARG E 55 -15.64 8.30 48.38
N ARG E 56 -15.97 9.34 49.14
CA ARG E 56 -17.28 9.41 49.79
C ARG E 56 -18.38 9.55 48.76
N LEU E 57 -18.13 10.32 47.71
CA LEU E 57 -19.11 10.49 46.64
C LEU E 57 -19.30 9.16 45.90
N ALA E 58 -18.18 8.50 45.58
CA ALA E 58 -18.24 7.22 44.88
C ALA E 58 -19.00 6.16 45.68
N ALA E 59 -18.86 6.22 47.00
CA ALA E 59 -19.51 5.28 47.91
C ALA E 59 -21.03 5.41 47.89
N GLN E 60 -21.53 6.52 47.36
CA GLN E 60 -22.96 6.73 47.28
C GLN E 60 -23.52 6.03 46.04
N ASN E 61 -22.63 5.61 45.14
CA ASN E 61 -23.05 4.96 43.92
C ASN E 61 -23.02 3.43 44.00
N LEU E 62 -23.75 2.80 43.09
CA LEU E 62 -23.79 1.35 42.98
C LEU E 62 -23.06 1.07 41.66
N PRO E 63 -21.80 0.65 41.73
CA PRO E 63 -21.02 0.36 40.52
C PRO E 63 -21.74 -0.49 39.47
N ALA E 64 -21.56 -0.12 38.21
CA ALA E 64 -22.20 -0.79 37.09
C ALA E 64 -21.35 -1.92 36.49
N HIS E 65 -20.36 -2.38 37.25
CA HIS E 65 -19.51 -3.46 36.79
C HIS E 65 -20.43 -4.66 36.59
N LYS E 66 -20.40 -5.25 35.39
CA LYS E 66 -21.24 -6.40 35.04
C LYS E 66 -22.73 -6.08 34.97
N ALA E 67 -23.04 -4.83 34.60
CA ALA E 67 -24.42 -4.40 34.47
C ALA E 67 -25.03 -5.01 33.20
N PHE E 68 -26.36 -5.07 33.15
CA PHE E 68 -27.04 -5.61 31.99
C PHE E 68 -27.71 -4.46 31.26
N LEU E 69 -27.26 -3.25 31.58
CA LEU E 69 -27.82 -2.05 30.96
C LEU E 69 -27.20 -1.89 29.59
N GLY E 70 -28.01 -1.45 28.63
CA GLY E 70 -27.51 -1.25 27.28
C GLY E 70 -27.89 0.11 26.75
N GLY E 71 -28.06 0.21 25.44
CA GLY E 71 -28.44 1.48 24.84
C GLY E 71 -27.27 2.33 24.39
N GLY E 72 -26.22 1.69 23.88
CA GLY E 72 -25.06 2.45 23.42
C GLY E 72 -23.81 2.18 24.23
N VAL E 73 -23.96 2.04 25.55
CA VAL E 73 -22.83 1.77 26.43
C VAL E 73 -23.03 0.44 27.15
N ARG E 74 -21.98 -0.36 27.25
CA ARG E 74 -22.08 -1.65 27.92
C ARG E 74 -20.87 -1.90 28.81
N SER E 75 -21.07 -2.72 29.82
CA SER E 75 -20.00 -3.05 30.76
C SER E 75 -19.07 -4.12 30.20
N HIS E 76 -18.16 -3.72 29.32
CA HIS E 76 -17.20 -4.67 28.75
C HIS E 76 -15.94 -4.71 29.61
N HIS E 77 -15.06 -5.65 29.32
CA HIS E 77 -13.83 -5.78 30.07
C HIS E 77 -12.83 -4.70 29.68
N VAL E 78 -12.35 -3.94 30.65
CA VAL E 78 -11.37 -2.89 30.42
C VAL E 78 -10.01 -3.50 30.76
N PRO E 79 -9.28 -3.99 29.76
CA PRO E 79 -7.96 -4.59 29.99
C PRO E 79 -6.91 -3.70 30.64
N PRO E 80 -6.34 -4.16 31.77
CA PRO E 80 -5.32 -3.36 32.43
C PRO E 80 -4.14 -2.96 31.54
N VAL E 81 -3.76 -3.83 30.61
CA VAL E 81 -2.64 -3.51 29.72
C VAL E 81 -2.91 -2.27 28.87
N VAL E 82 -4.11 -2.16 28.33
CA VAL E 82 -4.46 -0.99 27.52
C VAL E 82 -4.37 0.26 28.36
N GLN E 83 -4.98 0.21 29.55
CA GLN E 83 -4.98 1.34 30.46
C GLN E 83 -3.59 1.73 30.94
N ALA E 84 -2.71 0.76 31.14
CA ALA E 84 -1.35 1.09 31.58
C ALA E 84 -0.56 1.80 30.46
N LEU E 85 -0.78 1.36 29.23
CA LEU E 85 -0.08 1.95 28.09
C LEU E 85 -0.56 3.36 27.81
N ALA E 86 -1.87 3.58 27.89
CA ALA E 86 -2.42 4.90 27.64
C ALA E 86 -2.20 5.81 28.85
N ALA E 87 -1.64 5.28 29.93
CA ALA E 87 -1.36 6.08 31.13
C ALA E 87 0.04 6.70 31.07
N ARG E 88 0.86 6.21 30.14
CA ARG E 88 2.22 6.73 29.96
C ARG E 88 2.04 8.24 29.78
N GLY E 89 2.84 9.01 30.50
CA GLY E 89 2.73 10.46 30.43
C GLY E 89 2.85 11.14 29.07
N GLU E 90 3.69 10.61 28.20
CA GLU E 90 3.88 11.19 26.88
C GLU E 90 2.59 11.17 26.07
N PHE E 91 1.79 10.10 26.18
CA PHE E 91 0.52 10.02 25.47
C PHE E 91 -0.54 10.88 26.16
N LEU E 92 -0.51 10.83 27.49
CA LEU E 92 -1.48 11.58 28.29
C LEU E 92 -1.33 13.10 28.25
N THR E 93 -0.09 13.59 28.36
CA THR E 93 0.13 15.02 28.40
C THR E 93 0.60 15.72 27.12
N ALA E 94 0.69 14.99 26.02
CA ALA E 94 1.08 15.62 24.76
C ALA E 94 -0.08 16.44 24.22
N TYR E 95 0.22 17.35 23.31
CA TYR E 95 -0.80 18.18 22.69
C TYR E 95 -0.92 17.72 21.23
N THR E 96 -1.83 18.33 20.47
CA THR E 96 -1.98 17.98 19.06
C THR E 96 -0.57 18.08 18.46
N PRO E 97 -0.10 17.00 17.83
CA PRO E 97 1.22 16.93 17.21
C PRO E 97 1.50 17.85 16.04
N TYR E 98 1.83 19.10 16.32
CA TYR E 98 2.13 20.06 15.26
C TYR E 98 3.62 20.10 14.90
N GLN E 99 4.48 19.72 15.83
CA GLN E 99 5.93 19.66 15.56
C GLN E 99 6.20 18.16 15.42
N PRO E 100 5.98 17.62 14.21
CA PRO E 100 6.17 16.20 13.88
C PRO E 100 7.48 15.54 14.27
N GLU E 101 8.58 16.28 14.18
CA GLU E 101 9.88 15.70 14.49
C GLU E 101 9.95 15.11 15.91
N VAL E 102 9.16 15.64 16.82
CA VAL E 102 9.18 15.14 18.19
C VAL E 102 7.85 14.53 18.61
N SER E 103 6.98 14.29 17.63
CA SER E 103 5.65 13.73 17.93
C SER E 103 5.33 12.47 17.13
N GLN E 104 6.36 11.77 16.67
CA GLN E 104 6.15 10.56 15.88
C GLN E 104 5.39 9.49 16.65
N GLY E 105 5.50 9.53 17.99
CA GLY E 105 4.79 8.57 18.79
C GLY E 105 3.29 8.67 18.57
N VAL E 106 2.75 9.87 18.74
CA VAL E 106 1.32 10.13 18.57
C VAL E 106 0.90 10.07 17.10
N LEU E 107 1.71 10.64 16.20
CA LEU E 107 1.36 10.64 14.78
C LEU E 107 1.23 9.21 14.24
N GLN E 108 2.20 8.36 14.56
CA GLN E 108 2.15 6.99 14.08
C GLN E 108 1.02 6.24 14.74
N ALA E 109 0.85 6.42 16.05
CA ALA E 109 -0.22 5.74 16.78
C ALA E 109 -1.56 6.09 16.13
N THR E 110 -1.71 7.34 15.72
CA THR E 110 -2.93 7.81 15.07
C THR E 110 -3.05 7.21 13.68
N PHE E 111 -1.92 7.08 12.98
CA PHE E 111 -1.93 6.50 11.65
C PHE E 111 -2.44 5.06 11.75
N GLU E 112 -1.97 4.34 12.76
CA GLU E 112 -2.38 2.97 12.96
C GLU E 112 -3.86 2.93 13.30
N TYR E 113 -4.29 3.90 14.10
CA TYR E 113 -5.68 4.02 14.49
C TYR E 113 -6.55 4.13 13.23
N GLN E 114 -6.26 5.10 12.38
CA GLN E 114 -7.02 5.30 11.16
C GLN E 114 -7.09 3.98 10.38
N THR E 115 -5.94 3.31 10.26
CA THR E 115 -5.88 2.05 9.56
C THR E 115 -6.85 1.03 10.16
N MET E 116 -6.76 0.86 11.48
CA MET E 116 -7.63 -0.10 12.14
C MET E 116 -9.10 0.22 11.97
N ILE E 117 -9.47 1.50 12.07
CA ILE E 117 -10.86 1.90 11.91
C ILE E 117 -11.36 1.63 10.50
N ALA E 118 -10.59 2.08 9.51
CA ALA E 118 -10.96 1.87 8.11
C ALA E 118 -11.17 0.37 7.85
N GLU E 119 -10.25 -0.45 8.36
CA GLU E 119 -10.34 -1.89 8.18
C GLU E 119 -11.60 -2.47 8.83
N LEU E 120 -11.90 -1.97 10.03
CA LEU E 120 -13.06 -2.43 10.77
C LEU E 120 -14.37 -2.12 10.04
N ALA E 121 -14.46 -0.91 9.50
CA ALA E 121 -15.67 -0.49 8.79
C ALA E 121 -15.75 -1.02 7.36
N GLY E 122 -14.66 -1.60 6.87
CA GLY E 122 -14.64 -2.11 5.52
C GLY E 122 -14.55 -0.95 4.55
N LEU E 123 -13.95 0.14 5.01
CA LEU E 123 -13.78 1.33 4.19
C LEU E 123 -12.30 1.64 3.95
N GLU E 124 -12.04 2.74 3.25
CA GLU E 124 -10.67 3.08 2.90
C GLU E 124 -9.90 4.01 3.83
N ILE E 125 -10.53 5.09 4.27
CA ILE E 125 -9.86 6.03 5.15
C ILE E 125 -10.71 6.41 6.35
N ALA E 126 -10.08 7.08 7.31
CA ALA E 126 -10.76 7.52 8.53
C ALA E 126 -10.00 8.72 9.12
N ASN E 127 -10.70 9.59 9.84
CA ASN E 127 -10.02 10.72 10.45
C ASN E 127 -9.45 10.31 11.81
N ALA E 128 -8.73 11.24 12.45
CA ALA E 128 -8.07 10.95 13.72
C ALA E 128 -8.98 10.75 14.94
N SER E 129 -10.29 10.96 14.75
CA SER E 129 -11.34 10.78 15.77
C SER E 129 -12.36 11.93 15.85
N MET E 130 -13.54 11.60 16.33
CA MET E 130 -14.65 12.54 16.53
C MET E 130 -14.93 12.48 18.04
N TYR E 131 -15.72 13.43 18.56
CA TYR E 131 -16.03 13.47 20.00
C TYR E 131 -16.69 12.19 20.53
N ASP E 132 -17.72 11.75 19.83
CA ASP E 132 -18.47 10.56 20.21
C ASP E 132 -19.25 10.08 18.99
N GLY E 133 -20.00 9.00 19.17
CA GLY E 133 -20.79 8.45 18.08
C GLY E 133 -21.83 9.39 17.52
N ALA E 134 -22.56 10.06 18.41
CA ALA E 134 -23.60 10.99 17.98
C ALA E 134 -23.03 12.10 17.09
N THR E 135 -21.96 12.77 17.52
CA THR E 135 -21.37 13.84 16.72
C THR E 135 -20.66 13.30 15.48
N ALA E 136 -20.21 12.05 15.53
CA ALA E 136 -19.54 11.47 14.37
C ALA E 136 -20.60 11.30 13.27
N LEU E 137 -21.82 10.92 13.68
CA LEU E 137 -22.92 10.73 12.73
C LEU E 137 -23.32 12.04 12.05
N ALA E 138 -23.46 13.10 12.85
CA ALA E 138 -23.84 14.40 12.33
C ALA E 138 -22.77 14.85 11.33
N GLU E 139 -21.51 14.77 11.75
CA GLU E 139 -20.42 15.16 10.87
C GLU E 139 -20.43 14.31 9.60
N GLY E 140 -20.67 13.01 9.78
CA GLY E 140 -20.72 12.09 8.65
C GLY E 140 -21.81 12.40 7.65
N VAL E 141 -22.99 12.77 8.14
CA VAL E 141 -24.13 13.11 7.28
C VAL E 141 -23.88 14.45 6.60
N LEU E 142 -23.37 15.41 7.36
CA LEU E 142 -23.07 16.74 6.81
C LEU E 142 -22.06 16.59 5.67
N LEU E 143 -21.14 15.64 5.83
CA LEU E 143 -20.13 15.38 4.81
C LEU E 143 -20.87 14.90 3.54
N ALA E 144 -21.83 14.00 3.72
CA ALA E 144 -22.61 13.47 2.60
C ALA E 144 -23.35 14.60 1.90
N LEU E 145 -23.99 15.46 2.67
CA LEU E 145 -24.70 16.58 2.08
C LEU E 145 -23.76 17.50 1.30
N ARG E 146 -22.57 17.76 1.83
CA ARG E 146 -21.62 18.63 1.13
C ARG E 146 -21.19 17.96 -0.17
N GLU E 147 -20.93 16.66 -0.11
CA GLU E 147 -20.51 15.89 -1.28
C GLU E 147 -21.58 15.86 -2.35
N THR E 148 -22.80 15.45 -1.98
CA THR E 148 -23.88 15.36 -2.96
C THR E 148 -24.49 16.71 -3.30
N GLY E 149 -24.25 17.71 -2.45
CA GLY E 149 -24.80 19.02 -2.69
C GLY E 149 -26.28 19.10 -2.41
N ARG E 150 -26.82 18.07 -1.77
CA ARG E 150 -28.26 18.02 -1.45
C ARG E 150 -28.54 18.42 0.00
N MET E 151 -29.81 18.62 0.33
CA MET E 151 -30.20 19.03 1.67
C MET E 151 -31.08 18.04 2.43
N GLY E 152 -31.51 16.98 1.75
CA GLY E 152 -32.38 16.00 2.40
C GLY E 152 -31.70 14.82 3.07
N VAL E 153 -32.32 14.32 4.13
CA VAL E 153 -31.78 13.19 4.86
C VAL E 153 -32.87 12.23 5.32
N LEU E 154 -32.61 10.94 5.18
CA LEU E 154 -33.55 9.94 5.64
C LEU E 154 -32.85 9.15 6.72
N VAL E 155 -33.39 9.18 7.93
CA VAL E 155 -32.78 8.46 9.05
C VAL E 155 -33.74 7.44 9.64
N SER E 156 -33.26 6.21 9.79
CA SER E 156 -34.06 5.13 10.36
C SER E 156 -34.30 5.35 11.85
N GLN E 157 -35.55 5.18 12.28
CA GLN E 157 -35.87 5.34 13.68
C GLN E 157 -35.03 4.33 14.48
N GLY E 158 -34.47 3.35 13.78
CA GLY E 158 -33.62 2.35 14.41
C GLY E 158 -32.32 2.94 14.96
N VAL E 159 -31.99 4.16 14.52
CA VAL E 159 -30.79 4.84 15.00
C VAL E 159 -31.09 5.36 16.42
N HIS E 160 -30.15 5.12 17.34
CA HIS E 160 -30.28 5.55 18.73
C HIS E 160 -30.95 6.92 18.81
N PRO E 161 -32.04 7.04 19.59
CA PRO E 161 -32.76 8.31 19.74
C PRO E 161 -31.90 9.54 20.03
N GLU E 162 -30.87 9.37 20.86
CA GLU E 162 -29.99 10.49 21.18
C GLU E 162 -29.18 10.90 19.96
N TYR E 163 -28.76 9.91 19.17
CA TYR E 163 -28.01 10.19 17.95
C TYR E 163 -28.88 10.97 16.97
N ARG E 164 -30.15 10.59 16.86
CA ARG E 164 -31.05 11.28 15.93
C ARG E 164 -31.34 12.71 16.37
N ALA E 165 -31.42 12.93 17.68
CA ALA E 165 -31.68 14.27 18.21
C ALA E 165 -30.44 15.13 17.93
N VAL E 166 -29.25 14.56 18.15
CA VAL E 166 -28.02 15.30 17.92
C VAL E 166 -27.91 15.62 16.44
N LEU E 167 -28.29 14.66 15.60
CA LEU E 167 -28.25 14.85 14.16
C LEU E 167 -29.18 15.98 13.75
N ARG E 168 -30.36 16.02 14.36
CA ARG E 168 -31.33 17.06 14.02
C ARG E 168 -30.83 18.47 14.35
N ALA E 169 -30.14 18.64 15.48
CA ALA E 169 -29.62 19.96 15.85
C ALA E 169 -28.59 20.45 14.82
N TYR E 170 -27.66 19.58 14.44
CA TYR E 170 -26.63 19.89 13.46
C TYR E 170 -27.23 20.13 12.08
N LEU E 171 -28.22 19.33 11.73
CA LEU E 171 -28.89 19.42 10.43
C LEU E 171 -29.72 20.69 10.31
N GLU E 172 -30.58 20.94 11.29
CA GLU E 172 -31.43 22.12 11.24
C GLU E 172 -30.61 23.41 11.26
N ALA E 173 -29.45 23.36 11.90
CA ALA E 173 -28.58 24.53 11.99
C ALA E 173 -28.15 25.05 10.61
N VAL E 174 -27.82 24.13 9.71
CA VAL E 174 -27.39 24.51 8.38
C VAL E 174 -28.51 24.54 7.35
N GLY E 175 -29.75 24.39 7.80
CA GLY E 175 -30.89 24.43 6.91
C GLY E 175 -31.31 23.13 6.23
N ALA E 176 -30.74 22.01 6.67
CA ALA E 176 -31.07 20.71 6.08
C ALA E 176 -32.38 20.15 6.64
N LYS E 177 -33.00 19.24 5.89
CA LYS E 177 -34.27 18.64 6.28
C LYS E 177 -34.10 17.16 6.67
N LEU E 178 -34.63 16.79 7.82
CA LEU E 178 -34.54 15.40 8.30
C LEU E 178 -35.90 14.73 8.33
N LEU E 179 -35.95 13.49 7.86
CA LEU E 179 -37.18 12.71 7.86
C LEU E 179 -36.82 11.38 8.51
N THR E 180 -37.69 10.90 9.39
CA THR E 180 -37.44 9.65 10.11
C THR E 180 -38.26 8.48 9.60
N LEU E 181 -37.59 7.35 9.37
CA LEU E 181 -38.28 6.16 8.88
C LEU E 181 -38.63 5.30 10.08
N PRO E 182 -39.90 5.33 10.50
CA PRO E 182 -40.25 4.50 11.65
C PRO E 182 -40.02 3.00 11.44
N LEU E 183 -39.80 2.31 12.55
CA LEU E 183 -39.57 0.88 12.53
C LEU E 183 -40.88 0.11 12.32
N GLU E 184 -40.74 -1.09 11.79
CA GLU E 184 -41.86 -1.98 11.53
C GLU E 184 -41.41 -3.33 12.08
N GLY E 185 -42.03 -3.78 13.16
CA GLY E 185 -41.64 -5.05 13.73
C GLY E 185 -40.20 -5.09 14.20
N GLY E 186 -39.69 -3.97 14.71
CA GLY E 186 -38.32 -3.93 15.20
C GLY E 186 -37.23 -3.59 14.20
N ARG E 187 -37.58 -3.50 12.92
CA ARG E 187 -36.61 -3.15 11.90
C ARG E 187 -37.16 -2.09 10.95
N THR E 188 -36.28 -1.52 10.12
CA THR E 188 -36.68 -0.46 9.22
C THR E 188 -36.93 -0.88 7.78
N PRO E 189 -38.14 -0.62 7.27
CA PRO E 189 -38.50 -0.97 5.89
C PRO E 189 -37.75 -0.11 4.89
N LEU E 190 -37.38 -0.72 3.77
CA LEU E 190 -36.65 -0.02 2.72
C LEU E 190 -37.52 1.12 2.19
N PRO E 191 -37.03 2.36 2.28
CA PRO E 191 -37.80 3.50 1.79
C PRO E 191 -37.53 3.82 0.33
N GLU E 192 -38.37 4.66 -0.25
CA GLU E 192 -38.16 5.09 -1.63
C GLU E 192 -37.29 6.33 -1.45
N VAL E 193 -36.18 6.40 -2.17
CA VAL E 193 -35.29 7.55 -2.00
C VAL E 193 -35.42 8.57 -3.12
N GLY E 194 -35.81 9.78 -2.75
CA GLY E 194 -35.97 10.86 -3.72
C GLY E 194 -34.66 11.51 -4.11
N GLU E 195 -34.71 12.40 -5.10
CA GLU E 195 -33.51 13.08 -5.59
C GLU E 195 -33.00 14.20 -4.71
N GLU E 196 -33.79 14.63 -3.73
CA GLU E 196 -33.35 15.68 -2.84
C GLU E 196 -32.68 15.06 -1.59
N VAL E 197 -32.65 13.73 -1.54
CA VAL E 197 -32.04 13.05 -0.41
C VAL E 197 -30.54 12.89 -0.64
N GLY E 198 -29.75 13.47 0.26
CA GLY E 198 -28.31 13.39 0.15
C GLY E 198 -27.71 12.24 0.95
N ALA E 199 -28.42 11.81 1.99
CA ALA E 199 -27.95 10.71 2.83
C ALA E 199 -29.07 9.86 3.43
N VAL E 200 -28.85 8.55 3.42
CA VAL E 200 -29.79 7.58 3.98
C VAL E 200 -29.01 7.00 5.15
N VAL E 201 -29.58 7.09 6.35
CA VAL E 201 -28.90 6.63 7.57
C VAL E 201 -29.54 5.45 8.27
N VAL E 202 -28.76 4.39 8.47
CA VAL E 202 -29.24 3.17 9.13
C VAL E 202 -28.24 2.70 10.18
N GLN E 203 -28.74 2.21 11.31
CA GLN E 203 -27.87 1.71 12.36
C GLN E 203 -27.96 0.18 12.39
N ASN E 204 -26.81 -0.46 12.58
CA ASN E 204 -26.75 -1.91 12.61
C ASN E 204 -25.63 -2.43 13.52
N PRO E 205 -25.98 -3.11 14.62
CA PRO E 205 -27.35 -3.44 15.08
C PRO E 205 -28.08 -2.15 15.40
N ASN E 206 -29.40 -2.12 15.29
CA ASN E 206 -30.12 -0.89 15.61
C ASN E 206 -30.32 -0.71 17.12
N PHE E 207 -30.96 0.39 17.50
CA PHE E 207 -31.20 0.71 18.89
C PHE E 207 -31.82 -0.43 19.71
N LEU E 208 -32.69 -1.22 19.07
CA LEU E 208 -33.32 -2.33 19.76
C LEU E 208 -32.49 -3.61 19.64
N GLY E 209 -31.30 -3.49 19.06
CA GLY E 209 -30.43 -4.64 18.91
C GLY E 209 -30.71 -5.53 17.71
N ALA E 210 -31.62 -5.13 16.83
CA ALA E 210 -31.96 -5.94 15.66
C ALA E 210 -30.97 -5.77 14.51
N LEU E 211 -30.60 -6.88 13.86
CA LEU E 211 -29.71 -6.81 12.72
C LEU E 211 -30.54 -6.31 11.55
N GLU E 212 -30.01 -5.31 10.85
CA GLU E 212 -30.72 -4.72 9.72
C GLU E 212 -30.15 -5.28 8.42
N ASP E 213 -30.93 -5.20 7.35
CA ASP E 213 -30.50 -5.70 6.05
C ASP E 213 -29.97 -4.49 5.29
N LEU E 214 -28.66 -4.33 5.29
CA LEU E 214 -28.01 -3.17 4.68
C LEU E 214 -27.90 -3.08 3.16
N GLY E 215 -27.65 -4.20 2.51
CA GLY E 215 -27.51 -4.20 1.06
C GLY E 215 -28.54 -3.36 0.33
N PRO E 216 -29.83 -3.72 0.39
CA PRO E 216 -30.86 -2.94 -0.29
C PRO E 216 -30.87 -1.44 -0.01
N PHE E 217 -30.48 -1.04 1.19
CA PHE E 217 -30.44 0.38 1.53
C PHE E 217 -29.39 1.10 0.68
N ALA E 218 -28.25 0.45 0.50
CA ALA E 218 -27.16 1.01 -0.28
C ALA E 218 -27.59 1.14 -1.74
N GLU E 219 -28.25 0.11 -2.25
CA GLU E 219 -28.71 0.13 -3.64
C GLU E 219 -29.70 1.27 -3.83
N ALA E 220 -30.60 1.40 -2.87
CA ALA E 220 -31.64 2.43 -2.92
C ALA E 220 -31.02 3.83 -2.85
N ALA E 221 -29.98 3.98 -2.05
CA ALA E 221 -29.32 5.28 -1.90
C ALA E 221 -28.59 5.68 -3.19
N HIS E 222 -27.79 4.75 -3.69
CA HIS E 222 -27.01 4.99 -4.89
C HIS E 222 -27.91 5.14 -6.11
N GLY E 223 -29.03 4.43 -6.10
CA GLY E 223 -29.95 4.53 -7.22
C GLY E 223 -30.49 5.95 -7.35
N ALA E 224 -30.56 6.66 -6.22
CA ALA E 224 -31.09 8.02 -6.22
C ALA E 224 -30.02 9.11 -6.26
N GLY E 225 -28.75 8.73 -6.16
CA GLY E 225 -27.70 9.73 -6.17
C GLY E 225 -27.34 10.15 -4.74
N ALA E 226 -27.86 9.41 -3.77
CA ALA E 226 -27.57 9.70 -2.36
C ALA E 226 -26.50 8.78 -1.82
N LEU E 227 -25.87 9.19 -0.73
CA LEU E 227 -24.85 8.37 -0.10
C LEU E 227 -25.49 7.60 1.05
N PHE E 228 -24.90 6.46 1.37
CA PHE E 228 -25.40 5.60 2.44
C PHE E 228 -24.49 5.73 3.65
N VAL E 229 -25.06 6.18 4.76
CA VAL E 229 -24.32 6.35 6.01
C VAL E 229 -24.73 5.30 7.03
N ALA E 230 -23.79 4.45 7.41
CA ALA E 230 -24.08 3.41 8.37
C ALA E 230 -23.55 3.72 9.77
N VAL E 231 -24.37 3.44 10.78
CA VAL E 231 -24.00 3.62 12.18
C VAL E 231 -23.76 2.22 12.71
N ALA E 232 -22.55 1.96 13.19
CA ALA E 232 -22.24 0.62 13.68
C ALA E 232 -21.34 0.55 14.92
N ASP E 233 -21.71 -0.32 15.84
CA ASP E 233 -20.93 -0.53 17.05
C ASP E 233 -19.64 -1.22 16.62
N PRO E 234 -18.48 -0.59 16.88
CA PRO E 234 -17.17 -1.15 16.52
C PRO E 234 -16.95 -2.59 16.96
N LEU E 235 -17.47 -2.98 18.13
CA LEU E 235 -17.28 -4.36 18.57
C LEU E 235 -18.01 -5.33 17.65
N SER E 236 -19.21 -4.95 17.21
CA SER E 236 -20.00 -5.81 16.34
C SER E 236 -19.29 -6.13 15.02
N LEU E 237 -18.48 -5.20 14.54
CA LEU E 237 -17.75 -5.36 13.27
C LEU E 237 -16.67 -6.44 13.37
N GLY E 238 -16.50 -7.01 14.56
CA GLY E 238 -15.53 -8.07 14.72
C GLY E 238 -16.09 -9.39 14.18
N VAL E 239 -17.40 -9.46 14.02
CA VAL E 239 -18.02 -10.67 13.52
C VAL E 239 -19.06 -10.43 12.43
N LEU E 240 -19.64 -9.22 12.40
CA LEU E 240 -20.64 -8.88 11.41
C LEU E 240 -20.04 -8.29 10.13
N LYS E 241 -20.71 -8.53 9.01
CA LYS E 241 -20.27 -8.00 7.73
C LYS E 241 -20.30 -6.48 7.86
N PRO E 242 -19.15 -5.81 7.65
CA PRO E 242 -19.05 -4.36 7.75
C PRO E 242 -19.83 -3.57 6.71
N PRO E 243 -20.28 -2.36 7.07
CA PRO E 243 -21.05 -1.50 6.17
C PRO E 243 -20.37 -1.26 4.82
N GLY E 244 -19.05 -1.11 4.85
CA GLY E 244 -18.33 -0.89 3.61
C GLY E 244 -18.60 -2.01 2.62
N ALA E 245 -18.62 -3.25 3.11
CA ALA E 245 -18.87 -4.43 2.28
C ALA E 245 -20.28 -4.45 1.71
N TYR E 246 -21.20 -3.76 2.36
CA TYR E 246 -22.58 -3.68 1.89
C TYR E 246 -22.70 -2.49 0.95
N GLY E 247 -21.58 -1.80 0.74
CA GLY E 247 -21.60 -0.65 -0.14
C GLY E 247 -21.85 0.68 0.56
N ALA E 248 -21.68 0.70 1.89
CA ALA E 248 -21.87 1.94 2.63
C ALA E 248 -20.77 2.90 2.19
N ASP E 249 -21.11 4.19 2.11
CA ASP E 249 -20.15 5.20 1.70
C ASP E 249 -19.43 5.80 2.92
N ILE E 250 -20.15 5.80 4.05
CA ILE E 250 -19.64 6.36 5.29
C ILE E 250 -20.06 5.51 6.49
N ALA E 251 -19.14 5.27 7.41
CA ALA E 251 -19.43 4.49 8.60
C ALA E 251 -18.97 5.26 9.83
N VAL E 252 -19.85 5.35 10.82
CA VAL E 252 -19.55 6.07 12.05
C VAL E 252 -20.02 5.25 13.24
N GLY E 253 -19.51 5.58 14.42
CA GLY E 253 -19.89 4.87 15.63
C GLY E 253 -19.11 5.33 16.84
N ASP E 254 -19.56 4.93 18.02
CA ASP E 254 -18.91 5.30 19.27
C ASP E 254 -17.94 4.19 19.63
N GLY E 255 -16.79 4.53 20.20
CA GLY E 255 -15.81 3.53 20.54
C GLY E 255 -15.83 2.98 21.96
N GLN E 256 -16.87 3.28 22.74
CA GLN E 256 -16.91 2.79 24.11
C GLN E 256 -16.76 1.27 24.21
N SER E 257 -17.36 0.55 23.25
CA SER E 257 -17.29 -0.91 23.28
C SER E 257 -15.88 -1.46 23.06
N LEU E 258 -14.92 -0.61 22.73
CA LEU E 258 -13.55 -1.08 22.53
C LEU E 258 -12.74 -1.03 23.85
N GLY E 259 -13.29 -1.68 24.88
CA GLY E 259 -12.62 -1.76 26.17
C GLY E 259 -12.48 -0.48 26.95
N LEU E 260 -13.30 0.52 26.63
CA LEU E 260 -13.26 1.81 27.31
C LEU E 260 -14.17 1.84 28.54
N PRO E 261 -13.68 2.44 29.64
CA PRO E 261 -14.55 2.49 30.83
C PRO E 261 -15.80 3.31 30.55
N MET E 262 -16.94 2.81 31.03
CA MET E 262 -18.21 3.48 30.83
C MET E 262 -18.18 4.94 31.30
N GLY E 263 -17.55 5.17 32.46
CA GLY E 263 -17.42 6.52 32.99
C GLY E 263 -18.66 7.40 32.94
N PHE E 264 -19.80 6.84 33.31
CA PHE E 264 -21.07 7.57 33.34
C PHE E 264 -21.38 8.36 32.07
N GLY E 265 -20.88 7.90 30.92
CA GLY E 265 -21.19 8.60 29.69
C GLY E 265 -20.05 9.27 28.94
N GLY E 266 -18.85 9.24 29.50
CA GLY E 266 -17.74 9.86 28.81
C GLY E 266 -16.53 10.09 29.67
N PRO E 267 -15.37 10.37 29.06
CA PRO E 267 -15.26 10.45 27.60
C PRO E 267 -14.93 9.14 26.92
N HIS E 268 -15.32 9.03 25.66
CA HIS E 268 -15.06 7.88 24.81
C HIS E 268 -14.57 8.54 23.51
N PHE E 269 -15.05 8.07 22.37
CA PHE E 269 -14.67 8.69 21.11
C PHE E 269 -15.57 8.19 20.00
N GLY E 270 -15.65 8.98 18.94
CA GLY E 270 -16.45 8.59 17.81
C GLY E 270 -15.50 8.36 16.65
N PHE E 271 -15.92 7.60 15.65
CA PHE E 271 -15.07 7.37 14.51
C PHE E 271 -15.83 7.70 13.25
N LEU E 272 -15.10 8.09 12.22
CA LEU E 272 -15.70 8.40 10.95
C LEU E 272 -14.79 7.81 9.90
N ALA E 273 -15.35 6.92 9.09
CA ALA E 273 -14.61 6.27 8.03
C ALA E 273 -15.39 6.46 6.74
N THR E 274 -14.67 6.55 5.63
CA THR E 274 -15.33 6.74 4.36
C THR E 274 -14.41 6.34 3.19
N LYS E 275 -14.80 6.75 1.98
CA LYS E 275 -14.02 6.45 0.79
C LYS E 275 -12.93 7.51 0.63
N LYS E 276 -11.76 7.08 0.16
CA LYS E 276 -10.66 8.00 -0.05
C LYS E 276 -11.06 9.11 -1.02
N ALA E 277 -12.00 8.79 -1.89
CA ALA E 277 -12.49 9.75 -2.88
C ALA E 277 -13.20 10.95 -2.25
N PHE E 278 -13.72 10.78 -1.04
CA PHE E 278 -14.43 11.86 -0.36
C PHE E 278 -13.54 12.59 0.64
N VAL E 279 -12.23 12.33 0.59
CA VAL E 279 -11.29 12.93 1.53
C VAL E 279 -11.31 14.46 1.65
N ARG E 280 -11.62 15.17 0.57
CA ARG E 280 -11.64 16.64 0.63
C ARG E 280 -12.77 17.21 1.48
N GLN E 281 -13.77 16.38 1.79
CA GLN E 281 -14.91 16.81 2.60
C GLN E 281 -14.80 16.27 4.02
N LEU E 282 -13.81 15.43 4.25
CA LEU E 282 -13.60 14.83 5.56
C LEU E 282 -13.26 15.89 6.59
N PRO E 283 -13.97 15.88 7.73
CA PRO E 283 -13.67 16.87 8.77
C PRO E 283 -12.64 16.28 9.74
N GLY E 284 -12.03 17.14 10.55
CA GLY E 284 -11.07 16.66 11.52
C GLY E 284 -9.66 16.42 11.03
N ARG E 285 -8.80 15.97 11.93
CA ARG E 285 -7.40 15.70 11.62
C ARG E 285 -7.20 14.41 10.82
N LEU E 286 -6.17 14.41 9.98
CA LEU E 286 -5.84 13.27 9.15
C LEU E 286 -4.32 13.12 9.14
N VAL E 287 -3.84 11.93 9.45
CA VAL E 287 -2.40 11.69 9.46
C VAL E 287 -2.00 10.95 8.19
N SER E 288 -0.91 11.38 7.58
CA SER E 288 -0.41 10.75 6.37
C SER E 288 1.02 10.31 6.56
N GLU E 289 1.38 9.22 5.87
CA GLU E 289 2.75 8.75 5.94
C GLU E 289 3.52 9.62 4.97
N THR E 290 4.80 9.80 5.23
CA THR E 290 5.64 10.58 4.35
C THR E 290 7.08 10.21 4.66
N VAL E 291 8.00 11.13 4.40
CA VAL E 291 9.40 10.83 4.63
C VAL E 291 10.13 12.10 5.08
N ASP E 292 11.27 11.95 5.76
CA ASP E 292 12.01 13.12 6.20
C ASP E 292 13.10 13.46 5.20
N VAL E 293 13.81 14.55 5.45
CA VAL E 293 14.84 15.03 4.54
C VAL E 293 15.93 14.02 4.16
N GLU E 294 16.02 12.92 4.92
CA GLU E 294 17.02 11.89 4.62
C GLU E 294 16.38 10.57 4.21
N GLY E 295 15.08 10.62 3.89
CA GLY E 295 14.39 9.42 3.48
C GLY E 295 13.80 8.56 4.57
N ARG E 296 13.87 9.00 5.83
CA ARG E 296 13.31 8.21 6.94
C ARG E 296 11.78 8.28 6.94
N ARG E 297 11.14 7.16 7.28
CA ARG E 297 9.69 7.10 7.33
C ARG E 297 9.16 8.01 8.43
N GLY E 298 8.18 8.84 8.09
CA GLY E 298 7.61 9.75 9.07
C GLY E 298 6.12 9.96 8.88
N PHE E 299 5.46 10.46 9.92
CA PHE E 299 4.04 10.70 9.87
C PHE E 299 3.76 12.16 10.21
N ILE E 300 2.76 12.75 9.58
CA ILE E 300 2.45 14.15 9.79
C ILE E 300 0.98 14.44 9.47
N LEU E 301 0.44 15.51 10.07
CA LEU E 301 -0.93 15.89 9.79
C LEU E 301 -0.94 16.34 8.33
N THR E 302 -2.05 16.13 7.63
CA THR E 302 -2.12 16.51 6.22
C THR E 302 -3.48 17.07 5.77
N LEU E 303 -3.52 17.55 4.53
CA LEU E 303 -4.75 18.08 3.92
C LEU E 303 -5.48 18.98 4.90
N GLN E 304 -4.71 19.83 5.56
CA GLN E 304 -5.23 20.73 6.58
C GLN E 304 -6.15 21.85 6.13
N ALA E 305 -6.33 21.98 4.82
CA ALA E 305 -7.21 23.02 4.29
C ALA E 305 -8.67 22.71 4.65
N ARG E 306 -8.91 21.54 5.23
CA ARG E 306 -10.26 21.15 5.63
C ARG E 306 -10.57 21.61 7.06
N GLU E 307 -9.54 21.96 7.81
CA GLU E 307 -9.70 22.36 9.21
C GLU E 307 -9.70 23.87 9.45
N GLN E 308 -10.14 24.24 10.65
CA GLN E 308 -10.29 25.65 11.05
C GLN E 308 -9.10 26.61 10.97
N TYR E 309 -7.88 26.16 11.28
CA TYR E 309 -6.74 27.07 11.21
C TYR E 309 -6.57 27.68 9.84
N ILE E 310 -6.51 26.83 8.83
CA ILE E 310 -6.34 27.30 7.46
C ILE E 310 -7.60 27.83 6.77
N ARG E 311 -8.70 27.08 6.87
CA ARG E 311 -9.93 27.46 6.19
C ARG E 311 -10.89 28.37 6.95
N ARG E 312 -10.68 28.51 8.26
CA ARG E 312 -11.52 29.37 9.10
C ARG E 312 -13.03 29.24 8.79
N ALA E 313 -13.66 30.29 8.28
CA ALA E 313 -15.09 30.25 7.99
C ALA E 313 -15.55 29.17 6.99
N LYS E 314 -14.62 28.68 6.18
CA LYS E 314 -14.97 27.64 5.20
C LYS E 314 -14.47 26.25 5.58
N ALA E 315 -13.97 26.09 6.79
CA ALA E 315 -13.48 24.77 7.22
C ALA E 315 -14.64 23.77 7.17
N LYS E 316 -14.32 22.50 6.94
CA LYS E 316 -15.36 21.48 6.88
C LYS E 316 -16.05 21.33 8.22
N SER E 317 -15.37 21.78 9.27
CA SER E 317 -15.90 21.70 10.63
C SER E 317 -15.07 22.59 11.56
N ASN E 318 -15.65 23.01 12.67
CA ASN E 318 -14.92 23.85 13.62
C ASN E 318 -14.08 22.98 14.57
N ILE E 319 -14.19 21.66 14.45
CA ILE E 319 -13.46 20.77 15.35
C ILE E 319 -11.97 21.05 15.42
N THR E 320 -11.49 21.18 16.65
CA THR E 320 -10.09 21.44 16.95
C THR E 320 -9.67 20.28 17.86
N THR E 321 -9.95 20.39 19.15
CA THR E 321 -9.65 19.30 20.06
C THR E 321 -10.57 18.15 19.66
N ASN E 322 -10.04 16.93 19.61
CA ASN E 322 -10.87 15.78 19.26
C ASN E 322 -11.03 14.82 20.43
N ALA E 323 -10.78 13.53 20.21
CA ALA E 323 -10.88 12.53 21.25
C ALA E 323 -9.74 11.56 21.04
N GLN E 324 -8.55 12.13 20.78
CA GLN E 324 -7.36 11.36 20.50
C GLN E 324 -6.93 10.25 21.46
N LEU E 325 -6.76 10.57 22.75
CA LEU E 325 -6.31 9.56 23.70
C LEU E 325 -7.24 8.36 23.80
N THR E 326 -8.55 8.60 23.83
CA THR E 326 -9.48 7.48 23.90
C THR E 326 -9.46 6.68 22.61
N ALA E 327 -9.39 7.37 21.47
CA ALA E 327 -9.34 6.68 20.19
C ALA E 327 -8.08 5.77 20.19
N LEU E 328 -6.99 6.27 20.75
CA LEU E 328 -5.75 5.50 20.84
C LEU E 328 -5.96 4.30 21.76
N MET E 329 -6.79 4.50 22.80
CA MET E 329 -7.11 3.42 23.72
C MET E 329 -7.85 2.35 22.89
N GLY E 330 -8.71 2.82 21.99
CA GLY E 330 -9.46 1.92 21.14
C GLY E 330 -8.53 1.11 20.22
N ALA E 331 -7.52 1.78 19.67
CA ALA E 331 -6.55 1.14 18.79
C ALA E 331 -5.71 0.12 19.55
N MET E 332 -5.34 0.46 20.79
CA MET E 332 -4.55 -0.45 21.61
C MET E 332 -5.36 -1.71 21.85
N TYR E 333 -6.67 -1.53 22.05
CA TYR E 333 -7.58 -2.65 22.29
C TYR E 333 -7.66 -3.52 21.03
N LEU E 334 -7.89 -2.91 19.86
CA LEU E 334 -7.98 -3.65 18.61
C LEU E 334 -6.67 -4.42 18.38
N ALA E 335 -5.55 -3.74 18.58
CA ALA E 335 -4.25 -4.37 18.40
C ALA E 335 -4.01 -5.49 19.41
N ALA E 336 -4.50 -5.30 20.64
CA ALA E 336 -4.32 -6.29 21.70
C ALA E 336 -5.11 -7.56 21.47
N LEU E 337 -6.35 -7.43 21.02
CA LEU E 337 -7.21 -8.59 20.77
C LEU E 337 -6.93 -9.25 19.42
N GLY E 338 -6.71 -8.45 18.39
CA GLY E 338 -6.45 -9.01 17.08
C GLY E 338 -7.78 -9.33 16.42
N PRO E 339 -7.78 -9.73 15.14
CA PRO E 339 -9.04 -10.05 14.46
C PRO E 339 -9.82 -11.18 15.15
N GLU E 340 -9.13 -12.27 15.46
CA GLU E 340 -9.77 -13.40 16.13
C GLU E 340 -10.13 -13.07 17.58
N GLY E 341 -9.31 -12.24 18.22
CA GLY E 341 -9.61 -11.85 19.60
C GLY E 341 -10.92 -11.09 19.68
N LEU E 342 -11.10 -10.13 18.77
CA LEU E 342 -12.30 -9.30 18.72
C LEU E 342 -13.53 -10.14 18.37
N ARG E 343 -13.38 -11.03 17.39
CA ARG E 343 -14.48 -11.89 16.98
C ARG E 343 -14.97 -12.73 18.17
N GLU E 344 -14.04 -13.26 18.96
CA GLU E 344 -14.41 -14.07 20.10
C GLU E 344 -15.25 -13.27 21.07
N VAL E 345 -14.73 -12.11 21.47
CA VAL E 345 -15.42 -11.23 22.41
C VAL E 345 -16.81 -10.87 21.93
N ALA E 346 -16.94 -10.55 20.65
CA ALA E 346 -18.23 -10.18 20.08
C ALA E 346 -19.21 -11.36 20.14
N LEU E 347 -18.73 -12.54 19.77
CA LEU E 347 -19.55 -13.73 19.78
C LEU E 347 -20.00 -14.11 21.19
N LYS E 348 -19.10 -13.99 22.16
CA LYS E 348 -19.45 -14.32 23.54
C LYS E 348 -20.54 -13.41 24.08
N SER E 349 -20.44 -12.12 23.77
CA SER E 349 -21.43 -11.17 24.24
C SER E 349 -22.78 -11.55 23.63
N VAL E 350 -22.77 -11.85 22.34
CA VAL E 350 -23.99 -12.25 21.63
C VAL E 350 -24.54 -13.52 22.27
N GLU E 351 -23.66 -14.48 22.53
CA GLU E 351 -24.07 -15.73 23.14
C GLU E 351 -24.80 -15.52 24.46
N MET E 352 -24.15 -14.82 25.40
CA MET E 352 -24.76 -14.57 26.70
C MET E 352 -26.04 -13.74 26.56
N ALA E 353 -26.08 -12.86 25.57
CA ALA E 353 -27.25 -12.01 25.36
C ALA E 353 -28.43 -12.89 24.94
N HIS E 354 -28.19 -13.84 24.04
CA HIS E 354 -29.26 -14.71 23.58
C HIS E 354 -29.70 -15.63 24.72
N LYS E 355 -28.74 -16.09 25.52
CA LYS E 355 -29.08 -16.95 26.65
C LYS E 355 -29.97 -16.17 27.61
N LEU E 356 -29.65 -14.90 27.82
CA LEU E 356 -30.42 -14.06 28.72
C LEU E 356 -31.85 -13.88 28.19
N HIS E 357 -31.95 -13.49 26.93
CA HIS E 357 -33.23 -13.30 26.26
C HIS E 357 -34.16 -14.51 26.51
N ALA E 358 -33.67 -15.69 26.17
CA ALA E 358 -34.44 -16.91 26.38
C ALA E 358 -34.88 -17.06 27.82
N LEU E 359 -33.97 -16.82 28.76
CA LEU E 359 -34.29 -16.94 30.18
C LEU E 359 -35.32 -15.93 30.68
N LEU E 360 -35.18 -14.68 30.29
CA LEU E 360 -36.09 -13.61 30.71
C LEU E 360 -37.50 -13.78 30.19
N LEU E 361 -37.62 -14.34 29.00
CA LEU E 361 -38.91 -14.55 28.38
C LEU E 361 -39.75 -15.59 29.12
N GLU E 362 -39.09 -16.44 29.92
CA GLU E 362 -39.80 -17.46 30.69
C GLU E 362 -40.62 -16.79 31.78
N VAL E 363 -40.10 -15.70 32.34
CA VAL E 363 -40.80 -14.99 33.40
C VAL E 363 -42.20 -14.60 32.92
N PRO E 364 -43.23 -14.90 33.72
CA PRO E 364 -44.61 -14.57 33.37
C PRO E 364 -44.86 -13.09 33.13
N GLY E 365 -45.52 -12.79 32.01
CA GLY E 365 -45.83 -11.42 31.67
C GLY E 365 -44.83 -10.83 30.68
N VAL E 366 -43.58 -11.28 30.77
CA VAL E 366 -42.53 -10.81 29.89
C VAL E 366 -42.72 -11.38 28.48
N ARG E 367 -42.96 -10.49 27.53
CA ARG E 367 -43.16 -10.90 26.15
C ARG E 367 -42.05 -10.26 25.30
N PRO E 368 -41.65 -10.93 24.20
CA PRO E 368 -40.59 -10.42 23.33
C PRO E 368 -40.99 -9.22 22.50
N PHE E 369 -39.99 -8.55 21.94
CA PHE E 369 -40.25 -7.39 21.09
C PHE E 369 -39.24 -7.30 19.98
N THR E 370 -37.95 -7.19 20.32
CA THR E 370 -36.93 -7.12 19.28
C THR E 370 -37.03 -8.45 18.55
N PRO E 371 -37.09 -8.42 17.22
CA PRO E 371 -37.19 -9.67 16.46
C PRO E 371 -35.84 -10.32 16.25
N LYS E 372 -35.86 -11.61 15.93
CA LYS E 372 -34.63 -12.33 15.65
C LYS E 372 -34.36 -11.99 14.18
N PRO E 373 -33.09 -11.85 13.79
CA PRO E 373 -31.92 -12.01 14.66
C PRO E 373 -31.53 -10.68 15.29
N PHE E 374 -30.89 -10.77 16.45
CA PHE E 374 -30.41 -9.59 17.15
C PHE E 374 -29.00 -9.90 17.64
N PHE E 375 -28.30 -8.86 18.09
CA PHE E 375 -26.92 -9.02 18.53
C PHE E 375 -26.76 -9.27 20.03
N ASN E 376 -26.09 -8.35 20.73
CA ASN E 376 -25.87 -8.50 22.16
C ASN E 376 -26.78 -7.61 23.02
N GLU E 377 -27.82 -7.07 22.40
CA GLU E 377 -28.80 -6.22 23.09
C GLU E 377 -30.16 -6.60 22.52
N PHE E 378 -31.20 -6.39 23.30
CA PHE E 378 -32.55 -6.69 22.85
C PHE E 378 -33.57 -6.02 23.76
N ALA E 379 -34.72 -5.68 23.18
CA ALA E 379 -35.79 -5.03 23.93
C ALA E 379 -36.88 -6.06 24.25
N LEU E 380 -37.50 -5.92 25.41
CA LEU E 380 -38.56 -6.82 25.83
C LEU E 380 -39.73 -5.97 26.30
N ALA E 381 -40.94 -6.48 26.11
CA ALA E 381 -42.13 -5.78 26.56
C ALA E 381 -42.39 -6.34 27.96
N LEU E 382 -42.40 -5.47 28.96
CA LEU E 382 -42.60 -5.89 30.35
C LEU E 382 -43.99 -5.60 30.91
N PRO E 383 -44.45 -6.43 31.87
CA PRO E 383 -45.77 -6.27 32.50
C PRO E 383 -45.83 -5.09 33.45
N LYS E 384 -44.69 -4.41 33.61
CA LYS E 384 -44.61 -3.23 34.48
C LYS E 384 -43.74 -2.16 33.85
N ASP E 385 -43.94 -0.91 34.29
CA ASP E 385 -43.18 0.20 33.78
C ASP E 385 -41.67 -0.03 33.87
N PRO E 386 -40.96 0.18 32.76
CA PRO E 386 -39.49 -0.01 32.69
C PRO E 386 -38.70 0.77 33.74
N GLU E 387 -39.04 2.03 33.96
CA GLU E 387 -38.35 2.82 34.98
C GLU E 387 -38.58 2.17 36.34
N ALA E 388 -39.82 1.74 36.58
CA ALA E 388 -40.15 1.10 37.84
C ALA E 388 -39.36 -0.20 37.96
N VAL E 389 -39.26 -0.94 36.86
CA VAL E 389 -38.53 -2.20 36.86
C VAL E 389 -37.04 -1.96 37.15
N ARG E 390 -36.45 -0.95 36.51
CA ARG E 390 -35.05 -0.62 36.72
C ARG E 390 -34.78 -0.25 38.17
N ARG E 391 -35.69 0.52 38.77
CA ARG E 391 -35.54 0.94 40.15
C ARG E 391 -35.60 -0.26 41.11
N ALA E 392 -36.65 -1.07 40.97
CA ALA E 392 -36.81 -2.22 41.85
C ALA E 392 -35.65 -3.20 41.67
N LEU E 393 -35.15 -3.29 40.45
CA LEU E 393 -34.05 -4.19 40.14
C LEU E 393 -32.77 -3.68 40.81
N ALA E 394 -32.61 -2.36 40.84
CA ALA E 394 -31.43 -1.75 41.46
C ALA E 394 -31.45 -1.94 42.97
N GLU E 395 -32.64 -1.95 43.55
CA GLU E 395 -32.79 -2.12 44.99
C GLU E 395 -32.31 -3.50 45.41
N ARG E 396 -32.27 -4.42 44.47
CA ARG E 396 -31.82 -5.78 44.74
C ARG E 396 -30.36 -5.96 44.34
N GLY E 397 -29.71 -4.86 43.98
CA GLY E 397 -28.31 -4.92 43.60
C GLY E 397 -28.05 -5.20 42.14
N PHE E 398 -29.09 -5.13 41.31
CA PHE E 398 -28.91 -5.38 39.89
C PHE E 398 -29.09 -4.14 39.02
N HIS E 399 -28.31 -4.05 37.96
CA HIS E 399 -28.40 -2.93 37.03
C HIS E 399 -28.99 -3.50 35.75
N GLY E 400 -30.22 -3.12 35.45
CA GLY E 400 -30.83 -3.63 34.24
C GLY E 400 -32.14 -2.96 33.89
N ALA E 401 -32.63 -3.30 32.70
CA ALA E 401 -33.86 -2.76 32.18
C ALA E 401 -33.67 -1.30 31.80
N THR E 402 -33.05 -1.06 30.65
CA THR E 402 -32.82 0.29 30.16
C THR E 402 -34.12 0.74 29.50
N PRO E 403 -34.84 1.64 30.16
CA PRO E 403 -36.12 2.14 29.62
C PRO E 403 -36.06 2.67 28.19
N VAL E 404 -36.84 2.04 27.31
CA VAL E 404 -36.91 2.43 25.92
C VAL E 404 -38.00 3.47 25.75
N PRO E 405 -37.68 4.62 25.16
CA PRO E 405 -38.72 5.65 25.00
C PRO E 405 -39.97 5.13 24.26
N ARG E 406 -41.13 5.61 24.70
CA ARG E 406 -42.41 5.20 24.14
C ARG E 406 -42.57 5.36 22.64
N GLU E 407 -41.70 6.12 22.00
CA GLU E 407 -41.81 6.28 20.55
C GLU E 407 -41.66 4.94 19.85
N TYR E 408 -41.03 3.98 20.53
CA TYR E 408 -40.81 2.65 19.98
C TYR E 408 -41.91 1.67 20.37
N GLY E 409 -42.74 2.06 21.34
CA GLY E 409 -43.81 1.22 21.83
C GLY E 409 -43.89 1.34 23.35
N GLU E 410 -44.90 0.72 23.96
CA GLU E 410 -45.09 0.81 25.41
C GLU E 410 -44.38 -0.27 26.22
N ASN E 411 -43.98 0.10 27.43
CA ASN E 411 -43.31 -0.77 28.38
C ASN E 411 -42.14 -1.55 27.82
N LEU E 412 -41.26 -0.86 27.12
CA LEU E 412 -40.11 -1.51 26.53
C LEU E 412 -38.83 -1.25 27.31
N ALA E 413 -38.05 -2.31 27.51
CA ALA E 413 -36.80 -2.20 28.23
C ALA E 413 -35.72 -2.98 27.47
N LEU E 414 -34.53 -2.41 27.42
CA LEU E 414 -33.41 -3.03 26.75
C LEU E 414 -32.55 -3.76 27.76
N PHE E 415 -31.97 -4.88 27.32
CA PHE E 415 -31.07 -5.66 28.15
C PHE E 415 -29.87 -5.98 27.29
N ALA E 416 -28.70 -6.00 27.90
CA ALA E 416 -27.48 -6.28 27.16
C ALA E 416 -26.59 -7.24 27.93
N ALA E 417 -25.70 -7.92 27.21
CA ALA E 417 -24.78 -8.85 27.84
C ALA E 417 -23.42 -8.72 27.19
N THR E 418 -22.37 -9.05 27.94
CA THR E 418 -21.00 -8.96 27.44
C THR E 418 -20.18 -10.20 27.78
N GLU E 419 -18.94 -10.20 27.33
CA GLU E 419 -18.03 -11.31 27.59
C GLU E 419 -17.76 -11.45 29.09
N LEU E 420 -18.20 -10.48 29.88
CA LEU E 420 -18.02 -10.49 31.33
C LEU E 420 -19.08 -11.28 32.08
N HIS E 421 -20.20 -11.55 31.42
CA HIS E 421 -21.30 -12.28 32.04
C HIS E 421 -21.18 -13.79 31.93
N GLU E 422 -21.55 -14.48 33.00
CA GLU E 422 -21.51 -15.94 33.02
C GLU E 422 -22.94 -16.45 33.28
N GLU E 423 -23.13 -17.74 33.09
CA GLU E 423 -24.44 -18.36 33.29
C GLU E 423 -25.08 -17.95 34.63
N GLU E 424 -24.31 -18.03 35.71
CA GLU E 424 -24.83 -17.66 37.02
C GLU E 424 -25.36 -16.22 37.07
N ASP E 425 -24.70 -15.29 36.39
CA ASP E 425 -25.15 -13.91 36.40
C ASP E 425 -26.50 -13.76 35.72
N LEU E 426 -26.71 -14.51 34.65
CA LEU E 426 -27.96 -14.47 33.90
C LEU E 426 -29.12 -15.00 34.74
N LEU E 427 -28.88 -16.13 35.40
CA LEU E 427 -29.89 -16.77 36.25
C LEU E 427 -30.31 -15.85 37.40
N ALA E 428 -29.32 -15.24 38.06
CA ALA E 428 -29.58 -14.34 39.18
C ALA E 428 -30.43 -13.16 38.75
N LEU E 429 -30.17 -12.62 37.55
CA LEU E 429 -30.95 -11.49 37.07
C LEU E 429 -32.40 -11.91 36.79
N ARG E 430 -32.59 -13.09 36.22
CA ARG E 430 -33.95 -13.57 35.92
C ARG E 430 -34.74 -13.69 37.23
N GLU E 431 -34.11 -14.28 38.24
CA GLU E 431 -34.74 -14.43 39.53
C GLU E 431 -35.15 -13.06 40.06
N ALA E 432 -34.23 -12.10 39.99
CA ALA E 432 -34.52 -10.76 40.46
C ALA E 432 -35.71 -10.20 39.70
N LEU E 433 -35.68 -10.32 38.38
CA LEU E 433 -36.77 -9.82 37.54
C LEU E 433 -38.08 -10.53 37.85
N LYS E 434 -38.01 -11.85 38.00
CA LYS E 434 -39.20 -12.65 38.31
C LYS E 434 -39.83 -12.12 39.60
N GLU E 435 -38.98 -11.88 40.59
CA GLU E 435 -39.38 -11.38 41.89
C GLU E 435 -39.96 -9.96 41.86
N VAL E 436 -39.40 -9.08 41.01
CA VAL E 436 -39.92 -7.71 40.93
C VAL E 436 -41.18 -7.62 40.08
N LEU E 437 -41.40 -8.64 39.26
CA LEU E 437 -42.58 -8.67 38.39
C LEU E 437 -43.75 -9.42 39.02
N SER F 2 14.86 4.35 12.88
CA SER F 2 13.46 4.07 12.41
C SER F 2 12.67 3.31 13.49
N PHE F 3 11.39 3.10 13.22
CA PHE F 3 10.52 2.39 14.16
C PHE F 3 9.42 1.65 13.40
N PRO F 4 9.31 0.34 13.62
CA PRO F 4 8.30 -0.49 12.97
C PRO F 4 6.83 -0.14 13.22
N LEU F 5 5.98 -0.43 12.25
CA LEU F 5 4.55 -0.19 12.36
C LEU F 5 3.96 -1.39 13.09
N ILE F 6 2.84 -1.19 13.77
CA ILE F 6 2.22 -2.29 14.50
C ILE F 6 1.85 -3.42 13.54
N PHE F 7 1.61 -3.05 12.29
CA PHE F 7 1.24 -4.00 11.25
C PHE F 7 2.43 -4.80 10.73
N GLU F 8 3.64 -4.26 10.90
CA GLU F 8 4.83 -4.96 10.44
C GLU F 8 5.26 -5.96 11.51
N ARG F 9 4.82 -5.72 12.74
CA ARG F 9 5.14 -6.61 13.84
C ARG F 9 4.23 -7.84 13.85
N SER F 10 3.09 -7.73 13.18
CA SER F 10 2.11 -8.82 13.10
C SER F 10 2.65 -10.12 12.51
N ARG F 11 2.11 -11.22 13.01
CA ARG F 11 2.46 -12.55 12.53
C ARG F 11 1.18 -13.34 12.38
N LYS F 12 1.00 -13.92 11.19
CA LYS F 12 -0.20 -14.69 10.86
C LYS F 12 -0.60 -15.66 11.96
N GLY F 13 -1.83 -15.52 12.44
CA GLY F 13 -2.34 -16.40 13.48
C GLY F 13 -1.87 -16.14 14.90
N ARG F 14 -0.99 -15.18 15.12
CA ARG F 14 -0.51 -14.90 16.47
C ARG F 14 -1.64 -14.29 17.32
N ARG F 15 -1.70 -14.68 18.58
CA ARG F 15 -2.74 -14.17 19.47
C ARG F 15 -2.22 -13.27 20.57
N GLY F 16 -3.11 -12.37 21.00
CA GLY F 16 -2.79 -11.45 22.08
C GLY F 16 -3.69 -11.80 23.25
N LEU F 17 -4.54 -10.87 23.66
CA LEU F 17 -5.44 -11.12 24.77
C LEU F 17 -6.43 -12.25 24.42
N LYS F 18 -6.72 -13.07 25.42
CA LYS F 18 -7.65 -14.18 25.24
C LYS F 18 -8.69 -14.03 26.36
N LEU F 19 -9.81 -13.40 26.02
CA LEU F 19 -10.87 -13.12 26.99
C LEU F 19 -12.03 -14.11 27.01
N VAL F 20 -11.94 -15.16 26.19
CA VAL F 20 -13.03 -16.13 26.13
C VAL F 20 -12.58 -17.59 26.22
N LYS F 21 -13.13 -18.32 27.18
CA LYS F 21 -12.76 -19.71 27.33
C LYS F 21 -13.47 -20.61 26.32
N ALA F 22 -14.80 -20.65 26.38
CA ALA F 22 -15.56 -21.48 25.45
C ALA F 22 -16.21 -20.61 24.40
N VAL F 23 -15.50 -20.39 23.30
CA VAL F 23 -16.02 -19.55 22.23
C VAL F 23 -17.04 -20.25 21.33
N PRO F 24 -18.26 -19.72 21.28
CA PRO F 24 -19.33 -20.32 20.46
C PRO F 24 -19.00 -20.22 18.98
N LYS F 25 -19.84 -20.83 18.16
CA LYS F 25 -19.62 -20.75 16.73
C LYS F 25 -20.62 -19.77 16.13
N ALA F 26 -20.10 -18.82 15.37
CA ALA F 26 -20.91 -17.80 14.73
C ALA F 26 -22.21 -18.35 14.14
N GLU F 27 -22.09 -19.38 13.31
CA GLU F 27 -23.23 -20.00 12.66
C GLU F 27 -24.41 -20.28 13.60
N ASP F 28 -24.13 -20.51 14.89
CA ASP F 28 -25.20 -20.78 15.84
C ASP F 28 -25.85 -19.52 16.40
N LEU F 29 -25.16 -18.38 16.31
CA LEU F 29 -25.68 -17.13 16.85
C LEU F 29 -26.23 -16.11 15.85
N ILE F 30 -25.62 -16.02 14.67
CA ILE F 30 -26.09 -15.06 13.66
C ILE F 30 -26.19 -15.70 12.28
N PRO F 31 -27.23 -15.35 11.50
CA PRO F 31 -27.41 -15.90 10.16
C PRO F 31 -26.18 -15.68 9.26
N LYS F 32 -25.81 -16.71 8.52
CA LYS F 32 -24.64 -16.65 7.62
C LYS F 32 -24.66 -15.43 6.69
N GLU F 33 -25.85 -14.96 6.34
CA GLU F 33 -26.00 -13.81 5.47
C GLU F 33 -25.39 -12.52 6.06
N HIS F 34 -25.34 -12.43 7.38
CA HIS F 34 -24.79 -11.27 8.06
C HIS F 34 -23.36 -11.46 8.56
N LEU F 35 -22.88 -12.69 8.52
CA LEU F 35 -21.53 -13.00 8.97
C LEU F 35 -20.43 -12.40 8.11
N ARG F 36 -19.38 -11.91 8.76
CA ARG F 36 -18.26 -11.33 8.05
C ARG F 36 -17.40 -12.48 7.52
N GLU F 37 -17.06 -12.41 6.23
CA GLU F 37 -16.26 -13.44 5.58
C GLU F 37 -14.76 -13.19 5.70
N VAL F 38 -14.35 -11.97 5.38
CA VAL F 38 -12.95 -11.61 5.44
C VAL F 38 -12.68 -10.81 6.72
N PRO F 39 -11.89 -11.37 7.64
CA PRO F 39 -11.59 -10.68 8.89
C PRO F 39 -10.95 -9.31 8.64
N PRO F 40 -11.15 -8.36 9.56
CA PRO F 40 -10.53 -7.06 9.34
C PRO F 40 -9.02 -7.29 9.54
N ARG F 41 -8.19 -6.57 8.79
CA ARG F 41 -6.75 -6.78 8.93
C ARG F 41 -6.15 -6.03 10.13
N LEU F 42 -6.66 -6.35 11.31
CA LEU F 42 -6.17 -5.76 12.54
C LEU F 42 -4.86 -6.45 12.87
N PRO F 43 -4.00 -5.81 13.66
CA PRO F 43 -2.73 -6.46 13.99
C PRO F 43 -2.87 -7.78 14.78
N GLU F 44 -1.91 -8.67 14.59
CA GLU F 44 -1.89 -9.95 15.27
C GLU F 44 -0.59 -10.02 16.08
N VAL F 45 -0.62 -9.47 17.29
CA VAL F 45 0.57 -9.46 18.12
C VAL F 45 0.31 -9.96 19.54
N ASP F 46 1.36 -10.39 20.22
CA ASP F 46 1.23 -10.87 21.59
C ASP F 46 1.27 -9.66 22.50
N GLU F 47 0.92 -9.84 23.77
CA GLU F 47 0.90 -8.73 24.70
C GLU F 47 2.26 -8.04 24.86
N LEU F 48 3.34 -8.83 24.99
CA LEU F 48 4.68 -8.28 25.15
C LEU F 48 5.01 -7.36 23.98
N THR F 49 4.75 -7.83 22.77
CA THR F 49 5.01 -7.04 21.56
C THR F 49 4.19 -5.76 21.63
N LEU F 50 2.92 -5.92 21.99
CA LEU F 50 2.03 -4.77 22.10
C LEU F 50 2.61 -3.74 23.05
N VAL F 51 3.10 -4.21 24.20
CA VAL F 51 3.68 -3.33 25.21
C VAL F 51 4.92 -2.61 24.69
N ARG F 52 5.82 -3.35 24.05
CA ARG F 52 7.03 -2.72 23.52
C ARG F 52 6.70 -1.72 22.42
N HIS F 53 5.69 -2.03 21.63
CA HIS F 53 5.33 -1.12 20.55
C HIS F 53 4.86 0.23 21.12
N TYR F 54 3.85 0.21 21.97
CA TYR F 54 3.34 1.45 22.53
C TYR F 54 4.30 2.14 23.48
N THR F 55 5.08 1.36 24.23
CA THR F 55 6.05 1.97 25.13
C THR F 55 7.11 2.63 24.25
N GLY F 56 7.43 1.99 23.12
CA GLY F 56 8.40 2.54 22.20
C GLY F 56 7.92 3.84 21.59
N LEU F 57 6.64 3.88 21.23
CA LEU F 57 6.07 5.07 20.63
C LEU F 57 6.11 6.23 21.62
N SER F 58 5.76 5.97 22.87
CA SER F 58 5.74 7.03 23.86
C SER F 58 7.14 7.61 24.01
N ARG F 59 8.16 6.76 23.85
CA ARG F 59 9.54 7.22 23.97
C ARG F 59 10.00 8.04 22.76
N ARG F 60 9.13 8.13 21.75
CA ARG F 60 9.38 8.90 20.54
C ARG F 60 8.35 10.03 20.56
N GLN F 61 8.01 10.46 21.77
CA GLN F 61 7.00 11.49 21.98
C GLN F 61 7.37 12.34 23.20
N VAL F 62 6.94 13.60 23.19
CA VAL F 62 7.19 14.48 24.33
C VAL F 62 5.85 15.03 24.78
N GLY F 63 5.77 15.44 26.05
CA GLY F 63 4.54 16.01 26.58
C GLY F 63 4.88 16.97 27.70
N VAL F 64 3.89 17.49 28.39
CA VAL F 64 4.15 18.41 29.49
C VAL F 64 4.98 17.66 30.54
N ASP F 65 4.68 16.37 30.69
CA ASP F 65 5.37 15.49 31.63
C ASP F 65 6.86 15.39 31.35
N THR F 66 7.28 15.71 30.13
CA THR F 66 8.69 15.63 29.78
C THR F 66 9.31 16.96 29.38
N THR F 67 8.50 17.86 28.83
CA THR F 67 9.03 19.11 28.32
C THR F 67 8.18 20.35 28.54
N PHE F 68 8.86 21.50 28.60
CA PHE F 68 8.22 22.80 28.74
C PHE F 68 7.54 23.00 27.38
N TYR F 69 6.22 23.17 27.42
CA TYR F 69 5.38 23.33 26.23
C TYR F 69 4.73 24.70 26.23
N PRO F 70 5.50 25.77 25.97
CA PRO F 70 4.96 27.14 25.96
C PRO F 70 3.97 27.48 24.85
N LEU F 71 3.08 26.55 24.52
CA LEU F 71 2.09 26.74 23.46
C LEU F 71 1.01 27.76 23.75
N GLY F 72 1.08 28.90 23.07
CA GLY F 72 0.07 29.92 23.25
C GLY F 72 -1.29 29.41 22.80
N SER F 73 -2.34 29.78 23.53
CA SER F 73 -3.72 29.38 23.24
C SER F 73 -4.05 27.94 23.65
N CYS F 74 -3.09 27.25 24.26
CA CYS F 74 -3.29 25.87 24.67
C CYS F 74 -3.23 25.62 26.17
N THR F 75 -2.52 26.48 26.91
CA THR F 75 -2.38 26.35 28.37
C THR F 75 -1.85 24.96 28.78
N MET F 76 -0.63 24.67 28.40
CA MET F 76 -0.02 23.40 28.73
C MET F 76 0.49 23.39 30.17
N LYS F 77 -0.43 23.47 31.13
CA LYS F 77 -0.06 23.45 32.54
C LYS F 77 0.05 22.00 33.01
N TYR F 78 0.66 21.80 34.18
CA TYR F 78 0.82 20.47 34.75
C TYR F 78 -0.50 19.74 34.93
N ASN F 79 -0.50 18.46 34.59
CA ASN F 79 -1.69 17.62 34.72
C ASN F 79 -1.45 16.71 35.92
N PRO F 80 -1.87 17.17 37.11
CA PRO F 80 -1.69 16.39 38.34
C PRO F 80 -2.09 14.93 38.26
N LYS F 81 -1.18 14.07 38.70
CA LYS F 81 -1.41 12.63 38.70
C LYS F 81 -2.58 12.29 39.61
N LEU F 82 -2.83 13.14 40.60
CA LEU F 82 -3.93 12.92 41.52
C LEU F 82 -5.25 12.75 40.79
N HIS F 83 -5.44 13.54 39.74
CA HIS F 83 -6.67 13.49 38.97
C HIS F 83 -6.92 12.18 38.22
N GLU F 84 -5.87 11.47 37.83
CA GLU F 84 -6.07 10.21 37.12
C GLU F 84 -6.62 9.20 38.12
N GLU F 85 -6.06 9.21 39.33
CA GLU F 85 -6.54 8.33 40.38
C GLU F 85 -7.99 8.69 40.71
N ALA F 86 -8.29 9.99 40.76
CA ALA F 86 -9.63 10.43 41.06
C ALA F 86 -10.61 9.91 40.01
N ALA F 87 -10.20 9.95 38.75
CA ALA F 87 -11.06 9.49 37.66
C ALA F 87 -11.36 7.99 37.71
N ARG F 88 -10.37 7.17 38.05
CA ARG F 88 -10.63 5.74 38.07
C ARG F 88 -11.70 5.38 39.10
N LEU F 89 -11.91 6.26 40.07
CA LEU F 89 -12.90 6.05 41.11
C LEU F 89 -14.34 6.05 40.57
N PHE F 90 -14.54 6.62 39.39
CA PHE F 90 -15.87 6.66 38.79
C PHE F 90 -15.92 5.98 37.43
N ALA F 91 -15.00 5.05 37.19
CA ALA F 91 -14.93 4.34 35.91
C ALA F 91 -16.12 3.43 35.63
N ASP F 92 -16.56 2.70 36.65
CA ASP F 92 -17.66 1.76 36.46
C ASP F 92 -19.05 2.29 36.72
N LEU F 93 -19.43 3.34 36.00
CA LEU F 93 -20.77 3.91 36.14
C LEU F 93 -21.41 3.91 34.76
N HIS F 94 -22.67 3.50 34.70
CA HIS F 94 -23.39 3.46 33.43
C HIS F 94 -24.32 4.67 33.38
N PRO F 95 -24.31 5.42 32.27
CA PRO F 95 -25.17 6.60 32.14
C PRO F 95 -26.66 6.35 32.29
N TYR F 96 -27.10 5.12 32.08
CA TYR F 96 -28.53 4.83 32.20
C TYR F 96 -28.93 4.06 33.46
N GLN F 97 -28.01 3.91 34.41
CA GLN F 97 -28.35 3.19 35.63
C GLN F 97 -29.30 4.06 36.47
N ASP F 98 -30.12 3.43 37.32
CA ASP F 98 -31.06 4.16 38.15
C ASP F 98 -30.35 5.37 38.76
N PRO F 99 -30.87 6.59 38.51
CA PRO F 99 -30.22 7.77 39.06
C PRO F 99 -30.09 7.75 40.59
N ARG F 100 -30.95 7.00 41.27
CA ARG F 100 -30.87 6.91 42.72
C ARG F 100 -29.59 6.19 43.14
N THR F 101 -28.92 5.53 42.19
CA THR F 101 -27.68 4.82 42.47
C THR F 101 -26.48 5.57 41.89
N ALA F 102 -26.71 6.80 41.41
CA ALA F 102 -25.63 7.59 40.83
C ALA F 102 -25.57 8.99 41.44
N GLN F 103 -26.09 9.13 42.65
CA GLN F 103 -26.11 10.41 43.36
C GLN F 103 -24.73 11.03 43.58
N GLY F 104 -23.72 10.19 43.82
CA GLY F 104 -22.38 10.71 44.02
C GLY F 104 -21.90 11.40 42.76
N ALA F 105 -22.15 10.76 41.62
CA ALA F 105 -21.75 11.31 40.34
C ALA F 105 -22.60 12.55 40.01
N LEU F 106 -23.91 12.46 40.25
CA LEU F 106 -24.77 13.60 39.96
C LEU F 106 -24.42 14.80 40.82
N ARG F 107 -24.08 14.56 42.09
CA ARG F 107 -23.70 15.64 42.98
C ARG F 107 -22.42 16.31 42.48
N LEU F 108 -21.46 15.49 42.06
CA LEU F 108 -20.21 16.04 41.57
C LEU F 108 -20.48 16.92 40.34
N MET F 109 -21.36 16.46 39.46
CA MET F 109 -21.70 17.23 38.26
C MET F 109 -22.31 18.58 38.69
N TRP F 110 -23.26 18.55 39.61
CA TRP F 110 -23.90 19.77 40.08
C TRP F 110 -22.89 20.72 40.74
N GLU F 111 -22.04 20.18 41.61
CA GLU F 111 -21.05 21.00 42.28
C GLU F 111 -20.09 21.65 41.28
N LEU F 112 -19.57 20.88 40.31
CA LEU F 112 -18.66 21.47 39.33
C LEU F 112 -19.36 22.64 38.62
N GLY F 113 -20.61 22.44 38.23
CA GLY F 113 -21.37 23.48 37.57
C GLY F 113 -21.45 24.76 38.40
N GLU F 114 -21.66 24.62 39.71
CA GLU F 114 -21.75 25.78 40.57
C GLU F 114 -20.41 26.50 40.66
N TYR F 115 -19.33 25.73 40.79
CA TYR F 115 -18.01 26.33 40.87
C TYR F 115 -17.70 27.10 39.58
N LEU F 116 -17.98 26.49 38.44
CA LEU F 116 -17.72 27.12 37.15
C LEU F 116 -18.58 28.37 36.96
N LYS F 117 -19.83 28.30 37.40
CA LYS F 117 -20.74 29.42 37.30
C LYS F 117 -20.24 30.55 38.22
N ALA F 118 -19.64 30.17 39.35
CA ALA F 118 -19.11 31.16 40.29
C ALA F 118 -17.89 31.88 39.72
N LEU F 119 -17.00 31.15 39.07
CA LEU F 119 -15.78 31.75 38.50
C LEU F 119 -16.04 32.60 37.27
N THR F 120 -17.11 32.30 36.56
CA THR F 120 -17.43 33.03 35.32
C THR F 120 -18.52 34.09 35.44
N GLY F 121 -19.37 33.97 36.47
CA GLY F 121 -20.44 34.93 36.64
C GLY F 121 -21.67 34.63 35.80
N MET F 122 -21.87 33.35 35.45
CA MET F 122 -23.02 32.94 34.66
C MET F 122 -24.11 32.42 35.61
N ASP F 123 -25.34 32.31 35.11
CA ASP F 123 -26.48 31.86 35.94
C ASP F 123 -26.86 30.40 35.78
N ALA F 124 -26.72 29.86 34.57
CA ALA F 124 -27.05 28.46 34.31
C ALA F 124 -25.94 27.87 33.46
N ILE F 125 -25.73 26.57 33.57
CA ILE F 125 -24.65 25.96 32.80
C ILE F 125 -24.89 24.52 32.37
N THR F 126 -24.29 24.15 31.24
CA THR F 126 -24.36 22.79 30.71
C THR F 126 -22.92 22.26 30.70
N LEU F 127 -22.77 21.01 31.12
CA LEU F 127 -21.45 20.39 31.14
C LEU F 127 -21.39 19.33 30.05
N GLU F 128 -22.34 19.42 29.11
CA GLU F 128 -22.45 18.46 28.02
C GLU F 128 -21.42 18.52 26.89
N PRO F 129 -21.22 19.71 26.27
CA PRO F 129 -20.26 19.83 25.16
C PRO F 129 -18.89 19.19 25.40
N ALA F 130 -18.41 18.50 24.37
CA ALA F 130 -17.15 17.76 24.40
C ALA F 130 -15.85 18.52 24.21
N ALA F 131 -15.93 19.82 23.95
CA ALA F 131 -14.73 20.61 23.73
C ALA F 131 -15.06 22.08 23.52
N GLY F 132 -14.04 22.92 23.53
CA GLY F 132 -14.25 24.34 23.33
C GLY F 132 -15.06 24.64 22.09
N ALA F 133 -14.61 24.18 20.93
CA ALA F 133 -15.32 24.41 19.67
C ALA F 133 -16.76 23.89 19.77
N HIS F 134 -16.95 22.81 20.53
CA HIS F 134 -18.29 22.25 20.69
C HIS F 134 -19.14 23.21 21.54
N GLY F 135 -18.49 23.83 22.52
CA GLY F 135 -19.19 24.80 23.37
C GLY F 135 -19.57 26.01 22.53
N GLU F 136 -18.72 26.38 21.58
CA GLU F 136 -18.95 27.51 20.68
C GLU F 136 -20.21 27.27 19.87
N LEU F 137 -20.30 26.10 19.26
CA LEU F 137 -21.47 25.75 18.46
C LEU F 137 -22.70 25.82 19.35
N THR F 138 -22.59 25.25 20.56
CA THR F 138 -23.68 25.25 21.53
C THR F 138 -24.08 26.69 21.89
N GLY F 139 -23.09 27.52 22.20
CA GLY F 139 -23.36 28.90 22.59
C GLY F 139 -24.01 29.74 21.51
N ILE F 140 -23.47 29.63 20.29
CA ILE F 140 -24.00 30.38 19.16
C ILE F 140 -25.40 29.88 18.80
N LEU F 141 -25.63 28.58 18.99
CA LEU F 141 -26.93 27.99 18.72
C LEU F 141 -27.93 28.49 19.76
N ILE F 142 -27.47 28.70 20.99
CA ILE F 142 -28.31 29.20 22.06
C ILE F 142 -28.69 30.65 21.71
N ILE F 143 -27.70 31.44 21.33
CA ILE F 143 -27.91 32.83 20.95
C ILE F 143 -28.91 32.90 19.79
N ARG F 144 -28.74 31.98 18.83
CA ARG F 144 -29.64 31.93 17.68
C ARG F 144 -31.06 31.62 18.11
N ALA F 145 -31.22 30.67 19.04
CA ALA F 145 -32.54 30.29 19.51
C ALA F 145 -33.19 31.47 20.23
N TYR F 146 -32.35 32.29 20.85
CA TYR F 146 -32.80 33.46 21.57
C TYR F 146 -33.37 34.50 20.61
N HIS F 147 -32.67 34.77 19.52
CA HIS F 147 -33.15 35.75 18.55
C HIS F 147 -34.44 35.29 17.87
N GLU F 148 -34.48 34.01 17.48
CA GLU F 148 -35.65 33.46 16.81
C GLU F 148 -36.86 33.52 17.76
N ASP F 149 -36.62 33.26 19.04
CA ASP F 149 -37.70 33.29 20.01
C ASP F 149 -38.21 34.72 20.15
N ARG F 150 -37.37 35.69 19.81
CA ARG F 150 -37.72 37.10 19.90
C ARG F 150 -38.28 37.61 18.57
N GLY F 151 -38.41 36.72 17.60
CA GLY F 151 -38.95 37.09 16.31
C GLY F 151 -37.99 37.75 15.33
N GLU F 152 -36.71 37.81 15.65
CA GLU F 152 -35.74 38.44 14.75
C GLU F 152 -34.80 37.39 14.13
N GLY F 153 -35.28 36.16 14.04
CA GLY F 153 -34.49 35.09 13.47
C GLY F 153 -34.08 35.35 12.04
N ARG F 154 -34.85 36.15 11.31
CA ARG F 154 -34.52 36.45 9.93
C ARG F 154 -33.56 37.61 9.76
N THR F 155 -33.62 38.59 10.65
CA THR F 155 -32.75 39.75 10.56
C THR F 155 -31.34 39.55 11.15
N ARG F 156 -31.26 38.92 12.33
CA ARG F 156 -29.97 38.66 12.97
C ARG F 156 -29.28 37.55 12.18
N ARG F 157 -28.38 37.93 11.27
CA ARG F 157 -27.71 36.96 10.41
C ARG F 157 -26.20 36.88 10.47
N VAL F 158 -25.55 37.81 11.17
CA VAL F 158 -24.10 37.80 11.20
C VAL F 158 -23.43 37.81 12.57
N VAL F 159 -22.34 37.04 12.65
CA VAL F 159 -21.53 36.94 13.85
C VAL F 159 -20.24 37.72 13.57
N LEU F 160 -19.86 38.58 14.51
CA LEU F 160 -18.63 39.35 14.36
C LEU F 160 -17.50 38.70 15.15
N VAL F 161 -16.32 38.64 14.54
CA VAL F 161 -15.16 38.05 15.19
C VAL F 161 -13.96 38.95 14.91
N PRO F 162 -13.09 39.14 15.90
CA PRO F 162 -11.92 40.00 15.66
C PRO F 162 -10.96 39.32 14.68
N ASP F 163 -10.09 40.10 14.06
CA ASP F 163 -9.13 39.56 13.11
C ASP F 163 -8.14 38.63 13.80
N SER F 164 -8.02 38.76 15.12
CA SER F 164 -7.11 37.93 15.90
C SER F 164 -7.79 36.67 16.44
N ALA F 165 -9.04 36.45 16.02
CA ALA F 165 -9.80 35.30 16.49
C ALA F 165 -9.26 33.97 16.00
N HIS F 166 -9.45 32.96 16.85
CA HIS F 166 -9.05 31.61 16.54
C HIS F 166 -9.95 31.12 15.42
N GLY F 167 -9.39 30.33 14.51
CA GLY F 167 -10.16 29.82 13.39
C GLY F 167 -11.48 29.12 13.69
N SER F 168 -11.62 28.55 14.88
CA SER F 168 -12.87 27.85 15.22
C SER F 168 -14.05 28.81 15.37
N ASN F 169 -13.79 30.06 15.71
CA ASN F 169 -14.87 31.03 15.87
C ASN F 169 -15.61 31.19 14.53
N PRO F 170 -14.92 31.70 13.49
CA PRO F 170 -15.63 31.85 12.21
C PRO F 170 -16.20 30.52 11.70
N ALA F 171 -15.49 29.43 11.92
CA ALA F 171 -15.95 28.13 11.48
C ALA F 171 -17.27 27.78 12.18
N THR F 172 -17.33 28.05 13.49
CA THR F 172 -18.54 27.78 14.27
C THR F 172 -19.72 28.55 13.69
N ALA F 173 -19.49 29.82 13.32
CA ALA F 173 -20.56 30.64 12.77
C ALA F 173 -21.18 29.95 11.56
N SER F 174 -20.34 29.33 10.74
CA SER F 174 -20.81 28.63 9.55
C SER F 174 -21.62 27.38 9.90
N MET F 175 -21.13 26.60 10.86
CA MET F 175 -21.85 25.39 11.26
C MET F 175 -23.22 25.78 11.82
N ALA F 176 -23.35 27.03 12.27
CA ALA F 176 -24.61 27.51 12.85
C ALA F 176 -25.47 28.30 11.88
N GLY F 177 -25.09 28.31 10.61
CA GLY F 177 -25.88 29.02 9.61
C GLY F 177 -25.68 30.52 9.53
N TYR F 178 -24.79 31.08 10.34
CA TYR F 178 -24.55 32.52 10.33
C TYR F 178 -23.45 32.93 9.37
N GLN F 179 -23.48 34.19 8.96
CA GLN F 179 -22.45 34.73 8.08
C GLN F 179 -21.44 35.27 9.08
N VAL F 180 -20.18 35.35 8.69
CA VAL F 180 -19.17 35.87 9.59
C VAL F 180 -18.46 37.07 8.97
N ARG F 181 -18.28 38.11 9.78
CA ARG F 181 -17.60 39.31 9.33
C ARG F 181 -16.56 39.67 10.37
N GLU F 182 -15.32 39.86 9.92
CA GLU F 182 -14.23 40.19 10.84
C GLU F 182 -14.04 41.68 11.02
N ILE F 183 -13.78 42.10 12.24
CA ILE F 183 -13.54 43.51 12.53
C ILE F 183 -12.05 43.66 12.82
N PRO F 184 -11.40 44.67 12.21
CA PRO F 184 -9.97 44.90 12.43
C PRO F 184 -9.64 45.33 13.84
N SER F 185 -8.41 45.05 14.27
CA SER F 185 -7.96 45.43 15.60
C SER F 185 -7.32 46.82 15.54
N GLY F 186 -7.31 47.51 16.68
CA GLY F 186 -6.71 48.83 16.74
C GLY F 186 -5.20 48.76 16.70
N PRO F 187 -4.51 49.92 16.76
CA PRO F 187 -3.05 49.93 16.72
C PRO F 187 -2.39 49.33 17.96
N GLU F 188 -3.12 49.29 19.07
CA GLU F 188 -2.60 48.74 20.33
C GLU F 188 -2.85 47.24 20.43
N GLY F 189 -3.56 46.69 19.44
CA GLY F 189 -3.85 45.27 19.44
C GLY F 189 -5.18 44.93 20.09
N GLU F 190 -5.97 45.95 20.41
CA GLU F 190 -7.26 45.73 21.04
C GLU F 190 -8.36 45.97 20.02
N VAL F 191 -9.60 45.80 20.44
CA VAL F 191 -10.72 46.01 19.54
C VAL F 191 -10.80 47.48 19.10
N ASP F 192 -11.02 47.69 17.81
CA ASP F 192 -11.16 49.03 17.25
C ASP F 192 -12.64 49.39 17.47
N LEU F 193 -12.92 50.24 18.44
CA LEU F 193 -14.29 50.62 18.73
C LEU F 193 -14.99 51.23 17.51
N GLU F 194 -14.32 52.15 16.83
CA GLU F 194 -14.92 52.78 15.65
C GLU F 194 -15.34 51.74 14.62
N ALA F 195 -14.45 50.80 14.32
CA ALA F 195 -14.75 49.75 13.36
C ALA F 195 -15.94 48.93 13.84
N LEU F 196 -15.97 48.68 15.15
CA LEU F 196 -17.04 47.90 15.76
C LEU F 196 -18.40 48.58 15.65
N LYS F 197 -18.45 49.89 15.87
CA LYS F 197 -19.70 50.64 15.79
C LYS F 197 -20.27 50.60 14.38
N ARG F 198 -19.37 50.57 13.39
CA ARG F 198 -19.77 50.53 12.00
C ARG F 198 -20.44 49.21 11.63
N GLU F 199 -20.10 48.14 12.35
CA GLU F 199 -20.66 46.83 12.09
C GLU F 199 -21.93 46.53 12.90
N LEU F 200 -21.98 47.06 14.12
CA LEU F 200 -23.13 46.83 14.99
C LEU F 200 -24.45 47.34 14.39
N GLY F 201 -25.46 46.49 14.43
CA GLY F 201 -26.77 46.84 13.89
C GLY F 201 -27.75 45.69 14.12
N PRO F 202 -29.03 45.86 13.76
CA PRO F 202 -30.04 44.81 13.95
C PRO F 202 -29.78 43.53 13.16
N HIS F 203 -28.79 43.56 12.27
CA HIS F 203 -28.44 42.40 11.46
C HIS F 203 -27.38 41.53 12.13
N VAL F 204 -26.76 42.05 13.19
CA VAL F 204 -25.72 41.30 13.91
C VAL F 204 -26.31 40.50 15.07
N ALA F 205 -26.03 39.20 15.07
CA ALA F 205 -26.54 38.32 16.12
C ALA F 205 -25.61 38.25 17.33
N ALA F 206 -24.30 38.33 17.09
CA ALA F 206 -23.35 38.24 18.19
C ALA F 206 -21.93 38.65 17.85
N LEU F 207 -21.16 38.87 18.92
CA LEU F 207 -19.75 39.24 18.83
C LEU F 207 -19.01 38.25 19.74
N MET F 208 -18.08 37.50 19.16
CA MET F 208 -17.30 36.51 19.89
C MET F 208 -15.94 37.11 20.25
N LEU F 209 -15.59 37.05 21.52
CA LEU F 209 -14.30 37.60 21.97
C LEU F 209 -13.62 36.76 23.03
N THR F 210 -12.30 36.86 23.06
CA THR F 210 -11.52 36.20 24.09
C THR F 210 -11.06 37.41 24.88
N ASN F 211 -10.88 37.26 26.18
CA ASN F 211 -10.41 38.37 26.99
C ASN F 211 -9.71 37.79 28.22
N PRO F 212 -8.38 37.95 28.29
CA PRO F 212 -7.49 38.63 27.31
C PRO F 212 -7.66 38.08 25.88
N ASN F 213 -7.22 38.86 24.89
CA ASN F 213 -7.32 38.43 23.50
C ASN F 213 -6.15 37.54 23.12
N THR F 214 -6.14 37.08 21.87
CA THR F 214 -5.09 36.20 21.39
C THR F 214 -3.69 36.82 21.30
N LEU F 215 -3.59 38.11 21.64
CA LEU F 215 -2.29 38.79 21.65
C LEU F 215 -1.87 38.80 23.12
N GLY F 216 -2.74 38.25 23.97
CA GLY F 216 -2.46 38.19 25.40
C GLY F 216 -2.80 39.50 26.09
N LEU F 217 -3.50 40.38 25.38
CA LEU F 217 -3.86 41.68 25.93
C LEU F 217 -5.28 41.77 26.44
N PHE F 218 -5.44 42.35 27.62
CA PHE F 218 -6.76 42.54 28.20
C PHE F 218 -7.46 43.65 27.43
N GLU F 219 -8.71 43.40 27.05
CA GLU F 219 -9.50 44.41 26.33
C GLU F 219 -9.95 45.44 27.35
N ARG F 220 -9.19 46.52 27.47
CA ARG F 220 -9.49 47.56 28.45
C ARG F 220 -10.85 48.25 28.31
N ARG F 221 -11.40 48.27 27.11
CA ARG F 221 -12.71 48.93 26.88
C ARG F 221 -13.85 47.92 26.79
N ILE F 222 -13.65 46.73 27.38
CA ILE F 222 -14.65 45.67 27.34
C ILE F 222 -16.02 46.12 27.83
N LEU F 223 -16.04 46.94 28.88
CA LEU F 223 -17.32 47.42 29.39
C LEU F 223 -18.02 48.25 28.32
N GLU F 224 -17.25 49.07 27.60
CA GLU F 224 -17.80 49.90 26.55
C GLU F 224 -18.35 49.03 25.43
N ILE F 225 -17.56 48.03 25.07
CA ILE F 225 -17.93 47.09 24.02
C ILE F 225 -19.24 46.41 24.41
N SER F 226 -19.36 46.07 25.69
CA SER F 226 -20.55 45.42 26.22
C SER F 226 -21.76 46.35 26.16
N ARG F 227 -21.52 47.64 26.36
CA ARG F 227 -22.60 48.62 26.33
C ARG F 227 -23.08 48.77 24.89
N LEU F 228 -22.14 48.91 23.97
CA LEU F 228 -22.49 49.05 22.56
C LEU F 228 -23.31 47.85 22.12
N CYS F 229 -22.83 46.65 22.45
CA CYS F 229 -23.52 45.42 22.09
C CYS F 229 -24.94 45.34 22.65
N LYS F 230 -25.08 45.52 23.95
CA LYS F 230 -26.40 45.43 24.57
C LYS F 230 -27.37 46.44 23.97
N GLU F 231 -26.84 47.60 23.62
CA GLU F 231 -27.64 48.67 23.03
C GLU F 231 -28.17 48.27 21.66
N ALA F 232 -27.42 47.43 20.95
CA ALA F 232 -27.83 46.97 19.62
C ALA F 232 -28.52 45.60 19.68
N GLY F 233 -28.73 45.09 20.89
CA GLY F 233 -29.38 43.80 21.05
C GLY F 233 -28.47 42.65 20.66
N VAL F 234 -27.20 42.95 20.44
CA VAL F 234 -26.21 41.95 20.05
C VAL F 234 -25.69 41.19 21.27
N GLN F 235 -25.68 39.86 21.19
CA GLN F 235 -25.20 39.04 22.29
C GLN F 235 -23.67 38.95 22.30
N LEU F 236 -23.08 39.12 23.47
CA LEU F 236 -21.62 39.06 23.62
C LEU F 236 -21.17 37.68 24.07
N TYR F 237 -20.43 36.98 23.19
CA TYR F 237 -19.96 35.63 23.49
C TYR F 237 -18.50 35.60 23.97
N TYR F 238 -18.24 34.90 25.06
CA TYR F 238 -16.89 34.81 25.62
C TYR F 238 -16.20 33.47 25.32
N ASP F 239 -15.19 33.50 24.47
CA ASP F 239 -14.43 32.30 24.15
C ASP F 239 -13.48 32.18 25.34
N GLY F 240 -13.70 31.19 26.19
CA GLY F 240 -12.88 31.05 27.39
C GLY F 240 -11.48 30.47 27.29
N ALA F 241 -10.90 30.48 26.10
CA ALA F 241 -9.56 29.93 25.92
C ALA F 241 -8.50 30.58 26.81
N ASN F 242 -8.67 31.86 27.11
CA ASN F 242 -7.70 32.58 27.91
C ASN F 242 -8.16 32.89 29.34
N LEU F 243 -9.12 32.12 29.81
CA LEU F 243 -9.63 32.33 31.16
C LEU F 243 -8.54 32.22 32.23
N ASN F 244 -7.51 31.42 31.96
CA ASN F 244 -6.42 31.21 32.91
C ASN F 244 -5.71 32.49 33.35
N ALA F 245 -5.72 33.50 32.50
CA ALA F 245 -5.07 34.76 32.80
C ALA F 245 -5.84 35.55 33.86
N ILE F 246 -7.11 35.22 34.07
CA ILE F 246 -7.89 35.99 35.02
C ILE F 246 -8.78 35.28 36.04
N MET F 247 -8.83 33.95 36.06
CA MET F 247 -9.72 33.31 37.03
C MET F 247 -9.42 33.78 38.45
N GLY F 248 -10.47 34.24 39.13
CA GLY F 248 -10.32 34.73 40.48
C GLY F 248 -10.17 36.24 40.54
N TRP F 249 -9.66 36.84 39.45
CA TRP F 249 -9.46 38.28 39.41
C TRP F 249 -10.56 39.06 38.71
N ALA F 250 -11.21 38.41 37.75
CA ALA F 250 -12.28 39.06 36.99
C ALA F 250 -13.17 38.01 36.37
N ARG F 251 -14.45 38.33 36.23
CA ARG F 251 -15.39 37.40 35.64
C ARG F 251 -15.98 37.95 34.36
N PRO F 252 -16.03 37.14 33.31
CA PRO F 252 -16.60 37.65 32.06
C PRO F 252 -18.06 38.09 32.28
N GLY F 253 -18.74 37.41 33.19
CA GLY F 253 -20.11 37.76 33.50
C GLY F 253 -20.23 39.20 33.98
N ASP F 254 -19.23 39.67 34.74
CA ASP F 254 -19.25 41.03 35.25
C ASP F 254 -18.77 42.03 34.20
N MET F 255 -18.23 41.51 33.10
CA MET F 255 -17.74 42.36 32.01
C MET F 255 -18.85 42.61 31.00
N GLY F 256 -19.95 41.87 31.13
CA GLY F 256 -21.06 42.05 30.20
C GLY F 256 -21.34 40.91 29.23
N PHE F 257 -20.54 39.85 29.28
CA PHE F 257 -20.73 38.70 28.41
C PHE F 257 -22.03 37.95 28.73
N ASP F 258 -22.76 37.53 27.70
CA ASP F 258 -24.04 36.84 27.87
C ASP F 258 -23.93 35.32 27.93
N VAL F 259 -22.90 34.79 27.30
CA VAL F 259 -22.69 33.34 27.25
C VAL F 259 -21.19 33.07 27.29
N VAL F 260 -20.81 31.99 27.94
CA VAL F 260 -19.42 31.63 28.10
C VAL F 260 -19.15 30.16 27.82
N HIS F 261 -17.94 29.85 27.37
CA HIS F 261 -17.55 28.47 27.16
C HIS F 261 -16.17 28.37 27.81
N LEU F 262 -15.92 27.26 28.49
CA LEU F 262 -14.66 27.04 29.18
C LEU F 262 -13.97 25.80 28.62
N ASN F 263 -12.66 25.74 28.79
CA ASN F 263 -11.89 24.60 28.32
C ASN F 263 -11.26 23.89 29.52
N LEU F 264 -11.87 22.79 29.93
CA LEU F 264 -11.38 22.02 31.06
C LEU F 264 -10.02 21.38 30.77
N HIS F 265 -9.78 21.03 29.52
CA HIS F 265 -8.51 20.40 29.13
C HIS F 265 -7.40 21.41 28.92
N LYS F 266 -7.71 22.67 29.19
CA LYS F 266 -6.73 23.74 29.07
C LYS F 266 -6.58 24.38 30.44
N THR F 267 -7.54 25.24 30.77
CA THR F 267 -7.55 25.95 32.03
C THR F 267 -7.53 25.05 33.27
N PHE F 268 -8.43 24.06 33.32
CA PHE F 268 -8.53 23.21 34.48
C PHE F 268 -7.76 21.88 34.57
N THR F 269 -6.61 21.83 33.91
CA THR F 269 -5.69 20.68 33.94
C THR F 269 -6.10 19.35 33.33
N VAL F 270 -7.29 19.24 32.75
CA VAL F 270 -7.65 17.97 32.13
C VAL F 270 -6.52 17.71 31.13
N PRO F 271 -5.98 16.49 31.09
CA PRO F 271 -4.90 16.23 30.15
C PRO F 271 -5.24 16.44 28.66
N HIS F 272 -4.28 16.94 27.89
CA HIS F 272 -4.48 17.20 26.47
C HIS F 272 -4.53 15.93 25.63
N GLY F 273 -4.01 14.85 26.18
CA GLY F 273 -4.01 13.54 25.51
C GLY F 273 -3.69 13.45 24.03
N GLY F 274 -2.73 14.26 23.57
CA GLY F 274 -2.34 14.23 22.16
C GLY F 274 -3.38 14.79 21.20
N GLY F 275 -4.32 15.57 21.70
CA GLY F 275 -5.34 16.16 20.84
C GLY F 275 -6.72 16.18 21.48
N GLY F 276 -6.98 15.21 22.33
CA GLY F 276 -8.27 15.12 23.00
C GLY F 276 -8.30 13.90 23.88
N PRO F 277 -9.43 13.60 24.55
CA PRO F 277 -10.68 14.36 24.54
C PRO F 277 -10.65 15.52 25.52
N GLY F 278 -11.65 16.38 25.46
CA GLY F 278 -11.72 17.52 26.36
C GLY F 278 -13.11 17.69 26.95
N SER F 279 -13.49 18.94 27.21
CA SER F 279 -14.81 19.25 27.75
C SER F 279 -14.99 20.75 27.62
N GLY F 280 -16.09 21.17 27.03
CA GLY F 280 -16.31 22.60 26.85
C GLY F 280 -17.59 23.11 27.46
N PRO F 281 -17.68 23.14 28.80
CA PRO F 281 -18.86 23.62 29.50
C PRO F 281 -19.31 24.98 28.98
N VAL F 282 -20.61 25.21 28.91
CA VAL F 282 -21.11 26.48 28.42
C VAL F 282 -21.99 27.13 29.46
N GLY F 283 -21.55 28.30 29.93
CA GLY F 283 -22.30 29.04 30.92
C GLY F 283 -23.14 30.10 30.25
N VAL F 284 -24.20 30.52 30.91
CA VAL F 284 -25.10 31.49 30.31
C VAL F 284 -25.83 32.37 31.35
N LYS F 285 -26.14 33.60 30.95
CA LYS F 285 -26.90 34.53 31.80
C LYS F 285 -28.36 34.03 31.73
N ALA F 286 -29.14 34.34 32.76
CA ALA F 286 -30.53 33.90 32.85
C ALA F 286 -31.42 34.06 31.63
N HIS F 287 -31.35 35.20 30.94
CA HIS F 287 -32.21 35.41 29.78
C HIS F 287 -31.95 34.43 28.65
N LEU F 288 -30.82 33.72 28.72
CA LEU F 288 -30.47 32.75 27.70
C LEU F 288 -30.54 31.30 28.19
N ALA F 289 -30.75 31.13 29.50
CA ALA F 289 -30.81 29.80 30.10
C ALA F 289 -31.87 28.85 29.52
N PRO F 290 -33.07 29.36 29.22
CA PRO F 290 -34.05 28.41 28.67
C PRO F 290 -33.67 27.72 27.36
N TYR F 291 -32.64 28.22 26.68
CA TYR F 291 -32.21 27.64 25.42
C TYR F 291 -31.07 26.62 25.56
N LEU F 292 -30.64 26.40 26.80
CA LEU F 292 -29.57 25.43 27.07
C LEU F 292 -29.95 24.01 26.65
N PRO F 293 -28.97 23.26 26.13
CA PRO F 293 -29.24 21.87 25.72
C PRO F 293 -29.57 21.05 26.96
N VAL F 294 -30.29 19.95 26.75
CA VAL F 294 -30.67 19.06 27.84
C VAL F 294 -29.70 17.89 27.89
N PRO F 295 -29.55 17.25 29.07
CA PRO F 295 -30.24 17.57 30.32
C PRO F 295 -29.34 18.42 31.20
N LEU F 296 -29.93 19.12 32.15
CA LEU F 296 -29.17 19.94 33.08
C LEU F 296 -29.25 19.25 34.43
N VAL F 297 -28.19 19.35 35.23
CA VAL F 297 -28.18 18.73 36.54
C VAL F 297 -28.77 19.69 37.56
N GLU F 298 -29.84 19.26 38.22
CA GLU F 298 -30.49 20.06 39.23
C GLU F 298 -30.59 19.23 40.50
N ARG F 299 -30.89 19.88 41.61
CA ARG F 299 -31.06 19.14 42.85
C ARG F 299 -32.49 19.40 43.26
N GLY F 300 -33.27 18.32 43.38
CA GLY F 300 -34.66 18.48 43.75
C GLY F 300 -34.98 17.93 45.13
N GLU F 301 -36.27 17.90 45.46
CA GLU F 301 -36.73 17.37 46.73
C GLU F 301 -36.14 15.97 46.94
N GLU F 302 -36.23 15.11 45.93
CA GLU F 302 -35.69 13.76 46.02
C GLU F 302 -34.17 13.87 46.27
N GLY F 303 -33.44 14.23 45.22
CA GLY F 303 -32.00 14.41 45.29
C GLY F 303 -31.56 15.05 43.99
N PHE F 304 -30.35 14.73 43.54
CA PHE F 304 -29.86 15.30 42.29
C PHE F 304 -30.51 14.56 41.12
N TYR F 305 -30.77 15.27 40.03
CA TYR F 305 -31.37 14.61 38.88
C TYR F 305 -31.06 15.30 37.56
N LEU F 306 -31.20 14.53 36.48
CA LEU F 306 -30.99 15.03 35.13
C LEU F 306 -32.32 15.62 34.67
N ASP F 307 -32.35 16.94 34.50
CA ASP F 307 -33.57 17.61 34.09
C ASP F 307 -33.67 17.75 32.57
N PHE F 308 -34.70 17.16 32.00
CA PHE F 308 -34.94 17.22 30.55
C PHE F 308 -36.12 18.12 30.20
N ASP F 309 -36.81 18.62 31.23
CA ASP F 309 -37.98 19.47 30.99
C ASP F 309 -37.63 20.92 30.71
N ARG F 310 -37.25 21.19 29.47
CA ARG F 310 -36.88 22.55 29.06
C ARG F 310 -37.35 22.75 27.63
N PRO F 311 -38.62 23.16 27.49
CA PRO F 311 -39.29 23.41 26.20
C PRO F 311 -38.56 24.27 25.18
N LYS F 312 -37.74 25.20 25.63
CA LYS F 312 -37.04 26.05 24.69
C LYS F 312 -35.61 25.65 24.42
N SER F 313 -35.23 24.46 24.87
CA SER F 313 -33.86 23.98 24.66
C SER F 313 -33.53 23.72 23.20
N ILE F 314 -32.28 23.99 22.81
CA ILE F 314 -31.85 23.76 21.44
C ILE F 314 -31.77 22.25 21.19
N GLY F 315 -31.94 21.46 22.25
CA GLY F 315 -31.89 20.01 22.13
C GLY F 315 -30.64 19.36 22.71
N ARG F 316 -30.07 18.41 21.98
CA ARG F 316 -28.85 17.70 22.41
C ARG F 316 -27.70 18.02 21.47
N VAL F 317 -26.48 18.05 22.00
CA VAL F 317 -25.32 18.34 21.16
C VAL F 317 -24.34 17.17 21.09
N ARG F 318 -24.58 16.16 21.92
CA ARG F 318 -23.77 14.95 21.96
C ARG F 318 -24.52 13.94 22.81
N SER F 319 -24.08 12.69 22.82
CA SER F 319 -24.75 11.64 23.60
C SER F 319 -24.54 11.82 25.10
N PHE F 320 -25.48 11.26 25.85
CA PHE F 320 -25.44 11.28 27.30
C PHE F 320 -25.41 12.66 27.97
N TYR F 321 -24.48 12.90 28.89
CA TYR F 321 -24.48 14.17 29.62
C TYR F 321 -23.21 15.00 29.64
N GLY F 322 -22.15 14.50 29.02
CA GLY F 322 -20.91 15.24 29.02
C GLY F 322 -19.81 14.28 29.39
N ASN F 323 -18.56 14.71 29.23
CA ASN F 323 -17.42 13.86 29.55
C ASN F 323 -17.16 13.86 31.04
N PHE F 324 -17.97 13.07 31.75
CA PHE F 324 -17.91 12.96 33.19
C PHE F 324 -16.52 12.81 33.81
N LEU F 325 -15.74 11.85 33.34
CA LEU F 325 -14.41 11.61 33.88
C LEU F 325 -13.52 12.85 33.79
N ALA F 326 -13.87 13.78 32.91
CA ALA F 326 -13.12 15.02 32.77
C ALA F 326 -13.64 15.97 33.86
N LEU F 327 -14.95 15.95 34.07
CA LEU F 327 -15.55 16.81 35.09
C LEU F 327 -15.00 16.44 36.46
N VAL F 328 -14.72 15.15 36.67
CA VAL F 328 -14.18 14.69 37.95
C VAL F 328 -12.82 15.32 38.16
N ARG F 329 -12.00 15.33 37.12
CA ARG F 329 -10.67 15.92 37.19
C ARG F 329 -10.75 17.43 37.50
N ALA F 330 -11.61 18.14 36.78
CA ALA F 330 -11.79 19.59 36.98
C ALA F 330 -12.25 19.86 38.41
N TRP F 331 -13.21 19.05 38.86
CA TRP F 331 -13.75 19.17 40.20
C TRP F 331 -12.63 19.05 41.23
N ALA F 332 -11.83 17.99 41.11
CA ALA F 332 -10.73 17.75 42.03
C ALA F 332 -9.74 18.90 42.04
N TYR F 333 -9.53 19.51 40.87
CA TYR F 333 -8.62 20.63 40.73
C TYR F 333 -9.12 21.85 41.49
N ILE F 334 -10.39 22.18 41.32
CA ILE F 334 -10.96 23.33 42.00
C ILE F 334 -11.02 23.11 43.51
N ARG F 335 -11.39 21.91 43.94
CA ARG F 335 -11.46 21.60 45.37
C ARG F 335 -10.09 21.52 46.03
N THR F 336 -9.02 21.45 45.21
CA THR F 336 -7.67 21.40 45.74
C THR F 336 -7.12 22.81 45.94
N LEU F 337 -7.23 23.64 44.89
CA LEU F 337 -6.73 25.01 44.94
C LEU F 337 -7.61 26.03 45.66
N GLY F 338 -8.92 25.92 45.51
CA GLY F 338 -9.82 26.87 46.12
C GLY F 338 -9.69 28.22 45.40
N LEU F 339 -10.47 29.21 45.79
CA LEU F 339 -10.38 30.51 45.14
C LEU F 339 -8.96 31.07 45.17
N GLU F 340 -8.32 31.02 46.32
CA GLU F 340 -6.98 31.55 46.43
C GLU F 340 -5.95 30.81 45.58
N GLY F 341 -6.11 29.49 45.44
CA GLY F 341 -5.19 28.74 44.62
C GLY F 341 -5.36 29.12 43.15
N LEU F 342 -6.60 29.29 42.72
CA LEU F 342 -6.86 29.67 41.34
C LEU F 342 -6.38 31.09 41.07
N LYS F 343 -6.60 32.01 42.00
CA LYS F 343 -6.16 33.39 41.83
C LYS F 343 -4.65 33.46 41.73
N LYS F 344 -3.96 32.71 42.60
CA LYS F 344 -2.51 32.71 42.58
C LYS F 344 -2.02 32.11 41.27
N ALA F 345 -2.66 31.02 40.84
CA ALA F 345 -2.30 30.37 39.59
C ALA F 345 -2.38 31.39 38.44
N ALA F 346 -3.49 32.13 38.38
CA ALA F 346 -3.65 33.13 37.32
C ALA F 346 -2.57 34.21 37.41
N ALA F 347 -2.34 34.71 38.62
CA ALA F 347 -1.33 35.74 38.86
C ALA F 347 0.06 35.27 38.45
N LEU F 348 0.40 34.03 38.77
CA LEU F 348 1.71 33.52 38.39
C LEU F 348 1.77 33.14 36.91
N ALA F 349 0.62 32.92 36.30
CA ALA F 349 0.58 32.59 34.89
C ALA F 349 0.93 33.89 34.15
N VAL F 350 0.34 34.99 34.61
CA VAL F 350 0.59 36.29 34.01
C VAL F 350 2.03 36.74 34.30
N LEU F 351 2.50 36.52 35.52
CA LEU F 351 3.86 36.91 35.85
C LEU F 351 4.86 36.16 34.98
N ASN F 352 4.66 34.85 34.83
CA ASN F 352 5.57 34.04 34.01
C ASN F 352 5.64 34.52 32.54
N ALA F 353 4.50 34.83 31.95
CA ALA F 353 4.49 35.29 30.56
C ALA F 353 5.14 36.66 30.42
N ARG F 354 4.74 37.59 31.28
CA ARG F 354 5.26 38.95 31.25
C ARG F 354 6.77 38.97 31.47
N TYR F 355 7.25 38.03 32.28
CA TYR F 355 8.67 37.90 32.60
C TYR F 355 9.45 37.33 31.43
N LEU F 356 8.96 36.23 30.87
CA LEU F 356 9.61 35.59 29.74
C LEU F 356 9.62 36.55 28.55
N LYS F 357 8.63 37.44 28.50
CA LYS F 357 8.58 38.41 27.42
C LYS F 357 9.82 39.30 27.52
N GLU F 358 10.07 39.81 28.72
CA GLU F 358 11.23 40.66 28.95
C GLU F 358 12.52 39.97 28.52
N LEU F 359 12.70 38.72 28.94
CA LEU F 359 13.90 37.98 28.60
C LEU F 359 14.11 37.86 27.09
N LEU F 360 13.04 37.58 26.37
CA LEU F 360 13.12 37.44 24.92
C LEU F 360 13.41 38.78 24.22
N LYS F 361 12.84 39.86 24.70
CA LYS F 361 13.07 41.18 24.11
C LYS F 361 14.55 41.53 24.28
N GLU F 362 15.07 41.21 25.45
CA GLU F 362 16.47 41.47 25.77
C GLU F 362 17.37 40.69 24.82
N LYS F 363 16.85 39.60 24.26
CA LYS F 363 17.60 38.77 23.33
C LYS F 363 17.47 39.24 21.88
N GLY F 364 16.64 40.26 21.66
CA GLY F 364 16.46 40.77 20.32
C GLY F 364 15.13 40.44 19.67
N TYR F 365 14.25 39.74 20.38
CA TYR F 365 12.94 39.42 19.83
C TYR F 365 12.03 40.62 19.97
N ARG F 366 11.12 40.79 19.03
CA ARG F 366 10.22 41.94 19.09
C ARG F 366 8.78 41.59 19.46
N VAL F 367 8.10 42.54 20.08
CA VAL F 367 6.71 42.36 20.46
C VAL F 367 5.94 43.54 19.84
N PRO F 368 5.36 43.33 18.65
CA PRO F 368 4.61 44.37 17.96
C PRO F 368 3.48 45.03 18.74
N TYR F 369 2.83 44.27 19.61
CA TYR F 369 1.74 44.82 20.43
C TYR F 369 2.06 44.50 21.88
N ASP F 370 2.79 45.37 22.57
CA ASP F 370 3.09 45.01 23.95
C ASP F 370 2.63 45.91 25.08
N GLY F 371 1.34 45.86 25.35
CA GLY F 371 0.80 46.61 26.47
C GLY F 371 1.06 45.66 27.62
N PRO F 372 0.49 45.88 28.81
CA PRO F 372 0.78 44.94 29.90
C PRO F 372 0.34 43.52 29.49
N SER F 373 1.33 42.69 29.22
CA SER F 373 1.11 41.32 28.80
C SER F 373 0.44 40.47 29.89
N MET F 374 -0.58 39.71 29.52
CA MET F 374 -1.25 38.85 30.50
C MET F 374 -0.66 37.43 30.52
N HIS F 375 -1.47 36.40 30.31
CA HIS F 375 -0.95 35.02 30.36
C HIS F 375 -0.11 34.56 29.17
N GLU F 376 -0.09 35.36 28.10
CA GLU F 376 0.69 35.03 26.91
C GLU F 376 1.07 36.30 26.18
N PHE F 377 1.98 36.18 25.22
CA PHE F 377 2.40 37.34 24.44
C PHE F 377 2.81 36.87 23.05
N VAL F 378 2.86 37.77 22.09
CA VAL F 378 3.23 37.39 20.73
C VAL F 378 4.48 38.14 20.27
N ALA F 379 5.57 37.41 20.12
CA ALA F 379 6.82 38.01 19.67
C ALA F 379 7.06 37.68 18.20
N GLN F 380 8.05 38.35 17.61
CA GLN F 380 8.45 38.13 16.22
C GLN F 380 9.95 38.01 16.30
N PRO F 381 10.55 37.15 15.47
CA PRO F 381 12.01 37.06 15.56
C PRO F 381 12.59 38.30 14.91
N PRO F 382 13.87 38.59 15.18
CA PRO F 382 14.42 39.79 14.53
C PRO F 382 14.33 39.59 13.02
N GLU F 383 14.23 40.68 12.27
CA GLU F 383 14.15 40.61 10.82
C GLU F 383 15.20 39.67 10.21
N GLY F 384 14.77 38.83 9.27
CA GLY F 384 15.69 37.90 8.65
C GLY F 384 15.59 36.45 9.11
N PHE F 385 14.96 36.23 10.26
CA PHE F 385 14.80 34.87 10.80
C PHE F 385 13.34 34.48 10.71
N ARG F 386 13.08 33.25 10.28
CA ARG F 386 11.72 32.77 10.18
C ARG F 386 11.33 32.06 11.47
N ALA F 387 10.09 32.25 11.89
CA ALA F 387 9.59 31.62 13.11
C ALA F 387 9.69 30.09 12.97
N LEU F 388 9.45 29.61 11.77
CA LEU F 388 9.51 28.18 11.48
C LEU F 388 10.89 27.59 11.77
N ASP F 389 11.93 28.23 11.25
CA ASP F 389 13.30 27.77 11.44
C ASP F 389 13.72 27.80 12.91
N LEU F 390 13.27 28.81 13.63
CA LEU F 390 13.59 28.93 15.06
C LEU F 390 12.91 27.81 15.84
N ALA F 391 11.70 27.47 15.43
CA ALA F 391 10.95 26.40 16.08
C ALA F 391 11.73 25.09 15.97
N LYS F 392 12.18 24.79 14.76
CA LYS F 392 12.94 23.56 14.51
C LYS F 392 14.28 23.61 15.24
N GLY F 393 14.82 24.81 15.41
CA GLY F 393 16.08 24.96 16.11
C GLY F 393 15.88 24.57 17.57
N LEU F 394 14.75 24.99 18.14
CA LEU F 394 14.48 24.65 19.54
C LEU F 394 14.39 23.13 19.71
N LEU F 395 13.76 22.46 18.75
CA LEU F 395 13.63 21.00 18.80
C LEU F 395 15.01 20.37 18.92
N GLU F 396 15.95 20.90 18.16
CA GLU F 396 17.31 20.38 18.16
C GLU F 396 17.97 20.62 19.51
N LEU F 397 17.59 21.70 20.17
CA LEU F 397 18.16 22.05 21.46
C LEU F 397 17.48 21.31 22.61
N GLY F 398 16.49 20.49 22.29
CA GLY F 398 15.79 19.75 23.32
C GLY F 398 14.61 20.46 23.95
N PHE F 399 14.22 21.59 23.37
CA PHE F 399 13.08 22.35 23.87
C PHE F 399 11.91 22.18 22.90
N HIS F 400 10.74 22.69 23.28
CA HIS F 400 9.59 22.65 22.39
C HIS F 400 9.23 24.09 22.14
N PRO F 401 8.94 24.46 20.88
CA PRO F 401 8.60 25.85 20.59
C PRO F 401 7.23 26.27 21.08
N PRO F 402 6.93 27.56 20.99
CA PRO F 402 5.63 28.07 21.42
C PRO F 402 4.76 27.83 20.20
N THR F 403 3.58 28.45 20.16
CA THR F 403 2.71 28.33 19.00
C THR F 403 3.29 29.24 17.93
N VAL F 404 3.37 28.77 16.70
CA VAL F 404 3.92 29.58 15.62
C VAL F 404 2.90 29.94 14.56
N TYR F 405 3.02 31.16 14.03
CA TYR F 405 2.14 31.67 12.99
C TYR F 405 0.68 31.87 13.38
N PHE F 406 0.47 32.29 14.62
CA PHE F 406 -0.84 32.61 15.14
C PHE F 406 -0.64 33.51 16.35
N PRO F 407 -1.48 34.56 16.51
CA PRO F 407 -2.57 34.94 15.61
C PRO F 407 -2.07 35.33 14.23
N LEU F 408 -2.98 35.38 13.27
CA LEU F 408 -2.65 35.68 11.88
C LEU F 408 -2.29 37.13 11.60
N ILE F 409 -2.56 38.03 12.54
CA ILE F 409 -2.25 39.44 12.31
C ILE F 409 -0.83 39.82 12.70
N VAL F 410 0.04 38.82 12.80
CA VAL F 410 1.43 39.06 13.16
C VAL F 410 2.35 38.16 12.35
N LYS F 411 3.22 38.77 11.54
CA LYS F 411 4.14 38.00 10.72
C LYS F 411 5.13 37.24 11.59
N GLU F 412 5.44 36.00 11.20
CA GLU F 412 6.38 35.15 11.94
C GLU F 412 6.01 35.13 13.42
N ALA F 413 4.72 35.02 13.70
CA ALA F 413 4.22 35.02 15.07
C ALA F 413 4.81 33.92 15.95
N LEU F 414 5.16 34.32 17.17
CA LEU F 414 5.69 33.42 18.18
C LEU F 414 4.79 33.62 19.39
N MET F 415 3.69 32.88 19.42
CA MET F 415 2.69 32.95 20.49
C MET F 415 3.15 32.09 21.66
N VAL F 416 3.60 32.76 22.73
CA VAL F 416 4.13 32.10 23.91
C VAL F 416 3.29 32.15 25.19
N GLU F 417 2.90 30.98 25.70
CA GLU F 417 2.13 30.86 26.94
C GLU F 417 2.78 29.79 27.81
N PRO F 418 3.55 30.20 28.82
CA PRO F 418 4.22 29.23 29.70
C PRO F 418 3.39 28.62 30.84
N THR F 419 2.25 29.26 31.18
CA THR F 419 1.38 28.81 32.26
C THR F 419 2.09 28.99 33.61
N GLU F 420 1.32 28.95 34.68
CA GLU F 420 1.83 29.14 36.03
C GLU F 420 2.68 28.02 36.64
N THR F 421 2.58 26.80 36.10
CA THR F 421 3.33 25.69 36.67
C THR F 421 4.79 25.53 36.25
N GLU F 422 5.27 26.45 35.41
CA GLU F 422 6.66 26.40 34.96
C GLU F 422 7.53 27.31 35.83
N ALA F 423 8.73 26.83 36.16
CA ALA F 423 9.67 27.56 37.01
C ALA F 423 10.47 28.66 36.32
N LYS F 424 10.89 29.64 37.12
CA LYS F 424 11.66 30.76 36.67
C LYS F 424 12.90 30.31 35.89
N GLU F 425 13.60 29.29 36.39
CA GLU F 425 14.80 28.79 35.73
C GLU F 425 14.49 28.18 34.37
N THR F 426 13.32 27.58 34.23
CA THR F 426 12.91 26.97 32.97
C THR F 426 12.67 28.06 31.92
N LEU F 427 12.06 29.16 32.34
CA LEU F 427 11.80 30.29 31.43
C LEU F 427 13.13 30.85 30.93
N GLU F 428 14.06 31.03 31.85
CA GLU F 428 15.38 31.56 31.53
C GLU F 428 16.15 30.63 30.60
N ALA F 429 16.12 29.34 30.89
CA ALA F 429 16.82 28.36 30.05
C ALA F 429 16.25 28.42 28.63
N PHE F 430 14.92 28.60 28.55
CA PHE F 430 14.23 28.69 27.27
C PHE F 430 14.63 29.97 26.53
N ALA F 431 14.62 31.09 27.23
CA ALA F 431 14.99 32.36 26.61
C ALA F 431 16.45 32.26 26.15
N GLU F 432 17.27 31.58 26.93
CA GLU F 432 18.67 31.43 26.60
C GLU F 432 18.81 30.65 25.29
N ALA F 433 17.89 29.71 25.06
CA ALA F 433 17.91 28.90 23.85
C ALA F 433 17.44 29.73 22.66
N MET F 434 16.42 30.55 22.87
CA MET F 434 15.89 31.42 21.81
C MET F 434 16.98 32.44 21.47
N GLY F 435 17.76 32.81 22.49
CA GLY F 435 18.83 33.76 22.27
C GLY F 435 19.93 33.14 21.45
N ALA F 436 20.39 31.95 21.85
CA ALA F 436 21.46 31.25 21.17
C ALA F 436 21.16 30.97 19.70
N LEU F 437 19.92 30.61 19.41
CA LEU F 437 19.52 30.30 18.04
C LEU F 437 19.74 31.46 17.07
N LEU F 438 19.63 32.69 17.57
CA LEU F 438 19.82 33.86 16.73
C LEU F 438 21.27 34.02 16.29
N LYS F 439 22.15 33.21 16.87
CA LYS F 439 23.57 33.26 16.53
C LYS F 439 23.98 32.11 15.60
N LYS F 440 23.14 31.09 15.51
CA LYS F 440 23.43 29.96 14.63
C LYS F 440 23.29 30.43 13.18
N PRO F 441 24.11 29.85 12.28
CA PRO F 441 24.06 30.22 10.85
C PRO F 441 22.73 29.91 10.19
N LYS F 442 22.39 30.69 9.18
CA LYS F 442 21.15 30.53 8.44
C LYS F 442 20.95 29.09 7.96
N GLU F 443 22.02 28.48 7.46
CA GLU F 443 21.93 27.11 6.95
C GLU F 443 21.62 26.10 8.05
N TRP F 444 22.27 26.25 9.21
CA TRP F 444 22.05 25.35 10.34
C TRP F 444 20.60 25.38 10.80
N LEU F 445 20.01 26.57 10.74
CA LEU F 445 18.63 26.79 11.15
C LEU F 445 17.63 26.19 10.17
N GLU F 446 17.84 26.45 8.89
CA GLU F 446 16.95 25.97 7.83
C GLU F 446 16.99 24.45 7.64
N ASN F 447 18.01 23.81 8.20
CA ASN F 447 18.13 22.37 8.06
C ASN F 447 17.93 21.61 9.36
N ALA F 448 17.43 22.31 10.37
CA ALA F 448 17.16 21.72 11.68
C ALA F 448 15.76 21.11 11.67
N PRO F 449 15.50 20.10 12.52
CA PRO F 449 16.42 19.47 13.49
C PRO F 449 17.36 18.48 12.83
N TYR F 450 18.27 17.93 13.63
CA TYR F 450 19.26 16.98 13.15
C TYR F 450 19.27 15.69 13.98
N SER F 451 19.00 15.82 15.29
CA SER F 451 19.05 14.69 16.21
C SER F 451 17.74 14.06 16.65
N THR F 452 16.63 14.65 16.25
CA THR F 452 15.30 14.14 16.62
C THR F 452 15.02 12.81 15.91
N PRO F 453 14.02 12.04 16.39
CA PRO F 453 13.67 10.75 15.77
C PRO F 453 13.62 10.82 14.25
N VAL F 454 13.16 11.96 13.73
CA VAL F 454 13.10 12.19 12.30
C VAL F 454 13.37 13.68 12.12
N ARG F 455 13.86 14.05 10.94
CA ARG F 455 14.12 15.46 10.68
C ARG F 455 12.91 16.03 9.94
N ARG F 456 13.01 17.26 9.43
CA ARG F 456 11.86 17.86 8.74
C ARG F 456 11.23 16.86 7.78
N LEU F 457 9.91 16.86 7.73
CA LEU F 457 9.18 15.93 6.88
C LEU F 457 8.69 16.56 5.59
N ASP F 458 8.69 15.76 4.51
CA ASP F 458 8.24 16.24 3.21
C ASP F 458 6.72 16.46 3.23
N GLU F 459 6.32 17.70 3.53
CA GLU F 459 4.90 18.04 3.58
C GLU F 459 4.26 17.98 2.21
N LEU F 460 5.00 18.41 1.20
CA LEU F 460 4.48 18.40 -0.16
C LEU F 460 4.03 16.99 -0.51
N ARG F 461 4.83 15.99 -0.16
CA ARG F 461 4.48 14.62 -0.46
C ARG F 461 3.20 14.18 0.24
N ALA F 462 3.09 14.50 1.53
CA ALA F 462 1.93 14.12 2.33
C ALA F 462 0.63 14.73 1.80
N ASN F 463 0.73 15.89 1.16
CA ASN F 463 -0.44 16.56 0.63
C ASN F 463 -0.77 16.18 -0.82
N LYS F 464 0.25 15.98 -1.65
CA LYS F 464 0.05 15.62 -3.06
C LYS F 464 -0.22 14.13 -3.24
N HIS F 465 0.45 13.30 -2.45
CA HIS F 465 0.28 11.86 -2.53
C HIS F 465 0.13 11.32 -1.12
N PRO F 466 -1.00 11.63 -0.47
CA PRO F 466 -1.23 11.15 0.90
C PRO F 466 -1.48 9.65 1.01
N LYS F 467 -0.82 9.02 1.97
CA LYS F 467 -1.00 7.61 2.26
C LYS F 467 -1.67 7.68 3.65
N LEU F 468 -2.98 7.48 3.66
CA LEU F 468 -3.76 7.60 4.89
C LEU F 468 -3.93 6.37 5.78
N THR F 469 -3.50 5.20 5.30
CA THR F 469 -3.59 3.98 6.10
C THR F 469 -2.53 3.02 5.60
N TYR F 470 -2.21 2.03 6.41
CA TYR F 470 -1.21 1.04 6.03
C TYR F 470 -1.59 0.30 4.75
N PHE F 471 -2.88 0.06 4.57
CA PHE F 471 -3.37 -0.65 3.41
C PHE F 471 -3.61 0.26 2.22
N ASP F 472 -3.59 1.56 2.47
CA ASP F 472 -3.75 2.56 1.42
C ASP F 472 -4.79 2.22 0.34
N GLU F 473 -5.98 1.81 0.78
CA GLU F 473 -7.07 1.46 -0.14
C GLU F 473 -7.60 2.74 -0.81
N GLY F 474 -8.17 2.59 -2.00
CA GLY F 474 -8.69 3.73 -2.72
C GLY F 474 -7.64 4.41 -3.58
N MET G 1 -5.28 -18.91 27.88
CA MET G 1 -4.84 -17.85 28.84
C MET G 1 -3.35 -17.96 29.15
N ASP G 2 -2.52 -17.32 28.32
CA ASP G 2 -1.08 -17.34 28.51
C ASP G 2 -0.42 -16.25 27.66
N TYR G 3 0.87 -16.02 27.89
CA TYR G 3 1.57 -14.95 27.20
C TYR G 3 2.59 -15.31 26.11
N THR G 4 2.64 -16.57 25.69
CA THR G 4 3.60 -16.93 24.65
C THR G 4 3.06 -16.51 23.28
N PRO G 5 3.93 -15.92 22.44
CA PRO G 5 3.57 -15.45 21.10
C PRO G 5 3.54 -16.53 20.02
N HIS G 6 4.30 -17.60 20.26
CA HIS G 6 4.42 -18.69 19.31
C HIS G 6 3.14 -19.24 18.67
N THR G 7 3.16 -19.35 17.34
CA THR G 7 2.03 -19.91 16.62
C THR G 7 2.40 -21.37 16.36
N GLU G 8 1.43 -22.20 16.00
CA GLU G 8 1.70 -23.61 15.75
C GLU G 8 2.76 -23.83 14.68
N GLU G 9 2.67 -23.10 13.58
CA GLU G 9 3.64 -23.24 12.49
C GLU G 9 5.05 -22.84 12.92
N GLU G 10 5.15 -21.90 13.86
CA GLU G 10 6.45 -21.46 14.34
C GLU G 10 7.05 -22.50 15.27
N ILE G 11 6.23 -23.07 16.15
CA ILE G 11 6.68 -24.10 17.08
C ILE G 11 7.17 -25.29 16.25
N ARG G 12 6.36 -25.66 15.25
CA ARG G 12 6.67 -26.75 14.36
C ARG G 12 8.02 -26.54 13.67
N GLU G 13 8.21 -25.34 13.13
CA GLU G 13 9.46 -24.99 12.44
C GLU G 13 10.67 -24.96 13.37
N MET G 14 10.51 -24.39 14.55
CA MET G 14 11.62 -24.31 15.52
C MET G 14 11.96 -25.70 16.04
N LEU G 15 10.94 -26.54 16.13
CA LEU G 15 11.11 -27.92 16.62
C LEU G 15 12.00 -28.70 15.65
N ARG G 16 11.71 -28.59 14.35
CA ARG G 16 12.50 -29.28 13.35
C ARG G 16 13.94 -28.78 13.42
N ARG G 17 14.09 -27.49 13.67
CA ARG G 17 15.42 -26.90 13.73
C ARG G 17 16.31 -27.43 14.86
N VAL G 18 15.71 -27.68 16.03
CA VAL G 18 16.49 -28.19 17.16
C VAL G 18 16.47 -29.71 17.21
N GLY G 19 15.96 -30.33 16.16
CA GLY G 19 15.90 -31.78 16.10
C GLY G 19 15.06 -32.42 17.18
N ALA G 20 13.89 -31.84 17.47
CA ALA G 20 13.00 -32.40 18.46
C ALA G 20 11.70 -32.78 17.74
N ALA G 21 11.10 -33.88 18.16
CA ALA G 21 9.88 -34.35 17.55
C ALA G 21 8.65 -33.61 18.06
N SER G 22 8.76 -33.06 19.26
CA SER G 22 7.64 -32.33 19.86
C SER G 22 8.07 -31.61 21.13
N LEU G 23 7.11 -30.95 21.79
CA LEU G 23 7.41 -30.23 23.01
C LEU G 23 7.76 -31.21 24.11
N GLU G 24 6.99 -32.30 24.18
CA GLU G 24 7.24 -33.33 25.19
C GLU G 24 8.62 -33.94 24.96
N ASP G 25 9.02 -34.03 23.69
CA ASP G 25 10.30 -34.61 23.32
C ASP G 25 11.49 -33.78 23.81
N LEU G 26 11.23 -32.54 24.20
CA LEU G 26 12.29 -31.66 24.70
C LEU G 26 12.75 -32.14 26.07
N PHE G 27 11.88 -32.88 26.74
CA PHE G 27 12.14 -33.40 28.08
C PHE G 27 12.45 -34.89 28.10
N ALA G 28 12.58 -35.48 26.92
CA ALA G 28 12.85 -36.91 26.77
C ALA G 28 14.10 -37.42 27.48
N HIS G 29 15.11 -36.58 27.63
CA HIS G 29 16.34 -37.02 28.29
C HIS G 29 16.25 -37.01 29.83
N LEU G 30 15.10 -36.57 30.35
CA LEU G 30 14.91 -36.53 31.81
C LEU G 30 14.51 -37.91 32.30
N PRO G 31 14.90 -38.26 33.54
CA PRO G 31 14.53 -39.58 34.08
C PRO G 31 13.03 -39.83 33.99
N LYS G 32 12.67 -40.89 33.29
CA LYS G 32 11.29 -41.28 33.08
C LYS G 32 10.42 -41.31 34.33
N GLU G 33 11.01 -41.67 35.47
CA GLU G 33 10.26 -41.75 36.72
C GLU G 33 9.74 -40.43 37.27
N ILE G 34 10.30 -39.30 36.82
CA ILE G 34 9.84 -38.01 37.32
C ILE G 34 8.96 -37.24 36.33
N LEU G 35 8.87 -37.71 35.09
CA LEU G 35 8.07 -37.05 34.08
C LEU G 35 6.58 -37.27 34.29
N SER G 36 5.78 -36.32 33.81
CA SER G 36 4.32 -36.40 33.91
C SER G 36 3.76 -36.47 35.33
N PRO G 37 4.30 -35.69 36.27
CA PRO G 37 3.73 -35.76 37.62
C PRO G 37 2.32 -35.16 37.62
N PRO G 38 1.36 -35.84 38.25
CA PRO G 38 -0.02 -35.34 38.30
C PRO G 38 -0.14 -34.15 39.24
N ILE G 39 0.13 -32.96 38.71
CA ILE G 39 0.06 -31.74 39.49
C ILE G 39 -1.39 -31.27 39.48
N ASP G 40 -1.88 -30.88 40.65
CA ASP G 40 -3.25 -30.41 40.76
C ASP G 40 -3.31 -28.89 40.91
N LEU G 41 -3.80 -28.24 39.87
CA LEU G 41 -3.93 -26.78 39.86
C LEU G 41 -5.27 -26.42 39.22
N PRO G 42 -5.91 -25.36 39.72
CA PRO G 42 -7.20 -24.96 39.15
C PRO G 42 -7.10 -24.62 37.66
N GLU G 43 -8.15 -24.95 36.92
CA GLU G 43 -8.18 -24.69 35.48
C GLU G 43 -7.92 -23.22 35.17
N PRO G 44 -7.22 -22.95 34.06
CA PRO G 44 -6.90 -21.58 33.64
C PRO G 44 -8.13 -20.69 33.51
N LEU G 45 -7.94 -19.40 33.77
CA LEU G 45 -9.02 -18.42 33.69
C LEU G 45 -8.56 -17.21 32.91
N PRO G 46 -9.48 -16.55 32.19
CA PRO G 46 -9.11 -15.36 31.42
C PRO G 46 -8.86 -14.21 32.42
N GLU G 47 -8.12 -13.18 32.00
CA GLU G 47 -7.79 -12.06 32.88
C GLU G 47 -8.97 -11.40 33.62
N TRP G 48 -10.07 -11.15 32.92
CA TRP G 48 -11.22 -10.53 33.57
C TRP G 48 -11.76 -11.42 34.68
N LYS G 49 -11.68 -12.73 34.48
CA LYS G 49 -12.17 -13.67 35.48
C LYS G 49 -11.19 -13.71 36.66
N VAL G 50 -9.89 -13.65 36.38
CA VAL G 50 -8.91 -13.65 37.47
C VAL G 50 -9.16 -12.43 38.34
N LEU G 51 -9.42 -11.28 37.71
CA LEU G 51 -9.70 -10.06 38.46
C LEU G 51 -10.97 -10.22 39.29
N GLU G 52 -12.01 -10.82 38.70
CA GLU G 52 -13.26 -11.04 39.43
C GLU G 52 -12.97 -11.82 40.72
N GLU G 53 -12.13 -12.84 40.63
CA GLU G 53 -11.78 -13.63 41.81
C GLU G 53 -10.98 -12.79 42.81
N LEU G 54 -10.07 -11.95 42.31
CA LEU G 54 -9.28 -11.10 43.18
C LEU G 54 -10.19 -10.14 43.94
N ARG G 55 -11.18 -9.59 43.24
CA ARG G 55 -12.12 -8.64 43.86
C ARG G 55 -12.94 -9.34 44.93
N ARG G 56 -13.27 -10.61 44.69
CA ARG G 56 -14.06 -11.40 45.61
C ARG G 56 -13.30 -11.64 46.91
N LEU G 57 -12.00 -11.93 46.81
CA LEU G 57 -11.17 -12.15 47.98
C LEU G 57 -10.98 -10.83 48.71
N ALA G 58 -10.76 -9.77 47.96
CA ALA G 58 -10.55 -8.43 48.54
C ALA G 58 -11.82 -7.93 49.20
N ALA G 59 -12.97 -8.38 48.71
CA ALA G 59 -14.25 -7.96 49.26
C ALA G 59 -14.48 -8.62 50.62
N GLN G 60 -13.73 -9.68 50.91
CA GLN G 60 -13.86 -10.38 52.18
C GLN G 60 -13.07 -9.65 53.27
N ASN G 61 -12.20 -8.74 52.85
CA ASN G 61 -11.39 -8.00 53.81
C ASN G 61 -12.02 -6.67 54.17
N LEU G 62 -11.64 -6.14 55.33
CA LEU G 62 -12.11 -4.82 55.76
C LEU G 62 -10.88 -3.94 55.52
N PRO G 63 -10.93 -3.05 54.52
CA PRO G 63 -9.78 -2.19 54.25
C PRO G 63 -9.28 -1.44 55.49
N ALA G 64 -7.96 -1.32 55.61
CA ALA G 64 -7.35 -0.64 56.75
C ALA G 64 -6.99 0.81 56.47
N HIS G 65 -7.60 1.40 55.46
CA HIS G 65 -7.32 2.78 55.14
C HIS G 65 -7.77 3.60 56.36
N LYS G 66 -6.93 4.51 56.83
CA LYS G 66 -7.25 5.33 58.01
C LYS G 66 -7.32 4.51 59.30
N ALA G 67 -6.61 3.39 59.32
CA ALA G 67 -6.57 2.52 60.49
C ALA G 67 -5.74 3.20 61.58
N PHE G 68 -5.95 2.76 62.82
CA PHE G 68 -5.22 3.30 63.96
C PHE G 68 -4.22 2.28 64.46
N LEU G 69 -4.01 1.23 63.68
CA LEU G 69 -3.07 0.16 64.02
C LEU G 69 -1.64 0.67 63.84
N GLY G 70 -0.74 0.25 64.73
CA GLY G 70 0.65 0.68 64.64
C GLY G 70 1.61 -0.49 64.64
N GLY G 71 2.72 -0.35 65.36
CA GLY G 71 3.69 -1.43 65.43
C GLY G 71 4.65 -1.51 64.26
N GLY G 72 4.98 -0.36 63.66
CA GLY G 72 5.91 -0.39 62.56
C GLY G 72 5.31 -0.07 61.21
N VAL G 73 4.00 -0.28 61.07
CA VAL G 73 3.31 0.00 59.83
C VAL G 73 2.13 0.90 60.17
N ARG G 74 1.93 1.94 59.39
CA ARG G 74 0.81 2.85 59.65
C ARG G 74 0.13 3.24 58.35
N SER G 75 -1.10 3.70 58.45
CA SER G 75 -1.84 4.10 57.26
C SER G 75 -1.54 5.54 56.87
N HIS G 76 -0.43 5.74 56.15
CA HIS G 76 -0.04 7.07 55.69
C HIS G 76 -0.58 7.32 54.29
N HIS G 77 -0.56 8.57 53.87
CA HIS G 77 -1.06 8.90 52.54
C HIS G 77 -0.10 8.38 51.48
N VAL G 78 -0.64 7.66 50.50
CA VAL G 78 0.16 7.11 49.39
C VAL G 78 -0.10 8.03 48.21
N PRO G 79 0.82 8.96 47.94
CA PRO G 79 0.64 9.89 46.83
C PRO G 79 0.61 9.28 45.43
N PRO G 80 -0.49 9.54 44.69
CA PRO G 80 -0.60 9.00 43.34
C PRO G 80 0.54 9.41 42.40
N VAL G 81 1.10 10.60 42.63
CA VAL G 81 2.19 11.03 41.76
C VAL G 81 3.41 10.11 41.93
N VAL G 82 3.63 9.59 43.13
CA VAL G 82 4.75 8.67 43.37
C VAL G 82 4.46 7.34 42.70
N GLN G 83 3.27 6.80 42.94
CA GLN G 83 2.89 5.52 42.34
C GLN G 83 2.86 5.57 40.81
N ALA G 84 2.52 6.73 40.24
CA ALA G 84 2.47 6.84 38.78
C ALA G 84 3.87 6.80 38.18
N LEU G 85 4.81 7.48 38.83
CA LEU G 85 6.20 7.51 38.35
C LEU G 85 6.91 6.17 38.52
N ALA G 86 6.63 5.48 39.63
CA ALA G 86 7.26 4.18 39.87
C ALA G 86 6.57 3.10 39.06
N ALA G 87 5.47 3.46 38.39
CA ALA G 87 4.72 2.52 37.56
C ALA G 87 5.27 2.51 36.14
N ARG G 88 6.15 3.47 35.84
CA ARG G 88 6.75 3.55 34.51
C ARG G 88 7.41 2.22 34.18
N GLY G 89 7.04 1.64 33.03
CA GLY G 89 7.59 0.36 32.63
C GLY G 89 9.09 0.19 32.77
N GLU G 90 9.86 1.25 32.52
CA GLU G 90 11.31 1.18 32.59
C GLU G 90 11.85 0.91 34.00
N PHE G 91 11.22 1.51 35.01
CA PHE G 91 11.63 1.31 36.40
C PHE G 91 11.08 -0.04 36.90
N LEU G 92 9.89 -0.37 36.43
CA LEU G 92 9.22 -1.59 36.83
C LEU G 92 9.82 -2.90 36.31
N THR G 93 10.15 -2.94 35.03
CA THR G 93 10.65 -4.17 34.44
C THR G 93 12.15 -4.24 34.21
N ALA G 94 12.89 -3.22 34.63
CA ALA G 94 14.33 -3.22 34.46
C ALA G 94 14.97 -4.21 35.45
N TYR G 95 16.16 -4.66 35.13
CA TYR G 95 16.88 -5.58 36.00
C TYR G 95 18.01 -4.79 36.67
N THR G 96 18.71 -5.43 37.61
CA THR G 96 19.83 -4.80 38.28
C THR G 96 20.66 -4.19 37.13
N PRO G 97 21.06 -2.91 37.27
CA PRO G 97 21.84 -2.17 36.27
C PRO G 97 23.31 -2.54 36.07
N TYR G 98 23.55 -3.71 35.48
CA TYR G 98 24.90 -4.16 35.22
C TYR G 98 25.47 -3.61 33.92
N GLN G 99 24.58 -3.12 33.06
CA GLN G 99 25.00 -2.54 31.78
C GLN G 99 24.69 -1.05 31.95
N PRO G 100 25.57 -0.32 32.64
CA PRO G 100 25.45 1.10 32.93
C PRO G 100 25.09 2.06 31.80
N GLU G 101 25.63 1.82 30.61
CA GLU G 101 25.36 2.71 29.49
C GLU G 101 23.88 2.88 29.17
N VAL G 102 23.09 1.82 29.36
CA VAL G 102 21.66 1.92 29.07
C VAL G 102 20.80 1.95 30.33
N SER G 103 21.44 2.08 31.49
CA SER G 103 20.71 2.10 32.75
C SER G 103 21.03 3.28 33.65
N GLN G 104 21.29 4.44 33.05
CA GLN G 104 21.60 5.62 33.84
C GLN G 104 20.38 6.10 34.64
N GLY G 105 19.19 5.73 34.17
CA GLY G 105 17.98 6.13 34.85
C GLY G 105 17.90 5.51 36.24
N VAL G 106 18.04 4.20 36.31
CA VAL G 106 17.99 3.50 37.59
C VAL G 106 19.23 3.78 38.42
N LEU G 107 20.40 3.79 37.78
CA LEU G 107 21.65 4.06 38.48
C LEU G 107 21.62 5.45 39.13
N GLN G 108 21.19 6.47 38.39
CA GLN G 108 21.14 7.81 38.96
C GLN G 108 20.10 7.86 40.09
N ALA G 109 18.92 7.33 39.83
CA ALA G 109 17.85 7.32 40.83
C ALA G 109 18.33 6.69 42.13
N THR G 110 19.09 5.62 42.02
CA THR G 110 19.61 4.90 43.19
C THR G 110 20.60 5.79 43.94
N PHE G 111 21.46 6.47 43.19
CA PHE G 111 22.46 7.37 43.75
C PHE G 111 21.75 8.46 44.55
N GLU G 112 20.66 8.99 43.97
CA GLU G 112 19.89 10.04 44.62
C GLU G 112 19.26 9.46 45.87
N TYR G 113 18.81 8.21 45.76
CA TYR G 113 18.21 7.53 46.90
C TYR G 113 19.24 7.43 48.03
N GLN G 114 20.43 6.95 47.71
CA GLN G 114 21.48 6.82 48.72
C GLN G 114 21.70 8.18 49.36
N THR G 115 21.80 9.23 48.54
CA THR G 115 22.00 10.57 49.04
C THR G 115 20.94 10.94 50.07
N MET G 116 19.67 10.83 49.68
CA MET G 116 18.55 11.18 50.57
C MET G 116 18.56 10.40 51.89
N ILE G 117 18.73 9.08 51.81
CA ILE G 117 18.76 8.25 53.02
C ILE G 117 19.88 8.70 53.95
N ALA G 118 21.07 8.91 53.39
CA ALA G 118 22.22 9.34 54.16
C ALA G 118 21.90 10.63 54.91
N GLU G 119 21.34 11.59 54.19
CA GLU G 119 20.95 12.87 54.77
C GLU G 119 19.91 12.75 55.87
N LEU G 120 18.88 11.94 55.61
CA LEU G 120 17.80 11.72 56.56
C LEU G 120 18.35 11.20 57.88
N ALA G 121 19.19 10.17 57.79
CA ALA G 121 19.81 9.54 58.95
C ALA G 121 20.93 10.39 59.55
N GLY G 122 21.34 11.43 58.82
CA GLY G 122 22.41 12.29 59.30
C GLY G 122 23.76 11.61 59.20
N LEU G 123 23.88 10.68 58.26
CA LEU G 123 25.13 9.96 58.04
C LEU G 123 25.76 10.31 56.69
N GLU G 124 26.81 9.59 56.31
CA GLU G 124 27.54 9.89 55.07
C GLU G 124 27.24 9.03 53.85
N ILE G 125 27.07 7.74 54.05
CA ILE G 125 26.79 6.83 52.95
C ILE G 125 25.64 5.87 53.27
N ALA G 126 25.09 5.25 52.24
CA ALA G 126 24.00 4.31 52.39
C ALA G 126 24.02 3.37 51.18
N ASN G 127 23.67 2.10 51.38
CA ASN G 127 23.65 1.18 50.26
C ASN G 127 22.39 1.37 49.43
N ALA G 128 22.26 0.58 48.37
CA ALA G 128 21.14 0.67 47.44
C ALA G 128 19.75 0.32 48.00
N SER G 129 19.73 -0.40 49.13
CA SER G 129 18.51 -0.84 49.83
C SER G 129 18.64 -2.25 50.37
N MET G 130 17.87 -2.52 51.42
CA MET G 130 17.83 -3.82 52.08
C MET G 130 16.38 -4.32 51.97
N TYR G 131 16.13 -5.60 52.26
CA TYR G 131 14.77 -6.16 52.16
C TYR G 131 13.73 -5.40 52.97
N ASP G 132 14.04 -5.16 54.24
CA ASP G 132 13.13 -4.48 55.13
C ASP G 132 13.89 -3.97 56.34
N GLY G 133 13.15 -3.40 57.31
CA GLY G 133 13.77 -2.88 58.51
C GLY G 133 14.50 -3.90 59.37
N ALA G 134 13.83 -4.99 59.72
CA ALA G 134 14.44 -6.03 60.56
C ALA G 134 15.73 -6.56 59.93
N THR G 135 15.67 -6.85 58.64
CA THR G 135 16.80 -7.36 57.90
C THR G 135 17.93 -6.33 57.83
N ALA G 136 17.56 -5.06 57.71
CA ALA G 136 18.55 -4.00 57.65
C ALA G 136 19.29 -3.95 58.99
N LEU G 137 18.55 -4.11 60.08
CA LEU G 137 19.14 -4.09 61.41
C LEU G 137 20.15 -5.23 61.57
N ALA G 138 19.74 -6.44 61.22
CA ALA G 138 20.64 -7.60 61.34
C ALA G 138 21.92 -7.36 60.53
N GLU G 139 21.78 -6.84 59.31
CA GLU G 139 22.94 -6.59 58.47
C GLU G 139 23.79 -5.45 59.05
N GLY G 140 23.14 -4.47 59.65
CA GLY G 140 23.86 -3.35 60.24
C GLY G 140 24.68 -3.78 61.45
N VAL G 141 24.10 -4.66 62.26
CA VAL G 141 24.76 -5.18 63.43
C VAL G 141 25.93 -6.07 63.00
N LEU G 142 25.70 -6.90 61.98
CA LEU G 142 26.75 -7.78 61.49
C LEU G 142 27.90 -6.93 60.97
N LEU G 143 27.58 -5.76 60.43
CA LEU G 143 28.61 -4.85 59.93
C LEU G 143 29.43 -4.34 61.12
N ALA G 144 28.77 -4.02 62.22
CA ALA G 144 29.47 -3.52 63.41
C ALA G 144 30.40 -4.58 64.01
N LEU G 145 30.03 -5.85 63.94
CA LEU G 145 30.86 -6.91 64.49
C LEU G 145 32.13 -7.14 63.66
N ARG G 146 31.99 -7.14 62.34
CA ARG G 146 33.14 -7.33 61.47
C ARG G 146 34.08 -6.13 61.62
N GLU G 147 33.48 -4.94 61.73
CA GLU G 147 34.25 -3.72 61.88
C GLU G 147 35.04 -3.71 63.20
N THR G 148 34.38 -4.10 64.29
CA THR G 148 35.03 -4.12 65.60
C THR G 148 35.77 -5.41 65.87
N GLY G 149 35.31 -6.49 65.27
CA GLY G 149 35.96 -7.77 65.48
C GLY G 149 35.50 -8.42 66.77
N ARG G 150 34.37 -7.95 67.29
CA ARG G 150 33.81 -8.47 68.53
C ARG G 150 32.59 -9.34 68.21
N MET G 151 32.11 -10.09 69.20
CA MET G 151 30.96 -10.96 69.00
C MET G 151 29.80 -10.66 69.94
N GLY G 152 29.92 -9.60 70.73
CA GLY G 152 28.85 -9.25 71.66
C GLY G 152 27.95 -8.10 71.20
N VAL G 153 26.66 -8.26 71.44
CA VAL G 153 25.69 -7.25 71.06
C VAL G 153 24.66 -6.99 72.16
N LEU G 154 24.34 -5.71 72.35
CA LEU G 154 23.36 -5.31 73.34
C LEU G 154 22.20 -4.62 72.60
N VAL G 155 21.00 -5.16 72.72
CA VAL G 155 19.85 -4.57 72.05
C VAL G 155 18.78 -4.21 73.07
N SER G 156 18.21 -3.02 72.92
CA SER G 156 17.15 -2.57 73.82
C SER G 156 15.85 -3.31 73.56
N GLN G 157 15.13 -3.65 74.64
CA GLN G 157 13.85 -4.33 74.47
C GLN G 157 12.91 -3.36 73.73
N GLY G 158 13.29 -2.09 73.70
CA GLY G 158 12.50 -1.08 73.02
C GLY G 158 12.46 -1.26 71.51
N VAL G 159 13.34 -2.11 70.98
CA VAL G 159 13.37 -2.36 69.55
C VAL G 159 12.23 -3.34 69.24
N HIS G 160 11.50 -3.08 68.16
CA HIS G 160 10.40 -3.92 67.73
C HIS G 160 10.79 -5.38 67.97
N PRO G 161 9.90 -6.17 68.60
CA PRO G 161 10.14 -7.59 68.90
C PRO G 161 10.52 -8.44 67.68
N GLU G 162 9.84 -8.20 66.56
CA GLU G 162 10.12 -8.94 65.35
C GLU G 162 11.54 -8.60 64.86
N TYR G 163 11.91 -7.35 65.00
CA TYR G 163 13.25 -6.90 64.62
C TYR G 163 14.27 -7.62 65.49
N ARG G 164 13.94 -7.81 66.77
CA ARG G 164 14.87 -8.48 67.68
C ARG G 164 14.96 -9.97 67.40
N ALA G 165 13.87 -10.55 66.94
CA ALA G 165 13.84 -11.97 66.63
C ALA G 165 14.68 -12.25 65.39
N VAL G 166 14.58 -11.36 64.39
CA VAL G 166 15.34 -11.52 63.17
C VAL G 166 16.81 -11.32 63.48
N LEU G 167 17.10 -10.38 64.36
CA LEU G 167 18.47 -10.08 64.75
C LEU G 167 19.11 -11.33 65.35
N ARG G 168 18.40 -11.94 66.30
CA ARG G 168 18.87 -13.14 66.98
C ARG G 168 19.16 -14.25 65.98
N ALA G 169 18.26 -14.43 65.02
CA ALA G 169 18.45 -15.47 64.02
C ALA G 169 19.76 -15.23 63.28
N TYR G 170 19.94 -14.03 62.75
CA TYR G 170 21.17 -13.71 62.02
C TYR G 170 22.41 -13.75 62.91
N LEU G 171 22.27 -13.28 64.13
CA LEU G 171 23.39 -13.25 65.06
C LEU G 171 23.89 -14.62 65.49
N GLU G 172 22.99 -15.49 65.87
CA GLU G 172 23.37 -16.82 66.32
C GLU G 172 23.94 -17.71 65.21
N ALA G 173 23.54 -17.42 63.98
CA ALA G 173 24.02 -18.18 62.84
C ALA G 173 25.54 -18.06 62.70
N VAL G 174 26.07 -16.90 63.05
CA VAL G 174 27.51 -16.67 62.96
C VAL G 174 28.18 -16.73 64.33
N GLY G 175 27.43 -17.18 65.33
CA GLY G 175 27.99 -17.31 66.67
C GLY G 175 28.05 -16.08 67.55
N ALA G 176 27.44 -14.98 67.12
CA ALA G 176 27.46 -13.78 67.93
C ALA G 176 26.52 -13.97 69.11
N LYS G 177 26.74 -13.18 70.17
CA LYS G 177 25.94 -13.26 71.38
C LYS G 177 25.05 -12.02 71.48
N LEU G 178 23.81 -12.23 71.90
CA LEU G 178 22.85 -11.15 72.03
C LEU G 178 22.25 -11.05 73.43
N LEU G 179 22.26 -9.85 73.98
CA LEU G 179 21.69 -9.59 75.30
C LEU G 179 20.69 -8.44 75.16
N THR G 180 19.48 -8.65 75.65
CA THR G 180 18.44 -7.65 75.55
C THR G 180 18.28 -6.82 76.82
N LEU G 181 18.28 -5.51 76.66
CA LEU G 181 18.15 -4.59 77.79
C LEU G 181 16.68 -4.31 78.01
N PRO G 182 16.11 -4.85 79.09
CA PRO G 182 14.69 -4.65 79.40
C PRO G 182 14.31 -3.20 79.60
N LEU G 183 13.09 -2.87 79.19
CA LEU G 183 12.56 -1.52 79.32
C LEU G 183 12.11 -1.27 80.76
N GLU G 184 12.22 -0.01 81.18
CA GLU G 184 11.80 0.41 82.51
C GLU G 184 11.03 1.71 82.33
N GLY G 185 9.76 1.70 82.67
CA GLY G 185 8.96 2.91 82.51
C GLY G 185 8.85 3.31 81.05
N GLY G 186 8.82 2.31 80.18
CA GLY G 186 8.70 2.60 78.75
C GLY G 186 9.98 2.99 78.04
N ARG G 187 11.06 3.20 78.79
CA ARG G 187 12.32 3.58 78.17
C ARG G 187 13.44 2.63 78.56
N THR G 188 14.50 2.61 77.77
CA THR G 188 15.61 1.72 78.08
C THR G 188 16.67 2.43 78.92
N PRO G 189 17.02 1.87 80.09
CA PRO G 189 18.02 2.47 80.97
C PRO G 189 19.44 2.29 80.41
N LEU G 190 20.28 3.31 80.58
CA LEU G 190 21.65 3.27 80.08
C LEU G 190 22.43 2.10 80.68
N PRO G 191 22.97 1.22 79.82
CA PRO G 191 23.74 0.08 80.31
C PRO G 191 25.24 0.36 80.35
N GLU G 192 25.99 -0.58 80.92
CA GLU G 192 27.44 -0.47 80.97
C GLU G 192 27.93 -1.35 79.84
N VAL G 193 28.79 -0.80 78.99
CA VAL G 193 29.29 -1.57 77.85
C VAL G 193 30.70 -2.12 78.04
N GLY G 194 30.82 -3.44 77.97
CA GLY G 194 32.12 -4.08 78.13
C GLY G 194 32.86 -4.25 76.81
N GLU G 195 34.15 -4.57 76.90
CA GLU G 195 35.01 -4.75 75.72
C GLU G 195 34.57 -5.86 74.78
N GLU G 196 33.70 -6.74 75.24
CA GLU G 196 33.27 -7.83 74.38
C GLU G 196 32.06 -7.40 73.55
N VAL G 197 31.57 -6.19 73.81
CA VAL G 197 30.44 -5.64 73.09
C VAL G 197 30.88 -4.96 71.81
N GLY G 198 30.34 -5.41 70.69
CA GLY G 198 30.69 -4.82 69.41
C GLY G 198 29.64 -3.84 68.93
N ALA G 199 28.42 -3.95 69.44
CA ALA G 199 27.36 -3.05 69.03
C ALA G 199 26.27 -2.86 70.08
N VAL G 200 25.79 -1.63 70.18
CA VAL G 200 24.71 -1.31 71.10
C VAL G 200 23.56 -0.84 70.23
N VAL G 201 22.40 -1.47 70.38
CA VAL G 201 21.23 -1.16 69.57
C VAL G 201 20.06 -0.54 70.33
N VAL G 202 19.56 0.59 69.83
CA VAL G 202 18.43 1.29 70.43
C VAL G 202 17.51 1.79 69.32
N GLN G 203 16.20 1.79 69.56
CA GLN G 203 15.24 2.26 68.56
C GLN G 203 14.60 3.56 69.03
N ASN G 204 14.47 4.51 68.12
CA ASN G 204 13.88 5.81 68.47
C ASN G 204 13.07 6.38 67.31
N PRO G 205 11.75 6.55 67.50
CA PRO G 205 10.98 6.25 68.72
C PRO G 205 10.97 4.73 68.93
N ASN G 206 10.87 4.27 70.17
CA ASN G 206 10.90 2.82 70.38
C ASN G 206 9.56 2.14 70.05
N PHE G 207 9.51 0.82 70.22
CA PHE G 207 8.31 0.04 69.92
C PHE G 207 7.04 0.57 70.57
N LEU G 208 7.16 1.15 71.77
CA LEU G 208 6.00 1.68 72.47
C LEU G 208 5.73 3.16 72.13
N GLY G 209 6.49 3.69 71.17
CA GLY G 209 6.32 5.07 70.76
C GLY G 209 7.12 6.11 71.54
N ALA G 210 7.76 5.68 72.62
CA ALA G 210 8.54 6.60 73.44
C ALA G 210 9.83 7.10 72.79
N LEU G 211 10.14 8.37 73.02
CA LEU G 211 11.37 8.95 72.50
C LEU G 211 12.48 8.57 73.49
N GLU G 212 13.60 8.14 72.95
CA GLU G 212 14.73 7.69 73.74
C GLU G 212 15.89 8.69 73.62
N ASP G 213 16.58 8.98 74.73
CA ASP G 213 17.72 9.91 74.68
C ASP G 213 18.91 9.09 74.19
N LEU G 214 19.17 9.16 72.88
CA LEU G 214 20.24 8.39 72.27
C LEU G 214 21.68 8.82 72.54
N GLY G 215 21.90 10.11 72.71
CA GLY G 215 23.24 10.60 72.98
C GLY G 215 24.07 9.80 73.98
N PRO G 216 23.59 9.65 75.22
CA PRO G 216 24.37 8.88 76.19
C PRO G 216 24.64 7.43 75.79
N PHE G 217 23.80 6.87 74.93
CA PHE G 217 24.00 5.49 74.47
C PHE G 217 25.20 5.43 73.52
N ALA G 218 25.35 6.47 72.70
CA ALA G 218 26.46 6.54 71.76
C ALA G 218 27.77 6.70 72.52
N GLU G 219 27.74 7.51 73.58
CA GLU G 219 28.94 7.74 74.39
C GLU G 219 29.36 6.47 75.10
N ALA G 220 28.39 5.72 75.61
CA ALA G 220 28.68 4.48 76.33
C ALA G 220 29.35 3.46 75.41
N ALA G 221 28.78 3.30 74.22
CA ALA G 221 29.32 2.37 73.24
C ALA G 221 30.73 2.76 72.82
N HIS G 222 30.91 4.04 72.50
CA HIS G 222 32.22 4.54 72.07
C HIS G 222 33.27 4.46 73.17
N GLY G 223 32.84 4.63 74.42
CA GLY G 223 33.78 4.55 75.51
C GLY G 223 34.32 3.14 75.69
N ALA G 224 33.56 2.16 75.22
CA ALA G 224 33.96 0.76 75.32
C ALA G 224 34.63 0.28 74.03
N GLY G 225 34.50 1.07 72.97
CA GLY G 225 35.09 0.69 71.70
C GLY G 225 34.11 -0.04 70.80
N ALA G 226 32.82 0.11 71.09
CA ALA G 226 31.78 -0.53 70.29
C ALA G 226 31.08 0.51 69.42
N LEU G 227 30.38 0.05 68.39
CA LEU G 227 29.66 0.97 67.52
C LEU G 227 28.22 1.07 67.99
N PHE G 228 27.60 2.22 67.72
CA PHE G 228 26.21 2.44 68.12
C PHE G 228 25.29 2.36 66.91
N VAL G 229 24.38 1.40 66.93
CA VAL G 229 23.43 1.21 65.84
C VAL G 229 22.06 1.75 66.27
N ALA G 230 21.48 2.59 65.44
CA ALA G 230 20.18 3.15 65.74
C ALA G 230 19.10 2.71 64.74
N VAL G 231 17.96 2.30 65.28
CA VAL G 231 16.84 1.90 64.43
C VAL G 231 15.90 3.10 64.48
N ALA G 232 15.61 3.69 63.33
CA ALA G 232 14.74 4.86 63.29
C ALA G 232 13.76 4.86 62.14
N ASP G 233 12.51 5.18 62.44
CA ASP G 233 11.48 5.27 61.40
C ASP G 233 11.87 6.48 60.54
N PRO G 234 12.02 6.26 59.22
CA PRO G 234 12.41 7.36 58.32
C PRO G 234 11.52 8.61 58.33
N LEU G 235 10.21 8.46 58.46
CA LEU G 235 9.34 9.64 58.49
C LEU G 235 9.63 10.53 59.69
N SER G 236 9.85 9.92 60.85
CA SER G 236 10.12 10.66 62.08
C SER G 236 11.40 11.48 61.95
N LEU G 237 12.28 11.06 61.04
CA LEU G 237 13.53 11.76 60.82
C LEU G 237 13.31 13.15 60.19
N GLY G 238 12.09 13.41 59.75
CA GLY G 238 11.79 14.72 59.18
C GLY G 238 11.66 15.78 60.26
N VAL G 239 11.63 15.35 61.52
CA VAL G 239 11.51 16.30 62.63
C VAL G 239 12.35 15.98 63.86
N LEU G 240 12.75 14.72 64.02
CA LEU G 240 13.57 14.36 65.18
C LEU G 240 15.05 14.41 64.86
N LYS G 241 15.84 14.83 65.84
CA LYS G 241 17.29 14.87 65.72
C LYS G 241 17.70 13.47 65.22
N PRO G 242 18.40 13.38 64.08
CA PRO G 242 18.84 12.11 63.50
C PRO G 242 19.90 11.37 64.29
N PRO G 243 19.93 10.03 64.17
CA PRO G 243 20.93 9.23 64.89
C PRO G 243 22.35 9.71 64.63
N GLY G 244 22.61 10.16 63.41
CA GLY G 244 23.93 10.66 63.08
C GLY G 244 24.29 11.86 63.94
N ALA G 245 23.30 12.66 64.31
CA ALA G 245 23.54 13.85 65.13
C ALA G 245 23.95 13.50 66.56
N TYR G 246 23.50 12.35 67.04
CA TYR G 246 23.82 11.89 68.40
C TYR G 246 25.15 11.14 68.42
N GLY G 247 25.65 10.81 67.24
CA GLY G 247 26.91 10.09 67.15
C GLY G 247 26.73 8.62 66.79
N ALA G 248 25.59 8.27 66.21
CA ALA G 248 25.36 6.88 65.81
C ALA G 248 26.33 6.56 64.67
N ASP G 249 26.81 5.32 64.62
CA ASP G 249 27.74 4.93 63.56
C ASP G 249 26.97 4.30 62.42
N ILE G 250 25.84 3.69 62.77
CA ILE G 250 25.00 3.02 61.81
C ILE G 250 23.55 3.34 62.12
N ALA G 251 22.75 3.50 61.06
CA ALA G 251 21.34 3.79 61.19
C ALA G 251 20.58 2.86 60.24
N VAL G 252 19.49 2.28 60.73
CA VAL G 252 18.67 1.38 59.91
C VAL G 252 17.19 1.63 60.15
N GLY G 253 16.36 1.10 59.26
CA GLY G 253 14.92 1.26 59.39
C GLY G 253 14.13 0.76 58.20
N ASP G 254 12.82 0.74 58.35
CA ASP G 254 11.94 0.28 57.29
C ASP G 254 11.33 1.51 56.60
N GLY G 255 11.31 1.52 55.29
CA GLY G 255 10.79 2.68 54.57
C GLY G 255 9.29 2.78 54.31
N GLN G 256 8.49 1.94 54.94
CA GLN G 256 7.05 1.95 54.72
C GLN G 256 6.36 3.29 55.00
N SER G 257 6.88 4.02 55.98
CA SER G 257 6.30 5.30 56.35
C SER G 257 6.51 6.39 55.29
N LEU G 258 7.31 6.10 54.28
CA LEU G 258 7.54 7.09 53.22
C LEU G 258 6.54 6.90 52.07
N GLY G 259 5.26 7.06 52.39
CA GLY G 259 4.21 6.95 51.40
C GLY G 259 3.97 5.59 50.74
N LEU G 260 4.50 4.53 51.34
CA LEU G 260 4.35 3.18 50.79
C LEU G 260 3.07 2.48 51.22
N PRO G 261 2.40 1.82 50.27
CA PRO G 261 1.17 1.11 50.64
C PRO G 261 1.47 0.01 51.67
N MET G 262 0.59 -0.13 52.66
CA MET G 262 0.78 -1.13 53.70
C MET G 262 0.95 -2.54 53.13
N GLY G 263 0.15 -2.86 52.10
CA GLY G 263 0.24 -4.15 51.44
C GLY G 263 0.32 -5.36 52.34
N PHE G 264 -0.38 -5.32 53.47
CA PHE G 264 -0.41 -6.42 54.42
C PHE G 264 0.99 -6.87 54.83
N GLY G 265 1.92 -5.91 54.89
CA GLY G 265 3.27 -6.25 55.31
C GLY G 265 4.38 -6.27 54.29
N GLY G 266 4.08 -6.11 53.01
CA GLY G 266 5.14 -6.11 52.01
C GLY G 266 4.71 -6.12 50.56
N PRO G 267 5.62 -5.74 49.65
CA PRO G 267 6.98 -5.33 49.99
C PRO G 267 7.15 -3.84 50.27
N HIS G 268 8.15 -3.53 51.09
CA HIS G 268 8.52 -2.16 51.42
C HIS G 268 10.03 -2.19 51.18
N PHE G 269 10.83 -1.57 52.05
CA PHE G 269 12.27 -1.63 51.89
C PHE G 269 12.97 -1.25 53.18
N GLY G 270 14.25 -1.60 53.26
CA GLY G 270 15.02 -1.27 54.44
C GLY G 270 16.19 -0.43 54.01
N PHE G 271 16.59 0.52 54.84
CA PHE G 271 17.74 1.35 54.50
C PHE G 271 18.85 1.07 55.51
N LEU G 272 20.08 1.31 55.08
CA LEU G 272 21.25 1.12 55.91
C LEU G 272 22.19 2.26 55.61
N ALA G 273 22.46 3.07 56.61
CA ALA G 273 23.35 4.21 56.47
C ALA G 273 24.46 4.11 57.50
N THR G 274 25.64 4.64 57.16
CA THR G 274 26.77 4.61 58.07
C THR G 274 27.86 5.60 57.63
N LYS G 275 29.05 5.48 58.21
CA LYS G 275 30.15 6.37 57.84
C LYS G 275 30.87 5.84 56.61
N LYS G 276 31.42 6.74 55.81
CA LYS G 276 32.12 6.34 54.60
C LYS G 276 33.34 5.47 54.97
N ALA G 277 33.91 5.73 56.13
CA ALA G 277 35.07 4.98 56.61
C ALA G 277 34.77 3.49 56.78
N PHE G 278 33.50 3.13 56.91
CA PHE G 278 33.12 1.73 57.08
C PHE G 278 32.61 1.09 55.79
N VAL G 279 32.72 1.82 54.69
CA VAL G 279 32.25 1.32 53.40
C VAL G 279 32.76 -0.07 53.02
N ARG G 280 33.97 -0.43 53.45
CA ARG G 280 34.55 -1.72 53.12
C ARG G 280 33.70 -2.90 53.61
N GLN G 281 33.03 -2.73 54.76
CA GLN G 281 32.18 -3.77 55.34
C GLN G 281 30.70 -3.63 54.94
N LEU G 282 30.37 -2.57 54.21
CA LEU G 282 28.99 -2.32 53.78
C LEU G 282 28.45 -3.40 52.85
N PRO G 283 27.28 -3.97 53.18
CA PRO G 283 26.69 -5.02 52.34
C PRO G 283 25.71 -4.43 51.30
N GLY G 284 25.50 -5.15 50.19
CA GLY G 284 24.58 -4.71 49.17
C GLY G 284 25.17 -3.87 48.05
N ARG G 285 24.32 -3.50 47.10
CA ARG G 285 24.76 -2.69 45.99
C ARG G 285 25.10 -1.28 46.44
N LEU G 286 26.01 -0.65 45.72
CA LEU G 286 26.47 0.70 46.03
C LEU G 286 26.71 1.42 44.72
N VAL G 287 26.08 2.58 44.56
CA VAL G 287 26.23 3.34 43.33
C VAL G 287 27.19 4.52 43.52
N SER G 288 28.06 4.71 42.55
CA SER G 288 29.01 5.81 42.62
C SER G 288 28.98 6.65 41.35
N GLU G 289 29.23 7.96 41.51
CA GLU G 289 29.27 8.84 40.36
C GLU G 289 30.63 8.62 39.71
N THR G 290 30.70 8.86 38.41
CA THR G 290 31.95 8.72 37.68
C THR G 290 31.84 9.44 36.34
N VAL G 291 32.69 9.06 35.41
CA VAL G 291 32.72 9.69 34.09
C VAL G 291 32.88 8.66 32.98
N ASP G 292 32.43 8.98 31.77
CA ASP G 292 32.56 8.05 30.67
C ASP G 292 33.79 8.41 29.84
N VAL G 293 34.08 7.61 28.82
CA VAL G 293 35.24 7.83 27.97
C VAL G 293 35.40 9.27 27.45
N GLU G 294 34.30 10.00 27.32
CA GLU G 294 34.37 11.38 26.83
C GLU G 294 34.17 12.42 27.93
N GLY G 295 34.09 11.96 29.18
CA GLY G 295 33.93 12.89 30.29
C GLY G 295 32.52 13.24 30.75
N ARG G 296 31.51 12.58 30.20
CA ARG G 296 30.13 12.86 30.61
C ARG G 296 29.87 12.23 31.96
N ARG G 297 29.06 12.89 32.78
CA ARG G 297 28.73 12.33 34.09
C ARG G 297 27.98 11.02 33.94
N GLY G 298 28.31 10.05 34.78
CA GLY G 298 27.66 8.76 34.73
C GLY G 298 27.66 8.09 36.09
N PHE G 299 26.84 7.05 36.24
CA PHE G 299 26.75 6.32 37.52
C PHE G 299 26.93 4.84 37.28
N ILE G 300 27.53 4.17 38.26
CA ILE G 300 27.79 2.75 38.11
C ILE G 300 27.89 2.06 39.47
N LEU G 301 27.59 0.77 39.52
CA LEU G 301 27.70 0.02 40.77
C LEU G 301 29.20 -0.04 41.06
N THR G 302 29.59 0.04 42.33
CA THR G 302 31.01 0.01 42.65
C THR G 302 31.36 -0.84 43.87
N LEU G 303 32.66 -0.88 44.17
CA LEU G 303 33.20 -1.64 45.30
C LEU G 303 32.49 -2.98 45.41
N GLN G 304 32.33 -3.62 44.26
CA GLN G 304 31.66 -4.89 44.15
C GLN G 304 32.41 -6.07 44.77
N ALA G 305 33.54 -5.80 45.41
CA ALA G 305 34.29 -6.87 46.06
C ALA G 305 33.54 -7.29 47.33
N ARG G 306 32.56 -6.48 47.72
CA ARG G 306 31.76 -6.76 48.91
C ARG G 306 30.61 -7.69 48.57
N GLU G 307 30.32 -7.83 47.28
CA GLU G 307 29.19 -8.65 46.84
C GLU G 307 29.48 -10.10 46.44
N GLN G 308 28.41 -10.90 46.42
CA GLN G 308 28.47 -12.32 46.12
C GLN G 308 29.11 -12.79 44.82
N TYR G 309 28.95 -12.05 43.73
CA TYR G 309 29.53 -12.49 42.48
C TYR G 309 31.05 -12.59 42.56
N ILE G 310 31.68 -11.51 42.99
CA ILE G 310 33.13 -11.44 43.11
C ILE G 310 33.71 -12.13 44.35
N ARG G 311 33.08 -11.92 45.50
CA ARG G 311 33.59 -12.48 46.74
C ARG G 311 33.06 -13.85 47.15
N ARG G 312 31.95 -14.27 46.56
CA ARG G 312 31.34 -15.57 46.88
C ARG G 312 31.34 -15.87 48.39
N ALA G 313 31.97 -16.96 48.81
CA ALA G 313 31.99 -17.33 50.22
C ALA G 313 32.52 -16.22 51.13
N LYS G 314 33.33 -15.31 50.58
CA LYS G 314 33.88 -14.22 51.38
C LYS G 314 33.05 -12.92 51.31
N ALA G 315 31.92 -12.97 50.61
CA ALA G 315 31.07 -11.79 50.47
C ALA G 315 30.54 -11.31 51.82
N LYS G 316 30.33 -10.00 51.93
CA LYS G 316 29.82 -9.41 53.18
C LYS G 316 28.39 -9.84 53.49
N SER G 317 27.70 -10.34 52.47
CA SER G 317 26.33 -10.83 52.60
C SER G 317 26.00 -11.56 51.31
N ASN G 318 24.97 -12.41 51.35
CA ASN G 318 24.58 -13.15 50.16
C ASN G 318 23.58 -12.38 49.31
N ILE G 319 23.11 -11.24 49.83
CA ILE G 319 22.12 -10.44 49.14
C ILE G 319 22.43 -10.15 47.67
N THR G 320 21.47 -10.48 46.82
CA THR G 320 21.56 -10.26 45.39
C THR G 320 20.40 -9.30 45.11
N THR G 321 19.21 -9.85 44.90
CA THR G 321 18.04 -9.00 44.69
C THR G 321 17.84 -8.23 46.00
N ASN G 322 17.56 -6.92 45.91
CA ASN G 322 17.32 -6.13 47.11
C ASN G 322 15.85 -5.65 47.13
N ALA G 323 15.62 -4.34 47.23
CA ALA G 323 14.26 -3.82 47.21
C ALA G 323 14.33 -2.48 46.49
N GLN G 324 14.92 -2.49 45.31
CA GLN G 324 15.14 -1.27 44.53
C GLN G 324 13.94 -0.39 44.17
N LEU G 325 12.88 -0.97 43.61
CA LEU G 325 11.72 -0.19 43.21
C LEU G 325 11.03 0.52 44.39
N THR G 326 10.83 -0.19 45.49
CA THR G 326 10.19 0.44 46.66
C THR G 326 11.10 1.49 47.27
N ALA G 327 12.41 1.23 47.21
CA ALA G 327 13.39 2.18 47.73
C ALA G 327 13.28 3.46 46.90
N LEU G 328 13.08 3.31 45.59
CA LEU G 328 12.93 4.45 44.70
C LEU G 328 11.61 5.18 44.97
N MET G 329 10.60 4.42 45.38
CA MET G 329 9.30 5.02 45.70
C MET G 329 9.57 5.93 46.91
N GLY G 330 10.38 5.44 47.84
CA GLY G 330 10.70 6.23 49.02
C GLY G 330 11.45 7.48 48.60
N ALA G 331 12.41 7.31 47.70
CA ALA G 331 13.20 8.43 47.24
C ALA G 331 12.27 9.47 46.57
N MET G 332 11.32 9.00 45.77
CA MET G 332 10.39 9.89 45.10
C MET G 332 9.56 10.65 46.14
N TYR G 333 9.15 9.95 47.20
CA TYR G 333 8.35 10.55 48.27
C TYR G 333 9.13 11.67 48.95
N LEU G 334 10.36 11.35 49.38
CA LEU G 334 11.24 12.32 50.02
C LEU G 334 11.44 13.55 49.14
N ALA G 335 11.63 13.33 47.85
CA ALA G 335 11.83 14.43 46.91
C ALA G 335 10.54 15.21 46.70
N ALA G 336 9.41 14.51 46.74
CA ALA G 336 8.11 15.13 46.53
C ALA G 336 7.71 16.06 47.66
N LEU G 337 8.08 15.70 48.90
CA LEU G 337 7.76 16.51 50.07
C LEU G 337 8.86 17.51 50.41
N GLY G 338 10.11 17.08 50.27
CA GLY G 338 11.22 17.95 50.59
C GLY G 338 11.40 18.02 52.09
N PRO G 339 12.39 18.78 52.58
CA PRO G 339 12.62 18.89 54.02
C PRO G 339 11.42 19.39 54.82
N GLU G 340 10.80 20.48 54.37
CA GLU G 340 9.66 21.07 55.06
C GLU G 340 8.37 20.25 54.90
N GLY G 341 8.19 19.65 53.74
CA GLY G 341 7.00 18.85 53.52
C GLY G 341 7.00 17.63 54.42
N LEU G 342 8.18 17.02 54.59
CA LEU G 342 8.30 15.83 55.44
C LEU G 342 8.10 16.21 56.90
N ARG G 343 8.74 17.29 57.34
CA ARG G 343 8.62 17.74 58.71
C ARG G 343 7.14 17.95 59.04
N GLU G 344 6.42 18.54 58.10
CA GLU G 344 4.98 18.80 58.24
C GLU G 344 4.17 17.52 58.44
N VAL G 345 4.44 16.53 57.58
CA VAL G 345 3.72 15.26 57.67
C VAL G 345 4.01 14.55 58.99
N ALA G 346 5.28 14.48 59.38
CA ALA G 346 5.66 13.83 60.63
C ALA G 346 4.93 14.52 61.78
N LEU G 347 5.03 15.85 61.80
CA LEU G 347 4.39 16.64 62.83
C LEU G 347 2.88 16.40 62.95
N LYS G 348 2.17 16.39 61.82
CA LYS G 348 0.74 16.19 61.85
C LYS G 348 0.36 14.85 62.47
N SER G 349 1.10 13.80 62.13
CA SER G 349 0.80 12.49 62.67
C SER G 349 1.03 12.51 64.17
N VAL G 350 2.07 13.21 64.61
CA VAL G 350 2.35 13.29 66.04
C VAL G 350 1.16 13.97 66.72
N GLU G 351 0.73 15.10 66.16
CA GLU G 351 -0.38 15.86 66.70
C GLU G 351 -1.62 15.00 66.85
N MET G 352 -2.03 14.35 65.76
CA MET G 352 -3.23 13.52 65.83
C MET G 352 -3.06 12.37 66.82
N ALA G 353 -1.85 11.85 66.97
CA ALA G 353 -1.62 10.76 67.93
C ALA G 353 -1.76 11.29 69.36
N HIS G 354 -1.28 12.51 69.60
CA HIS G 354 -1.39 13.07 70.93
C HIS G 354 -2.83 13.44 71.27
N LYS G 355 -3.61 13.83 70.28
CA LYS G 355 -5.01 14.18 70.52
C LYS G 355 -5.81 12.93 70.83
N LEU G 356 -5.46 11.82 70.17
CA LEU G 356 -6.14 10.54 70.38
C LEU G 356 -5.85 10.03 71.78
N HIS G 357 -4.59 10.13 72.19
CA HIS G 357 -4.16 9.70 73.51
C HIS G 357 -4.95 10.47 74.58
N ALA G 358 -5.04 11.79 74.41
CA ALA G 358 -5.75 12.64 75.35
C ALA G 358 -7.21 12.20 75.46
N LEU G 359 -7.83 11.94 74.32
CA LEU G 359 -9.22 11.49 74.28
C LEU G 359 -9.38 10.10 74.92
N LEU G 360 -8.54 9.16 74.49
CA LEU G 360 -8.61 7.80 75.00
C LEU G 360 -8.42 7.69 76.52
N LEU G 361 -7.81 8.71 77.12
CA LEU G 361 -7.58 8.72 78.57
C LEU G 361 -8.88 8.85 79.35
N GLU G 362 -9.97 9.21 78.66
CA GLU G 362 -11.28 9.38 79.31
C GLU G 362 -12.10 8.09 79.31
N VAL G 363 -11.68 7.11 78.51
CA VAL G 363 -12.41 5.86 78.42
C VAL G 363 -12.30 5.14 79.76
N PRO G 364 -13.43 4.65 80.30
CA PRO G 364 -13.36 3.96 81.59
C PRO G 364 -12.45 2.74 81.63
N GLY G 365 -11.68 2.64 82.71
CA GLY G 365 -10.78 1.52 82.90
C GLY G 365 -9.48 1.59 82.13
N VAL G 366 -9.35 2.59 81.25
CA VAL G 366 -8.15 2.76 80.44
C VAL G 366 -7.07 3.54 81.19
N ARG G 367 -5.84 3.09 81.04
CA ARG G 367 -4.70 3.75 81.69
C ARG G 367 -3.54 3.92 80.72
N PRO G 368 -2.77 5.00 80.88
CA PRO G 368 -1.64 5.23 80.00
C PRO G 368 -0.48 4.32 80.37
N PHE G 369 0.33 3.96 79.38
CA PHE G 369 1.51 3.15 79.66
C PHE G 369 2.71 3.88 79.09
N THR G 370 2.73 4.08 77.79
CA THR G 370 3.85 4.79 77.19
C THR G 370 3.93 6.16 77.86
N PRO G 371 5.10 6.49 78.40
CA PRO G 371 5.27 7.78 79.08
C PRO G 371 5.60 8.89 78.08
N LYS G 372 5.33 10.12 78.47
CA LYS G 372 5.67 11.26 77.62
C LYS G 372 7.17 11.46 77.79
N PRO G 373 7.86 11.92 76.75
CA PRO G 373 7.28 12.22 75.44
C PRO G 373 7.28 11.02 74.52
N PHE G 374 6.22 10.90 73.73
CA PHE G 374 6.11 9.81 72.75
C PHE G 374 5.89 10.47 71.38
N PHE G 375 5.99 9.68 70.31
CA PHE G 375 5.84 10.24 68.97
C PHE G 375 4.44 10.11 68.36
N ASN G 376 4.27 9.27 67.35
CA ASN G 376 2.96 9.10 66.72
C ASN G 376 2.30 7.76 67.04
N GLU G 377 2.85 7.06 68.02
CA GLU G 377 2.32 5.78 68.49
C GLU G 377 2.48 5.78 70.00
N PHE G 378 1.58 5.06 70.67
CA PHE G 378 1.63 4.96 72.12
C PHE G 378 0.89 3.72 72.56
N ALA G 379 1.27 3.21 73.72
CA ALA G 379 0.64 2.02 74.28
C ALA G 379 -0.20 2.40 75.49
N LEU G 380 -1.39 1.82 75.56
CA LEU G 380 -2.31 2.05 76.67
C LEU G 380 -2.58 0.72 77.33
N ALA G 381 -2.85 0.74 78.63
CA ALA G 381 -3.19 -0.47 79.36
C ALA G 381 -4.71 -0.47 79.26
N LEU G 382 -5.28 -1.58 78.77
CA LEU G 382 -6.72 -1.66 78.60
C LEU G 382 -7.42 -2.56 79.62
N PRO G 383 -8.69 -2.23 79.97
CA PRO G 383 -9.45 -3.02 80.94
C PRO G 383 -9.87 -4.39 80.39
N LYS G 384 -9.50 -4.67 79.14
CA LYS G 384 -9.81 -5.96 78.51
C LYS G 384 -8.65 -6.42 77.62
N ASP G 385 -8.67 -7.70 77.26
CA ASP G 385 -7.62 -8.26 76.42
C ASP G 385 -7.49 -7.51 75.09
N PRO G 386 -6.28 -7.06 74.75
CA PRO G 386 -6.13 -6.32 73.50
C PRO G 386 -6.63 -7.06 72.25
N GLU G 387 -6.35 -8.35 72.15
CA GLU G 387 -6.81 -9.12 70.99
C GLU G 387 -8.34 -9.10 70.93
N ALA G 388 -8.97 -9.25 72.09
CA ALA G 388 -10.42 -9.23 72.15
C ALA G 388 -10.93 -7.85 71.73
N VAL G 389 -10.28 -6.81 72.26
CA VAL G 389 -10.68 -5.44 71.91
C VAL G 389 -10.52 -5.20 70.42
N ARG G 390 -9.38 -5.58 69.86
CA ARG G 390 -9.16 -5.38 68.44
C ARG G 390 -10.29 -6.04 67.65
N ARG G 391 -10.69 -7.22 68.13
CA ARG G 391 -11.76 -8.00 67.50
C ARG G 391 -13.10 -7.28 67.54
N ALA G 392 -13.49 -6.82 68.72
CA ALA G 392 -14.76 -6.12 68.88
C ALA G 392 -14.76 -4.83 68.06
N LEU G 393 -13.63 -4.13 68.09
CA LEU G 393 -13.48 -2.88 67.36
C LEU G 393 -13.70 -3.09 65.85
N ALA G 394 -13.08 -4.14 65.30
CA ALA G 394 -13.20 -4.44 63.88
C ALA G 394 -14.64 -4.77 63.49
N GLU G 395 -15.36 -5.43 64.39
CA GLU G 395 -16.75 -5.78 64.11
C GLU G 395 -17.58 -4.50 63.94
N ARG G 396 -17.15 -3.43 64.60
CA ARG G 396 -17.85 -2.16 64.50
C ARG G 396 -17.27 -1.32 63.38
N GLY G 397 -16.41 -1.93 62.58
CA GLY G 397 -15.81 -1.22 61.45
C GLY G 397 -14.55 -0.43 61.70
N PHE G 398 -13.96 -0.56 62.89
CA PHE G 398 -12.74 0.18 63.19
C PHE G 398 -11.53 -0.73 63.33
N HIS G 399 -10.40 -0.28 62.81
CA HIS G 399 -9.15 -1.04 62.90
C HIS G 399 -8.30 -0.38 63.98
N GLY G 400 -8.14 -1.05 65.12
CA GLY G 400 -7.34 -0.47 66.18
C GLY G 400 -6.98 -1.42 67.31
N ALA G 401 -6.10 -0.94 68.18
CA ALA G 401 -5.62 -1.71 69.34
C ALA G 401 -4.68 -2.84 68.93
N THR G 402 -3.48 -2.48 68.49
CA THR G 402 -2.49 -3.47 68.07
C THR G 402 -1.96 -4.14 69.33
N PRO G 403 -2.33 -5.41 69.54
CA PRO G 403 -1.84 -6.10 70.74
C PRO G 403 -0.33 -6.09 70.94
N VAL G 404 0.08 -5.78 72.18
CA VAL G 404 1.48 -5.72 72.55
C VAL G 404 1.86 -7.00 73.30
N PRO G 405 2.88 -7.71 72.82
CA PRO G 405 3.27 -8.95 73.51
C PRO G 405 3.52 -8.72 75.01
N ARG G 406 3.04 -9.65 75.82
CA ARG G 406 3.16 -9.54 77.28
C ARG G 406 4.55 -9.32 77.86
N GLU G 407 5.59 -9.51 77.06
CA GLU G 407 6.94 -9.28 77.55
C GLU G 407 7.12 -7.83 78.00
N TYR G 408 6.25 -6.93 77.51
CA TYR G 408 6.32 -5.50 77.85
C TYR G 408 5.39 -5.16 79.01
N GLY G 409 4.51 -6.10 79.33
CA GLY G 409 3.54 -5.88 80.39
C GLY G 409 2.21 -6.47 79.97
N GLU G 410 1.24 -6.45 80.87
CA GLU G 410 -0.07 -7.03 80.60
C GLU G 410 -1.10 -6.10 79.98
N ASN G 411 -2.00 -6.68 79.19
CA ASN G 411 -3.09 -5.95 78.55
C ASN G 411 -2.73 -4.63 77.89
N LEU G 412 -1.63 -4.62 77.16
CA LEU G 412 -1.17 -3.42 76.48
C LEU G 412 -1.58 -3.46 75.02
N ALA G 413 -1.87 -2.28 74.46
CA ALA G 413 -2.27 -2.17 73.06
C ALA G 413 -1.71 -0.87 72.49
N LEU G 414 -1.22 -0.95 71.26
CA LEU G 414 -0.67 0.22 70.58
C LEU G 414 -1.71 0.90 69.72
N PHE G 415 -1.65 2.22 69.66
CA PHE G 415 -2.54 3.01 68.84
C PHE G 415 -1.65 3.98 68.09
N ALA G 416 -2.03 4.32 66.86
CA ALA G 416 -1.25 5.23 66.04
C ALA G 416 -2.16 6.11 65.21
N ALA G 417 -1.66 7.29 64.84
CA ALA G 417 -2.41 8.25 64.04
C ALA G 417 -1.49 8.83 62.98
N THR G 418 -2.07 9.24 61.85
CA THR G 418 -1.29 9.80 60.75
C THR G 418 -1.86 11.11 60.23
N GLU G 419 -1.22 11.67 59.22
CA GLU G 419 -1.65 12.94 58.62
C GLU G 419 -3.03 12.82 57.94
N LEU G 420 -3.52 11.58 57.81
CA LEU G 420 -4.81 11.30 57.18
C LEU G 420 -5.99 11.42 58.14
N HIS G 421 -5.69 11.35 59.43
CA HIS G 421 -6.74 11.42 60.45
C HIS G 421 -7.17 12.82 60.83
N GLU G 422 -8.49 12.98 60.95
CA GLU G 422 -9.08 14.25 61.34
C GLU G 422 -9.74 14.04 62.71
N GLU G 423 -10.03 15.13 63.41
CA GLU G 423 -10.64 15.05 64.73
C GLU G 423 -11.82 14.08 64.83
N GLU G 424 -12.72 14.15 63.85
CA GLU G 424 -13.89 13.27 63.83
C GLU G 424 -13.54 11.78 63.81
N ASP G 425 -12.39 11.44 63.24
CA ASP G 425 -11.97 10.04 63.18
C ASP G 425 -11.60 9.57 64.58
N LEU G 426 -10.89 10.41 65.32
CA LEU G 426 -10.47 10.09 66.68
C LEU G 426 -11.68 9.90 67.59
N LEU G 427 -12.64 10.82 67.54
CA LEU G 427 -13.84 10.71 68.37
C LEU G 427 -14.60 9.41 68.10
N ALA G 428 -14.78 9.11 66.81
CA ALA G 428 -15.50 7.90 66.42
C ALA G 428 -14.82 6.65 66.95
N LEU G 429 -13.49 6.62 66.92
CA LEU G 429 -12.76 5.47 67.41
C LEU G 429 -12.94 5.38 68.93
N ARG G 430 -12.90 6.51 69.61
CA ARG G 430 -13.07 6.48 71.06
C ARG G 430 -14.45 5.91 71.40
N GLU G 431 -15.49 6.40 70.73
CA GLU G 431 -16.84 5.93 70.97
C GLU G 431 -16.96 4.42 70.74
N ALA G 432 -16.33 3.91 69.69
CA ALA G 432 -16.39 2.48 69.43
C ALA G 432 -15.68 1.76 70.58
N LEU G 433 -14.53 2.29 70.99
CA LEU G 433 -13.79 1.69 72.10
C LEU G 433 -14.66 1.61 73.34
N LYS G 434 -15.34 2.71 73.66
CA LYS G 434 -16.22 2.74 74.83
C LYS G 434 -17.33 1.70 74.69
N GLU G 435 -17.79 1.47 73.47
CA GLU G 435 -18.85 0.50 73.21
C GLU G 435 -18.38 -0.92 73.50
N VAL G 436 -17.15 -1.25 73.09
CA VAL G 436 -16.66 -2.59 73.32
C VAL G 436 -16.29 -2.85 74.78
N LEU G 437 -16.04 -1.78 75.53
CA LEU G 437 -15.67 -1.91 76.94
C LEU G 437 -16.85 -1.77 77.91
N SER H 2 23.36 14.77 28.54
CA SER H 2 23.53 14.87 30.01
C SER H 2 22.17 14.97 30.67
N PHE H 3 22.13 14.78 31.98
CA PHE H 3 20.87 14.85 32.72
C PHE H 3 21.12 15.36 34.12
N PRO H 4 20.42 16.43 34.52
CA PRO H 4 20.59 16.98 35.85
C PRO H 4 20.19 16.06 37.00
N LEU H 5 20.84 16.26 38.15
CA LEU H 5 20.54 15.49 39.34
C LEU H 5 19.37 16.19 40.01
N ILE H 6 18.54 15.44 40.72
CA ILE H 6 17.38 16.00 41.39
C ILE H 6 17.83 17.12 42.35
N PHE H 7 19.07 17.03 42.84
CA PHE H 7 19.60 18.02 43.75
C PHE H 7 19.95 19.33 43.04
N GLU H 8 20.29 19.23 41.76
CA GLU H 8 20.61 20.42 40.97
C GLU H 8 19.33 21.16 40.57
N ARG H 9 18.23 20.41 40.45
CA ARG H 9 16.94 20.99 40.08
C ARG H 9 16.33 21.71 41.30
N SER H 10 16.80 21.32 42.48
CA SER H 10 16.30 21.90 43.73
C SER H 10 16.50 23.43 43.82
N ARG H 11 15.58 24.09 44.51
CA ARG H 11 15.65 25.54 44.71
C ARG H 11 15.26 25.86 46.15
N LYS H 12 16.04 26.73 46.78
CA LYS H 12 15.80 27.12 48.17
C LYS H 12 14.37 27.55 48.47
N GLY H 13 13.74 26.85 49.42
CA GLY H 13 12.38 27.16 49.83
C GLY H 13 11.24 26.70 48.94
N ARG H 14 11.55 26.11 47.79
CA ARG H 14 10.49 25.65 46.88
C ARG H 14 9.69 24.50 47.50
N ARG H 15 8.39 24.48 47.25
CA ARG H 15 7.52 23.43 47.80
C ARG H 15 6.94 22.50 46.74
N GLY H 16 6.67 21.26 47.18
CA GLY H 16 6.08 20.26 46.31
C GLY H 16 4.75 19.85 46.94
N LEU H 17 4.67 18.61 47.41
CA LEU H 17 3.43 18.17 48.03
C LEU H 17 3.17 18.93 49.32
N LYS H 18 1.91 19.35 49.50
CA LYS H 18 1.49 20.07 50.68
C LYS H 18 0.36 19.23 51.25
N LEU H 19 0.70 18.30 52.14
CA LEU H 19 -0.28 17.39 52.73
C LEU H 19 -0.90 17.79 54.06
N VAL H 20 -0.48 18.93 54.60
CA VAL H 20 -1.00 19.39 55.90
C VAL H 20 -1.56 20.80 55.73
N LYS H 21 -2.80 20.99 56.14
CA LYS H 21 -3.43 22.31 56.03
C LYS H 21 -3.03 23.24 57.18
N ALA H 22 -3.07 22.71 58.41
CA ALA H 22 -2.71 23.51 59.57
C ALA H 22 -1.57 22.80 60.28
N VAL H 23 -0.33 23.19 59.97
CA VAL H 23 0.82 22.56 60.59
C VAL H 23 1.03 23.07 62.02
N PRO H 24 1.18 22.14 62.97
CA PRO H 24 1.39 22.53 64.37
C PRO H 24 2.83 22.96 64.65
N LYS H 25 3.03 23.67 65.76
CA LYS H 25 4.37 24.10 66.13
C LYS H 25 5.03 22.92 66.84
N ALA H 26 6.25 22.60 66.41
CA ALA H 26 7.01 21.49 66.97
C ALA H 26 7.20 21.55 68.49
N GLU H 27 7.55 22.72 69.01
CA GLU H 27 7.79 22.88 70.44
C GLU H 27 6.58 22.43 71.28
N ASP H 28 5.40 22.42 70.68
CA ASP H 28 4.21 22.00 71.42
C ASP H 28 4.04 20.49 71.52
N LEU H 29 4.58 19.77 70.54
CA LEU H 29 4.45 18.31 70.52
C LEU H 29 5.67 17.56 71.05
N ILE H 30 6.86 18.07 70.72
CA ILE H 30 8.11 17.43 71.09
C ILE H 30 9.08 18.34 71.85
N PRO H 31 9.72 17.81 72.90
CA PRO H 31 10.66 18.63 73.68
C PRO H 31 11.80 19.04 72.75
N LYS H 32 12.22 20.30 72.82
CA LYS H 32 13.26 20.78 71.93
C LYS H 32 14.57 20.02 71.92
N GLU H 33 14.89 19.32 73.00
CA GLU H 33 16.12 18.54 73.05
C GLU H 33 16.12 17.41 72.01
N HIS H 34 14.95 17.10 71.45
CA HIS H 34 14.85 16.04 70.46
C HIS H 34 14.62 16.56 69.05
N LEU H 35 14.34 17.84 68.92
CA LEU H 35 14.09 18.44 67.61
C LEU H 35 15.32 18.56 66.73
N ARG H 36 15.19 18.12 65.49
CA ARG H 36 16.28 18.20 64.54
C ARG H 36 16.51 19.69 64.34
N GLU H 37 17.77 20.13 64.34
CA GLU H 37 18.04 21.55 64.17
C GLU H 37 18.49 21.89 62.75
N VAL H 38 19.12 20.93 62.09
CA VAL H 38 19.55 21.11 60.73
C VAL H 38 18.74 20.15 59.86
N PRO H 39 17.86 20.68 59.02
CA PRO H 39 17.03 19.83 58.16
C PRO H 39 17.86 18.93 57.24
N PRO H 40 17.32 17.77 56.86
CA PRO H 40 18.11 16.92 55.97
C PRO H 40 18.11 17.69 54.66
N ARG H 41 19.16 17.55 53.85
CA ARG H 41 19.21 18.30 52.60
C ARG H 41 18.47 17.61 51.47
N LEU H 42 17.20 17.31 51.74
CA LEU H 42 16.32 16.67 50.78
C LEU H 42 16.05 17.63 49.64
N PRO H 43 15.73 17.09 48.46
CA PRO H 43 15.46 18.00 47.34
C PRO H 43 14.20 18.85 47.57
N GLU H 44 14.23 20.09 47.07
CA GLU H 44 13.11 21.00 47.18
C GLU H 44 12.62 21.31 45.76
N VAL H 45 11.69 20.50 45.28
CA VAL H 45 11.17 20.67 43.94
C VAL H 45 9.64 20.64 43.90
N ASP H 46 9.07 21.34 42.92
CA ASP H 46 7.63 21.37 42.74
C ASP H 46 7.25 20.06 42.05
N GLU H 47 5.96 19.70 42.07
CA GLU H 47 5.51 18.45 41.47
C GLU H 47 5.83 18.28 39.98
N LEU H 48 5.66 19.34 39.20
CA LEU H 48 5.96 19.26 37.77
C LEU H 48 7.41 18.83 37.59
N THR H 49 8.33 19.49 38.29
CA THR H 49 9.76 19.16 38.19
C THR H 49 9.98 17.71 38.60
N LEU H 50 9.30 17.29 39.66
CA LEU H 50 9.41 15.92 40.12
C LEU H 50 9.04 14.95 38.98
N VAL H 51 7.95 15.27 38.27
CA VAL H 51 7.50 14.43 37.17
C VAL H 51 8.50 14.43 36.02
N ARG H 52 8.96 15.61 35.64
CA ARG H 52 9.93 15.72 34.56
C ARG H 52 11.21 14.96 34.90
N HIS H 53 11.60 15.02 36.18
CA HIS H 53 12.82 14.35 36.61
C HIS H 53 12.74 12.83 36.47
N TYR H 54 11.76 12.22 37.11
CA TYR H 54 11.64 10.77 37.04
C TYR H 54 11.18 10.22 35.70
N THR H 55 10.43 11.01 34.95
CA THR H 55 10.01 10.56 33.64
C THR H 55 11.26 10.56 32.76
N GLY H 56 12.07 11.60 32.97
CA GLY H 56 13.31 11.72 32.21
C GLY H 56 14.26 10.57 32.49
N LEU H 57 14.35 10.16 33.76
CA LEU H 57 15.22 9.05 34.13
C LEU H 57 14.70 7.76 33.50
N SER H 58 13.39 7.57 33.56
CA SER H 58 12.80 6.36 32.97
C SER H 58 13.17 6.30 31.50
N ARG H 59 13.23 7.46 30.84
CA ARG H 59 13.58 7.51 29.43
C ARG H 59 15.08 7.33 29.16
N ARG H 60 15.88 7.22 30.22
CA ARG H 60 17.31 6.96 30.08
C ARG H 60 17.52 5.57 30.68
N GLN H 61 16.49 4.75 30.55
CA GLN H 61 16.49 3.41 31.10
C GLN H 61 15.75 2.42 30.19
N VAL H 62 16.15 1.14 30.24
CA VAL H 62 15.46 0.12 29.46
C VAL H 62 15.04 -1.01 30.39
N GLY H 63 14.07 -1.80 29.96
CA GLY H 63 13.58 -2.91 30.75
C GLY H 63 12.87 -3.88 29.83
N VAL H 64 12.28 -4.95 30.36
CA VAL H 64 11.59 -5.90 29.49
C VAL H 64 10.52 -5.23 28.64
N ASP H 65 9.85 -4.23 29.22
CA ASP H 65 8.82 -3.48 28.52
C ASP H 65 9.33 -2.77 27.26
N THR H 66 10.64 -2.57 27.16
CA THR H 66 11.18 -1.88 25.99
C THR H 66 12.16 -2.72 25.20
N THR H 67 12.85 -3.64 25.87
CA THR H 67 13.88 -4.44 25.21
C THR H 67 13.98 -5.91 25.59
N PHE H 68 14.42 -6.72 24.63
CA PHE H 68 14.64 -8.15 24.82
C PHE H 68 15.83 -8.28 25.78
N TYR H 69 15.62 -8.95 26.90
CA TYR H 69 16.65 -9.13 27.94
C TYR H 69 17.08 -10.58 28.15
N PRO H 70 17.86 -11.14 27.23
CA PRO H 70 18.32 -12.54 27.33
C PRO H 70 19.27 -12.85 28.49
N LEU H 71 18.98 -12.30 29.67
CA LEU H 71 19.84 -12.52 30.83
C LEU H 71 19.72 -13.88 31.49
N GLY H 72 20.79 -14.68 31.40
CA GLY H 72 20.80 -16.00 32.01
C GLY H 72 20.72 -15.87 33.52
N SER H 73 19.99 -16.78 34.17
CA SER H 73 19.82 -16.78 35.61
C SER H 73 18.81 -15.74 36.12
N CYS H 74 18.23 -14.97 35.20
CA CYS H 74 17.29 -13.94 35.62
C CYS H 74 15.85 -14.13 35.16
N THR H 75 15.65 -14.94 34.13
CA THR H 75 14.32 -15.19 33.60
C THR H 75 13.54 -13.87 33.46
N MET H 76 14.02 -13.02 32.55
CA MET H 76 13.39 -11.72 32.29
C MET H 76 12.18 -11.87 31.37
N LYS H 77 11.13 -12.54 31.86
CA LYS H 77 9.92 -12.74 31.08
C LYS H 77 8.97 -11.57 31.26
N TYR H 78 7.97 -11.48 30.38
CA TYR H 78 7.00 -10.40 30.43
C TYR H 78 6.26 -10.34 31.78
N ASN H 79 6.12 -9.13 32.30
CA ASN H 79 5.41 -8.91 33.57
C ASN H 79 4.05 -8.33 33.19
N PRO H 80 3.02 -9.18 33.10
CA PRO H 80 1.69 -8.67 32.73
C PRO H 80 1.18 -7.51 33.56
N LYS H 81 0.63 -6.52 32.85
CA LYS H 81 0.08 -5.35 33.49
C LYS H 81 -1.08 -5.73 34.41
N LEU H 82 -1.74 -6.84 34.09
CA LEU H 82 -2.86 -7.32 34.90
C LEU H 82 -2.48 -7.46 36.38
N HIS H 83 -1.27 -7.91 36.64
CA HIS H 83 -0.78 -8.11 37.99
C HIS H 83 -0.63 -6.82 38.79
N GLU H 84 -0.34 -5.71 38.12
CA GLU H 84 -0.20 -4.44 38.82
C GLU H 84 -1.57 -4.01 39.32
N GLU H 85 -2.59 -4.23 38.51
CA GLU H 85 -3.95 -3.90 38.91
C GLU H 85 -4.36 -4.86 40.00
N ALA H 86 -3.94 -6.11 39.88
CA ALA H 86 -4.26 -7.12 40.88
C ALA H 86 -3.65 -6.71 42.21
N ALA H 87 -2.41 -6.23 42.16
CA ALA H 87 -1.70 -5.80 43.37
C ALA H 87 -2.33 -4.61 44.10
N ARG H 88 -2.69 -3.56 43.36
CA ARG H 88 -3.26 -2.38 44.02
C ARG H 88 -4.58 -2.69 44.72
N LEU H 89 -5.16 -3.81 44.36
CA LEU H 89 -6.43 -4.23 44.92
C LEU H 89 -6.31 -4.64 46.39
N PHE H 90 -5.08 -4.90 46.84
CA PHE H 90 -4.83 -5.30 48.22
C PHE H 90 -3.87 -4.36 48.92
N ALA H 91 -3.70 -3.16 48.36
CA ALA H 91 -2.79 -2.17 48.91
C ALA H 91 -3.12 -1.72 50.34
N ASP H 92 -4.41 -1.56 50.66
CA ASP H 92 -4.81 -1.10 51.99
C ASP H 92 -5.12 -2.18 53.00
N LEU H 93 -4.10 -2.91 53.41
CA LEU H 93 -4.25 -3.97 54.40
C LEU H 93 -3.10 -3.83 55.39
N HIS H 94 -3.43 -3.82 56.67
CA HIS H 94 -2.42 -3.72 57.71
C HIS H 94 -2.09 -5.12 58.23
N PRO H 95 -0.78 -5.44 58.37
CA PRO H 95 -0.37 -6.76 58.85
C PRO H 95 -0.91 -7.11 60.24
N TYR H 96 -1.29 -6.09 61.02
CA TYR H 96 -1.80 -6.36 62.35
C TYR H 96 -3.30 -6.17 62.54
N GLN H 97 -4.06 -6.04 61.45
CA GLN H 97 -5.50 -5.89 61.61
C GLN H 97 -6.07 -7.26 62.03
N ASP H 98 -7.28 -7.26 62.56
CA ASP H 98 -7.88 -8.51 63.00
C ASP H 98 -7.90 -9.51 61.85
N PRO H 99 -7.34 -10.71 62.07
CA PRO H 99 -7.30 -11.75 61.03
C PRO H 99 -8.67 -12.12 60.49
N ARG H 100 -9.72 -11.88 61.26
CA ARG H 100 -11.07 -12.20 60.79
C ARG H 100 -11.49 -11.19 59.73
N THR H 101 -10.71 -10.13 59.56
CA THR H 101 -11.03 -9.12 58.57
C THR H 101 -10.02 -9.11 57.41
N ALA H 102 -9.23 -10.16 57.31
CA ALA H 102 -8.23 -10.28 56.26
C ALA H 102 -8.22 -11.69 55.70
N GLN H 103 -9.38 -12.35 55.76
CA GLN H 103 -9.52 -13.71 55.27
C GLN H 103 -9.22 -13.83 53.78
N GLY H 104 -9.55 -12.79 53.02
CA GLY H 104 -9.30 -12.81 51.59
C GLY H 104 -7.80 -12.86 51.37
N ALA H 105 -7.06 -12.07 52.14
CA ALA H 105 -5.61 -12.03 52.01
C ALA H 105 -4.99 -13.33 52.47
N LEU H 106 -5.41 -13.82 53.64
CA LEU H 106 -4.86 -15.07 54.16
C LEU H 106 -5.15 -16.25 53.24
N ARG H 107 -6.34 -16.27 52.62
CA ARG H 107 -6.68 -17.35 51.72
C ARG H 107 -5.78 -17.32 50.50
N LEU H 108 -5.54 -16.12 49.98
CA LEU H 108 -4.69 -15.97 48.81
C LEU H 108 -3.31 -16.50 49.16
N MET H 109 -2.84 -16.16 50.37
CA MET H 109 -1.54 -16.65 50.81
C MET H 109 -1.62 -18.17 50.91
N TRP H 110 -2.69 -18.69 51.51
CA TRP H 110 -2.83 -20.12 51.65
C TRP H 110 -2.85 -20.83 50.30
N GLU H 111 -3.67 -20.32 49.37
CA GLU H 111 -3.78 -20.94 48.05
C GLU H 111 -2.47 -20.92 47.28
N LEU H 112 -1.75 -19.80 47.31
CA LEU H 112 -0.48 -19.70 46.61
C LEU H 112 0.47 -20.77 47.16
N GLY H 113 0.52 -20.88 48.49
CA GLY H 113 1.37 -21.86 49.12
C GLY H 113 1.04 -23.25 48.61
N GLU H 114 -0.25 -23.55 48.50
CA GLU H 114 -0.68 -24.84 48.00
C GLU H 114 -0.20 -25.07 46.57
N TYR H 115 -0.34 -24.05 45.72
CA TYR H 115 0.06 -24.19 44.32
C TYR H 115 1.55 -24.41 44.17
N LEU H 116 2.33 -23.66 44.95
CA LEU H 116 3.77 -23.80 44.89
C LEU H 116 4.22 -25.16 45.41
N LYS H 117 3.57 -25.66 46.46
CA LYS H 117 3.91 -26.97 46.99
C LYS H 117 3.60 -28.01 45.92
N ALA H 118 2.46 -27.86 45.27
CA ALA H 118 2.04 -28.79 44.21
C ALA H 118 3.05 -28.82 43.07
N LEU H 119 3.56 -27.65 42.68
CA LEU H 119 4.52 -27.54 41.61
C LEU H 119 5.91 -28.02 42.00
N THR H 120 6.25 -27.83 43.27
CA THR H 120 7.56 -28.22 43.76
C THR H 120 7.62 -29.61 44.39
N GLY H 121 6.47 -30.11 44.82
CA GLY H 121 6.43 -31.43 45.45
C GLY H 121 6.83 -31.37 46.91
N MET H 122 6.75 -30.20 47.52
CA MET H 122 7.11 -30.07 48.93
C MET H 122 5.89 -30.31 49.82
N ASP H 123 6.12 -30.51 51.11
CA ASP H 123 5.03 -30.78 52.05
C ASP H 123 4.59 -29.60 52.88
N ALA H 124 5.50 -28.65 53.10
CA ALA H 124 5.19 -27.45 53.87
C ALA H 124 5.98 -26.27 53.28
N ILE H 125 5.40 -25.09 53.36
CA ILE H 125 6.04 -23.92 52.78
C ILE H 125 5.86 -22.62 53.55
N THR H 126 6.83 -21.73 53.37
CA THR H 126 6.81 -20.42 53.98
C THR H 126 6.93 -19.41 52.86
N LEU H 127 6.06 -18.40 52.88
CA LEU H 127 6.09 -17.36 51.87
C LEU H 127 6.76 -16.11 52.43
N GLU H 128 7.41 -16.26 53.58
CA GLU H 128 8.06 -15.15 54.27
C GLU H 128 9.31 -14.51 53.67
N PRO H 129 10.33 -15.30 53.31
CA PRO H 129 11.56 -14.74 52.74
C PRO H 129 11.37 -13.76 51.57
N ALA H 130 12.11 -12.64 51.64
CA ALA H 130 12.02 -11.57 50.66
C ALA H 130 12.69 -11.77 49.30
N ALA H 131 13.50 -12.81 49.16
CA ALA H 131 14.18 -13.04 47.88
C ALA H 131 14.83 -14.41 47.86
N GLY H 132 15.36 -14.78 46.69
CA GLY H 132 16.01 -16.07 46.55
C GLY H 132 17.13 -16.28 47.57
N ALA H 133 18.07 -15.35 47.61
CA ALA H 133 19.19 -15.46 48.54
C ALA H 133 18.68 -15.53 49.97
N HIS H 134 17.56 -14.87 50.22
CA HIS H 134 16.98 -14.86 51.56
C HIS H 134 16.42 -16.26 51.82
N GLY H 135 15.81 -16.83 50.77
CA GLY H 135 15.26 -18.17 50.91
C GLY H 135 16.39 -19.13 51.21
N GLU H 136 17.51 -18.97 50.50
CA GLU H 136 18.68 -19.81 50.67
C GLU H 136 19.12 -19.83 52.13
N LEU H 137 19.24 -18.64 52.72
CA LEU H 137 19.63 -18.52 54.11
C LEU H 137 18.61 -19.24 54.99
N THR H 138 17.34 -19.07 54.63
CA THR H 138 16.25 -19.69 55.37
C THR H 138 16.35 -21.20 55.34
N GLY H 139 16.51 -21.74 54.13
CA GLY H 139 16.61 -23.18 53.96
C GLY H 139 17.85 -23.78 54.61
N ILE H 140 19.00 -23.16 54.37
CA ILE H 140 20.25 -23.63 54.95
C ILE H 140 20.18 -23.55 56.48
N LEU H 141 19.43 -22.57 56.98
CA LEU H 141 19.27 -22.43 58.42
C LEU H 141 18.35 -23.55 58.91
N ILE H 142 17.35 -23.90 58.09
CA ILE H 142 16.43 -24.97 58.43
C ILE H 142 17.20 -26.27 58.48
N ILE H 143 18.15 -26.44 57.57
CA ILE H 143 18.96 -27.64 57.53
C ILE H 143 19.84 -27.73 58.77
N ARG H 144 20.37 -26.59 59.21
CA ARG H 144 21.21 -26.56 60.38
C ARG H 144 20.40 -26.91 61.63
N ALA H 145 19.13 -26.49 61.66
CA ALA H 145 18.26 -26.78 62.80
C ALA H 145 18.04 -28.29 62.86
N TYR H 146 17.82 -28.88 61.69
CA TYR H 146 17.60 -30.31 61.54
C TYR H 146 18.78 -31.09 62.13
N HIS H 147 19.98 -30.78 61.66
CA HIS H 147 21.18 -31.45 62.12
C HIS H 147 21.44 -31.28 63.61
N GLU H 148 21.23 -30.07 64.11
CA GLU H 148 21.45 -29.80 65.52
C GLU H 148 20.42 -30.54 66.37
N ASP H 149 19.21 -30.67 65.84
CA ASP H 149 18.13 -31.35 66.54
C ASP H 149 18.42 -32.84 66.62
N ARG H 150 19.35 -33.30 65.78
CA ARG H 150 19.70 -34.71 65.75
C ARG H 150 21.05 -34.97 66.43
N GLY H 151 21.55 -33.97 67.15
CA GLY H 151 22.81 -34.13 67.85
C GLY H 151 24.06 -34.00 67.00
N GLU H 152 23.88 -34.02 65.68
CA GLU H 152 25.02 -33.91 64.76
C GLU H 152 25.36 -32.45 64.42
N GLY H 153 25.05 -31.55 65.34
CA GLY H 153 25.33 -30.14 65.12
C GLY H 153 26.78 -29.75 64.98
N ARG H 154 27.65 -30.35 65.79
CA ARG H 154 29.08 -30.03 65.76
C ARG H 154 29.87 -30.77 64.68
N THR H 155 29.26 -31.78 64.08
CA THR H 155 29.95 -32.53 63.04
C THR H 155 29.56 -32.10 61.63
N ARG H 156 28.29 -31.79 61.42
CA ARG H 156 27.83 -31.32 60.11
C ARG H 156 28.36 -29.89 60.00
N ARG H 157 29.50 -29.72 59.33
CA ARG H 157 30.14 -28.41 59.22
C ARG H 157 30.36 -27.84 57.83
N VAL H 158 30.27 -28.67 56.79
CA VAL H 158 30.50 -28.17 55.45
C VAL H 158 29.33 -28.28 54.48
N VAL H 159 29.22 -27.27 53.62
CA VAL H 159 28.18 -27.24 52.60
C VAL H 159 28.88 -27.40 51.25
N LEU H 160 28.30 -28.21 50.38
CA LEU H 160 28.88 -28.44 49.06
C LEU H 160 28.08 -27.68 48.01
N VAL H 161 28.79 -27.04 47.09
CA VAL H 161 28.16 -26.28 46.01
C VAL H 161 29.01 -26.55 44.78
N PRO H 162 28.36 -26.70 43.62
CA PRO H 162 29.12 -26.95 42.39
C PRO H 162 29.95 -25.73 42.02
N ASP H 163 30.95 -25.92 41.16
CA ASP H 163 31.81 -24.82 40.73
C ASP H 163 31.01 -23.79 39.95
N SER H 164 29.97 -24.25 39.26
CA SER H 164 29.13 -23.37 38.46
C SER H 164 28.00 -22.76 39.30
N ALA H 165 28.05 -22.99 40.61
CA ALA H 165 27.02 -22.45 41.50
C ALA H 165 27.04 -20.93 41.55
N HIS H 166 25.88 -20.33 41.78
CA HIS H 166 25.76 -18.88 41.86
C HIS H 166 26.45 -18.37 43.11
N GLY H 167 27.04 -17.18 42.97
CA GLY H 167 27.77 -16.57 44.08
C GLY H 167 27.07 -16.56 45.43
N SER H 168 25.75 -16.39 45.42
CA SER H 168 25.00 -16.36 46.67
C SER H 168 25.05 -17.67 47.44
N ASN H 169 25.17 -18.80 46.74
CA ASN H 169 25.20 -20.11 47.41
C ASN H 169 26.32 -20.18 48.46
N PRO H 170 27.58 -19.97 48.05
CA PRO H 170 28.67 -20.04 49.04
C PRO H 170 28.58 -18.93 50.09
N ALA H 171 28.15 -17.74 49.66
CA ALA H 171 28.01 -16.62 50.60
C ALA H 171 26.98 -17.00 51.67
N THR H 172 25.90 -17.67 51.23
CA THR H 172 24.84 -18.11 52.14
C THR H 172 25.36 -19.08 53.20
N ALA H 173 26.19 -20.03 52.77
CA ALA H 173 26.77 -21.01 53.69
C ALA H 173 27.53 -20.30 54.81
N SER H 174 28.17 -19.18 54.47
CA SER H 174 28.92 -18.39 55.45
C SER H 174 27.97 -17.69 56.44
N MET H 175 26.89 -17.10 55.93
CA MET H 175 25.92 -16.42 56.80
C MET H 175 25.34 -17.45 57.77
N ALA H 176 25.25 -18.69 57.31
CA ALA H 176 24.70 -19.78 58.13
C ALA H 176 25.73 -20.39 59.08
N GLY H 177 26.96 -19.88 59.07
CA GLY H 177 28.00 -20.39 59.94
C GLY H 177 28.69 -21.65 59.45
N TYR H 178 28.38 -22.07 58.22
CA TYR H 178 28.97 -23.27 57.65
C TYR H 178 30.18 -22.96 56.77
N GLN H 179 31.04 -23.97 56.58
CA GLN H 179 32.21 -23.84 55.73
C GLN H 179 31.70 -24.33 54.37
N VAL H 180 32.29 -23.84 53.29
CA VAL H 180 31.85 -24.27 51.98
C VAL H 180 32.99 -24.86 51.14
N ARG H 181 32.72 -26.02 50.56
CA ARG H 181 33.69 -26.72 49.72
C ARG H 181 33.09 -26.90 48.32
N GLU H 182 33.80 -26.39 47.31
CA GLU H 182 33.32 -26.49 45.93
C GLU H 182 33.75 -27.77 45.23
N ILE H 183 32.79 -28.43 44.59
CA ILE H 183 33.05 -29.67 43.86
C ILE H 183 32.99 -29.37 42.36
N PRO H 184 34.00 -29.83 41.61
CA PRO H 184 34.05 -29.60 40.16
C PRO H 184 33.02 -30.38 39.37
N SER H 185 32.69 -29.86 38.19
CA SER H 185 31.73 -30.50 37.30
C SER H 185 32.49 -31.46 36.36
N GLY H 186 31.75 -32.37 35.73
CA GLY H 186 32.37 -33.30 34.81
C GLY H 186 32.55 -32.69 33.44
N PRO H 187 33.16 -33.42 32.49
CA PRO H 187 33.39 -32.94 31.12
C PRO H 187 32.10 -32.61 30.39
N GLU H 188 31.01 -33.18 30.86
CA GLU H 188 29.71 -32.95 30.24
C GLU H 188 28.96 -31.77 30.86
N GLY H 189 29.60 -31.10 31.82
CA GLY H 189 28.98 -29.96 32.46
C GLY H 189 28.09 -30.28 33.65
N GLU H 190 27.93 -31.57 33.95
CA GLU H 190 27.11 -32.00 35.07
C GLU H 190 27.96 -32.32 36.29
N VAL H 191 27.33 -32.77 37.36
CA VAL H 191 28.05 -33.12 38.58
C VAL H 191 29.01 -34.29 38.35
N ASP H 192 30.18 -34.20 38.97
CA ASP H 192 31.18 -35.26 38.87
C ASP H 192 30.87 -36.22 40.02
N LEU H 193 30.17 -37.30 39.70
CA LEU H 193 29.80 -38.28 40.71
C LEU H 193 30.99 -38.78 41.52
N GLU H 194 32.15 -38.90 40.88
CA GLU H 194 33.34 -39.36 41.58
C GLU H 194 33.83 -38.31 42.56
N ALA H 195 33.89 -37.06 42.09
CA ALA H 195 34.33 -35.97 42.94
C ALA H 195 33.40 -35.84 44.14
N LEU H 196 32.10 -36.07 43.90
CA LEU H 196 31.09 -35.99 44.94
C LEU H 196 31.26 -37.12 45.95
N LYS H 197 31.43 -38.35 45.45
CA LYS H 197 31.60 -39.52 46.31
C LYS H 197 32.73 -39.29 47.31
N ARG H 198 33.74 -38.54 46.89
CA ARG H 198 34.88 -38.25 47.74
C ARG H 198 34.64 -37.10 48.71
N GLU H 199 33.60 -36.32 48.47
CA GLU H 199 33.28 -35.19 49.33
C GLU H 199 32.15 -35.49 50.32
N LEU H 200 31.29 -36.44 49.98
CA LEU H 200 30.19 -36.82 50.85
C LEU H 200 30.72 -37.49 52.11
N GLY H 201 30.16 -37.11 53.25
CA GLY H 201 30.60 -37.70 54.51
C GLY H 201 29.79 -37.20 55.69
N PRO H 202 30.05 -37.72 56.90
CA PRO H 202 29.32 -37.30 58.10
C PRO H 202 29.56 -35.84 58.47
N HIS H 203 30.47 -35.20 57.75
CA HIS H 203 30.83 -33.81 58.01
C HIS H 203 30.13 -32.82 57.09
N VAL H 204 29.46 -33.33 56.06
CA VAL H 204 28.75 -32.48 55.11
C VAL H 204 27.32 -32.23 55.54
N ALA H 205 26.98 -30.96 55.74
CA ALA H 205 25.64 -30.57 56.17
C ALA H 205 24.63 -30.59 55.02
N ALA H 206 25.04 -30.09 53.85
CA ALA H 206 24.15 -30.06 52.69
C ALA H 206 24.86 -29.88 51.36
N LEU H 207 24.10 -30.09 50.29
CA LEU H 207 24.59 -29.93 48.93
C LEU H 207 23.58 -29.05 48.22
N MET H 208 24.04 -27.92 47.70
CA MET H 208 23.17 -26.97 47.00
C MET H 208 23.28 -27.14 45.48
N LEU H 209 22.15 -27.32 44.81
CA LEU H 209 22.14 -27.49 43.35
C LEU H 209 20.97 -26.83 42.64
N THR H 210 21.20 -26.40 41.40
CA THR H 210 20.15 -25.83 40.57
C THR H 210 19.95 -26.93 39.56
N ASN H 211 18.74 -27.06 39.03
CA ASN H 211 18.48 -28.11 38.05
C ASN H 211 17.28 -27.74 37.19
N PRO H 212 17.52 -27.47 35.90
CA PRO H 212 18.82 -27.51 35.22
C PRO H 212 19.89 -26.67 35.94
N ASN H 213 21.16 -26.94 35.65
CA ASN H 213 22.25 -26.20 36.27
C ASN H 213 22.49 -24.89 35.54
N THR H 214 23.48 -24.12 35.99
CA THR H 214 23.77 -22.83 35.37
C THR H 214 24.32 -22.87 33.96
N LEU H 215 24.50 -24.08 33.42
CA LEU H 215 24.97 -24.23 32.05
C LEU H 215 23.71 -24.50 31.24
N GLY H 216 22.57 -24.59 31.94
CA GLY H 216 21.30 -24.84 31.30
C GLY H 216 21.06 -26.32 31.02
N LEU H 217 21.90 -27.16 31.61
CA LEU H 217 21.79 -28.61 31.41
C LEU H 217 21.14 -29.35 32.59
N PHE H 218 20.28 -30.30 32.27
CA PHE H 218 19.63 -31.08 33.31
C PHE H 218 20.61 -32.10 33.89
N GLU H 219 20.64 -32.23 35.22
CA GLU H 219 21.51 -33.20 35.86
C GLU H 219 20.83 -34.55 35.69
N ARG H 220 21.12 -35.22 34.58
CA ARG H 220 20.51 -36.51 34.26
C ARG H 220 20.68 -37.57 35.35
N ARG H 221 21.72 -37.44 36.16
CA ARG H 221 21.93 -38.40 37.23
C ARG H 221 21.58 -37.84 38.60
N ILE H 222 20.51 -37.06 38.63
CA ILE H 222 20.05 -36.42 39.86
C ILE H 222 19.57 -37.46 40.89
N LEU H 223 18.87 -38.48 40.44
CA LEU H 223 18.37 -39.50 41.33
C LEU H 223 19.49 -40.23 42.08
N GLU H 224 20.66 -40.35 41.45
CA GLU H 224 21.80 -41.00 42.09
C GLU H 224 22.40 -40.05 43.14
N ILE H 225 22.52 -38.78 42.77
CA ILE H 225 23.04 -37.76 43.66
C ILE H 225 22.15 -37.75 44.90
N SER H 226 20.85 -37.86 44.64
CA SER H 226 19.85 -37.89 45.69
C SER H 226 20.16 -39.04 46.64
N ARG H 227 20.26 -40.24 46.07
CA ARG H 227 20.55 -41.46 46.81
C ARG H 227 21.86 -41.30 47.60
N LEU H 228 22.92 -40.93 46.90
CA LEU H 228 24.22 -40.74 47.53
C LEU H 228 24.12 -39.80 48.72
N CYS H 229 23.36 -38.71 48.55
CA CYS H 229 23.20 -37.76 49.63
C CYS H 229 22.43 -38.40 50.77
N LYS H 230 21.36 -39.10 50.44
CA LYS H 230 20.56 -39.74 51.47
C LYS H 230 21.35 -40.70 52.34
N GLU H 231 22.16 -41.57 51.74
CA GLU H 231 22.94 -42.53 52.53
C GLU H 231 24.07 -41.88 53.33
N ALA H 232 24.32 -40.59 53.08
CA ALA H 232 25.37 -39.86 53.79
C ALA H 232 24.74 -38.92 54.81
N GLY H 233 23.41 -38.93 54.86
CA GLY H 233 22.68 -38.08 55.79
C GLY H 233 22.70 -36.61 55.39
N VAL H 234 23.19 -36.33 54.19
CA VAL H 234 23.29 -34.96 53.67
C VAL H 234 22.00 -34.44 53.02
N GLN H 235 21.55 -33.28 53.49
CA GLN H 235 20.34 -32.66 52.93
C GLN H 235 20.61 -32.05 51.56
N LEU H 236 19.74 -32.35 50.60
CA LEU H 236 19.88 -31.84 49.24
C LEU H 236 19.02 -30.59 49.06
N TYR H 237 19.68 -29.44 48.89
CA TYR H 237 18.98 -28.17 48.72
C TYR H 237 18.79 -27.79 47.26
N TYR H 238 17.59 -27.31 46.94
CA TYR H 238 17.27 -26.91 45.57
C TYR H 238 17.22 -25.40 45.33
N ASP H 239 18.18 -24.87 44.59
CA ASP H 239 18.18 -23.46 44.25
C ASP H 239 17.18 -23.40 43.09
N GLY H 240 16.05 -22.72 43.30
CA GLY H 240 15.03 -22.66 42.28
C GLY H 240 15.16 -21.71 41.11
N ALA H 241 16.26 -20.97 41.02
CA ALA H 241 16.44 -20.02 39.92
C ALA H 241 16.09 -20.56 38.53
N ASN H 242 16.28 -21.85 38.30
CA ASN H 242 16.00 -22.42 36.97
C ASN H 242 14.74 -23.24 36.86
N LEU H 243 13.80 -23.00 37.77
CA LEU H 243 12.54 -23.71 37.80
C LEU H 243 11.72 -23.49 36.52
N ASN H 244 11.95 -22.36 35.85
CA ASN H 244 11.21 -22.05 34.62
C ASN H 244 11.42 -23.10 33.53
N ALA H 245 12.55 -23.77 33.57
CA ALA H 245 12.87 -24.80 32.59
C ALA H 245 11.98 -26.04 32.73
N ILE H 246 11.62 -26.40 33.96
CA ILE H 246 10.83 -27.59 34.19
C ILE H 246 9.43 -27.45 34.79
N MET H 247 8.92 -26.23 34.89
CA MET H 247 7.58 -26.01 35.44
C MET H 247 6.55 -26.97 34.87
N GLY H 248 5.94 -27.78 35.72
CA GLY H 248 4.93 -28.71 35.27
C GLY H 248 5.39 -29.98 34.58
N TRP H 249 6.69 -30.11 34.32
CA TRP H 249 7.20 -31.29 33.66
C TRP H 249 7.91 -32.21 34.64
N ALA H 250 8.44 -31.62 35.71
CA ALA H 250 9.14 -32.38 36.73
C ALA H 250 9.23 -31.52 37.98
N ARG H 251 9.17 -32.18 39.14
CA ARG H 251 9.24 -31.46 40.40
C ARG H 251 10.50 -31.85 41.17
N PRO H 252 11.19 -30.87 41.76
CA PRO H 252 12.42 -31.14 42.51
C PRO H 252 12.19 -32.05 43.72
N GLY H 253 10.94 -32.16 44.16
CA GLY H 253 10.63 -33.02 45.28
C GLY H 253 10.70 -34.48 44.87
N ASP H 254 10.29 -34.75 43.63
CA ASP H 254 10.32 -36.12 43.12
C ASP H 254 11.75 -36.46 42.71
N MET H 255 12.61 -35.46 42.70
CA MET H 255 14.01 -35.65 42.34
C MET H 255 14.83 -36.02 43.59
N GLY H 256 14.23 -35.87 44.76
CA GLY H 256 14.94 -36.19 46.00
C GLY H 256 15.42 -34.97 46.77
N PHE H 257 14.99 -33.78 46.37
CA PHE H 257 15.39 -32.57 47.07
C PHE H 257 14.60 -32.48 48.37
N ASP H 258 15.28 -32.12 49.46
CA ASP H 258 14.64 -32.02 50.76
C ASP H 258 14.03 -30.65 51.03
N VAL H 259 14.69 -29.62 50.54
CA VAL H 259 14.23 -28.25 50.73
C VAL H 259 14.39 -27.47 49.43
N VAL H 260 13.50 -26.49 49.24
CA VAL H 260 13.51 -25.70 48.02
C VAL H 260 13.19 -24.23 48.27
N HIS H 261 13.65 -23.38 47.36
CA HIS H 261 13.37 -21.96 47.41
C HIS H 261 13.00 -21.60 45.99
N LEU H 262 11.97 -20.77 45.83
CA LEU H 262 11.53 -20.35 44.50
C LEU H 262 11.71 -18.84 44.36
N ASN H 263 11.87 -18.35 43.14
CA ASN H 263 12.01 -16.91 42.93
C ASN H 263 10.79 -16.44 42.15
N LEU H 264 9.85 -15.84 42.87
CA LEU H 264 8.62 -15.33 42.26
C LEU H 264 8.90 -14.22 41.25
N HIS H 265 9.88 -13.37 41.57
CA HIS H 265 10.25 -12.26 40.69
C HIS H 265 11.07 -12.71 39.49
N LYS H 266 11.18 -14.02 39.29
CA LYS H 266 11.91 -14.53 38.14
C LYS H 266 10.94 -15.42 37.35
N THR H 267 10.72 -16.62 37.88
CA THR H 267 9.83 -17.61 37.29
C THR H 267 8.35 -17.21 37.23
N PHE H 268 7.86 -16.51 38.25
CA PHE H 268 6.44 -16.16 38.27
C PHE H 268 6.01 -14.73 37.93
N THR H 269 6.75 -14.10 37.02
CA THR H 269 6.47 -12.76 36.50
C THR H 269 6.51 -11.53 37.42
N VAL H 270 6.83 -11.69 38.70
CA VAL H 270 6.89 -10.52 39.56
C VAL H 270 7.99 -9.65 38.94
N PRO H 271 7.70 -8.36 38.69
CA PRO H 271 8.65 -7.41 38.09
C PRO H 271 10.00 -7.29 38.80
N HIS H 272 11.08 -7.24 38.01
CA HIS H 272 12.42 -7.12 38.58
C HIS H 272 12.70 -5.80 39.27
N GLY H 273 11.95 -4.77 38.92
CA GLY H 273 12.08 -3.45 39.54
C GLY H 273 13.44 -2.80 39.68
N GLY H 274 14.37 -3.13 38.78
CA GLY H 274 15.69 -2.52 38.84
C GLY H 274 16.56 -3.08 39.94
N GLY H 275 16.23 -4.27 40.43
CA GLY H 275 17.02 -4.88 41.47
C GLY H 275 16.22 -5.56 42.55
N GLY H 276 14.96 -5.15 42.66
CA GLY H 276 14.06 -5.71 43.66
C GLY H 276 12.83 -4.84 43.77
N PRO H 277 11.91 -5.13 44.70
CA PRO H 277 11.98 -6.25 45.66
C PRO H 277 11.55 -7.56 44.99
N GLY H 278 11.67 -8.66 45.72
CA GLY H 278 11.29 -9.95 45.17
C GLY H 278 10.57 -10.79 46.21
N SER H 279 10.67 -12.11 46.05
CA SER H 279 10.04 -13.04 46.99
C SER H 279 10.63 -14.42 46.77
N GLY H 280 11.09 -15.05 47.85
CA GLY H 280 11.67 -16.38 47.74
C GLY H 280 11.03 -17.41 48.64
N PRO H 281 9.82 -17.88 48.30
CA PRO H 281 9.16 -18.89 49.12
C PRO H 281 10.05 -20.11 49.34
N VAL H 282 9.99 -20.67 50.54
CA VAL H 282 10.78 -21.86 50.85
C VAL H 282 9.86 -23.03 51.15
N GLY H 283 9.96 -24.06 50.30
CA GLY H 283 9.16 -25.26 50.48
C GLY H 283 10.04 -26.33 51.10
N VAL H 284 9.42 -27.31 51.74
CA VAL H 284 10.23 -28.33 52.38
C VAL H 284 9.52 -29.66 52.58
N LYS H 285 10.29 -30.73 52.77
CA LYS H 285 9.73 -32.05 53.01
C LYS H 285 9.30 -32.14 54.48
N ALA H 286 8.36 -33.02 54.76
CA ALA H 286 7.82 -33.19 56.10
C ALA H 286 8.82 -33.23 57.26
N HIS H 287 9.94 -33.89 57.10
CA HIS H 287 10.91 -33.98 58.20
C HIS H 287 11.61 -32.66 58.55
N LEU H 288 11.54 -31.69 57.65
CA LEU H 288 12.17 -30.40 57.90
C LEU H 288 11.13 -29.32 58.21
N ALA H 289 9.86 -29.67 58.06
CA ALA H 289 8.75 -28.74 58.30
C ALA H 289 8.72 -28.10 59.70
N PRO H 290 9.11 -28.86 60.74
CA PRO H 290 9.08 -28.26 62.07
C PRO H 290 10.09 -27.13 62.30
N TYR H 291 11.06 -26.99 61.41
CA TYR H 291 12.08 -25.95 61.55
C TYR H 291 11.79 -24.71 60.72
N LEU H 292 10.67 -24.72 59.98
CA LEU H 292 10.29 -23.60 59.15
C LEU H 292 10.16 -22.32 59.98
N PRO H 293 10.49 -21.17 59.36
CA PRO H 293 10.36 -19.91 60.09
C PRO H 293 8.89 -19.61 60.34
N VAL H 294 8.62 -18.86 61.38
CA VAL H 294 7.26 -18.51 61.74
C VAL H 294 6.89 -17.15 61.12
N PRO H 295 5.62 -16.92 60.79
CA PRO H 295 4.44 -17.78 60.93
C PRO H 295 4.09 -18.47 59.62
N LEU H 296 3.32 -19.54 59.73
CA LEU H 296 2.88 -20.29 58.56
C LEU H 296 1.39 -20.04 58.37
N VAL H 297 0.94 -20.05 57.12
CA VAL H 297 -0.48 -19.84 56.87
C VAL H 297 -1.23 -21.17 56.87
N GLU H 298 -2.09 -21.36 57.86
CA GLU H 298 -2.87 -22.58 57.97
C GLU H 298 -4.35 -22.20 57.89
N ARG H 299 -5.20 -23.18 57.65
CA ARG H 299 -6.61 -22.89 57.61
C ARG H 299 -7.25 -23.79 58.64
N GLY H 300 -8.12 -23.22 59.46
CA GLY H 300 -8.77 -23.99 60.48
C GLY H 300 -10.28 -23.94 60.43
N GLU H 301 -10.90 -24.41 61.50
CA GLU H 301 -12.35 -24.45 61.63
C GLU H 301 -12.93 -23.04 61.44
N GLU H 302 -12.27 -22.05 62.02
CA GLU H 302 -12.72 -20.67 61.94
C GLU H 302 -11.95 -19.79 60.94
N GLY H 303 -11.67 -20.34 59.75
CA GLY H 303 -10.98 -19.58 58.73
C GLY H 303 -9.46 -19.73 58.71
N PHE H 304 -8.82 -18.99 57.81
CA PHE H 304 -7.36 -19.04 57.70
C PHE H 304 -6.71 -18.27 58.83
N TYR H 305 -5.51 -18.69 59.21
CA TYR H 305 -4.81 -18.01 60.29
C TYR H 305 -3.31 -18.15 60.20
N LEU H 306 -2.61 -17.33 60.97
CA LEU H 306 -1.16 -17.34 61.01
C LEU H 306 -0.77 -18.21 62.18
N ASP H 307 -0.05 -19.29 61.90
CA ASP H 307 0.37 -20.22 62.93
C ASP H 307 1.77 -19.91 63.46
N PHE H 308 1.82 -19.48 64.72
CA PHE H 308 3.09 -19.15 65.37
C PHE H 308 3.49 -20.26 66.33
N ASP H 309 2.60 -21.23 66.52
CA ASP H 309 2.83 -22.33 67.43
C ASP H 309 3.69 -23.45 66.84
N ARG H 310 4.97 -23.16 66.68
CA ARG H 310 5.91 -24.13 66.13
C ARG H 310 7.21 -24.05 66.95
N PRO H 311 7.27 -24.82 68.05
CA PRO H 311 8.41 -24.90 68.98
C PRO H 311 9.80 -25.17 68.43
N LYS H 312 9.90 -25.80 67.26
CA LYS H 312 11.23 -26.09 66.72
C LYS H 312 11.65 -25.15 65.61
N SER H 313 10.79 -24.18 65.30
CA SER H 313 11.05 -23.21 64.26
C SER H 313 12.39 -22.48 64.41
N ILE H 314 12.99 -22.11 63.29
CA ILE H 314 14.25 -21.39 63.31
C ILE H 314 14.01 -19.94 63.73
N GLY H 315 12.74 -19.54 63.77
CA GLY H 315 12.39 -18.18 64.17
C GLY H 315 11.79 -17.31 63.07
N ARG H 316 12.22 -16.06 63.02
CA ARG H 316 11.74 -15.11 62.01
C ARG H 316 12.92 -14.71 61.13
N VAL H 317 12.69 -14.58 59.82
CA VAL H 317 13.78 -14.18 58.93
C VAL H 317 13.60 -12.77 58.37
N ARG H 318 12.47 -12.14 58.70
CA ARG H 318 12.15 -10.78 58.26
C ARG H 318 10.85 -10.38 58.95
N SER H 319 10.45 -9.11 58.83
CA SER H 319 9.22 -8.63 59.48
C SER H 319 7.95 -9.14 58.83
N PHE H 320 6.90 -9.24 59.64
CA PHE H 320 5.60 -9.67 59.18
C PHE H 320 5.54 -11.08 58.59
N TYR H 321 4.87 -11.25 57.45
CA TYR H 321 4.68 -12.57 56.86
C TYR H 321 5.25 -12.83 55.47
N GLY H 322 5.75 -11.78 54.82
CA GLY H 322 6.29 -11.94 53.49
C GLY H 322 5.84 -10.82 52.59
N ASN H 323 6.42 -10.73 51.40
CA ASN H 323 6.03 -9.68 50.48
C ASN H 323 4.73 -10.02 49.81
N PHE H 324 3.65 -9.81 50.56
CA PHE H 324 2.29 -10.10 50.14
C PHE H 324 1.88 -9.62 48.75
N LEU H 325 2.23 -8.38 48.40
CA LEU H 325 1.86 -7.85 47.09
C LEU H 325 2.49 -8.63 45.95
N ALA H 326 3.65 -9.24 46.21
CA ALA H 326 4.32 -10.05 45.20
C ALA H 326 3.54 -11.37 45.12
N LEU H 327 3.14 -11.88 46.29
CA LEU H 327 2.38 -13.12 46.34
C LEU H 327 1.10 -12.98 45.51
N VAL H 328 0.47 -11.80 45.58
CA VAL H 328 -0.74 -11.53 44.81
C VAL H 328 -0.44 -11.70 43.31
N ARG H 329 0.68 -11.14 42.86
CA ARG H 329 1.07 -11.24 41.45
C ARG H 329 1.25 -12.70 41.03
N ALA H 330 1.98 -13.47 41.86
CA ALA H 330 2.25 -14.87 41.55
C ALA H 330 0.98 -15.70 41.52
N TRP H 331 0.07 -15.41 42.43
CA TRP H 331 -1.21 -16.11 42.52
C TRP H 331 -2.00 -15.90 41.22
N ALA H 332 -1.98 -14.66 40.72
CA ALA H 332 -2.69 -14.30 39.50
C ALA H 332 -2.07 -14.98 38.27
N TYR H 333 -0.74 -15.08 38.26
CA TYR H 333 -0.06 -15.72 37.13
C TYR H 333 -0.51 -17.17 37.08
N ILE H 334 -0.43 -17.85 38.23
CA ILE H 334 -0.80 -19.25 38.31
C ILE H 334 -2.27 -19.50 38.00
N ARG H 335 -3.15 -18.65 38.54
CA ARG H 335 -4.57 -18.80 38.31
C ARG H 335 -4.98 -18.39 36.90
N THR H 336 -4.03 -17.84 36.14
CA THR H 336 -4.29 -17.44 34.77
C THR H 336 -3.88 -18.54 33.78
N LEU H 337 -2.68 -19.06 33.96
CA LEU H 337 -2.15 -20.09 33.06
C LEU H 337 -2.59 -21.52 33.34
N GLY H 338 -2.74 -21.86 34.62
CA GLY H 338 -3.12 -23.21 34.99
C GLY H 338 -1.90 -24.10 34.77
N LEU H 339 -2.07 -25.41 34.98
CA LEU H 339 -0.96 -26.35 34.78
C LEU H 339 -0.54 -26.36 33.32
N GLU H 340 -1.51 -26.32 32.41
CA GLU H 340 -1.20 -26.34 30.99
C GLU H 340 -0.42 -25.12 30.52
N GLY H 341 -0.77 -23.94 31.05
CA GLY H 341 -0.08 -22.72 30.66
C GLY H 341 1.36 -22.73 31.15
N LEU H 342 1.54 -23.15 32.40
CA LEU H 342 2.87 -23.21 32.97
C LEU H 342 3.73 -24.22 32.22
N LYS H 343 3.13 -25.37 31.86
CA LYS H 343 3.86 -26.41 31.14
C LYS H 343 4.27 -25.91 29.77
N LYS H 344 3.34 -25.27 29.08
CA LYS H 344 3.63 -24.73 27.75
C LYS H 344 4.71 -23.67 27.88
N ALA H 345 4.67 -22.92 28.97
CA ALA H 345 5.64 -21.88 29.21
C ALA H 345 7.04 -22.47 29.38
N ALA H 346 7.14 -23.57 30.13
CA ALA H 346 8.44 -24.20 30.32
C ALA H 346 8.95 -24.72 28.99
N ALA H 347 8.08 -25.47 28.30
CA ALA H 347 8.42 -26.06 27.02
C ALA H 347 8.95 -25.02 26.01
N LEU H 348 8.25 -23.90 25.89
CA LEU H 348 8.70 -22.86 24.95
C LEU H 348 9.91 -22.09 25.47
N ALA H 349 10.08 -22.05 26.79
CA ALA H 349 11.24 -21.37 27.35
C ALA H 349 12.43 -22.17 26.85
N VAL H 350 12.28 -23.49 26.92
CA VAL H 350 13.32 -24.41 26.48
C VAL H 350 13.44 -24.39 24.96
N LEU H 351 12.32 -24.41 24.25
CA LEU H 351 12.37 -24.38 22.79
C LEU H 351 13.07 -23.12 22.31
N ASN H 352 12.80 -21.99 22.96
CA ASN H 352 13.44 -20.74 22.57
C ASN H 352 14.95 -20.78 22.79
N ALA H 353 15.37 -21.28 23.94
CA ALA H 353 16.80 -21.37 24.24
C ALA H 353 17.53 -22.27 23.25
N ARG H 354 16.97 -23.44 22.94
CA ARG H 354 17.60 -24.36 22.00
C ARG H 354 17.69 -23.76 20.61
N TYR H 355 16.63 -23.08 20.21
CA TYR H 355 16.58 -22.47 18.90
C TYR H 355 17.61 -21.35 18.75
N LEU H 356 17.69 -20.47 19.74
CA LEU H 356 18.65 -19.36 19.68
C LEU H 356 20.06 -19.95 19.75
N LYS H 357 20.17 -21.11 20.38
CA LYS H 357 21.45 -21.79 20.51
C LYS H 357 21.92 -22.15 19.10
N GLU H 358 21.02 -22.78 18.33
CA GLU H 358 21.35 -23.17 16.97
C GLU H 358 21.64 -21.96 16.08
N LEU H 359 20.94 -20.85 16.33
CA LEU H 359 21.13 -19.63 15.54
C LEU H 359 22.47 -18.95 15.85
N LEU H 360 22.93 -19.08 17.08
CA LEU H 360 24.18 -18.45 17.47
C LEU H 360 25.36 -19.26 16.96
N LYS H 361 25.28 -20.59 17.07
CA LYS H 361 26.35 -21.48 16.60
C LYS H 361 26.53 -21.34 15.10
N GLU H 362 25.42 -21.16 14.40
CA GLU H 362 25.45 -20.98 12.95
C GLU H 362 26.21 -19.71 12.62
N LYS H 363 26.25 -18.77 13.56
CA LYS H 363 26.96 -17.52 13.35
C LYS H 363 28.43 -17.59 13.73
N GLY H 364 28.85 -18.74 14.29
CA GLY H 364 30.24 -18.88 14.67
C GLY H 364 30.51 -18.98 16.16
N TYR H 365 29.50 -18.79 16.98
CA TYR H 365 29.68 -18.89 18.42
C TYR H 365 29.81 -20.34 18.88
N ARG H 366 30.56 -20.54 19.96
CA ARG H 366 30.78 -21.88 20.51
C ARG H 366 29.96 -22.14 21.78
N VAL H 367 29.75 -23.42 22.07
CA VAL H 367 29.02 -23.81 23.27
C VAL H 367 29.85 -24.92 23.91
N PRO H 368 30.75 -24.55 24.83
CA PRO H 368 31.61 -25.52 25.52
C PRO H 368 30.91 -26.81 25.94
N TYR H 369 29.77 -26.69 26.61
CA TYR H 369 29.02 -27.87 27.04
C TYR H 369 27.66 -27.79 26.37
N ASP H 370 27.47 -28.46 25.24
CA ASP H 370 26.17 -28.34 24.62
C ASP H 370 25.32 -29.60 24.46
N GLY H 371 24.93 -30.16 25.59
CA GLY H 371 24.04 -31.31 25.55
C GLY H 371 22.68 -30.70 25.24
N PRO H 372 21.57 -31.42 25.46
CA PRO H 372 20.26 -30.82 25.15
C PRO H 372 19.93 -29.63 26.08
N SER H 373 20.07 -28.42 25.53
CA SER H 373 19.80 -27.19 26.28
C SER H 373 18.38 -27.13 26.83
N MET H 374 18.24 -26.51 28.00
CA MET H 374 16.93 -26.34 28.61
C MET H 374 16.53 -24.88 28.45
N HIS H 375 16.32 -24.16 29.55
CA HIS H 375 15.90 -22.76 29.45
C HIS H 375 17.02 -21.78 29.09
N GLU H 376 18.26 -22.26 29.14
CA GLU H 376 19.40 -21.40 28.83
C GLU H 376 20.59 -22.22 28.34
N PHE H 377 21.62 -21.53 27.88
CA PHE H 377 22.83 -22.17 27.38
C PHE H 377 23.99 -21.16 27.44
N VAL H 378 25.21 -21.65 27.61
CA VAL H 378 26.36 -20.77 27.68
C VAL H 378 27.27 -20.88 26.47
N ALA H 379 27.33 -19.79 25.70
CA ALA H 379 28.15 -19.73 24.51
C ALA H 379 29.43 -18.97 24.80
N GLN H 380 30.32 -18.95 23.81
CA GLN H 380 31.59 -18.26 23.91
C GLN H 380 31.79 -17.56 22.58
N PRO H 381 32.37 -16.36 22.60
CA PRO H 381 32.59 -15.67 21.33
C PRO H 381 33.70 -16.43 20.61
N PRO H 382 33.70 -16.41 19.28
CA PRO H 382 34.78 -17.14 18.63
C PRO H 382 36.13 -16.59 19.08
N GLU H 383 37.18 -17.41 18.96
CA GLU H 383 38.52 -17.01 19.36
C GLU H 383 38.88 -15.61 18.89
N GLY H 384 39.37 -14.78 19.82
CA GLY H 384 39.75 -13.43 19.46
C GLY H 384 38.80 -12.32 19.92
N PHE H 385 37.58 -12.68 20.32
CA PHE H 385 36.60 -11.69 20.77
C PHE H 385 36.27 -11.90 22.24
N ARG H 386 36.07 -10.81 22.97
CA ARG H 386 35.72 -10.94 24.37
C ARG H 386 34.26 -10.55 24.59
N ALA H 387 33.57 -11.31 25.44
CA ALA H 387 32.16 -11.08 25.73
C ALA H 387 31.90 -9.61 26.05
N LEU H 388 32.77 -9.01 26.85
CA LEU H 388 32.63 -7.62 27.25
C LEU H 388 32.36 -6.72 26.06
N ASP H 389 33.19 -6.84 25.04
CA ASP H 389 33.06 -6.00 23.86
C ASP H 389 31.85 -6.32 23.00
N LEU H 390 31.47 -7.59 22.94
CA LEU H 390 30.31 -7.98 22.15
C LEU H 390 29.05 -7.44 22.79
N ALA H 391 29.07 -7.31 24.12
CA ALA H 391 27.94 -6.81 24.88
C ALA H 391 27.75 -5.32 24.64
N LYS H 392 28.85 -4.57 24.65
CA LYS H 392 28.81 -3.14 24.42
C LYS H 392 28.35 -2.86 23.00
N GLY H 393 28.84 -3.67 22.06
CA GLY H 393 28.44 -3.49 20.67
C GLY H 393 26.95 -3.73 20.54
N LEU H 394 26.48 -4.77 21.22
CA LEU H 394 25.07 -5.13 21.21
C LEU H 394 24.27 -3.89 21.68
N LEU H 395 24.74 -3.28 22.75
CA LEU H 395 24.13 -2.08 23.33
C LEU H 395 24.00 -1.01 22.25
N GLU H 396 25.05 -0.86 21.42
CA GLU H 396 25.06 0.12 20.35
C GLU H 396 24.03 -0.22 19.26
N LEU H 397 23.77 -1.52 19.09
CA LEU H 397 22.81 -1.96 18.09
C LEU H 397 21.38 -1.87 18.56
N GLY H 398 21.18 -1.42 19.80
CA GLY H 398 19.83 -1.30 20.31
C GLY H 398 19.29 -2.52 21.03
N PHE H 399 20.17 -3.50 21.27
CA PHE H 399 19.78 -4.72 21.97
C PHE H 399 20.41 -4.71 23.36
N HIS H 400 20.01 -5.64 24.20
CA HIS H 400 20.62 -5.73 25.51
C HIS H 400 21.30 -7.08 25.52
N PRO H 401 22.55 -7.13 26.01
CA PRO H 401 23.31 -8.38 26.08
C PRO H 401 22.75 -9.36 27.09
N PRO H 402 23.23 -10.62 27.05
CA PRO H 402 22.76 -11.64 27.99
C PRO H 402 23.70 -11.50 29.20
N THR H 403 23.65 -12.46 30.11
CA THR H 403 24.55 -12.40 31.26
C THR H 403 25.94 -12.68 30.72
N VAL H 404 26.95 -11.95 31.19
CA VAL H 404 28.32 -12.19 30.73
C VAL H 404 29.24 -12.57 31.86
N TYR H 405 30.19 -13.44 31.57
CA TYR H 405 31.16 -13.90 32.55
C TYR H 405 30.59 -14.68 33.72
N PHE H 406 29.60 -15.52 33.41
CA PHE H 406 28.98 -16.39 34.41
C PHE H 406 28.16 -17.42 33.65
N PRO H 407 28.23 -18.70 34.07
CA PRO H 407 29.04 -19.18 35.20
C PRO H 407 30.54 -18.94 35.03
N LEU H 408 31.24 -19.02 36.16
CA LEU H 408 32.68 -18.78 36.17
C LEU H 408 33.53 -19.85 35.51
N ILE H 409 32.99 -21.06 35.34
CA ILE H 409 33.74 -22.15 34.74
C ILE H 409 33.84 -22.07 33.21
N VAL H 410 33.39 -20.95 32.63
CA VAL H 410 33.45 -20.76 31.18
C VAL H 410 34.04 -19.40 30.84
N LYS H 411 35.16 -19.40 30.15
CA LYS H 411 35.84 -18.16 29.75
C LYS H 411 34.99 -17.34 28.78
N GLU H 412 34.97 -16.02 29.00
CA GLU H 412 34.21 -15.10 28.15
C GLU H 412 32.78 -15.64 27.97
N ALA H 413 32.16 -16.02 29.07
CA ALA H 413 30.81 -16.58 29.07
C ALA H 413 29.70 -15.65 28.55
N LEU H 414 28.79 -16.23 27.77
CA LEU H 414 27.64 -15.54 27.22
C LEU H 414 26.47 -16.43 27.63
N MET H 415 25.93 -16.15 28.82
CA MET H 415 24.82 -16.89 29.40
C MET H 415 23.51 -16.35 28.85
N VAL H 416 22.91 -17.11 27.92
CA VAL H 416 21.68 -16.70 27.24
C VAL H 416 20.39 -17.41 27.66
N GLU H 417 19.43 -16.62 28.16
CA GLU H 417 18.11 -17.14 28.56
C GLU H 417 17.07 -16.17 27.99
N PRO H 418 16.38 -16.57 26.91
CA PRO H 418 15.36 -15.70 26.30
C PRO H 418 13.98 -15.70 26.95
N THR H 419 13.63 -16.81 27.61
CA THR H 419 12.32 -17.00 28.26
C THR H 419 11.27 -17.28 27.19
N GLU H 420 10.16 -17.89 27.62
CA GLU H 420 9.06 -18.27 26.73
C GLU H 420 8.25 -17.13 26.11
N THR H 421 8.38 -15.91 26.61
CA THR H 421 7.59 -14.81 26.09
C THR H 421 8.17 -14.06 24.90
N GLU H 422 9.40 -14.40 24.51
CA GLU H 422 10.03 -13.73 23.38
C GLU H 422 9.66 -14.43 22.08
N ALA H 423 9.51 -13.66 21.01
CA ALA H 423 9.14 -14.21 19.71
C ALA H 423 10.29 -14.72 18.85
N LYS H 424 9.95 -15.62 17.93
CA LYS H 424 10.89 -16.23 17.00
C LYS H 424 11.69 -15.18 16.24
N GLU H 425 10.99 -14.16 15.72
CA GLU H 425 11.67 -13.11 14.97
C GLU H 425 12.63 -12.31 15.84
N THR H 426 12.34 -12.23 17.13
CA THR H 426 13.20 -11.49 18.05
C THR H 426 14.50 -12.27 18.26
N LEU H 427 14.36 -13.57 18.50
CA LEU H 427 15.54 -14.41 18.69
C LEU H 427 16.43 -14.30 17.46
N GLU H 428 15.80 -14.29 16.29
CA GLU H 428 16.52 -14.20 15.02
C GLU H 428 17.18 -12.85 14.79
N ALA H 429 16.47 -11.76 15.10
CA ALA H 429 17.05 -10.45 14.91
C ALA H 429 18.23 -10.34 15.87
N PHE H 430 18.09 -10.93 17.04
CA PHE H 430 19.15 -10.91 18.05
C PHE H 430 20.40 -11.65 17.58
N ALA H 431 20.21 -12.89 17.12
CA ALA H 431 21.32 -13.69 16.63
C ALA H 431 21.98 -12.99 15.45
N GLU H 432 21.17 -12.32 14.64
CA GLU H 432 21.66 -11.60 13.48
C GLU H 432 22.60 -10.48 13.93
N ALA H 433 22.24 -9.82 15.03
CA ALA H 433 23.04 -8.74 15.57
C ALA H 433 24.36 -9.29 16.14
N MET H 434 24.30 -10.47 16.74
CA MET H 434 25.49 -11.08 17.32
C MET H 434 26.40 -11.60 16.22
N GLY H 435 25.83 -11.86 15.05
CA GLY H 435 26.64 -12.34 13.94
C GLY H 435 27.29 -11.16 13.24
N ALA H 436 26.62 -10.02 13.28
CA ALA H 436 27.11 -8.81 12.62
C ALA H 436 28.29 -8.20 13.38
N LEU H 437 28.26 -8.29 14.71
CA LEU H 437 29.31 -7.74 15.53
C LEU H 437 30.63 -8.46 15.28
N LEU H 438 30.56 -9.71 14.86
CA LEU H 438 31.77 -10.48 14.59
C LEU H 438 32.43 -10.00 13.30
N LYS H 439 31.68 -9.26 12.49
CA LYS H 439 32.18 -8.72 11.24
C LYS H 439 32.76 -7.32 11.47
N LYS H 440 32.45 -6.74 12.62
CA LYS H 440 32.92 -5.39 12.95
C LYS H 440 34.40 -5.33 13.33
N PRO H 441 35.11 -4.26 12.92
CA PRO H 441 36.53 -4.09 13.25
C PRO H 441 36.77 -4.05 14.75
N LYS H 442 37.80 -4.76 15.19
CA LYS H 442 38.18 -4.85 16.59
C LYS H 442 38.10 -3.52 17.34
N GLU H 443 38.61 -2.46 16.71
CA GLU H 443 38.60 -1.14 17.33
C GLU H 443 37.19 -0.57 17.56
N TRP H 444 36.26 -0.97 16.71
CA TRP H 444 34.87 -0.49 16.84
C TRP H 444 34.25 -1.09 18.10
N LEU H 445 34.47 -2.39 18.32
CA LEU H 445 33.93 -3.08 19.49
C LEU H 445 34.54 -2.59 20.80
N GLU H 446 35.85 -2.38 20.81
CA GLU H 446 36.54 -1.94 22.01
C GLU H 446 36.15 -0.55 22.47
N ASN H 447 35.55 0.23 21.57
CA ASN H 447 35.16 1.58 21.95
C ASN H 447 33.66 1.80 21.88
N ALA H 448 32.92 0.70 21.77
CA ALA H 448 31.47 0.75 21.74
C ALA H 448 31.01 0.74 23.20
N PRO H 449 29.84 1.31 23.50
CA PRO H 449 28.87 1.99 22.62
C PRO H 449 29.20 3.44 22.29
N TYR H 450 28.43 4.03 21.38
CA TYR H 450 28.61 5.40 20.92
C TYR H 450 27.36 6.26 21.04
N SER H 451 26.21 5.67 20.78
CA SER H 451 24.92 6.38 20.79
C SER H 451 24.16 6.41 22.10
N THR H 452 24.52 5.56 23.06
CA THR H 452 23.85 5.51 24.35
C THR H 452 23.97 6.83 25.11
N PRO H 453 23.05 7.12 26.05
CA PRO H 453 23.11 8.38 26.81
C PRO H 453 24.45 8.59 27.51
N VAL H 454 25.20 7.51 27.66
CA VAL H 454 26.52 7.55 28.27
C VAL H 454 27.33 6.42 27.63
N ARG H 455 28.62 6.65 27.41
CA ARG H 455 29.46 5.62 26.80
C ARG H 455 30.15 4.85 27.94
N ARG H 456 31.15 4.04 27.62
CA ARG H 456 31.80 3.28 28.69
C ARG H 456 32.22 4.16 29.84
N LEU H 457 31.99 3.67 31.06
CA LEU H 457 32.30 4.44 32.27
C LEU H 457 33.63 4.07 32.90
N ASP H 458 34.31 5.08 33.43
CA ASP H 458 35.59 4.89 34.09
C ASP H 458 35.37 4.13 35.39
N GLU H 459 35.51 2.81 35.31
CA GLU H 459 35.32 1.93 36.45
C GLU H 459 36.41 2.15 37.51
N LEU H 460 37.62 2.45 37.08
CA LEU H 460 38.74 2.65 38.01
C LEU H 460 38.51 3.86 38.91
N ARG H 461 37.97 4.94 38.36
CA ARG H 461 37.71 6.13 39.14
C ARG H 461 36.64 5.86 40.19
N ALA H 462 35.61 5.11 39.82
CA ALA H 462 34.51 4.79 40.72
C ALA H 462 34.94 3.98 41.94
N ASN H 463 35.94 3.11 41.74
CA ASN H 463 36.44 2.27 42.82
C ASN H 463 37.59 2.91 43.58
N LYS H 464 38.32 3.81 42.93
CA LYS H 464 39.46 4.49 43.55
C LYS H 464 39.07 5.79 44.23
N HIS H 465 38.20 6.57 43.61
CA HIS H 465 37.76 7.85 44.17
C HIS H 465 36.24 7.84 44.20
N PRO H 466 35.64 6.86 44.88
CA PRO H 466 34.19 6.76 44.96
C PRO H 466 33.49 7.97 45.54
N LYS H 467 32.38 8.34 44.93
CA LYS H 467 31.54 9.44 45.38
C LYS H 467 30.18 8.76 45.51
N LEU H 468 29.81 8.43 46.74
CA LEU H 468 28.58 7.71 47.01
C LEU H 468 27.31 8.51 47.21
N THR H 469 27.42 9.81 47.41
CA THR H 469 26.23 10.63 47.58
C THR H 469 26.51 11.99 46.97
N TYR H 470 25.46 12.77 46.75
CA TYR H 470 25.63 14.09 46.18
C TYR H 470 26.52 14.96 47.05
N PHE H 471 26.41 14.81 48.36
CA PHE H 471 27.19 15.63 49.27
C PHE H 471 28.59 15.12 49.55
N ASP H 472 28.90 13.91 49.09
CA ASP H 472 30.23 13.35 49.22
C ASP H 472 30.83 13.64 50.61
N GLU H 473 30.06 13.31 51.64
CA GLU H 473 30.49 13.52 53.03
C GLU H 473 31.40 12.37 53.47
N GLY H 474 32.28 12.66 54.42
CA GLY H 474 33.19 11.63 54.92
C GLY H 474 34.33 11.34 53.96
#